data_8Z4T
#
_entry.id   8Z4T
#
loop_
_entity.id
_entity.type
_entity.pdbx_description
1 polymer 'Spike glycoprotein'
2 polymer 'Dipeptidyl peptidase 4 soluble form'
#
loop_
_entity_poly.entity_id
_entity_poly.type
_entity_poly.pdbx_seq_one_letter_code
_entity_poly.pdbx_strand_id
1 'polypeptide(L)'
;VDVGPDSVKSACIEVDIQQTFFDKTWPRPIDVSKADGIIYPQGRTYSNITITYQGLFPYQGDHGDMYVYSAGHATGTTPQ
KLFVANYSQDVKQFANGFVVRIGAAANSTGTVIISPSTSATIRKIYPAFMLGSSVGNFSDGKMGRFFNHTLVLLPDGCGT
LLRAFYCILEPRSGNHCPAGNSYTSFATYHTPATDCSDGNYNRNASLNSFKEYFNLRNCTFMYTYNITEDEILEWFGITQ
TAQGVHLFSSRYVDLYGGNMFQFATLPVYDTIKYYSIIPHSIRSIQSDRKAWAAFYVYKLQPLTFLLDFSVDGYIRRAID
CGFNDLSQLHCSYESFDVESGVYSVSSFEAKPSGSVVEQAEGVECDFSPLLSGTPPQVYNFKRLVFTNCNYNLTKLLSLF
SVNDFTCSQISPAAIASNCYSSLILDYFSYPLSMKSDLSVSSAGPISQFNYKQSFSNPTCLILATVPHNLTTITKPLKYS
YINKCSRLLSDDRTEVPQLVNANQYSPCVSIVPSTVWEDGDYYRKQLSPLEGGGWLVASGSTVAMTEQLQMGFGITVQYG
TDTNSVCPKLEFANDTKIASQLGNCVEYSLYGVSGRGVFQNCTAVGVRQQRFVYDAYQNLVGYYSDDGNYYCLRACVSVP
VSVIYDKETKTHATLFGSVACEHISSTMSQYSRSTRSMLKRRDSTYGPLQTPVGCVLGLVNSSLFVEDCKLPLGQSLCAL
PDTPSTLTPSSVGSVPGEMRLASIAFNHPIQVDQLNSSYFKLSIPTNFSFGVTQEYIQTTIQKVTVDCKQYVCNGFQKCE
QLLREYGQFCSKINQALHGANLRQDDSVRNLFASVKSSQSSPIIPGFGGDFNLTLLEPVSISTGSRSARSAIEDLLFDKV
TIADPGYMQGYDDCMQQGPASARDLICAQYVAGYKVLPPLMDVNMEAAYTSSLLGSIAGVGWTAGLSSFAAIPFAQSIFY
RLNGVGITQQVLSENQKLIANKFNQALGAMQTGFTTTNEAFQKVQDAVNNNAQALSKLASELSNTFGAISASIGDIIQRL
DPPEQDAQIDRLINGRLTTLNAFVAQQLVRSESAALSAQLAKDKVNECVKAQSKRSGFCGQGTHIVSFVVNAPNGLYFMH
VGYYPSNHIEVVSAYGLCDAANPTNCIAPVNGYFIKTNNTRIVDEWSYTGSSFYAPEPITSLNTKYVAPQVTYQNISTNL
PPPLLG
;
A,B,C
2 'polypeptide(L)'
;SRKTYTLTDYLKNTYRLKLYSLRWISDHEYLYKQENNILVFNAEYGNSSVFLENSTFDEFGHSINDYSISPDGQFILLEY
NYVKQWRHSYTASYDIYDLNKRQLITEERIPNNTQWVTWSPVGHKLAYVWNNDIYVKIEPNLPSYRITWTGKEDIIYNGI
TDWVYEEEVFSAYSALWWSPNGTFLAYAQFNDTEVPLIEYSFYSDESLQYPKTVRVPYPKAGAVNPTVKFFVVNTDSLSS
VTNATSIQITAPASMLIGDHYLCDVTWATQERISLQWLRRIQNYSVMDICDYDESSGRWNCLVARQHIEMSTTGWVGRFR
PSEPHFTLDGNSFYKIISNEEGYRHICYFQIDKKDCTFITKGTWEVIGIEALTSDYLYYISNEYKGMPGGRNLYKIQLSD
YTKVTCLSCELNPERCQYYSVSFSKEAKYYQLRCSGPGLPLYTLHSSVNDKGLRVLEDNSALDKMLQNVQMPSKKLDFII
LNETKFWYQMILPPHFDKSKKYPLLLDVYAGPCSQKADTVFRLNWATYLASTENIIVASFDGRGSGYQGDKIMHAINRRL
GTFEVEDQIEAARQFSKMGFVDNKRIAIWGWSYGGYVTSMVLGSGSGVFKCGIAVAPVSRWEYYDSVYTERYMGLPTPED
NLDHYRNSTVMSRAENFKQVEYLLIHGTADDNVHFQQSAQISKALVDVGVDFQAMWYTDEDHGIASSTAHQEIYTHMSHF
IKQCFSLP
;
D,I
#
# COMPACT_ATOMS: atom_id res chain seq x y z
N VAL A 1 33.78 31.02 -18.00
CA VAL A 1 35.11 30.65 -18.40
C VAL A 1 35.85 31.70 -19.17
N ASP A 2 37.06 31.94 -18.71
CA ASP A 2 37.98 32.86 -19.35
C ASP A 2 38.52 32.16 -20.59
N VAL A 3 38.30 32.76 -21.75
CA VAL A 3 38.69 32.18 -23.03
C VAL A 3 39.73 33.04 -23.73
N GLY A 4 40.45 33.80 -22.91
CA GLY A 4 41.52 34.65 -23.39
C GLY A 4 40.96 36.02 -23.66
N PRO A 5 41.81 36.96 -24.07
CA PRO A 5 41.48 38.34 -24.33
C PRO A 5 40.68 38.54 -25.60
N ASP A 6 40.00 39.68 -25.66
CA ASP A 6 39.29 40.12 -26.84
C ASP A 6 40.29 40.54 -27.92
N SER A 7 39.89 40.47 -29.15
CA SER A 7 40.71 41.00 -30.22
C SER A 7 40.79 42.51 -30.05
N VAL A 8 41.96 43.04 -30.41
CA VAL A 8 42.19 44.46 -30.32
C VAL A 8 42.24 45.13 -31.67
N LYS A 9 41.87 44.41 -32.72
CA LYS A 9 41.89 45.03 -34.02
C LYS A 9 40.64 45.87 -34.25
N SER A 10 40.83 46.99 -34.95
CA SER A 10 39.76 47.92 -35.28
C SER A 10 38.96 47.53 -36.51
N ALA A 11 39.44 46.51 -37.18
CA ALA A 11 38.82 46.02 -38.38
C ALA A 11 39.06 44.55 -38.56
N CYS A 12 38.13 43.95 -39.29
CA CYS A 12 38.18 42.57 -39.70
C CYS A 12 38.78 42.46 -41.09
N ILE A 13 39.28 41.30 -41.46
CA ILE A 13 39.74 41.14 -42.82
C ILE A 13 38.51 40.99 -43.71
N GLU A 14 38.55 41.75 -44.81
CA GLU A 14 37.51 41.77 -45.81
C GLU A 14 37.26 40.39 -46.37
N VAL A 15 36.00 40.04 -46.52
CA VAL A 15 35.64 38.73 -47.03
C VAL A 15 34.92 38.82 -48.37
N ASP A 16 35.47 38.13 -49.34
CA ASP A 16 34.95 38.05 -50.69
C ASP A 16 34.08 36.81 -50.88
N ILE A 17 32.77 36.98 -51.02
CA ILE A 17 31.94 35.81 -51.15
C ILE A 17 31.63 35.59 -52.64
N GLN A 18 32.10 34.50 -53.21
CA GLN A 18 31.81 34.23 -54.62
C GLN A 18 31.37 32.80 -54.79
N GLN A 19 30.09 32.53 -54.55
CA GLN A 19 29.57 31.18 -54.49
C GLN A 19 29.76 30.40 -55.76
N THR A 20 29.80 31.07 -56.90
CA THR A 20 30.00 30.37 -58.16
C THR A 20 31.18 29.43 -58.10
N PHE A 21 32.27 29.86 -57.46
CA PHE A 21 33.49 29.09 -57.42
C PHE A 21 33.39 27.86 -56.58
N PHE A 22 32.40 27.82 -55.71
CA PHE A 22 32.22 26.74 -54.78
C PHE A 22 31.06 25.84 -55.23
N ASP A 23 30.45 26.14 -56.37
CA ASP A 23 29.34 25.32 -56.86
C ASP A 23 29.85 24.15 -57.66
N LYS A 24 30.39 23.18 -56.93
CA LYS A 24 31.02 22.01 -57.52
C LYS A 24 30.19 20.78 -57.35
N THR A 25 30.33 19.85 -58.28
CA THR A 25 29.63 18.58 -58.20
C THR A 25 30.60 17.44 -58.05
N TRP A 26 30.76 17.02 -56.82
CA TRP A 26 31.69 15.99 -56.39
C TRP A 26 30.96 15.04 -55.46
N PRO A 27 29.93 14.34 -55.94
CA PRO A 27 29.02 13.57 -55.12
C PRO A 27 29.63 12.39 -54.40
N ARG A 28 29.32 12.27 -53.14
CA ARG A 28 29.76 11.18 -52.31
C ARG A 28 28.65 10.80 -51.37
N PRO A 29 27.59 10.14 -51.85
CA PRO A 29 26.43 9.82 -51.09
C PRO A 29 26.75 8.73 -50.10
N ILE A 30 25.91 8.59 -49.10
CA ILE A 30 26.12 7.52 -48.16
C ILE A 30 25.94 6.18 -48.79
N ASP A 31 26.97 5.36 -48.62
CA ASP A 31 26.91 3.98 -49.08
C ASP A 31 26.79 3.13 -47.83
N VAL A 32 25.59 2.68 -47.53
CA VAL A 32 25.38 1.97 -46.28
C VAL A 32 26.05 0.62 -46.34
N SER A 33 26.20 0.06 -47.55
CA SER A 33 26.81 -1.25 -47.73
C SER A 33 28.28 -1.26 -47.39
N LYS A 34 28.86 -0.06 -47.27
CA LYS A 34 30.26 0.14 -46.94
C LYS A 34 30.33 0.71 -45.49
N ALA A 35 29.15 0.75 -44.84
CA ALA A 35 28.87 1.29 -43.52
C ALA A 35 29.23 2.77 -43.34
N ASP A 36 28.99 3.58 -44.40
CA ASP A 36 29.25 5.00 -44.26
C ASP A 36 28.32 5.65 -43.27
N GLY A 37 28.87 6.53 -42.44
CA GLY A 37 28.07 7.35 -41.56
C GLY A 37 27.54 6.67 -40.32
N ILE A 38 27.97 5.46 -40.05
CA ILE A 38 27.45 4.78 -38.89
C ILE A 38 28.12 5.02 -37.57
N ILE A 39 27.27 5.38 -36.62
CA ILE A 39 27.59 5.56 -35.24
C ILE A 39 27.36 4.19 -34.62
N TYR A 40 28.36 3.69 -33.92
CA TYR A 40 28.31 2.36 -33.36
C TYR A 40 27.26 2.31 -32.24
N PRO A 41 26.50 1.22 -32.01
CA PRO A 41 25.54 1.15 -30.92
C PRO A 41 26.31 1.52 -29.68
N GLN A 42 25.77 2.44 -28.90
CA GLN A 42 26.58 3.03 -27.84
C GLN A 42 26.90 2.30 -26.57
N GLY A 43 26.03 1.50 -26.04
CA GLY A 43 26.35 0.92 -24.74
C GLY A 43 26.91 -0.47 -24.78
N ARG A 44 27.21 -0.97 -25.97
CA ARG A 44 27.62 -2.34 -26.10
C ARG A 44 28.29 -2.66 -27.39
N THR A 45 28.85 -3.85 -27.46
CA THR A 45 29.38 -4.36 -28.71
C THR A 45 28.86 -5.73 -28.97
N TYR A 46 29.07 -6.16 -30.21
CA TYR A 46 28.64 -7.46 -30.70
C TYR A 46 29.77 -8.07 -31.48
N SER A 47 29.78 -9.38 -31.64
CA SER A 47 30.82 -10.03 -32.41
C SER A 47 30.38 -11.11 -33.35
N ASN A 48 30.71 -10.91 -34.62
CA ASN A 48 30.43 -11.90 -35.65
C ASN A 48 28.91 -12.18 -35.81
N ILE A 49 28.06 -11.18 -35.72
CA ILE A 49 26.62 -11.42 -35.89
C ILE A 49 26.01 -10.43 -36.85
N THR A 50 24.85 -10.77 -37.39
CA THR A 50 24.08 -9.80 -38.14
C THR A 50 22.75 -9.57 -37.45
N ILE A 51 22.50 -8.33 -37.02
CA ILE A 51 21.24 -8.00 -36.36
C ILE A 51 20.64 -6.71 -36.86
N THR A 52 19.34 -6.51 -36.67
CA THR A 52 18.84 -5.17 -36.93
C THR A 52 19.01 -4.33 -35.69
N TYR A 53 19.10 -3.03 -35.90
CA TYR A 53 19.28 -2.09 -34.84
C TYR A 53 18.61 -0.77 -35.14
N GLN A 54 17.95 -0.23 -34.14
CA GLN A 54 17.27 1.05 -34.23
C GLN A 54 18.15 2.18 -33.71
N GLY A 55 18.35 3.22 -34.50
CA GLY A 55 19.20 4.32 -34.04
C GLY A 55 19.29 5.46 -35.04
N LEU A 56 20.12 6.43 -34.77
CA LEU A 56 20.22 7.57 -35.67
C LEU A 56 21.25 7.31 -36.73
N PHE A 57 20.77 7.23 -37.96
CA PHE A 57 21.57 6.90 -39.12
C PHE A 57 21.24 7.84 -40.27
N PRO A 58 22.15 8.06 -41.21
CA PRO A 58 21.92 8.78 -42.44
C PRO A 58 21.16 7.84 -43.40
N TYR A 59 20.46 8.35 -44.38
CA TYR A 59 19.75 7.55 -45.33
C TYR A 59 20.67 7.03 -46.42
N GLN A 60 20.42 5.80 -46.86
CA GLN A 60 21.17 5.29 -48.01
C GLN A 60 20.94 6.17 -49.19
N GLY A 61 22.02 6.57 -49.85
CA GLY A 61 21.92 7.37 -51.04
C GLY A 61 21.90 8.86 -50.80
N ASP A 62 21.93 9.28 -49.54
CA ASP A 62 21.89 10.70 -49.25
C ASP A 62 23.14 11.38 -49.68
N HIS A 63 23.02 12.36 -50.54
CA HIS A 63 24.18 13.11 -51.03
C HIS A 63 24.72 14.06 -50.02
N GLY A 64 23.85 14.52 -49.14
CA GLY A 64 24.26 15.45 -48.12
C GLY A 64 24.52 16.81 -48.70
N ASP A 65 25.14 17.64 -47.89
CA ASP A 65 25.47 18.99 -48.28
C ASP A 65 26.97 19.11 -48.36
N MET A 66 27.49 19.43 -49.52
CA MET A 66 28.93 19.54 -49.64
C MET A 66 29.41 20.94 -49.34
N TYR A 67 30.48 21.02 -48.57
CA TYR A 67 31.10 22.29 -48.27
C TYR A 67 32.58 22.24 -48.58
N VAL A 68 33.13 23.27 -49.17
CA VAL A 68 34.57 23.25 -49.42
C VAL A 68 35.20 24.56 -49.00
N TYR A 69 36.31 24.46 -48.32
CA TYR A 69 37.08 25.61 -47.89
C TYR A 69 38.14 25.90 -48.92
N SER A 70 38.55 27.16 -49.06
CA SER A 70 39.55 27.55 -50.05
C SER A 70 40.64 28.46 -49.54
N ALA A 71 41.56 28.74 -50.44
CA ALA A 71 42.61 29.71 -50.24
C ALA A 71 42.02 31.10 -50.43
N GLY A 72 42.58 32.06 -49.74
CA GLY A 72 42.16 33.43 -49.92
C GLY A 72 42.87 34.03 -51.10
N HIS A 73 42.63 35.33 -51.29
CA HIS A 73 43.23 36.08 -52.38
C HIS A 73 44.63 36.42 -51.99
N ALA A 74 45.51 36.56 -52.97
CA ALA A 74 46.89 36.91 -52.71
C ALA A 74 47.48 37.68 -53.85
N THR A 75 48.65 38.21 -53.63
CA THR A 75 49.43 38.81 -54.69
C THR A 75 50.86 38.41 -54.38
N GLY A 76 51.34 37.35 -55.01
CA GLY A 76 52.65 36.88 -54.67
C GLY A 76 52.71 36.42 -53.22
N THR A 77 53.61 37.01 -52.46
CA THR A 77 53.86 36.66 -51.07
C THR A 77 53.06 37.38 -50.00
N THR A 78 52.15 38.24 -50.42
CA THR A 78 51.33 38.98 -49.45
C THR A 78 49.85 38.65 -49.58
N PRO A 79 49.30 37.74 -48.74
CA PRO A 79 47.92 37.31 -48.72
C PRO A 79 47.06 38.52 -48.55
N GLN A 80 45.89 38.53 -49.14
CA GLN A 80 45.02 39.67 -49.03
C GLN A 80 43.67 39.37 -48.39
N LYS A 81 42.64 39.38 -49.22
CA LYS A 81 41.24 39.22 -48.88
C LYS A 81 40.86 37.75 -48.68
N LEU A 82 39.90 37.47 -47.81
CA LEU A 82 39.53 36.08 -47.64
C LEU A 82 38.57 35.70 -48.75
N PHE A 83 38.60 34.43 -49.17
CA PHE A 83 37.71 33.98 -50.22
C PHE A 83 36.83 32.84 -49.75
N VAL A 84 35.53 33.09 -49.68
CA VAL A 84 34.60 32.12 -49.15
C VAL A 84 33.36 31.89 -50.00
N ALA A 85 32.68 30.83 -49.64
CA ALA A 85 31.36 30.45 -50.10
C ALA A 85 30.32 31.16 -49.28
N ASN A 86 29.06 31.15 -49.71
CA ASN A 86 27.97 31.78 -48.92
C ASN A 86 27.55 30.87 -47.80
N TYR A 87 28.39 30.40 -46.95
CA TYR A 87 28.04 29.41 -45.95
C TYR A 87 27.48 29.98 -44.68
N SER A 88 27.90 31.17 -44.29
CA SER A 88 27.48 31.64 -42.97
C SER A 88 26.02 32.00 -42.94
N GLN A 89 25.48 32.28 -44.11
CA GLN A 89 24.11 32.69 -44.26
C GLN A 89 23.19 31.51 -44.55
N ASP A 90 23.79 30.37 -44.81
CA ASP A 90 23.05 29.17 -45.16
C ASP A 90 22.76 28.38 -43.87
N VAL A 91 21.72 28.76 -43.15
CA VAL A 91 21.45 28.14 -41.86
C VAL A 91 20.50 26.97 -42.03
N LYS A 92 20.89 25.83 -41.48
CA LYS A 92 20.12 24.62 -41.61
C LYS A 92 19.43 24.22 -40.34
N GLN A 93 18.36 23.47 -40.48
CA GLN A 93 17.68 22.95 -39.31
C GLN A 93 18.51 21.77 -38.82
N PHE A 94 18.81 21.73 -37.52
CA PHE A 94 19.59 20.68 -36.87
C PHE A 94 18.88 19.36 -36.79
N ALA A 95 17.61 19.37 -36.43
CA ALA A 95 16.82 18.17 -36.27
C ALA A 95 17.47 17.19 -35.31
N ASN A 96 17.88 16.01 -35.80
CA ASN A 96 18.43 15.00 -34.91
C ASN A 96 19.95 15.01 -34.92
N GLY A 97 20.56 15.95 -35.63
CA GLY A 97 22.00 15.96 -35.72
C GLY A 97 22.47 15.46 -37.05
N PHE A 98 23.77 15.34 -37.16
CA PHE A 98 24.42 15.03 -38.43
C PHE A 98 25.74 14.33 -38.31
N VAL A 99 26.15 13.74 -39.42
CA VAL A 99 27.48 13.16 -39.53
C VAL A 99 28.20 13.81 -40.67
N VAL A 100 29.51 13.86 -40.58
CA VAL A 100 30.30 14.52 -41.57
C VAL A 100 31.39 13.64 -42.12
N ARG A 101 31.50 13.58 -43.43
CA ARG A 101 32.55 12.83 -44.12
C ARG A 101 33.70 13.82 -44.29
N ILE A 102 34.86 13.58 -43.66
CA ILE A 102 35.97 14.55 -43.71
C ILE A 102 37.23 14.02 -44.39
N GLY A 103 37.71 14.72 -45.42
CA GLY A 103 38.93 14.32 -46.10
C GLY A 103 38.82 13.20 -47.12
N ALA A 104 37.64 12.95 -47.64
CA ALA A 104 37.45 11.85 -48.59
C ALA A 104 38.31 11.96 -49.82
N ALA A 105 38.56 13.17 -50.28
CA ALA A 105 39.33 13.39 -51.47
C ALA A 105 40.82 13.53 -51.20
N ALA A 106 41.24 13.38 -49.96
CA ALA A 106 42.65 13.58 -49.70
C ALA A 106 43.46 12.62 -50.54
N ASN A 107 44.63 13.13 -50.96
CA ASN A 107 45.65 12.51 -51.81
C ASN A 107 45.29 12.51 -53.28
N SER A 108 44.12 12.98 -53.64
CA SER A 108 43.74 13.04 -55.03
C SER A 108 44.19 14.38 -55.55
N THR A 109 44.40 14.50 -56.86
CA THR A 109 44.69 15.83 -57.36
C THR A 109 43.37 16.58 -57.46
N GLY A 110 43.35 17.79 -56.94
CA GLY A 110 42.15 18.61 -56.98
C GLY A 110 42.41 19.96 -57.49
N THR A 111 41.46 20.84 -57.20
CA THR A 111 41.52 22.19 -57.67
C THR A 111 41.67 23.16 -56.54
N VAL A 112 42.35 24.23 -56.84
CA VAL A 112 42.39 25.32 -55.91
C VAL A 112 41.12 26.12 -56.26
N ILE A 113 40.21 26.28 -55.34
CA ILE A 113 38.93 26.86 -55.70
C ILE A 113 39.02 28.25 -56.26
N ILE A 114 39.86 29.06 -55.63
CA ILE A 114 40.08 30.44 -56.03
C ILE A 114 40.69 30.59 -57.40
N SER A 115 41.39 29.56 -57.85
CA SER A 115 42.05 29.56 -59.14
C SER A 115 41.79 28.22 -59.83
N PRO A 116 40.68 28.07 -60.58
CA PRO A 116 40.21 26.86 -61.22
C PRO A 116 41.22 26.17 -62.13
N SER A 117 42.15 26.94 -62.71
CA SER A 117 43.15 26.36 -63.59
C SER A 117 44.34 25.80 -62.85
N THR A 118 44.40 26.06 -61.54
CA THR A 118 45.50 25.60 -60.73
C THR A 118 45.11 24.33 -60.01
N SER A 119 45.96 23.32 -60.14
CA SER A 119 45.73 22.05 -59.48
C SER A 119 46.69 21.87 -58.34
N ALA A 120 46.29 21.09 -57.38
CA ALA A 120 47.13 20.78 -56.23
C ALA A 120 46.68 19.49 -55.60
N THR A 121 47.56 18.84 -54.85
CA THR A 121 47.13 17.66 -54.10
C THR A 121 46.15 18.09 -53.02
N ILE A 122 45.06 17.33 -52.89
CA ILE A 122 44.03 17.61 -51.90
C ILE A 122 44.44 17.19 -50.51
N ARG A 123 44.26 18.10 -49.56
CA ARG A 123 44.57 17.83 -48.17
C ARG A 123 43.35 17.89 -47.29
N LYS A 124 43.31 17.06 -46.27
CA LYS A 124 42.20 17.09 -45.34
C LYS A 124 42.14 18.36 -44.54
N ILE A 125 40.93 18.88 -44.42
CA ILE A 125 40.68 20.03 -43.62
C ILE A 125 39.46 19.76 -42.74
N TYR A 126 39.39 20.28 -41.55
CA TYR A 126 38.29 20.01 -40.67
C TYR A 126 37.26 21.09 -40.74
N PRO A 127 36.00 20.73 -40.68
CA PRO A 127 34.88 21.61 -40.73
C PRO A 127 34.74 22.42 -39.48
N ALA A 128 34.20 23.61 -39.61
CA ALA A 128 33.90 24.43 -38.45
C ALA A 128 32.40 24.63 -38.39
N PHE A 129 31.83 24.56 -37.20
CA PHE A 129 30.38 24.69 -37.08
C PHE A 129 29.94 25.69 -36.06
N MET A 130 28.82 26.33 -36.33
CA MET A 130 28.19 27.21 -35.37
C MET A 130 26.78 26.66 -35.15
N LEU A 131 26.41 26.37 -33.90
CA LEU A 131 25.12 25.76 -33.61
C LEU A 131 24.32 26.49 -32.52
N GLY A 132 23.01 26.52 -32.62
CA GLY A 132 22.30 27.14 -31.53
C GLY A 132 20.79 27.03 -31.58
N SER A 133 20.17 27.74 -30.65
CA SER A 133 18.74 27.72 -30.43
C SER A 133 17.94 28.72 -31.24
N SER A 134 18.58 29.80 -31.63
CA SER A 134 17.88 30.89 -32.30
C SER A 134 18.77 31.62 -33.24
N VAL A 135 18.21 31.95 -34.41
CA VAL A 135 18.91 32.66 -35.45
C VAL A 135 18.17 33.86 -35.97
N GLY A 136 18.89 34.72 -36.64
CA GLY A 136 18.33 35.90 -37.24
C GLY A 136 19.38 36.60 -38.02
N ASN A 137 19.17 37.87 -38.29
CA ASN A 137 20.09 38.63 -39.08
C ASN A 137 21.03 39.51 -38.29
N PHE A 138 22.00 40.03 -38.99
CA PHE A 138 22.99 40.98 -38.54
C PHE A 138 22.52 42.40 -38.84
N SER A 139 23.32 43.38 -38.51
CA SER A 139 22.95 44.77 -38.61
C SER A 139 22.52 45.20 -39.97
N ASP A 140 23.15 44.65 -41.02
CA ASP A 140 22.78 45.05 -42.37
C ASP A 140 21.71 44.19 -43.02
N GLY A 141 21.11 43.27 -42.27
CA GLY A 141 20.09 42.41 -42.81
C GLY A 141 20.57 41.03 -43.28
N LYS A 142 21.88 40.77 -43.27
CA LYS A 142 22.31 39.45 -43.72
C LYS A 142 22.03 38.42 -42.66
N MET A 143 21.68 37.22 -43.05
CA MET A 143 21.41 36.20 -42.04
C MET A 143 22.62 35.45 -41.58
N GLY A 144 22.44 34.73 -40.48
CA GLY A 144 23.52 33.91 -39.96
C GLY A 144 23.91 34.31 -38.56
N ARG A 145 23.17 35.23 -37.97
CA ARG A 145 23.47 35.60 -36.62
C ARG A 145 22.80 34.63 -35.67
N PHE A 146 23.54 34.19 -34.67
CA PHE A 146 23.00 33.32 -33.63
C PHE A 146 22.84 34.12 -32.36
N PHE A 147 21.79 33.83 -31.62
CA PHE A 147 21.50 34.58 -30.41
C PHE A 147 21.73 33.76 -29.18
N ASN A 148 22.02 34.46 -28.11
CA ASN A 148 22.20 33.79 -26.78
C ASN A 148 23.45 32.89 -26.94
N HIS A 149 23.36 31.75 -26.18
CA HIS A 149 24.54 30.92 -26.26
C HIS A 149 24.57 30.08 -27.49
N THR A 150 25.70 30.11 -28.14
CA THR A 150 25.95 29.43 -29.36
C THR A 150 27.10 28.48 -29.17
N LEU A 151 26.96 27.28 -29.70
CA LEU A 151 28.00 26.29 -29.63
C LEU A 151 28.85 26.40 -30.86
N VAL A 152 30.13 26.56 -30.65
CA VAL A 152 31.03 26.67 -31.75
C VAL A 152 32.03 25.55 -31.70
N LEU A 153 32.12 24.83 -32.80
CA LEU A 153 33.08 23.76 -32.95
C LEU A 153 34.10 24.28 -33.94
N LEU A 154 35.27 24.67 -33.45
CA LEU A 154 36.23 25.32 -34.30
C LEU A 154 37.58 24.63 -34.27
N PRO A 155 37.99 23.92 -35.32
CA PRO A 155 39.24 23.24 -35.37
C PRO A 155 40.29 24.32 -35.42
N ASP A 156 41.45 24.03 -34.85
CA ASP A 156 42.52 24.99 -34.82
C ASP A 156 43.87 24.30 -34.84
N GLY A 157 44.93 25.09 -34.79
CA GLY A 157 46.28 24.52 -34.76
C GLY A 157 46.63 23.88 -36.06
N CYS A 158 46.09 24.41 -37.15
CA CYS A 158 46.31 23.85 -38.48
C CYS A 158 45.82 22.40 -38.54
N GLY A 159 44.69 22.13 -37.89
CA GLY A 159 44.12 20.78 -37.90
C GLY A 159 44.63 19.85 -36.78
N THR A 160 45.17 20.40 -35.69
CA THR A 160 45.65 19.53 -34.61
C THR A 160 44.74 19.51 -33.41
N LEU A 161 43.82 20.45 -33.29
CA LEU A 161 42.90 20.40 -32.16
C LEU A 161 41.49 20.78 -32.56
N LEU A 162 40.52 20.20 -31.87
CA LEU A 162 39.16 20.66 -32.00
C LEU A 162 38.78 21.46 -30.80
N ARG A 163 38.39 22.72 -30.98
CA ARG A 163 37.99 23.53 -29.85
C ARG A 163 36.49 23.72 -29.79
N ALA A 164 35.89 23.26 -28.72
CA ALA A 164 34.44 23.35 -28.55
C ALA A 164 34.08 24.33 -27.47
N PHE A 165 33.27 25.32 -27.78
CA PHE A 165 32.90 26.26 -26.73
C PHE A 165 31.48 26.70 -26.84
N TYR A 166 30.91 27.08 -25.73
CA TYR A 166 29.51 27.51 -25.72
C TYR A 166 29.51 28.88 -25.12
N CYS A 167 29.10 29.82 -25.94
CA CYS A 167 29.32 31.23 -25.48
C CYS A 167 28.33 32.13 -26.25
N ILE A 168 28.27 33.40 -25.76
CA ILE A 168 27.47 34.38 -26.48
C ILE A 168 28.36 35.10 -27.44
N LEU A 169 27.94 35.19 -28.68
CA LEU A 169 28.74 35.85 -29.68
C LEU A 169 28.23 37.25 -29.90
N GLU A 170 29.05 38.22 -29.54
CA GLU A 170 28.71 39.62 -29.64
C GLU A 170 29.36 40.24 -30.84
N PRO A 171 28.66 40.55 -31.91
CA PRO A 171 29.25 41.04 -33.11
C PRO A 171 30.06 42.28 -32.85
N ARG A 172 31.26 42.33 -33.42
CA ARG A 172 32.10 43.51 -33.30
C ARG A 172 31.69 44.50 -34.33
N SER A 173 31.91 45.78 -34.02
CA SER A 173 31.49 46.90 -34.85
C SER A 173 32.50 47.49 -35.79
N GLY A 174 33.67 46.90 -35.87
CA GLY A 174 34.72 47.47 -36.70
C GLY A 174 34.48 47.21 -38.19
N ASN A 175 35.43 47.65 -38.99
CA ASN A 175 35.25 47.57 -40.43
C ASN A 175 35.19 46.12 -40.89
N HIS A 176 34.15 45.79 -41.67
CA HIS A 176 33.90 44.44 -42.20
C HIS A 176 33.51 43.43 -41.14
N CYS A 177 33.17 43.90 -39.96
CA CYS A 177 32.74 43.01 -38.89
C CYS A 177 31.21 43.03 -38.94
N PRO A 178 30.50 42.06 -38.38
CA PRO A 178 29.05 41.94 -38.41
C PRO A 178 28.21 43.08 -37.85
N ALA A 179 28.75 43.90 -36.95
CA ALA A 179 27.97 45.04 -36.48
C ALA A 179 28.52 46.34 -37.06
N GLY A 180 29.43 46.23 -38.04
CA GLY A 180 30.07 47.39 -38.63
C GLY A 180 29.72 47.62 -40.10
N ASN A 181 30.57 48.38 -40.78
CA ASN A 181 30.35 48.73 -42.17
C ASN A 181 30.93 47.72 -43.11
N SER A 182 30.37 47.65 -44.32
CA SER A 182 30.88 46.77 -45.38
C SER A 182 30.99 45.32 -44.99
N TYR A 183 30.02 44.83 -44.26
CA TYR A 183 29.98 43.44 -43.85
C TYR A 183 29.36 42.58 -44.92
N THR A 184 29.98 41.43 -45.11
CA THR A 184 29.57 40.41 -46.04
C THR A 184 29.29 39.13 -45.28
N SER A 185 30.34 38.49 -44.86
CA SER A 185 30.29 37.30 -44.05
C SER A 185 31.46 37.26 -43.12
N PHE A 186 31.27 36.70 -41.95
CA PHE A 186 32.37 36.49 -41.06
C PHE A 186 33.07 35.26 -41.57
N ALA A 187 34.31 35.08 -41.25
CA ALA A 187 35.00 33.87 -41.64
C ALA A 187 36.15 33.65 -40.72
N THR A 188 36.59 32.42 -40.60
CA THR A 188 37.80 32.18 -39.86
C THR A 188 38.93 31.98 -40.84
N TYR A 189 40.14 32.08 -40.35
CA TYR A 189 41.27 31.88 -41.19
C TYR A 189 42.48 31.53 -40.36
N HIS A 190 43.48 31.03 -41.02
CA HIS A 190 44.78 30.87 -40.42
C HIS A 190 45.73 31.28 -41.53
N THR A 191 46.95 31.65 -41.16
CA THR A 191 47.99 32.06 -42.10
C THR A 191 49.17 31.11 -41.99
N PRO A 192 49.25 30.04 -42.79
CA PRO A 192 50.24 29.01 -42.72
C PRO A 192 51.65 29.51 -42.57
N ALA A 193 51.92 30.64 -43.26
CA ALA A 193 53.25 31.22 -43.22
C ALA A 193 53.72 31.51 -41.82
N THR A 194 52.80 31.88 -40.92
CA THR A 194 53.22 32.19 -39.56
C THR A 194 52.59 31.25 -38.54
N ASP A 195 51.49 30.58 -38.92
CA ASP A 195 50.74 29.74 -38.00
C ASP A 195 51.06 28.27 -38.05
N CYS A 196 51.66 27.80 -39.15
CA CYS A 196 51.87 26.37 -39.26
C CYS A 196 53.34 26.02 -39.41
N SER A 197 54.16 26.51 -38.48
CA SER A 197 55.59 26.23 -38.48
C SER A 197 55.77 24.75 -38.23
N ASP A 198 56.85 24.13 -38.72
CA ASP A 198 56.98 22.67 -38.55
C ASP A 198 56.88 22.22 -37.11
N GLY A 199 57.38 23.04 -36.22
CA GLY A 199 57.35 22.73 -34.81
C GLY A 199 56.13 23.36 -34.12
N ASN A 200 56.23 24.64 -33.84
CA ASN A 200 55.20 25.29 -33.06
C ASN A 200 54.01 25.81 -33.87
N TYR A 201 52.95 25.01 -33.90
CA TYR A 201 51.72 25.44 -34.58
C TYR A 201 50.99 26.42 -33.66
N ASN A 202 50.33 27.40 -34.25
CA ASN A 202 49.56 28.37 -33.47
C ASN A 202 48.21 27.79 -33.12
N ARG A 203 48.06 27.39 -31.87
CA ARG A 203 46.86 26.68 -31.45
C ARG A 203 45.68 27.58 -31.28
N ASN A 204 45.93 28.89 -31.39
CA ASN A 204 44.85 29.86 -31.31
C ASN A 204 44.67 30.60 -32.65
N ALA A 205 45.24 30.11 -33.74
CA ALA A 205 45.09 30.89 -34.98
C ALA A 205 43.65 31.08 -35.44
N SER A 206 42.85 30.03 -35.35
CA SER A 206 41.48 30.13 -35.83
C SER A 206 40.61 30.78 -34.78
N LEU A 207 40.97 30.57 -33.51
CA LEU A 207 40.21 31.21 -32.46
C LEU A 207 40.40 32.69 -32.55
N ASN A 208 41.63 33.11 -32.82
CA ASN A 208 41.89 34.51 -32.89
C ASN A 208 41.20 35.15 -34.06
N SER A 209 41.07 34.44 -35.19
CA SER A 209 40.35 35.07 -36.28
C SER A 209 38.87 35.15 -36.00
N PHE A 210 38.34 34.17 -35.27
CA PHE A 210 36.92 34.15 -34.95
C PHE A 210 36.60 35.37 -34.14
N LYS A 211 37.50 35.64 -33.18
CA LYS A 211 37.42 36.76 -32.24
C LYS A 211 37.50 38.13 -32.88
N GLU A 212 37.94 38.19 -34.15
CA GLU A 212 37.98 39.46 -34.82
C GLU A 212 36.56 39.86 -35.20
N TYR A 213 35.68 38.89 -35.42
CA TYR A 213 34.33 39.23 -35.84
C TYR A 213 33.40 39.27 -34.65
N PHE A 214 33.69 38.45 -33.64
CA PHE A 214 32.82 38.41 -32.46
C PHE A 214 33.54 38.52 -31.15
N ASN A 215 32.94 39.16 -30.18
CA ASN A 215 33.44 39.11 -28.83
C ASN A 215 32.81 37.92 -28.15
N LEU A 216 33.61 37.11 -27.46
CA LEU A 216 33.06 35.93 -26.77
C LEU A 216 32.71 36.31 -25.34
N ARG A 217 31.43 36.14 -24.99
CA ARG A 217 30.90 36.52 -23.69
C ARG A 217 30.13 35.44 -22.97
N ASN A 218 30.26 35.42 -21.68
CA ASN A 218 29.55 34.38 -20.83
C ASN A 218 29.81 33.05 -21.32
N CYS A 219 31.03 32.66 -21.62
CA CYS A 219 31.33 31.33 -22.05
C CYS A 219 31.12 30.41 -20.89
N THR A 220 30.50 29.27 -21.11
CA THR A 220 30.29 28.39 -19.98
C THR A 220 31.34 27.32 -19.97
N PHE A 221 31.91 27.07 -21.13
CA PHE A 221 32.97 26.11 -21.27
C PHE A 221 33.76 26.38 -22.50
N MET A 222 34.97 25.87 -22.52
CA MET A 222 35.80 25.77 -23.69
C MET A 222 36.67 24.55 -23.51
N TYR A 223 36.48 23.57 -24.38
CA TYR A 223 37.21 22.32 -24.31
C TYR A 223 38.03 22.12 -25.53
N THR A 224 39.17 21.46 -25.41
CA THR A 224 39.90 21.13 -26.61
C THR A 224 40.13 19.65 -26.67
N TYR A 225 40.21 19.14 -27.89
CA TYR A 225 40.50 17.74 -28.09
C TYR A 225 41.64 17.67 -29.04
N ASN A 226 42.56 16.76 -28.85
CA ASN A 226 43.69 16.65 -29.74
C ASN A 226 43.43 15.75 -30.91
N ILE A 227 43.96 16.11 -32.04
CA ILE A 227 43.90 15.36 -33.27
C ILE A 227 45.32 15.03 -33.76
N THR A 228 45.64 13.77 -33.95
CA THR A 228 46.94 13.45 -34.53
C THR A 228 46.82 13.71 -36.02
N GLU A 229 47.80 14.35 -36.65
CA GLU A 229 47.66 14.60 -38.08
C GLU A 229 47.89 13.39 -38.96
N ASP A 230 47.04 13.28 -39.96
CA ASP A 230 47.10 12.25 -41.00
C ASP A 230 46.25 12.75 -42.16
N GLU A 231 46.16 11.96 -43.24
CA GLU A 231 45.31 12.27 -44.40
C GLU A 231 44.21 11.23 -44.58
N ILE A 232 43.89 10.55 -43.49
CA ILE A 232 42.92 9.47 -43.46
C ILE A 232 41.46 9.92 -43.44
N LEU A 233 40.60 9.34 -44.27
CA LEU A 233 39.19 9.72 -44.21
C LEU A 233 38.60 9.42 -42.85
N GLU A 234 37.93 10.42 -42.27
CA GLU A 234 37.33 10.21 -40.98
C GLU A 234 35.94 10.73 -40.90
N TRP A 235 35.19 10.20 -39.98
CA TRP A 235 33.86 10.68 -39.75
C TRP A 235 33.72 11.38 -38.42
N PHE A 236 32.94 12.43 -38.45
CA PHE A 236 32.56 13.23 -37.28
C PHE A 236 31.06 13.27 -37.10
N GLY A 237 30.56 13.20 -35.89
CA GLY A 237 29.12 13.34 -35.75
C GLY A 237 28.67 14.11 -34.54
N ILE A 238 27.50 14.69 -34.63
CA ILE A 238 26.92 15.40 -33.50
C ILE A 238 25.45 15.08 -33.28
N THR A 239 25.09 14.78 -32.05
CA THR A 239 23.68 14.55 -31.67
C THR A 239 23.38 15.28 -30.38
N GLN A 240 22.11 15.41 -29.99
CA GLN A 240 21.81 16.02 -28.70
C GLN A 240 20.71 15.29 -27.96
N THR A 241 20.94 15.05 -26.67
CA THR A 241 20.01 14.40 -25.76
C THR A 241 19.87 15.22 -24.48
N ALA A 242 19.10 14.74 -23.52
CA ALA A 242 18.97 15.44 -22.23
C ALA A 242 20.32 15.57 -21.52
N GLN A 243 21.27 14.70 -21.84
CA GLN A 243 22.59 14.72 -21.22
C GLN A 243 23.53 15.72 -21.85
N GLY A 244 23.11 16.36 -22.94
CA GLY A 244 23.98 17.29 -23.63
C GLY A 244 24.27 16.91 -25.06
N VAL A 245 25.22 17.61 -25.62
CA VAL A 245 25.61 17.42 -27.00
C VAL A 245 26.70 16.40 -27.08
N HIS A 246 26.48 15.40 -27.91
CA HIS A 246 27.42 14.31 -28.01
C HIS A 246 28.21 14.43 -29.26
N LEU A 247 29.52 14.39 -29.12
CA LEU A 247 30.42 14.48 -30.24
C LEU A 247 31.00 13.10 -30.50
N PHE A 248 30.84 12.65 -31.74
CA PHE A 248 31.28 11.33 -32.18
C PHE A 248 32.40 11.45 -33.15
N SER A 249 33.28 10.49 -33.15
CA SER A 249 34.35 10.46 -34.13
C SER A 249 34.85 9.06 -34.35
N SER A 250 35.27 8.81 -35.56
CA SER A 250 35.90 7.54 -35.85
C SER A 250 37.38 7.47 -35.46
N ARG A 251 38.05 8.62 -35.26
CA ARG A 251 39.50 8.54 -35.13
C ARG A 251 40.07 8.05 -33.83
N TYR A 252 39.29 7.94 -32.80
CA TYR A 252 39.90 7.52 -31.55
C TYR A 252 39.69 6.03 -31.31
N VAL A 253 38.80 5.39 -32.09
CA VAL A 253 38.50 3.97 -31.90
C VAL A 253 38.66 3.16 -33.18
N ASP A 254 38.14 3.65 -34.31
CA ASP A 254 38.10 2.87 -35.54
C ASP A 254 38.64 3.79 -36.63
N LEU A 255 39.94 4.08 -36.57
CA LEU A 255 40.54 5.06 -37.45
C LEU A 255 40.48 4.66 -38.89
N TYR A 256 40.76 3.42 -39.15
CA TYR A 256 40.82 3.02 -40.52
C TYR A 256 39.48 2.56 -40.99
N GLY A 257 38.68 2.06 -40.08
CA GLY A 257 37.38 1.52 -40.39
C GLY A 257 36.26 2.52 -40.63
N GLY A 258 36.24 3.64 -39.88
CA GLY A 258 35.19 4.63 -40.03
C GLY A 258 33.99 4.60 -39.05
N ASN A 259 33.86 3.59 -38.18
CA ASN A 259 32.70 3.62 -37.28
C ASN A 259 32.89 4.73 -36.27
N MET A 260 31.83 5.45 -35.93
CA MET A 260 31.95 6.52 -34.96
C MET A 260 31.57 6.18 -33.58
N PHE A 261 32.41 6.63 -32.66
CA PHE A 261 32.25 6.39 -31.25
C PHE A 261 32.21 7.70 -30.54
N GLN A 262 31.53 7.78 -29.43
CA GLN A 262 31.49 9.03 -28.73
C GLN A 262 32.80 9.38 -28.09
N PHE A 263 33.24 10.63 -28.24
CA PHE A 263 34.47 11.04 -27.59
C PHE A 263 34.23 12.13 -26.57
N ALA A 264 33.08 12.79 -26.68
CA ALA A 264 32.81 13.88 -25.74
C ALA A 264 31.35 14.15 -25.57
N THR A 265 30.98 14.66 -24.42
CA THR A 265 29.63 15.18 -24.17
C THR A 265 29.80 16.61 -23.69
N LEU A 266 29.08 17.54 -24.28
CA LEU A 266 29.19 18.92 -23.90
C LEU A 266 27.95 19.31 -23.11
N PRO A 267 28.07 20.14 -22.07
CA PRO A 267 26.98 20.61 -21.25
C PRO A 267 26.17 21.71 -21.89
N VAL A 268 25.57 21.35 -23.00
CA VAL A 268 24.73 22.22 -23.78
C VAL A 268 23.32 21.67 -23.65
N TYR A 269 22.46 22.38 -22.94
CA TYR A 269 21.15 21.80 -22.67
C TYR A 269 20.03 22.47 -23.37
N ASP A 270 20.23 23.64 -23.91
CA ASP A 270 19.14 24.22 -24.64
C ASP A 270 19.12 23.41 -25.92
N THR A 271 17.99 23.36 -26.58
CA THR A 271 17.92 22.55 -27.81
C THR A 271 18.55 23.23 -29.00
N ILE A 272 19.42 22.51 -29.67
CA ILE A 272 20.00 23.07 -30.86
C ILE A 272 18.98 22.91 -31.94
N LYS A 273 18.66 24.01 -32.59
CA LYS A 273 17.68 23.96 -33.63
C LYS A 273 18.31 24.28 -34.94
N TYR A 274 19.37 25.08 -34.92
CA TYR A 274 19.99 25.56 -36.13
C TYR A 274 21.47 25.37 -36.15
N TYR A 275 22.01 25.21 -37.34
CA TYR A 275 23.46 25.19 -37.45
C TYR A 275 23.90 25.78 -38.76
N SER A 276 25.15 26.15 -38.80
CA SER A 276 25.73 26.65 -40.02
C SER A 276 27.18 26.29 -40.08
N ILE A 277 27.74 26.35 -41.26
CA ILE A 277 29.15 26.10 -41.44
C ILE A 277 29.88 27.40 -41.36
N ILE A 278 30.90 27.47 -40.54
CA ILE A 278 31.64 28.69 -40.46
C ILE A 278 32.61 28.61 -41.62
N PRO A 279 32.59 29.52 -42.59
CA PRO A 279 33.47 29.45 -43.71
C PRO A 279 34.86 29.69 -43.20
N HIS A 280 35.83 29.04 -43.82
CA HIS A 280 37.22 29.17 -43.45
C HIS A 280 37.99 29.44 -44.69
N SER A 281 38.94 30.34 -44.61
CA SER A 281 39.77 30.67 -45.76
C SER A 281 41.21 30.71 -45.34
N ILE A 282 42.06 30.07 -46.12
CA ILE A 282 43.45 29.98 -45.72
C ILE A 282 44.26 31.07 -46.37
N ARG A 283 44.98 31.85 -45.57
CA ARG A 283 45.70 32.97 -46.13
C ARG A 283 47.07 32.56 -46.59
N SER A 284 47.05 31.76 -47.63
CA SER A 284 48.25 31.25 -48.27
C SER A 284 48.77 32.28 -49.22
N ILE A 285 50.04 32.22 -49.52
CA ILE A 285 50.60 33.05 -50.55
C ILE A 285 50.13 32.50 -51.90
N GLN A 286 50.21 33.30 -52.94
CA GLN A 286 49.72 32.91 -54.25
C GLN A 286 50.45 31.70 -54.79
N SER A 287 51.72 31.59 -54.43
CA SER A 287 52.60 30.55 -54.89
C SER A 287 52.50 29.24 -54.10
N ASP A 288 51.69 29.23 -53.04
CA ASP A 288 51.58 28.05 -52.18
C ASP A 288 50.12 27.71 -51.87
N ARG A 289 49.24 27.79 -52.85
CA ARG A 289 47.87 27.42 -52.62
C ARG A 289 47.68 25.92 -52.65
N LYS A 290 46.88 25.41 -51.73
CA LYS A 290 46.62 24.00 -51.66
C LYS A 290 45.19 23.72 -52.00
N ALA A 291 44.91 22.51 -52.39
CA ALA A 291 43.53 22.12 -52.61
C ALA A 291 43.05 21.53 -51.30
N TRP A 292 41.92 21.95 -50.80
CA TRP A 292 41.45 21.40 -49.54
C TRP A 292 40.28 20.51 -49.80
N ALA A 293 40.23 19.38 -49.11
CA ALA A 293 39.16 18.43 -49.33
C ALA A 293 37.82 18.97 -48.90
N ALA A 294 36.80 18.65 -49.68
CA ALA A 294 35.45 19.02 -49.31
C ALA A 294 34.94 18.10 -48.22
N PHE A 295 34.06 18.60 -47.39
CA PHE A 295 33.44 17.76 -46.40
C PHE A 295 31.97 17.68 -46.68
N TYR A 296 31.37 16.61 -46.23
CA TYR A 296 29.96 16.43 -46.54
C TYR A 296 29.16 16.21 -45.32
N VAL A 297 28.07 16.92 -45.21
CA VAL A 297 27.23 16.81 -44.04
C VAL A 297 25.97 16.04 -44.36
N TYR A 298 25.67 15.04 -43.57
CA TYR A 298 24.48 14.23 -43.83
C TYR A 298 23.60 14.25 -42.62
N LYS A 299 22.31 14.34 -42.79
CA LYS A 299 21.42 14.39 -41.63
C LYS A 299 21.05 13.03 -41.10
N LEU A 300 20.88 12.95 -39.79
CA LEU A 300 20.47 11.73 -39.14
C LEU A 300 19.00 11.63 -38.83
N GLN A 301 18.50 10.42 -38.77
CA GLN A 301 17.12 10.15 -38.43
C GLN A 301 17.02 8.78 -37.84
N PRO A 302 16.01 8.49 -37.04
CA PRO A 302 15.74 7.22 -36.40
C PRO A 302 15.27 6.17 -37.38
N LEU A 303 16.24 5.42 -37.87
CA LEU A 303 16.04 4.40 -38.88
C LEU A 303 16.40 3.03 -38.33
N THR A 304 15.86 1.98 -38.93
CA THR A 304 16.33 0.66 -38.56
C THR A 304 17.32 0.22 -39.63
N PHE A 305 18.52 -0.15 -39.19
CA PHE A 305 19.56 -0.69 -40.05
C PHE A 305 19.86 -2.15 -39.74
N LEU A 306 20.26 -2.89 -40.77
CA LEU A 306 20.76 -4.23 -40.55
C LEU A 306 22.26 -4.02 -40.39
N LEU A 307 22.85 -4.39 -39.26
CA LEU A 307 24.27 -4.13 -39.05
C LEU A 307 25.06 -5.42 -38.98
N ASP A 308 26.12 -5.50 -39.81
CA ASP A 308 27.00 -6.66 -39.84
C ASP A 308 28.24 -6.41 -39.00
N PHE A 309 28.28 -7.06 -37.83
CA PHE A 309 29.38 -6.89 -36.87
C PHE A 309 30.41 -7.96 -37.15
N SER A 310 31.65 -7.53 -37.37
CA SER A 310 32.74 -8.45 -37.64
C SER A 310 33.21 -9.08 -36.37
N VAL A 311 34.16 -10.00 -36.44
CA VAL A 311 34.65 -10.65 -35.23
C VAL A 311 35.22 -9.62 -34.27
N ASP A 312 35.90 -8.60 -34.82
CA ASP A 312 36.50 -7.55 -34.02
C ASP A 312 35.51 -6.47 -33.63
N GLY A 313 34.24 -6.68 -33.96
CA GLY A 313 33.18 -5.81 -33.56
C GLY A 313 32.89 -4.63 -34.43
N TYR A 314 33.62 -4.44 -35.51
CA TYR A 314 33.29 -3.26 -36.26
C TYR A 314 32.24 -3.50 -37.27
N ILE A 315 31.49 -2.48 -37.59
CA ILE A 315 30.46 -2.59 -38.58
C ILE A 315 31.08 -2.25 -39.92
N ARG A 316 31.02 -3.22 -40.81
CA ARG A 316 31.65 -3.03 -42.11
C ARG A 316 30.65 -2.97 -43.22
N ARG A 317 29.49 -3.52 -42.94
CA ARG A 317 28.45 -3.59 -43.92
C ARG A 317 27.11 -3.37 -43.24
N ALA A 318 26.18 -2.70 -43.92
CA ALA A 318 24.85 -2.50 -43.38
C ALA A 318 23.79 -2.34 -44.46
N ILE A 319 22.55 -2.56 -44.06
CA ILE A 319 21.38 -2.31 -44.90
C ILE A 319 20.48 -1.22 -44.30
N ASP A 320 20.10 -0.23 -45.10
CA ASP A 320 19.11 0.76 -44.67
C ASP A 320 17.75 0.11 -44.95
N CYS A 321 17.05 -0.34 -43.88
CA CYS A 321 15.88 -1.17 -44.10
C CYS A 321 14.69 -0.45 -44.70
N GLY A 322 14.78 0.88 -44.80
CA GLY A 322 13.67 1.59 -45.43
C GLY A 322 14.02 2.15 -46.80
N PHE A 323 15.20 1.83 -47.32
CA PHE A 323 15.63 2.40 -48.59
C PHE A 323 14.79 1.98 -49.77
N ASN A 324 14.59 0.68 -49.91
CA ASN A 324 13.79 0.12 -50.97
C ASN A 324 13.20 -1.18 -50.49
N ASP A 325 12.48 -1.84 -51.36
CA ASP A 325 11.81 -3.09 -51.06
C ASP A 325 12.76 -4.26 -50.92
N LEU A 326 13.84 -4.20 -51.65
CA LEU A 326 14.86 -5.25 -51.57
C LEU A 326 15.53 -5.15 -50.20
N SER A 327 15.77 -3.94 -49.73
CA SER A 327 16.40 -3.75 -48.44
C SER A 327 15.48 -4.24 -47.34
N GLN A 328 14.16 -4.02 -47.52
CA GLN A 328 13.20 -4.47 -46.51
C GLN A 328 13.24 -5.96 -46.38
N LEU A 329 13.44 -6.63 -47.53
CA LEU A 329 13.52 -8.08 -47.54
C LEU A 329 14.72 -8.55 -46.72
N HIS A 330 15.87 -7.93 -46.94
CA HIS A 330 17.05 -8.37 -46.20
C HIS A 330 16.88 -8.16 -44.74
N CYS A 331 16.26 -7.05 -44.38
CA CYS A 331 16.07 -6.80 -42.97
C CYS A 331 15.11 -7.78 -42.34
N SER A 332 14.05 -8.17 -43.05
CA SER A 332 13.06 -9.07 -42.44
C SER A 332 13.63 -10.43 -42.14
N TYR A 333 14.67 -10.82 -42.87
CA TYR A 333 15.29 -12.11 -42.61
C TYR A 333 16.56 -11.96 -41.81
N GLU A 334 16.86 -10.72 -41.44
CA GLU A 334 18.07 -10.33 -40.74
C GLU A 334 19.30 -10.92 -41.38
N SER A 335 19.39 -10.79 -42.69
CA SER A 335 20.50 -11.34 -43.41
C SER A 335 20.82 -10.60 -44.66
N PHE A 336 22.08 -10.66 -45.07
CA PHE A 336 22.49 -10.01 -46.30
C PHE A 336 22.32 -10.91 -47.50
N ASP A 337 21.99 -12.15 -47.23
CA ASP A 337 21.78 -13.15 -48.25
C ASP A 337 20.49 -13.88 -47.96
N VAL A 338 19.54 -13.74 -48.85
CA VAL A 338 18.26 -14.39 -48.69
C VAL A 338 18.12 -15.22 -49.94
N GLU A 339 17.26 -16.22 -49.90
CA GLU A 339 17.04 -17.09 -51.03
C GLU A 339 16.22 -16.42 -52.11
N SER A 340 16.34 -16.94 -53.33
CA SER A 340 15.57 -16.42 -54.44
C SER A 340 14.09 -16.69 -54.24
N GLY A 341 13.27 -15.79 -54.70
CA GLY A 341 11.84 -16.00 -54.59
C GLY A 341 11.07 -14.73 -54.77
N VAL A 342 9.77 -14.82 -54.61
CA VAL A 342 8.94 -13.66 -54.71
C VAL A 342 8.38 -13.45 -53.32
N TYR A 343 8.62 -12.27 -52.75
CA TYR A 343 8.24 -12.00 -51.37
C TYR A 343 7.39 -10.78 -51.21
N SER A 344 6.45 -10.82 -50.29
CA SER A 344 5.69 -9.62 -50.02
C SER A 344 6.44 -8.78 -49.01
N VAL A 345 6.44 -7.49 -49.24
CA VAL A 345 7.11 -6.53 -48.36
C VAL A 345 6.14 -5.42 -48.03
N SER A 346 6.52 -4.53 -47.16
CA SER A 346 5.61 -3.45 -46.81
C SER A 346 5.17 -2.70 -48.04
N SER A 347 3.88 -2.32 -48.02
CA SER A 347 3.26 -1.59 -49.12
C SER A 347 3.84 -0.23 -49.27
N PHE A 348 3.68 0.33 -50.44
CA PHE A 348 4.18 1.66 -50.67
C PHE A 348 3.05 2.58 -50.21
N GLU A 349 3.28 3.32 -49.14
CA GLU A 349 2.23 4.09 -48.53
C GLU A 349 1.84 5.32 -49.32
N ALA A 350 0.55 5.57 -49.33
CA ALA A 350 0.07 6.83 -49.86
C ALA A 350 0.30 7.82 -48.74
N LYS A 351 0.70 9.05 -49.06
CA LYS A 351 0.90 9.99 -47.98
C LYS A 351 -0.02 11.17 -48.21
N PRO A 352 -0.45 11.87 -47.16
CA PRO A 352 -1.25 13.06 -47.28
C PRO A 352 -0.56 14.13 -48.07
N SER A 353 -1.34 14.80 -48.88
CA SER A 353 -0.97 15.89 -49.76
C SER A 353 -1.51 17.21 -49.23
N GLY A 354 -2.15 17.13 -48.08
CA GLY A 354 -2.82 18.27 -47.46
C GLY A 354 -3.75 17.81 -46.36
N SER A 355 -4.65 18.69 -45.96
CA SER A 355 -5.61 18.40 -44.90
C SER A 355 -6.91 19.12 -45.11
N VAL A 356 -8.00 18.58 -44.58
CA VAL A 356 -9.29 19.25 -44.59
C VAL A 356 -9.81 19.37 -43.18
N VAL A 357 -10.36 20.51 -42.84
CA VAL A 357 -10.90 20.68 -41.51
C VAL A 357 -12.27 21.34 -41.52
N GLU A 358 -13.19 20.76 -40.76
CA GLU A 358 -14.49 21.40 -40.54
C GLU A 358 -14.76 21.37 -39.05
N THR A 576 -8.29 24.23 -46.79
CA THR A 576 -8.63 23.12 -45.92
C THR A 576 -10.04 22.69 -46.14
N LYS A 577 -10.58 23.12 -47.25
CA LYS A 577 -11.91 22.74 -47.63
C LYS A 577 -11.84 21.37 -48.32
N ILE A 578 -12.93 20.62 -48.26
CA ILE A 578 -12.98 19.34 -48.95
C ILE A 578 -13.12 19.49 -50.44
N ALA A 579 -13.98 20.37 -50.89
CA ALA A 579 -14.23 20.49 -52.32
C ALA A 579 -12.96 20.82 -53.09
N SER A 580 -12.06 21.58 -52.47
CA SER A 580 -10.84 21.98 -53.15
C SER A 580 -9.77 20.89 -53.20
N GLN A 581 -9.97 19.79 -52.49
CA GLN A 581 -9.00 18.72 -52.45
C GLN A 581 -9.58 17.34 -52.82
N LEU A 582 -10.60 17.31 -53.64
CA LEU A 582 -11.17 16.02 -53.95
C LEU A 582 -10.19 15.21 -54.75
N GLY A 583 -10.13 13.92 -54.43
CA GLY A 583 -9.27 12.97 -55.12
C GLY A 583 -7.91 12.84 -54.49
N ASN A 584 -7.59 13.72 -53.55
CA ASN A 584 -6.30 13.68 -52.91
C ASN A 584 -6.34 12.92 -51.61
N CYS A 585 -5.17 12.42 -51.23
CA CYS A 585 -5.12 11.86 -49.83
C CYS A 585 -4.78 13.04 -48.93
N VAL A 586 -5.72 13.16 -47.93
CA VAL A 586 -5.56 14.25 -46.98
C VAL A 586 -5.77 13.77 -45.56
N GLU A 587 -5.23 14.53 -44.63
CA GLU A 587 -5.57 14.25 -43.26
C GLU A 587 -6.90 14.97 -43.04
N TYR A 588 -7.76 14.44 -42.21
CA TYR A 588 -8.96 15.21 -41.96
C TYR A 588 -9.28 15.29 -40.51
N SER A 589 -9.95 16.37 -40.18
CA SER A 589 -10.54 16.55 -38.86
C SER A 589 -11.90 17.19 -39.07
N LEU A 590 -12.94 16.41 -38.95
CA LEU A 590 -14.28 16.87 -39.22
C LEU A 590 -15.09 16.80 -37.94
N TYR A 591 -15.31 17.92 -37.28
CA TYR A 591 -16.05 17.94 -36.04
C TYR A 591 -15.56 16.90 -35.09
N GLY A 592 -14.24 16.84 -34.96
CA GLY A 592 -13.57 15.96 -34.02
C GLY A 592 -13.28 14.58 -34.52
N VAL A 593 -13.76 14.26 -35.70
CA VAL A 593 -13.54 12.94 -36.26
C VAL A 593 -12.33 13.03 -37.15
N SER A 594 -11.36 12.15 -36.98
CA SER A 594 -10.16 12.32 -37.77
C SER A 594 -9.58 11.07 -38.29
N GLY A 595 -8.71 11.23 -39.25
CA GLY A 595 -8.05 10.13 -39.90
C GLY A 595 -7.50 10.59 -41.21
N ARG A 596 -7.22 9.65 -42.09
CA ARG A 596 -6.69 9.98 -43.42
C ARG A 596 -7.59 9.37 -44.46
N GLY A 597 -7.74 10.04 -45.58
CA GLY A 597 -8.54 9.48 -46.64
C GLY A 597 -8.67 10.37 -47.84
N VAL A 598 -9.43 9.90 -48.77
CA VAL A 598 -9.68 10.55 -50.03
C VAL A 598 -11.13 10.87 -50.15
N PHE A 599 -11.45 12.13 -50.40
CA PHE A 599 -12.85 12.51 -50.54
C PHE A 599 -13.28 12.49 -51.99
N GLN A 600 -14.49 12.04 -52.23
CA GLN A 600 -15.03 12.05 -53.58
C GLN A 600 -16.43 12.60 -53.57
N ASN A 601 -16.82 13.34 -54.57
CA ASN A 601 -18.17 13.80 -54.72
C ASN A 601 -19.11 12.69 -55.08
N CYS A 602 -20.14 12.35 -54.39
CA CYS A 602 -20.98 11.24 -54.73
C CYS A 602 -22.42 11.32 -54.24
N THR A 603 -23.26 10.39 -54.62
CA THR A 603 -24.66 10.36 -54.21
C THR A 603 -24.83 10.13 -52.73
N ALA A 604 -25.68 10.94 -52.12
CA ALA A 604 -25.96 10.84 -50.70
C ALA A 604 -26.68 9.59 -50.32
N VAL A 605 -26.23 9.02 -49.21
CA VAL A 605 -26.82 7.85 -48.57
C VAL A 605 -26.90 8.12 -47.08
N GLY A 606 -27.76 7.40 -46.37
CA GLY A 606 -27.81 7.56 -44.92
C GLY A 606 -28.67 8.76 -44.56
N VAL A 607 -28.75 9.08 -43.27
CA VAL A 607 -29.57 10.20 -42.82
C VAL A 607 -28.71 11.47 -42.79
N ARG A 608 -29.12 12.49 -43.53
CA ARG A 608 -28.36 13.73 -43.63
C ARG A 608 -28.09 14.40 -42.33
N GLN A 609 -29.07 14.38 -41.48
CA GLN A 609 -29.00 15.04 -40.19
C GLN A 609 -27.95 14.46 -39.28
N GLN A 610 -27.52 13.25 -39.56
CA GLN A 610 -26.56 12.58 -38.70
C GLN A 610 -25.12 12.83 -39.11
N ARG A 611 -24.90 13.52 -40.24
CA ARG A 611 -23.58 13.95 -40.73
C ARG A 611 -22.55 12.91 -41.15
N PHE A 612 -22.26 11.96 -40.28
CA PHE A 612 -21.24 10.97 -40.55
C PHE A 612 -21.81 9.62 -40.89
N VAL A 613 -21.44 9.10 -42.07
CA VAL A 613 -21.93 7.81 -42.53
C VAL A 613 -20.85 6.77 -42.29
N TYR A 614 -21.23 5.71 -41.60
CA TYR A 614 -20.33 4.61 -41.28
C TYR A 614 -20.69 3.33 -41.98
N ASP A 615 -19.69 2.50 -42.21
CA ASP A 615 -19.92 1.18 -42.78
C ASP A 615 -20.11 0.12 -41.69
N ALA A 616 -20.15 -1.14 -42.12
CA ALA A 616 -20.42 -2.26 -41.24
C ALA A 616 -19.21 -2.66 -40.38
N TYR A 617 -18.06 -2.03 -40.64
CA TYR A 617 -16.86 -2.29 -39.85
C TYR A 617 -16.54 -1.04 -39.02
N GLN A 618 -17.49 -0.12 -38.95
CA GLN A 618 -17.42 1.15 -38.26
C GLN A 618 -16.37 2.11 -38.78
N ASN A 619 -16.06 2.05 -40.08
CA ASN A 619 -15.13 3.01 -40.65
C ASN A 619 -15.96 4.20 -41.10
N LEU A 620 -15.38 5.39 -41.15
CA LEU A 620 -16.16 6.49 -41.73
C LEU A 620 -16.08 6.34 -43.23
N VAL A 621 -17.23 6.24 -43.89
CA VAL A 621 -17.24 6.04 -45.33
C VAL A 621 -17.94 7.13 -46.09
N GLY A 622 -18.49 8.09 -45.40
CA GLY A 622 -19.11 9.19 -46.09
C GLY A 622 -19.38 10.31 -45.14
N TYR A 623 -19.58 11.48 -45.70
CA TYR A 623 -19.79 12.67 -44.90
C TYR A 623 -20.61 13.73 -45.54
N TYR A 624 -21.54 14.28 -44.78
CA TYR A 624 -22.32 15.38 -45.25
C TYR A 624 -21.65 16.64 -44.75
N SER A 625 -21.18 17.45 -45.67
CA SER A 625 -20.45 18.66 -45.36
C SER A 625 -21.32 19.86 -45.12
N ASP A 626 -20.78 20.84 -44.40
CA ASP A 626 -21.55 22.08 -44.23
C ASP A 626 -21.62 22.91 -45.51
N ASP A 627 -20.85 22.54 -46.55
CA ASP A 627 -20.94 23.26 -47.81
C ASP A 627 -22.10 22.73 -48.68
N GLY A 628 -22.88 21.76 -48.15
CA GLY A 628 -24.04 21.20 -48.81
C GLY A 628 -23.83 19.90 -49.59
N ASN A 629 -22.57 19.54 -49.81
CA ASN A 629 -22.28 18.33 -50.56
C ASN A 629 -22.08 17.11 -49.72
N TYR A 630 -22.35 15.96 -50.32
CA TYR A 630 -22.05 14.70 -49.69
C TYR A 630 -20.83 14.11 -50.32
N TYR A 631 -19.90 13.69 -49.49
CA TYR A 631 -18.71 13.10 -50.03
C TYR A 631 -18.57 11.68 -49.57
N CYS A 632 -18.03 10.87 -50.44
CA CYS A 632 -17.69 9.51 -50.10
C CYS A 632 -16.29 9.62 -49.54
N LEU A 633 -15.98 8.82 -48.55
CA LEU A 633 -14.63 8.83 -48.03
C LEU A 633 -13.99 7.47 -48.22
N ARG A 634 -12.86 7.48 -48.86
CA ARG A 634 -12.14 6.25 -49.13
C ARG A 634 -10.87 6.31 -48.36
N ALA A 635 -10.33 5.19 -47.97
CA ALA A 635 -9.06 5.26 -47.25
C ALA A 635 -7.97 5.71 -48.19
N CYS A 636 -6.95 6.37 -47.66
CA CYS A 636 -5.83 6.56 -48.55
C CYS A 636 -5.45 5.10 -48.70
N VAL A 637 -5.22 4.65 -49.92
CA VAL A 637 -4.92 3.24 -50.14
C VAL A 637 -3.55 2.99 -50.43
N SER A 638 -3.01 2.00 -49.77
CA SER A 638 -1.63 1.71 -50.02
C SER A 638 -1.47 0.92 -51.30
N VAL A 639 -0.27 0.98 -51.87
CA VAL A 639 0.05 0.27 -53.08
C VAL A 639 0.82 -1.00 -52.77
N PRO A 640 0.25 -2.19 -52.95
CA PRO A 640 0.88 -3.48 -52.72
C PRO A 640 2.27 -3.59 -53.27
N VAL A 641 3.19 -4.22 -52.56
CA VAL A 641 4.53 -4.44 -53.12
C VAL A 641 5.05 -5.87 -52.91
N SER A 642 5.50 -6.49 -53.97
CA SER A 642 6.16 -7.79 -53.91
C SER A 642 7.53 -7.67 -54.56
N VAL A 643 8.54 -8.26 -53.97
CA VAL A 643 9.87 -8.17 -54.53
C VAL A 643 10.20 -9.46 -55.18
N ILE A 644 10.63 -9.39 -56.42
CA ILE A 644 11.00 -10.55 -57.18
C ILE A 644 12.52 -10.60 -57.10
N TYR A 645 13.11 -11.60 -56.45
CA TYR A 645 14.56 -11.57 -56.26
C TYR A 645 15.27 -12.81 -56.67
N ASP A 646 16.37 -12.61 -57.38
CA ASP A 646 17.21 -13.72 -57.79
C ASP A 646 18.59 -13.59 -57.15
N LYS A 647 18.85 -14.53 -56.23
CA LYS A 647 20.06 -14.61 -55.42
C LYS A 647 21.33 -14.77 -56.22
N GLU A 648 21.27 -15.58 -57.27
CA GLU A 648 22.42 -15.85 -58.11
C GLU A 648 22.84 -14.64 -58.94
N THR A 649 21.86 -13.88 -59.43
CA THR A 649 22.24 -12.72 -60.21
C THR A 649 22.32 -11.46 -59.38
N LYS A 650 21.77 -11.48 -58.16
CA LYS A 650 21.72 -10.26 -57.36
C LYS A 650 20.92 -9.17 -58.08
N THR A 651 19.80 -9.58 -58.66
CA THR A 651 18.92 -8.65 -59.36
C THR A 651 17.52 -8.79 -58.85
N HIS A 652 16.71 -7.77 -59.08
CA HIS A 652 15.33 -7.84 -58.66
C HIS A 652 14.42 -7.01 -59.52
N ALA A 653 13.15 -7.25 -59.31
CA ALA A 653 12.08 -6.53 -59.98
C ALA A 653 10.98 -6.32 -58.96
N THR A 654 10.18 -5.29 -59.15
CA THR A 654 9.13 -4.98 -58.19
C THR A 654 7.76 -5.13 -58.78
N LEU A 655 6.91 -5.92 -58.12
CA LEU A 655 5.53 -6.11 -58.57
C LEU A 655 4.56 -5.40 -57.66
N PHE A 656 3.72 -4.61 -58.28
CA PHE A 656 2.69 -3.88 -57.58
C PHE A 656 1.40 -4.56 -57.91
N GLY A 657 1.08 -5.56 -57.12
CA GLY A 657 0.00 -6.41 -57.49
C GLY A 657 -1.29 -5.68 -57.42
N SER A 658 -2.14 -5.92 -58.39
CA SER A 658 -3.50 -5.33 -58.46
C SER A 658 -3.50 -3.87 -58.83
N VAL A 659 -2.34 -3.30 -59.12
CA VAL A 659 -2.25 -1.88 -59.42
C VAL A 659 -2.07 -1.57 -60.88
N ALA A 660 -2.88 -0.65 -61.42
CA ALA A 660 -2.64 -0.23 -62.80
C ALA A 660 -1.37 0.64 -62.82
N CYS A 661 -0.58 0.55 -63.89
CA CYS A 661 0.69 1.29 -63.97
C CYS A 661 0.52 2.79 -64.06
N GLU A 662 -0.69 3.27 -64.19
CA GLU A 662 -0.94 4.70 -64.24
C GLU A 662 -0.54 5.37 -62.91
N HIS A 663 -0.42 4.56 -61.84
CA HIS A 663 -0.03 5.05 -60.52
C HIS A 663 1.44 4.86 -60.24
N ILE A 664 2.17 4.29 -61.18
CA ILE A 664 3.56 3.98 -60.90
C ILE A 664 4.45 4.75 -61.88
N TYR A 686 13.74 0.90 -69.21
CA TYR A 686 12.34 0.65 -69.54
C TYR A 686 11.41 1.23 -68.49
N GLY A 687 10.21 1.58 -68.91
CA GLY A 687 9.21 2.11 -68.01
C GLY A 687 8.50 0.94 -67.36
N PRO A 688 7.42 1.15 -66.62
CA PRO A 688 6.64 0.14 -65.95
C PRO A 688 5.92 -0.74 -66.96
N LEU A 689 5.80 -2.04 -66.67
CA LEU A 689 5.11 -3.00 -67.54
C LEU A 689 3.79 -3.48 -66.94
N GLN A 690 2.69 -3.35 -67.67
CA GLN A 690 1.43 -3.80 -67.09
C GLN A 690 1.27 -5.27 -67.37
N THR A 691 1.05 -6.10 -66.35
CA THR A 691 0.89 -7.52 -66.57
C THR A 691 -0.45 -7.94 -65.98
N PRO A 692 -0.94 -9.15 -66.24
CA PRO A 692 -2.15 -9.74 -65.67
C PRO A 692 -2.22 -9.82 -64.13
N VAL A 693 -1.09 -9.63 -63.45
CA VAL A 693 -1.10 -9.69 -62.00
C VAL A 693 -0.79 -8.35 -61.35
N GLY A 694 -0.61 -7.31 -62.15
CA GLY A 694 -0.26 -6.01 -61.59
C GLY A 694 0.80 -5.32 -62.41
N CYS A 695 1.31 -4.22 -61.90
CA CYS A 695 2.31 -3.44 -62.62
C CYS A 695 3.71 -3.85 -62.19
N VAL A 696 4.60 -4.14 -63.12
CA VAL A 696 5.92 -4.56 -62.68
C VAL A 696 7.04 -3.73 -63.23
N LEU A 697 7.89 -3.26 -62.34
CA LEU A 697 9.09 -2.48 -62.73
C LEU A 697 10.29 -3.40 -62.63
N GLY A 698 11.24 -3.27 -63.55
CA GLY A 698 12.43 -4.11 -63.47
C GLY A 698 12.33 -5.32 -64.39
N LEU A 699 11.15 -5.58 -64.96
CA LEU A 699 11.01 -6.66 -65.91
C LEU A 699 10.89 -6.10 -67.30
N VAL A 700 11.39 -6.85 -68.26
CA VAL A 700 11.23 -6.49 -69.66
C VAL A 700 10.40 -7.57 -70.32
N ASN A 701 9.42 -7.15 -71.10
CA ASN A 701 8.57 -8.17 -71.75
C ASN A 701 9.39 -8.89 -72.84
N SER A 702 9.35 -10.27 -72.71
CA SER A 702 10.19 -11.04 -73.65
C SER A 702 9.49 -11.91 -74.68
N SER A 703 8.19 -12.17 -74.53
CA SER A 703 7.48 -13.08 -75.44
C SER A 703 8.22 -14.42 -75.59
N LEU A 704 8.64 -14.92 -74.47
CA LEU A 704 9.40 -16.15 -74.33
C LEU A 704 8.65 -17.08 -73.41
N PHE A 705 8.73 -18.38 -73.66
CA PHE A 705 8.10 -19.35 -72.78
C PHE A 705 9.07 -20.21 -71.99
N VAL A 706 8.65 -20.56 -70.78
CA VAL A 706 9.42 -21.45 -69.90
C VAL A 706 8.57 -22.58 -69.39
N GLU A 707 9.22 -23.63 -68.88
CA GLU A 707 8.45 -24.67 -68.20
C GLU A 707 9.02 -24.64 -66.80
N ASP A 708 10.30 -24.35 -66.80
CA ASP A 708 11.17 -24.34 -65.64
C ASP A 708 11.19 -23.00 -64.93
N CYS A 709 10.05 -22.72 -64.32
CA CYS A 709 9.92 -21.38 -63.69
C CYS A 709 10.21 -21.46 -62.19
N LYS A 710 11.16 -20.52 -61.83
CA LYS A 710 11.60 -20.46 -60.44
C LYS A 710 11.01 -19.28 -59.68
N LEU A 711 10.56 -18.27 -60.41
CA LEU A 711 10.02 -17.06 -59.83
C LEU A 711 8.65 -16.75 -60.39
N PRO A 712 7.65 -17.58 -60.12
CA PRO A 712 6.32 -17.45 -60.65
C PRO A 712 5.72 -16.19 -60.13
N LEU A 713 5.00 -15.47 -60.98
CA LEU A 713 4.40 -14.22 -60.54
C LEU A 713 2.94 -14.34 -60.24
N GLY A 714 2.33 -15.39 -60.75
CA GLY A 714 0.91 -15.59 -60.63
C GLY A 714 0.34 -15.76 -62.02
N GLN A 715 -0.89 -16.22 -62.09
CA GLN A 715 -1.50 -16.49 -63.37
C GLN A 715 -0.51 -17.42 -64.07
N SER A 716 -0.06 -17.13 -65.26
CA SER A 716 0.91 -18.05 -65.87
C SER A 716 2.14 -17.32 -66.28
N LEU A 717 2.48 -16.34 -65.45
CA LEU A 717 3.63 -15.47 -65.65
C LEU A 717 4.80 -15.89 -64.79
N CYS A 718 6.00 -15.62 -65.27
CA CYS A 718 7.22 -15.98 -64.55
C CYS A 718 8.33 -14.95 -64.76
N ALA A 719 9.06 -14.61 -63.70
CA ALA A 719 10.22 -13.74 -63.90
C ALA A 719 11.42 -14.63 -64.22
N LEU A 720 12.10 -14.28 -65.29
CA LEU A 720 13.23 -15.05 -65.75
C LEU A 720 14.50 -14.21 -65.80
N PRO A 721 15.51 -14.44 -64.98
CA PRO A 721 16.70 -13.64 -64.93
C PRO A 721 17.46 -13.76 -66.22
N ASP A 722 18.15 -12.68 -66.60
CA ASP A 722 18.99 -12.62 -67.79
C ASP A 722 20.42 -12.97 -67.41
N THR A 723 20.80 -14.21 -67.66
CA THR A 723 22.07 -14.76 -67.25
C THR A 723 22.38 -16.07 -67.93
N PRO A 736 24.87 -9.37 -65.01
CA PRO A 736 23.50 -9.82 -65.23
C PRO A 736 22.66 -8.69 -65.77
N GLY A 737 21.59 -9.04 -66.48
CA GLY A 737 20.70 -8.03 -67.04
C GLY A 737 19.43 -7.89 -66.24
N GLU A 738 18.39 -7.41 -66.90
CA GLU A 738 17.09 -7.25 -66.26
C GLU A 738 16.35 -8.56 -66.31
N MET A 739 15.42 -8.77 -65.40
CA MET A 739 14.66 -10.00 -65.49
C MET A 739 13.67 -9.86 -66.64
N ARG A 740 13.46 -10.94 -67.34
CA ARG A 740 12.49 -11.00 -68.40
C ARG A 740 11.13 -11.44 -67.90
N LEU A 741 10.08 -10.94 -68.52
CA LEU A 741 8.77 -11.47 -68.20
C LEU A 741 8.46 -12.55 -69.20
N ALA A 742 8.37 -13.78 -68.70
CA ALA A 742 8.16 -14.97 -69.50
C ALA A 742 6.82 -15.58 -69.16
N SER A 743 6.26 -16.30 -70.11
CA SER A 743 5.00 -16.99 -69.86
C SER A 743 5.28 -18.47 -69.64
N ILE A 744 4.51 -19.11 -68.80
CA ILE A 744 4.73 -20.52 -68.58
C ILE A 744 3.98 -21.29 -69.65
N ALA A 745 4.70 -22.18 -70.32
CA ALA A 745 4.15 -22.98 -71.39
C ALA A 745 3.30 -24.12 -70.91
N PHE A 746 2.29 -24.43 -71.69
CA PHE A 746 1.58 -25.67 -71.47
C PHE A 746 2.32 -26.66 -72.33
N ASN A 747 2.71 -27.77 -71.76
CA ASN A 747 3.44 -28.78 -72.51
C ASN A 747 2.46 -29.80 -73.07
N HIS A 748 2.15 -29.72 -74.34
CA HIS A 748 1.14 -30.58 -74.92
C HIS A 748 1.58 -32.04 -74.98
N PRO A 749 0.68 -32.99 -74.73
CA PRO A 749 0.89 -34.40 -74.83
C PRO A 749 0.99 -34.78 -76.28
N ILE A 750 1.51 -35.97 -76.54
CA ILE A 750 1.60 -36.44 -77.91
C ILE A 750 0.18 -36.64 -78.40
N GLN A 751 -0.16 -36.08 -79.55
CA GLN A 751 -1.52 -36.20 -80.04
C GLN A 751 -1.67 -37.46 -80.85
N VAL A 752 -2.63 -38.29 -80.48
CA VAL A 752 -2.80 -39.53 -81.23
C VAL A 752 -4.21 -39.54 -81.78
N ASP A 753 -4.35 -39.58 -83.08
CA ASP A 753 -5.66 -39.53 -83.72
C ASP A 753 -6.46 -40.80 -83.67
N GLN A 754 -7.77 -40.66 -83.58
CA GLN A 754 -8.65 -41.81 -83.66
C GLN A 754 -8.95 -42.09 -85.10
N LEU A 755 -9.21 -43.34 -85.43
CA LEU A 755 -9.52 -43.68 -86.81
C LEU A 755 -10.98 -43.93 -87.04
N ASN A 756 -11.42 -43.54 -88.18
CA ASN A 756 -12.80 -43.85 -88.72
C ASN A 756 -12.78 -45.22 -89.25
N SER A 757 -12.57 -46.23 -88.52
CA SER A 757 -12.40 -47.59 -88.98
C SER A 757 -12.58 -48.56 -87.86
N SER A 758 -12.41 -49.84 -88.18
CA SER A 758 -12.45 -50.94 -87.23
C SER A 758 -11.09 -51.14 -86.56
N TYR A 759 -10.12 -50.35 -86.97
CA TYR A 759 -8.76 -50.38 -86.43
C TYR A 759 -8.55 -49.21 -85.46
N PHE A 760 -7.40 -49.18 -84.80
CA PHE A 760 -7.07 -48.03 -84.00
C PHE A 760 -5.59 -47.71 -84.08
N LYS A 761 -5.24 -46.47 -83.79
CA LYS A 761 -3.85 -46.09 -83.70
C LYS A 761 -3.27 -46.37 -82.33
N LEU A 762 -2.11 -46.97 -82.38
CA LEU A 762 -1.34 -47.28 -81.21
C LEU A 762 -0.11 -46.45 -81.15
N SER A 763 -0.01 -45.61 -80.16
CA SER A 763 1.21 -44.86 -80.00
C SER A 763 2.03 -45.71 -79.02
N ILE A 764 3.11 -46.30 -79.50
CA ILE A 764 3.85 -47.26 -78.70
C ILE A 764 5.34 -46.91 -78.69
N PRO A 765 6.06 -47.01 -77.56
CA PRO A 765 7.47 -46.70 -77.43
C PRO A 765 8.31 -47.57 -78.29
N THR A 766 9.45 -47.04 -78.74
CA THR A 766 10.40 -47.85 -79.51
C THR A 766 11.69 -47.87 -78.72
N ASN A 767 11.72 -47.01 -77.73
CA ASN A 767 12.91 -46.85 -76.88
C ASN A 767 12.51 -46.67 -75.45
N PHE A 768 13.44 -46.75 -74.55
CA PHE A 768 13.16 -46.53 -73.15
C PHE A 768 14.38 -46.17 -72.36
N SER A 769 14.13 -45.68 -71.17
CA SER A 769 15.15 -45.43 -70.20
C SER A 769 14.61 -45.71 -68.83
N PHE A 770 15.51 -45.82 -67.86
CA PHE A 770 15.05 -45.96 -66.50
C PHE A 770 15.34 -44.63 -65.83
N GLY A 771 14.54 -44.26 -64.87
CA GLY A 771 14.87 -43.03 -64.16
C GLY A 771 14.46 -43.18 -62.73
N VAL A 772 14.93 -42.29 -61.89
CA VAL A 772 14.60 -42.41 -60.50
C VAL A 772 13.84 -41.24 -59.98
N THR A 773 12.67 -41.50 -59.45
CA THR A 773 11.92 -40.44 -58.83
C THR A 773 12.34 -40.50 -57.39
N GLN A 774 12.82 -39.40 -56.87
CA GLN A 774 13.25 -39.41 -55.49
C GLN A 774 12.13 -38.84 -54.66
N GLU A 775 11.92 -39.41 -53.49
CA GLU A 775 10.88 -38.89 -52.65
C GLU A 775 11.25 -38.92 -51.19
N TYR A 776 11.00 -37.84 -50.50
CA TYR A 776 11.23 -37.85 -49.09
C TYR A 776 9.96 -37.78 -48.31
N ILE A 777 9.83 -38.69 -47.36
CA ILE A 777 8.68 -38.67 -46.49
C ILE A 777 9.14 -38.49 -45.08
N GLN A 778 8.64 -37.47 -44.44
CA GLN A 778 9.02 -37.20 -43.07
C GLN A 778 8.24 -38.13 -42.18
N THR A 779 8.86 -38.78 -41.24
CA THR A 779 8.06 -39.66 -40.37
C THR A 779 8.03 -39.15 -38.95
N THR A 780 9.01 -38.31 -38.61
CA THR A 780 9.13 -37.77 -37.28
C THR A 780 9.40 -36.30 -37.29
N ILE A 781 9.32 -35.71 -36.12
CA ILE A 781 9.76 -34.35 -35.88
C ILE A 781 10.72 -34.47 -34.72
N GLN A 782 11.53 -33.45 -34.48
CA GLN A 782 12.40 -33.50 -33.31
C GLN A 782 11.52 -33.39 -32.08
N LYS A 783 11.79 -34.25 -31.09
CA LYS A 783 11.06 -34.27 -29.85
C LYS A 783 11.66 -33.29 -28.88
N VAL A 784 10.84 -32.40 -28.36
CA VAL A 784 11.31 -31.37 -27.45
C VAL A 784 10.46 -31.30 -26.20
N THR A 785 11.10 -31.12 -25.07
CA THR A 785 10.36 -30.87 -23.84
C THR A 785 10.78 -29.52 -23.33
N VAL A 786 9.95 -28.90 -22.51
CA VAL A 786 10.30 -27.60 -22.00
C VAL A 786 10.18 -27.53 -20.50
N ASP A 787 11.19 -26.98 -19.85
CA ASP A 787 11.06 -26.77 -18.43
C ASP A 787 10.35 -25.41 -18.37
N CYS A 788 9.02 -25.55 -18.36
CA CYS A 788 8.14 -24.33 -18.48
C CYS A 788 8.36 -23.45 -17.32
N LYS A 789 8.46 -23.88 -16.13
CA LYS A 789 8.63 -23.02 -15.01
C LYS A 789 9.93 -22.24 -15.16
N GLN A 790 11.01 -22.92 -15.56
CA GLN A 790 12.26 -22.18 -15.75
C GLN A 790 12.17 -21.23 -16.91
N TYR A 791 11.53 -21.64 -17.99
CA TYR A 791 11.43 -20.80 -19.17
C TYR A 791 10.80 -19.48 -18.85
N VAL A 792 9.68 -19.55 -18.14
CA VAL A 792 8.92 -18.34 -17.85
C VAL A 792 9.56 -17.49 -16.76
N CYS A 793 9.97 -18.11 -15.65
CA CYS A 793 10.41 -17.31 -14.51
C CYS A 793 11.88 -17.29 -14.18
N ASN A 794 12.69 -18.13 -14.79
CA ASN A 794 14.12 -18.14 -14.53
C ASN A 794 14.54 -18.26 -13.10
N GLY A 795 13.81 -19.01 -12.30
CA GLY A 795 14.18 -19.20 -10.92
C GLY A 795 13.77 -18.09 -9.95
N PHE A 796 13.09 -17.06 -10.44
CA PHE A 796 12.72 -15.98 -9.56
C PHE A 796 11.44 -16.30 -8.85
N GLN A 797 11.47 -16.19 -7.53
CA GLN A 797 10.33 -16.58 -6.73
C GLN A 797 9.15 -15.67 -6.89
N LYS A 798 9.40 -14.38 -7.17
CA LYS A 798 8.27 -13.49 -7.32
C LYS A 798 7.51 -13.88 -8.56
N CYS A 799 8.24 -14.16 -9.62
CA CYS A 799 7.59 -14.58 -10.82
C CYS A 799 6.82 -15.85 -10.59
N GLU A 800 7.43 -16.82 -9.93
CA GLU A 800 6.75 -18.10 -9.75
C GLU A 800 5.45 -17.91 -8.99
N GLN A 801 5.48 -17.00 -8.03
CA GLN A 801 4.30 -16.67 -7.26
C GLN A 801 3.20 -16.10 -8.11
N LEU A 802 3.55 -15.34 -9.14
CA LEU A 802 2.55 -14.76 -9.99
C LEU A 802 2.09 -15.78 -11.02
N LEU A 803 3.00 -16.66 -11.42
CA LEU A 803 2.71 -17.69 -12.40
C LEU A 803 1.64 -18.63 -11.91
N ARG A 804 1.62 -18.86 -10.60
CA ARG A 804 0.64 -19.75 -10.01
C ARG A 804 -0.79 -19.27 -10.21
N GLU A 805 -0.98 -17.99 -10.49
CA GLU A 805 -2.32 -17.45 -10.58
C GLU A 805 -2.92 -17.67 -11.95
N TYR A 806 -2.14 -18.31 -12.81
CA TYR A 806 -2.54 -18.67 -14.15
C TYR A 806 -2.91 -20.14 -14.22
N GLY A 807 -2.99 -20.78 -13.05
CA GLY A 807 -3.41 -22.16 -12.99
C GLY A 807 -2.27 -23.09 -13.29
N GLN A 808 -2.59 -24.34 -13.59
CA GLN A 808 -1.54 -25.32 -13.81
C GLN A 808 -1.07 -25.23 -15.24
N PHE A 809 -0.52 -24.09 -15.57
CA PHE A 809 -0.08 -23.79 -16.91
C PHE A 809 1.00 -24.72 -17.37
N CYS A 810 1.99 -24.87 -16.52
CA CYS A 810 3.11 -25.68 -16.88
C CYS A 810 2.77 -27.15 -16.90
N SER A 811 1.74 -27.57 -16.17
CA SER A 811 1.40 -28.96 -16.24
C SER A 811 0.85 -29.22 -17.61
N LYS A 812 0.10 -28.25 -18.14
CA LYS A 812 -0.49 -28.42 -19.45
C LYS A 812 0.56 -28.44 -20.54
N ILE A 813 1.59 -27.60 -20.39
CA ILE A 813 2.66 -27.58 -21.39
C ILE A 813 3.37 -28.91 -21.39
N ASN A 814 3.66 -29.42 -20.20
CA ASN A 814 4.41 -30.65 -20.14
C ASN A 814 3.64 -31.85 -20.60
N GLN A 815 2.36 -31.88 -20.31
CA GLN A 815 1.58 -33.02 -20.70
C GLN A 815 1.31 -33.01 -22.18
N ALA A 816 1.11 -31.82 -22.75
CA ALA A 816 0.88 -31.75 -24.16
C ALA A 816 2.09 -32.20 -24.94
N LEU A 817 3.28 -31.81 -24.47
CA LEU A 817 4.47 -32.22 -25.18
C LEU A 817 4.79 -33.64 -24.91
N HIS A 818 4.47 -34.14 -23.72
CA HIS A 818 4.79 -35.52 -23.45
C HIS A 818 4.01 -36.38 -24.40
N GLY A 819 2.72 -36.07 -24.58
CA GLY A 819 1.90 -36.85 -25.47
C GLY A 819 2.39 -36.75 -26.90
N ALA A 820 2.77 -35.53 -27.31
CA ALA A 820 3.29 -35.31 -28.65
C ALA A 820 4.56 -36.04 -28.89
N ASN A 821 5.37 -36.23 -27.87
CA ASN A 821 6.62 -36.93 -28.02
C ASN A 821 6.39 -38.43 -28.07
N LEU A 822 5.40 -38.93 -27.29
CA LEU A 822 5.10 -40.36 -27.30
C LEU A 822 4.62 -40.73 -28.66
N ARG A 823 3.91 -39.80 -29.28
CA ARG A 823 3.37 -40.02 -30.59
C ARG A 823 4.43 -40.37 -31.60
N GLN A 824 5.64 -39.81 -31.48
CA GLN A 824 6.66 -40.15 -32.45
C GLN A 824 7.23 -41.47 -32.09
N ASP A 825 7.36 -41.77 -30.82
CA ASP A 825 7.92 -43.08 -30.54
C ASP A 825 6.96 -44.16 -31.05
N ASP A 826 5.64 -43.89 -30.95
CA ASP A 826 4.69 -44.88 -31.43
C ASP A 826 4.67 -44.92 -32.93
N SER A 827 4.83 -43.76 -33.57
CA SER A 827 4.84 -43.69 -35.02
C SER A 827 6.00 -44.43 -35.60
N VAL A 828 7.16 -44.27 -34.98
CA VAL A 828 8.39 -44.93 -35.40
C VAL A 828 8.29 -46.40 -35.16
N ARG A 829 7.81 -46.80 -34.02
CA ARG A 829 7.72 -48.21 -33.73
C ARG A 829 6.83 -48.91 -34.73
N ASN A 830 5.71 -48.27 -35.11
CA ASN A 830 4.76 -48.85 -36.04
C ASN A 830 5.32 -48.88 -37.43
N LEU A 831 6.02 -47.81 -37.81
CA LEU A 831 6.57 -47.75 -39.13
C LEU A 831 7.60 -48.81 -39.31
N PHE A 832 8.49 -48.97 -38.34
CA PHE A 832 9.52 -49.95 -38.54
C PHE A 832 9.01 -51.34 -38.43
N ALA A 833 7.99 -51.55 -37.61
CA ALA A 833 7.44 -52.88 -37.52
C ALA A 833 6.97 -53.34 -38.88
N SER A 834 6.48 -52.39 -39.69
CA SER A 834 6.01 -52.70 -41.03
C SER A 834 7.10 -52.77 -42.10
N VAL A 835 8.24 -52.10 -41.91
CA VAL A 835 9.28 -52.19 -42.94
C VAL A 835 9.95 -53.54 -42.75
N LYS A 836 9.98 -54.00 -41.49
CA LYS A 836 10.64 -55.23 -41.13
C LYS A 836 10.23 -56.39 -42.01
N SER A 837 11.24 -57.10 -42.50
CA SER A 837 11.05 -58.27 -43.33
C SER A 837 10.87 -59.51 -42.46
N SER A 838 10.15 -60.50 -42.96
CA SER A 838 10.05 -61.79 -42.28
C SER A 838 11.23 -62.65 -42.61
N GLN A 839 11.53 -62.69 -43.90
CA GLN A 839 12.55 -63.47 -44.56
C GLN A 839 13.31 -62.50 -45.44
N SER A 840 14.61 -62.68 -45.58
CA SER A 840 15.42 -61.82 -46.42
C SER A 840 16.70 -62.49 -46.85
N SER A 841 17.26 -62.13 -48.00
CA SER A 841 18.55 -62.68 -48.35
C SER A 841 19.66 -61.78 -47.77
N PRO A 842 20.84 -62.30 -47.43
CA PRO A 842 21.98 -61.51 -47.03
C PRO A 842 22.43 -60.57 -48.12
N ILE A 843 22.92 -59.40 -47.74
CA ILE A 843 23.49 -58.50 -48.73
C ILE A 843 24.96 -58.87 -48.80
N ILE A 844 25.46 -59.14 -49.97
CA ILE A 844 26.86 -59.48 -50.12
C ILE A 844 27.39 -58.49 -51.11
N PRO A 845 28.69 -58.18 -51.16
CA PRO A 845 29.23 -57.36 -52.21
C PRO A 845 28.86 -58.04 -53.49
N GLY A 846 28.39 -57.30 -54.50
CA GLY A 846 28.05 -57.99 -55.74
C GLY A 846 26.54 -58.22 -55.84
N PHE A 847 25.84 -57.89 -54.74
CA PHE A 847 24.41 -57.98 -54.69
C PHE A 847 23.96 -57.14 -55.86
N GLY A 848 23.00 -57.64 -56.63
CA GLY A 848 22.51 -56.94 -57.81
C GLY A 848 22.98 -57.58 -59.13
N GLY A 849 24.04 -58.38 -59.07
CA GLY A 849 24.52 -58.99 -60.31
C GLY A 849 24.99 -57.90 -61.27
N ASP A 850 24.41 -57.85 -62.47
CA ASP A 850 24.77 -56.87 -63.47
C ASP A 850 24.20 -55.50 -63.15
N PHE A 851 23.29 -55.48 -62.17
CA PHE A 851 22.65 -54.28 -61.74
C PHE A 851 23.47 -53.72 -60.60
N ASN A 852 24.03 -52.61 -60.72
CA ASN A 852 24.93 -51.94 -59.86
C ASN A 852 24.26 -51.42 -58.63
N LEU A 853 24.11 -52.02 -57.58
CA LEU A 853 23.44 -51.63 -56.39
C LEU A 853 24.43 -51.25 -55.29
N THR A 854 25.70 -51.01 -55.64
CA THR A 854 26.71 -50.77 -54.58
C THR A 854 26.37 -49.55 -53.79
N LEU A 855 25.67 -48.63 -54.43
CA LEU A 855 25.15 -47.36 -53.92
C LEU A 855 24.28 -47.63 -52.68
N LEU A 856 23.52 -48.72 -52.76
CA LEU A 856 22.59 -49.13 -51.73
C LEU A 856 23.17 -50.13 -50.71
N GLU A 857 24.23 -50.87 -51.08
CA GLU A 857 24.80 -51.86 -50.18
C GLU A 857 25.37 -51.13 -48.97
N PRO A 858 25.28 -51.68 -47.75
CA PRO A 858 25.86 -51.11 -46.55
C PRO A 858 27.36 -50.98 -46.71
N VAL A 859 27.93 -49.89 -46.23
CA VAL A 859 29.37 -49.74 -46.33
C VAL A 859 30.05 -50.45 -45.18
N ALA A 868 25.79 -50.33 -40.29
CA ALA A 868 26.43 -49.67 -41.42
C ALA A 868 25.39 -49.09 -42.38
N ARG A 869 25.52 -47.81 -42.67
CA ARG A 869 24.63 -47.16 -43.61
C ARG A 869 25.17 -47.37 -45.02
N SER A 870 24.29 -47.25 -46.01
CA SER A 870 24.70 -47.37 -47.41
C SER A 870 25.43 -46.11 -47.87
N ALA A 871 26.09 -46.19 -49.01
CA ALA A 871 26.79 -45.03 -49.52
C ALA A 871 25.86 -43.86 -49.82
N ILE A 872 24.67 -44.15 -50.39
CA ILE A 872 23.78 -43.05 -50.73
C ILE A 872 23.23 -42.45 -49.46
N GLU A 873 23.00 -43.30 -48.48
CA GLU A 873 22.45 -42.88 -47.21
C GLU A 873 23.44 -41.98 -46.49
N ASP A 874 24.74 -42.33 -46.51
CA ASP A 874 25.69 -41.43 -45.88
C ASP A 874 25.78 -40.13 -46.64
N LEU A 875 25.67 -40.20 -47.97
CA LEU A 875 25.78 -38.97 -48.73
C LEU A 875 24.61 -38.07 -48.43
N LEU A 876 23.43 -38.68 -48.29
CA LEU A 876 22.23 -37.91 -48.01
C LEU A 876 22.39 -37.20 -46.70
N PHE A 877 22.92 -37.86 -45.69
CA PHE A 877 23.11 -37.20 -44.42
C PHE A 877 24.22 -36.16 -44.46
N ASP A 878 25.32 -36.45 -45.16
CA ASP A 878 26.45 -35.51 -45.19
C ASP A 878 26.11 -34.21 -45.88
N LYS A 879 25.20 -34.26 -46.84
CA LYS A 879 24.83 -33.08 -47.60
C LYS A 879 23.76 -32.23 -46.95
N VAL A 880 23.20 -32.67 -45.84
CA VAL A 880 22.14 -31.89 -45.19
C VAL A 880 22.75 -31.23 -43.96
N THR A 881 22.53 -29.93 -43.79
CA THR A 881 23.15 -29.28 -42.63
C THR A 881 22.26 -29.45 -41.43
N ILE A 882 22.76 -30.21 -40.47
CA ILE A 882 22.04 -30.57 -39.26
C ILE A 882 22.89 -30.24 -38.05
N ALA A 883 22.37 -29.51 -37.09
CA ALA A 883 23.15 -29.23 -35.88
C ALA A 883 23.26 -30.51 -35.08
N ASP A 884 24.38 -30.74 -34.42
CA ASP A 884 24.55 -31.92 -33.57
C ASP A 884 23.94 -31.69 -32.18
N PRO A 885 22.86 -32.38 -31.80
CA PRO A 885 22.18 -32.21 -30.55
C PRO A 885 22.98 -32.64 -29.32
N GLY A 886 24.07 -33.42 -29.48
CA GLY A 886 24.82 -33.73 -28.28
C GLY A 886 24.12 -34.66 -27.32
N TYR A 887 23.47 -35.68 -27.82
CA TYR A 887 22.71 -36.54 -26.94
C TYR A 887 23.49 -37.13 -25.78
N MET A 888 24.76 -37.47 -25.97
CA MET A 888 25.51 -38.09 -24.88
C MET A 888 26.13 -37.09 -23.92
N GLN A 889 26.69 -35.99 -24.42
CA GLN A 889 27.35 -35.03 -23.53
C GLN A 889 27.28 -33.57 -23.98
N GLY A 890 26.22 -33.16 -24.67
CA GLY A 890 26.07 -31.80 -25.19
C GLY A 890 26.17 -30.72 -24.15
N TYR A 891 25.75 -31.05 -22.94
CA TYR A 891 25.79 -30.14 -21.82
C TYR A 891 27.19 -29.63 -21.65
N ASP A 892 28.15 -30.54 -21.75
CA ASP A 892 29.53 -30.23 -21.56
C ASP A 892 30.15 -29.63 -22.78
N ASP A 893 29.72 -30.03 -23.95
CA ASP A 893 30.35 -29.46 -25.14
C ASP A 893 30.11 -27.95 -25.15
N CYS A 894 28.91 -27.58 -24.71
CA CYS A 894 28.50 -26.16 -24.71
C CYS A 894 29.16 -25.37 -23.62
N MET A 895 29.89 -26.00 -22.72
CA MET A 895 30.60 -25.31 -21.67
C MET A 895 32.09 -25.25 -21.99
N GLN A 896 32.66 -26.37 -22.45
CA GLN A 896 34.10 -26.41 -22.70
C GLN A 896 34.47 -25.80 -24.04
N GLN A 897 33.52 -25.81 -24.99
CA GLN A 897 33.78 -25.19 -26.28
C GLN A 897 32.89 -23.96 -26.44
N GLY A 898 31.67 -24.05 -25.93
CA GLY A 898 30.72 -22.97 -26.10
C GLY A 898 29.96 -23.16 -27.42
N PRO A 899 29.08 -22.22 -27.78
CA PRO A 899 28.26 -22.24 -28.97
C PRO A 899 29.10 -22.27 -30.24
N ALA A 900 28.63 -23.03 -31.23
CA ALA A 900 29.30 -23.15 -32.52
C ALA A 900 29.22 -21.86 -33.34
N SER A 901 28.11 -21.15 -33.23
CA SER A 901 27.89 -19.94 -33.98
C SER A 901 26.83 -19.07 -33.38
N ALA A 902 26.48 -18.00 -34.09
CA ALA A 902 25.41 -17.14 -33.62
C ALA A 902 24.13 -17.93 -33.60
N ARG A 903 23.24 -17.71 -32.65
CA ARG A 903 22.00 -18.43 -32.68
C ARG A 903 22.14 -19.95 -32.67
N ASP A 904 22.99 -20.45 -31.78
CA ASP A 904 23.19 -21.90 -31.66
C ASP A 904 22.10 -22.45 -30.77
N LEU A 905 21.18 -23.18 -31.40
CA LEU A 905 19.97 -23.66 -30.75
C LEU A 905 20.19 -24.91 -29.98
N ILE A 906 21.40 -25.44 -30.06
CA ILE A 906 21.64 -26.62 -29.26
C ILE A 906 22.15 -26.10 -27.92
N CYS A 907 23.04 -25.14 -27.95
CA CYS A 907 23.54 -24.66 -26.66
C CYS A 907 22.51 -23.83 -25.94
N ALA A 908 21.56 -23.28 -26.70
CA ALA A 908 20.47 -22.51 -26.13
C ALA A 908 19.65 -23.34 -25.19
N GLN A 909 19.68 -24.65 -25.33
CA GLN A 909 18.83 -25.49 -24.52
C GLN A 909 19.07 -25.33 -23.04
N TYR A 910 20.33 -25.15 -22.66
CA TYR A 910 20.69 -25.21 -21.25
C TYR A 910 20.56 -23.87 -20.61
N VAL A 911 20.25 -22.90 -21.47
CA VAL A 911 20.13 -21.51 -21.11
C VAL A 911 18.67 -21.11 -21.07
N ALA A 912 17.95 -21.41 -22.14
CA ALA A 912 16.55 -21.10 -22.31
C ALA A 912 15.63 -21.98 -21.50
N GLY A 913 16.00 -23.23 -21.22
CA GLY A 913 15.09 -24.07 -20.47
C GLY A 913 14.37 -25.12 -21.31
N TYR A 914 14.95 -25.55 -22.42
CA TYR A 914 14.29 -26.55 -23.25
C TYR A 914 15.26 -27.66 -23.55
N LYS A 915 14.75 -28.84 -23.87
CA LYS A 915 15.61 -29.95 -24.16
C LYS A 915 15.23 -30.73 -25.38
N VAL A 916 16.21 -31.02 -26.19
CA VAL A 916 15.99 -31.88 -27.34
C VAL A 916 16.19 -33.34 -26.92
N LEU A 917 15.19 -34.15 -27.17
CA LEU A 917 15.25 -35.54 -26.75
C LEU A 917 15.75 -36.42 -27.88
N PRO A 918 16.45 -37.51 -27.59
CA PRO A 918 16.90 -38.47 -28.55
C PRO A 918 15.74 -39.24 -29.15
N PRO A 919 15.90 -39.74 -30.37
CA PRO A 919 14.98 -40.55 -31.13
C PRO A 919 14.90 -41.92 -30.53
N LEU A 920 13.81 -42.62 -30.84
CA LEU A 920 13.54 -43.97 -30.36
C LEU A 920 14.51 -45.04 -30.75
N MET A 921 15.08 -44.96 -31.95
CA MET A 921 16.03 -45.94 -32.42
C MET A 921 17.36 -45.29 -32.75
N ASP A 922 18.48 -45.97 -32.48
CA ASP A 922 19.77 -45.40 -32.86
C ASP A 922 19.96 -45.63 -34.34
N VAL A 923 20.99 -45.04 -34.89
CA VAL A 923 21.31 -45.17 -36.29
C VAL A 923 21.58 -46.57 -36.76
N ASN A 924 22.29 -47.38 -35.99
CA ASN A 924 22.57 -48.68 -36.51
C ASN A 924 21.31 -49.52 -36.60
N MET A 925 20.37 -49.34 -35.69
CA MET A 925 19.15 -50.10 -35.79
C MET A 925 18.34 -49.68 -36.99
N GLU A 926 18.28 -48.38 -37.27
CA GLU A 926 17.52 -47.98 -38.44
C GLU A 926 18.17 -48.51 -39.69
N ALA A 927 19.51 -48.51 -39.72
CA ALA A 927 20.21 -49.03 -40.87
C ALA A 927 19.91 -50.50 -41.04
N ALA A 928 19.82 -51.24 -39.93
CA ALA A 928 19.54 -52.66 -39.98
C ALA A 928 18.19 -52.91 -40.61
N TYR A 929 17.22 -52.04 -40.33
CA TYR A 929 15.91 -52.25 -40.90
C TYR A 929 15.91 -52.03 -42.39
N THR A 930 16.62 -51.01 -42.89
CA THR A 930 16.55 -50.80 -44.32
C THR A 930 17.48 -51.73 -45.06
N SER A 931 18.49 -52.25 -44.36
CA SER A 931 19.37 -53.19 -44.99
C SER A 931 18.68 -54.51 -45.18
N SER A 932 17.88 -54.91 -44.19
CA SER A 932 17.17 -56.17 -44.31
C SER A 932 16.09 -56.04 -45.33
N LEU A 933 15.59 -54.82 -45.50
CA LEU A 933 14.55 -54.53 -46.48
C LEU A 933 15.15 -54.68 -47.86
N LEU A 934 16.36 -54.16 -48.06
CA LEU A 934 16.99 -54.25 -49.38
C LEU A 934 17.11 -55.68 -49.82
N GLY A 935 17.52 -56.53 -48.90
CA GLY A 935 17.77 -57.93 -49.20
C GLY A 935 16.53 -58.74 -49.40
N SER A 936 15.38 -58.15 -49.09
CA SER A 936 14.14 -58.85 -49.23
C SER A 936 13.47 -58.51 -50.55
N ILE A 937 13.96 -57.52 -51.29
CA ILE A 937 13.15 -57.07 -52.43
C ILE A 937 12.96 -58.07 -53.54
N ALA A 938 14.01 -58.70 -54.00
CA ALA A 938 13.86 -59.61 -55.11
C ALA A 938 12.95 -60.78 -54.78
N GLY A 939 12.99 -61.25 -53.56
CA GLY A 939 12.24 -62.43 -53.19
C GLY A 939 10.91 -62.19 -52.55
N VAL A 940 10.51 -60.93 -52.44
CA VAL A 940 9.25 -60.68 -51.78
C VAL A 940 8.23 -60.35 -52.86
N GLY A 941 8.59 -59.49 -53.80
CA GLY A 941 7.64 -59.10 -54.83
C GLY A 941 7.65 -60.10 -55.99
N TRP A 942 7.45 -61.38 -55.69
CA TRP A 942 7.60 -62.39 -56.72
C TRP A 942 6.31 -63.13 -57.01
N THR A 943 5.65 -63.72 -56.02
CA THR A 943 4.41 -64.44 -56.33
C THR A 943 3.31 -64.30 -55.30
N ALA A 944 2.27 -65.11 -55.44
CA ALA A 944 1.10 -65.06 -54.56
C ALA A 944 1.43 -65.30 -53.09
N GLY A 945 0.77 -64.54 -52.22
CA GLY A 945 0.89 -64.68 -50.78
C GLY A 945 2.07 -63.87 -50.26
N LEU A 946 2.08 -63.60 -48.96
CA LEU A 946 3.21 -62.87 -48.38
C LEU A 946 4.06 -63.76 -47.50
N SER A 947 3.78 -65.06 -47.57
CA SER A 947 4.38 -66.05 -46.68
C SER A 947 5.64 -66.77 -47.11
N SER A 948 5.99 -66.73 -48.39
CA SER A 948 7.17 -67.49 -48.80
C SER A 948 8.16 -66.54 -49.38
N PHE A 949 9.41 -66.93 -49.36
CA PHE A 949 10.44 -66.06 -49.91
C PHE A 949 11.25 -66.76 -50.97
N ALA A 950 11.33 -66.12 -52.12
CA ALA A 950 12.09 -66.69 -53.22
C ALA A 950 13.47 -66.06 -53.27
N ALA A 951 14.49 -66.77 -52.88
CA ALA A 951 15.82 -66.17 -52.87
C ALA A 951 16.40 -66.23 -54.24
N ILE A 952 16.03 -65.26 -55.04
CA ILE A 952 16.41 -65.22 -56.43
C ILE A 952 17.27 -64.00 -56.65
N PRO A 953 18.10 -63.95 -57.67
CA PRO A 953 18.89 -62.81 -58.04
C PRO A 953 18.09 -61.58 -58.30
N PHE A 954 18.64 -60.44 -57.98
CA PHE A 954 18.02 -59.16 -58.25
C PHE A 954 17.73 -59.03 -59.71
N ALA A 955 18.68 -59.41 -60.54
CA ALA A 955 18.50 -59.28 -61.97
C ALA A 955 17.31 -60.07 -62.45
N GLN A 956 17.08 -61.24 -61.87
CA GLN A 956 16.00 -62.09 -62.30
C GLN A 956 14.69 -61.43 -61.94
N SER A 957 14.69 -60.77 -60.78
CA SER A 957 13.52 -60.04 -60.32
C SER A 957 13.19 -58.90 -61.26
N ILE A 958 14.21 -58.18 -61.72
CA ILE A 958 14.00 -57.09 -62.65
C ILE A 958 13.39 -57.59 -63.93
N PHE A 959 13.86 -58.71 -64.44
CA PHE A 959 13.28 -59.14 -65.69
C PHE A 959 11.85 -59.56 -65.51
N TYR A 960 11.49 -60.12 -64.35
CA TYR A 960 10.07 -60.45 -64.18
C TYR A 960 9.25 -59.18 -64.07
N ARG A 961 9.79 -58.16 -63.41
CA ARG A 961 9.13 -56.87 -63.29
C ARG A 961 8.93 -56.17 -64.61
N LEU A 962 9.89 -56.30 -65.51
CA LEU A 962 9.75 -55.70 -66.82
C LEU A 962 8.76 -56.48 -67.67
N ASN A 963 8.77 -57.79 -67.52
CA ASN A 963 7.86 -58.59 -68.30
C ASN A 963 6.44 -58.30 -67.90
N GLY A 964 6.27 -58.00 -66.61
CA GLY A 964 4.98 -57.74 -66.06
C GLY A 964 4.37 -56.43 -66.45
N VAL A 965 5.14 -55.57 -67.13
CA VAL A 965 4.58 -54.30 -67.51
C VAL A 965 4.44 -54.21 -69.01
N GLY A 966 4.65 -55.32 -69.73
CA GLY A 966 4.49 -55.26 -71.16
C GLY A 966 5.72 -55.39 -72.02
N ILE A 967 6.86 -55.74 -71.47
CA ILE A 967 8.01 -55.92 -72.35
C ILE A 967 8.15 -57.42 -72.55
N THR A 968 8.17 -57.91 -73.77
CA THR A 968 8.16 -59.36 -73.93
C THR A 968 9.48 -60.00 -73.56
N GLN A 969 9.45 -61.31 -73.38
CA GLN A 969 10.63 -62.06 -72.99
C GLN A 969 11.65 -62.13 -74.08
N GLN A 970 11.23 -62.05 -75.34
CA GLN A 970 12.20 -62.08 -76.41
C GLN A 970 13.04 -60.83 -76.34
N VAL A 971 12.40 -59.73 -76.00
CA VAL A 971 13.08 -58.45 -75.93
C VAL A 971 14.00 -58.40 -74.75
N LEU A 972 13.51 -58.87 -73.61
CA LEU A 972 14.32 -58.82 -72.41
C LEU A 972 15.53 -59.72 -72.56
N SER A 973 15.36 -60.86 -73.25
CA SER A 973 16.46 -61.79 -73.45
C SER A 973 17.53 -61.24 -74.36
N GLU A 974 17.13 -60.52 -75.42
CA GLU A 974 18.09 -59.94 -76.34
C GLU A 974 18.83 -58.79 -75.72
N ASN A 975 18.13 -58.04 -74.87
CA ASN A 975 18.66 -56.83 -74.26
C ASN A 975 19.07 -56.92 -72.81
N GLN A 976 19.40 -58.08 -72.27
CA GLN A 976 19.70 -58.06 -70.83
C GLN A 976 20.84 -57.15 -70.44
N LYS A 977 21.85 -57.02 -71.29
CA LYS A 977 22.97 -56.17 -70.93
C LYS A 977 22.60 -54.72 -71.13
N LEU A 978 21.74 -54.45 -72.10
CA LEU A 978 21.32 -53.09 -72.37
C LEU A 978 20.46 -52.58 -71.22
N ILE A 979 19.60 -53.46 -70.72
CA ILE A 979 18.72 -53.14 -69.63
C ILE A 979 19.51 -52.90 -68.37
N ALA A 980 20.47 -53.78 -68.08
CA ALA A 980 21.28 -53.56 -66.90
C ALA A 980 22.04 -52.26 -67.03
N ASN A 981 22.52 -51.92 -68.23
CA ASN A 981 23.26 -50.69 -68.34
C ASN A 981 22.39 -49.49 -68.14
N LYS A 982 21.16 -49.53 -68.64
CA LYS A 982 20.29 -48.37 -68.45
C LYS A 982 19.90 -48.21 -67.02
N PHE A 983 19.69 -49.33 -66.34
CA PHE A 983 19.33 -49.29 -64.94
C PHE A 983 20.46 -48.65 -64.18
N ASN A 984 21.69 -49.09 -64.49
CA ASN A 984 22.87 -48.60 -63.82
C ASN A 984 23.08 -47.13 -64.07
N GLN A 985 22.73 -46.65 -65.26
CA GLN A 985 22.86 -45.24 -65.52
C GLN A 985 21.87 -44.47 -64.69
N ALA A 986 20.65 -45.00 -64.56
CA ALA A 986 19.63 -44.32 -63.79
C ALA A 986 20.03 -44.14 -62.34
N LEU A 987 20.68 -45.15 -61.77
CA LEU A 987 21.08 -45.03 -60.37
C LEU A 987 22.39 -44.32 -60.25
N GLY A 988 23.31 -44.53 -61.18
CA GLY A 988 24.61 -43.89 -61.09
C GLY A 988 24.46 -42.39 -61.18
N ALA A 989 23.48 -41.94 -61.99
CA ALA A 989 23.17 -40.54 -62.22
C ALA A 989 22.71 -39.83 -60.99
N MET A 990 22.27 -40.60 -60.03
CA MET A 990 21.74 -40.09 -58.81
C MET A 990 22.82 -39.83 -57.77
N GLN A 991 24.02 -40.35 -57.97
CA GLN A 991 25.06 -40.21 -56.94
C GLN A 991 25.40 -38.77 -56.72
N THR A 992 25.29 -37.96 -57.77
CA THR A 992 25.62 -36.56 -57.72
C THR A 992 24.37 -35.69 -57.67
N GLY A 993 23.23 -36.32 -57.41
CA GLY A 993 21.96 -35.64 -57.41
C GLY A 993 21.57 -34.86 -56.14
N PHE A 994 22.29 -34.97 -55.04
CA PHE A 994 21.86 -34.26 -53.84
C PHE A 994 22.33 -32.84 -53.84
N THR A 995 21.67 -32.07 -54.69
CA THR A 995 21.94 -30.70 -55.02
C THR A 995 20.72 -29.83 -55.04
N THR A 996 20.90 -28.61 -55.54
CA THR A 996 19.89 -27.56 -55.53
C THR A 996 18.69 -27.83 -56.45
N THR A 997 18.86 -28.70 -57.39
CA THR A 997 17.82 -29.02 -58.34
C THR A 997 17.00 -30.23 -57.95
N ASN A 998 17.36 -30.86 -56.82
CA ASN A 998 16.70 -32.08 -56.36
C ASN A 998 15.60 -31.75 -55.35
N GLU A 999 14.36 -31.72 -55.78
CA GLU A 999 13.27 -31.32 -54.89
C GLU A 999 13.17 -32.19 -53.66
N ALA A 1000 13.35 -33.51 -53.82
CA ALA A 1000 13.26 -34.40 -52.67
C ALA A 1000 14.34 -34.07 -51.67
N PHE A 1001 15.51 -33.71 -52.17
CA PHE A 1001 16.60 -33.36 -51.30
C PHE A 1001 16.26 -32.08 -50.53
N GLN A 1002 15.72 -31.05 -51.19
CA GLN A 1002 15.37 -29.89 -50.38
C GLN A 1002 14.31 -30.25 -49.36
N LYS A 1003 13.39 -31.15 -49.66
CA LYS A 1003 12.42 -31.45 -48.63
C LYS A 1003 13.10 -32.03 -47.41
N VAL A 1004 14.21 -32.75 -47.60
CA VAL A 1004 14.92 -33.29 -46.45
C VAL A 1004 15.49 -32.13 -45.64
N GLN A 1005 16.11 -31.16 -46.33
CA GLN A 1005 16.68 -30.01 -45.64
C GLN A 1005 15.60 -29.18 -44.98
N ASP A 1006 14.44 -29.08 -45.58
CA ASP A 1006 13.37 -28.29 -45.01
C ASP A 1006 12.84 -28.95 -43.76
N ALA A 1007 12.76 -30.28 -43.73
CA ALA A 1007 12.29 -30.92 -42.51
C ALA A 1007 13.23 -30.55 -41.37
N VAL A 1008 14.51 -30.49 -41.70
CA VAL A 1008 15.55 -30.12 -40.75
C VAL A 1008 15.39 -28.67 -40.34
N ASN A 1009 15.13 -27.80 -41.30
CA ASN A 1009 14.98 -26.40 -40.98
C ASN A 1009 13.75 -26.17 -40.13
N ASN A 1010 12.72 -26.99 -40.31
CA ASN A 1010 11.52 -26.80 -39.52
C ASN A 1010 11.78 -27.14 -38.08
N ASN A 1011 12.65 -28.12 -37.85
CA ASN A 1011 12.96 -28.44 -36.47
C ASN A 1011 13.71 -27.28 -35.85
N ALA A 1012 14.62 -26.68 -36.63
CA ALA A 1012 15.37 -25.56 -36.11
C ALA A 1012 14.47 -24.38 -35.83
N GLN A 1013 13.48 -24.15 -36.66
CA GLN A 1013 12.62 -23.00 -36.44
C GLN A 1013 11.83 -23.18 -35.18
N ALA A 1014 11.40 -24.40 -34.91
CA ALA A 1014 10.63 -24.66 -33.72
C ALA A 1014 11.42 -24.30 -32.48
N LEU A 1015 12.73 -24.55 -32.51
CA LEU A 1015 13.55 -24.27 -31.35
C LEU A 1015 13.91 -22.82 -31.27
N SER A 1016 13.94 -22.14 -32.42
CA SER A 1016 14.31 -20.75 -32.42
C SER A 1016 13.26 -19.93 -31.78
N LYS A 1017 12.02 -20.41 -31.71
CA LYS A 1017 11.01 -19.59 -31.08
C LYS A 1017 11.34 -19.48 -29.61
N LEU A 1018 11.73 -20.59 -29.00
CA LEU A 1018 12.04 -20.51 -27.59
C LEU A 1018 13.33 -19.76 -27.36
N ALA A 1019 14.32 -19.97 -28.18
CA ALA A 1019 15.57 -19.27 -27.94
C ALA A 1019 15.44 -17.76 -28.11
N SER A 1020 14.67 -17.31 -29.10
CA SER A 1020 14.58 -15.89 -29.40
C SER A 1020 13.57 -15.08 -28.66
N GLU A 1021 12.56 -15.72 -28.08
CA GLU A 1021 11.52 -14.94 -27.45
C GLU A 1021 11.81 -14.49 -26.03
N LEU A 1022 12.82 -15.05 -25.38
CA LEU A 1022 13.09 -14.64 -24.02
C LEU A 1022 13.73 -13.29 -23.93
N SER A 1023 14.19 -12.76 -25.04
CA SER A 1023 14.81 -11.45 -25.06
C SER A 1023 13.79 -10.34 -25.23
N ASN A 1024 12.53 -10.70 -25.47
CA ASN A 1024 11.50 -9.70 -25.68
C ASN A 1024 11.03 -9.14 -24.36
N THR A 1025 10.51 -7.92 -24.37
CA THR A 1025 10.06 -7.36 -23.11
C THR A 1025 8.56 -7.33 -23.06
N PHE A 1026 7.92 -7.40 -24.22
CA PHE A 1026 6.47 -7.41 -24.28
C PHE A 1026 5.88 -6.21 -23.59
N GLY A 1027 6.54 -5.06 -23.72
CA GLY A 1027 6.13 -3.80 -23.13
C GLY A 1027 6.74 -3.49 -21.78
N ALA A 1028 7.43 -4.47 -21.20
CA ALA A 1028 8.08 -4.33 -19.91
C ALA A 1028 9.35 -3.50 -20.04
N ILE A 1029 9.81 -2.99 -18.91
CA ILE A 1029 11.04 -2.18 -18.83
C ILE A 1029 12.29 -2.99 -19.10
N SER A 1030 12.21 -4.28 -18.91
CA SER A 1030 13.30 -5.20 -19.17
C SER A 1030 12.80 -6.59 -19.43
N ALA A 1031 13.59 -7.39 -20.17
CA ALA A 1031 13.28 -8.80 -20.37
C ALA A 1031 13.76 -9.62 -19.18
N SER A 1032 14.49 -8.96 -18.31
CA SER A 1032 15.01 -9.57 -17.12
C SER A 1032 14.15 -9.36 -15.91
N ILE A 1033 13.75 -10.44 -15.28
CA ILE A 1033 12.96 -10.39 -14.08
C ILE A 1033 13.79 -9.75 -13.01
N GLY A 1034 15.07 -10.11 -12.95
CA GLY A 1034 15.96 -9.55 -11.97
C GLY A 1034 16.06 -8.03 -12.06
N ASP A 1035 15.98 -7.45 -13.27
CA ASP A 1035 16.03 -5.99 -13.42
C ASP A 1035 14.76 -5.37 -12.91
N ILE A 1036 13.66 -6.05 -13.14
CA ILE A 1036 12.38 -5.53 -12.69
C ILE A 1036 12.34 -5.48 -11.21
N ILE A 1037 12.79 -6.56 -10.57
CA ILE A 1037 12.78 -6.63 -9.13
C ILE A 1037 13.72 -5.62 -8.53
N GLN A 1038 14.91 -5.49 -9.09
CA GLN A 1038 15.88 -4.55 -8.62
C GLN A 1038 15.45 -3.08 -8.74
N ARG A 1039 14.69 -2.74 -9.78
CA ARG A 1039 14.26 -1.38 -9.95
C ARG A 1039 12.92 -0.96 -9.35
N LEU A 1040 11.94 -1.88 -9.30
CA LEU A 1040 10.60 -1.51 -8.87
C LEU A 1040 10.07 -2.15 -7.60
N ASP A 1041 9.18 -1.43 -6.91
CA ASP A 1041 8.46 -1.97 -5.77
C ASP A 1041 7.26 -2.80 -6.23
N PRO A 1042 6.77 -3.75 -5.43
CA PRO A 1042 5.68 -4.66 -5.72
C PRO A 1042 4.47 -4.17 -6.51
N PRO A 1043 3.80 -3.06 -6.23
CA PRO A 1043 2.65 -2.71 -7.02
C PRO A 1043 2.96 -2.47 -8.51
N GLU A 1044 4.20 -2.10 -8.84
CA GLU A 1044 4.55 -1.85 -10.23
C GLU A 1044 5.38 -3.01 -10.74
N GLN A 1045 6.15 -3.60 -9.82
CA GLN A 1045 7.03 -4.70 -10.10
C GLN A 1045 6.20 -5.85 -10.61
N ASP A 1046 5.02 -6.00 -10.00
CA ASP A 1046 4.07 -7.04 -10.32
C ASP A 1046 3.60 -6.90 -11.74
N ALA A 1047 3.23 -5.68 -12.14
CA ALA A 1047 2.74 -5.43 -13.47
C ALA A 1047 3.77 -5.72 -14.53
N GLN A 1048 5.02 -5.42 -14.22
CA GLN A 1048 6.09 -5.66 -15.17
C GLN A 1048 6.44 -7.11 -15.31
N ILE A 1049 6.42 -7.84 -14.19
CA ILE A 1049 6.71 -9.25 -14.26
C ILE A 1049 5.59 -9.91 -14.99
N ASP A 1050 4.38 -9.47 -14.71
CA ASP A 1050 3.22 -10.03 -15.35
C ASP A 1050 3.28 -9.83 -16.87
N ARG A 1051 3.79 -8.69 -17.36
CA ARG A 1051 3.91 -8.59 -18.81
C ARG A 1051 4.83 -9.67 -19.34
N LEU A 1052 5.93 -9.93 -18.63
CA LEU A 1052 6.82 -10.95 -19.13
C LEU A 1052 6.17 -12.30 -19.07
N ILE A 1053 5.38 -12.55 -18.03
CA ILE A 1053 4.71 -13.84 -17.95
C ILE A 1053 3.76 -13.99 -19.10
N ASN A 1054 2.94 -12.98 -19.36
CA ASN A 1054 1.97 -13.17 -20.41
C ASN A 1054 2.64 -13.47 -21.72
N GLY A 1055 3.75 -12.80 -22.02
CA GLY A 1055 4.45 -13.01 -23.26
C GLY A 1055 5.05 -14.38 -23.37
N ARG A 1056 5.54 -14.90 -22.25
CA ARG A 1056 6.18 -16.19 -22.26
C ARG A 1056 5.15 -17.30 -22.26
N LEU A 1057 4.01 -17.06 -21.62
CA LEU A 1057 2.99 -18.09 -21.61
C LEU A 1057 2.46 -18.21 -23.02
N THR A 1058 2.34 -17.07 -23.71
CA THR A 1058 1.86 -17.03 -25.07
C THR A 1058 2.80 -17.76 -25.97
N THR A 1059 4.10 -17.52 -25.78
CA THR A 1059 5.10 -18.19 -26.57
C THR A 1059 5.04 -19.68 -26.39
N LEU A 1060 4.92 -20.14 -25.14
CA LEU A 1060 4.85 -21.57 -24.94
C LEU A 1060 3.59 -22.15 -25.47
N ASN A 1061 2.47 -21.43 -25.42
CA ASN A 1061 1.27 -22.01 -25.97
C ASN A 1061 1.42 -22.13 -27.47
N ALA A 1062 2.05 -21.16 -28.11
CA ALA A 1062 2.24 -21.22 -29.55
C ALA A 1062 3.14 -22.36 -29.93
N PHE A 1063 4.19 -22.57 -29.13
CA PHE A 1063 5.12 -23.65 -29.37
C PHE A 1063 4.45 -24.97 -29.29
N VAL A 1064 3.68 -25.18 -28.23
CA VAL A 1064 3.00 -26.42 -28.07
C VAL A 1064 2.01 -26.60 -29.17
N ALA A 1065 1.25 -25.57 -29.51
CA ALA A 1065 0.30 -25.77 -30.58
C ALA A 1065 0.99 -26.25 -31.83
N GLN A 1066 2.17 -25.71 -32.13
CA GLN A 1066 2.85 -26.17 -33.32
C GLN A 1066 3.45 -27.53 -33.16
N GLN A 1067 3.90 -27.91 -31.97
CA GLN A 1067 4.44 -29.25 -31.88
C GLN A 1067 3.34 -30.23 -32.09
N LEU A 1068 2.12 -29.91 -31.63
CA LEU A 1068 1.00 -30.80 -31.88
C LEU A 1068 0.63 -30.82 -33.36
N VAL A 1069 0.69 -29.68 -34.05
CA VAL A 1069 0.38 -29.69 -35.47
C VAL A 1069 1.41 -30.46 -36.25
N ARG A 1070 2.68 -30.25 -35.93
CA ARG A 1070 3.77 -30.89 -36.61
C ARG A 1070 3.84 -32.36 -36.33
N SER A 1071 3.50 -32.79 -35.11
CA SER A 1071 3.53 -34.20 -34.80
C SER A 1071 2.34 -34.91 -35.42
N GLU A 1072 1.23 -34.19 -35.62
CA GLU A 1072 0.08 -34.82 -36.25
C GLU A 1072 0.41 -35.03 -37.71
N SER A 1073 1.04 -34.03 -38.32
CA SER A 1073 1.41 -34.11 -39.71
C SER A 1073 2.42 -35.19 -39.94
N ALA A 1074 3.44 -35.26 -39.09
CA ALA A 1074 4.45 -36.28 -39.25
C ALA A 1074 3.85 -37.65 -39.08
N ALA A 1075 2.90 -37.82 -38.17
CA ALA A 1075 2.28 -39.12 -38.01
C ALA A 1075 1.50 -39.55 -39.25
N LEU A 1076 0.82 -38.59 -39.90
CA LEU A 1076 0.08 -38.97 -41.12
C LEU A 1076 1.05 -39.35 -42.18
N SER A 1077 2.14 -38.61 -42.22
CA SER A 1077 3.17 -38.81 -43.20
C SER A 1077 3.81 -40.16 -42.97
N ALA A 1078 4.03 -40.53 -41.71
CA ALA A 1078 4.57 -41.84 -41.40
C ALA A 1078 3.70 -42.95 -41.92
N GLN A 1079 2.38 -42.77 -41.90
CA GLN A 1079 1.53 -43.82 -42.44
C GLN A 1079 1.66 -43.85 -43.95
N LEU A 1080 1.95 -42.71 -44.57
CA LEU A 1080 2.17 -42.73 -46.01
C LEU A 1080 3.44 -43.50 -46.31
N ALA A 1081 4.45 -43.29 -45.47
CA ALA A 1081 5.72 -44.00 -45.65
C ALA A 1081 5.50 -45.48 -45.52
N LYS A 1082 4.65 -45.87 -44.56
CA LYS A 1082 4.31 -47.27 -44.35
C LYS A 1082 3.70 -47.85 -45.59
N ASP A 1083 2.77 -47.12 -46.20
CA ASP A 1083 2.13 -47.60 -47.41
C ASP A 1083 3.09 -47.71 -48.54
N LYS A 1084 4.00 -46.76 -48.66
CA LYS A 1084 4.97 -46.88 -49.73
C LYS A 1084 5.92 -48.00 -49.54
N VAL A 1085 6.32 -48.28 -48.33
CA VAL A 1085 7.19 -49.42 -48.26
C VAL A 1085 6.45 -50.65 -48.72
N ASN A 1086 5.22 -50.82 -48.25
CA ASN A 1086 4.51 -52.04 -48.63
C ASN A 1086 4.10 -52.12 -50.08
N GLU A 1087 3.74 -50.99 -50.66
CA GLU A 1087 3.27 -50.88 -52.04
C GLU A 1087 4.36 -50.74 -53.05
N CYS A 1088 5.42 -50.03 -52.86
CA CYS A 1088 6.46 -49.67 -53.63
C CYS A 1088 7.74 -50.54 -53.66
N VAL A 1089 8.06 -50.81 -52.27
CA VAL A 1089 9.33 -51.46 -52.06
C VAL A 1089 9.19 -52.95 -51.95
N LYS A 1090 8.20 -53.41 -51.22
CA LYS A 1090 7.98 -54.83 -51.04
C LYS A 1090 7.12 -55.41 -52.14
N ALA A 1091 6.74 -54.58 -53.08
CA ALA A 1091 5.90 -55.00 -54.18
C ALA A 1091 6.13 -54.12 -55.39
N GLN A 1092 5.81 -54.65 -56.56
CA GLN A 1092 5.80 -53.79 -57.74
C GLN A 1092 4.41 -53.14 -57.77
N SER A 1093 4.35 -51.83 -57.92
CA SER A 1093 3.05 -51.17 -57.92
C SER A 1093 2.49 -51.02 -59.29
N LYS A 1094 1.18 -51.14 -59.41
CA LYS A 1094 0.46 -50.91 -60.65
C LYS A 1094 -0.35 -49.62 -60.61
N ARG A 1095 -0.12 -48.83 -59.57
CA ARG A 1095 -0.83 -47.58 -59.38
C ARG A 1095 -0.07 -46.40 -59.98
N SER A 1096 -0.60 -45.83 -61.03
CA SER A 1096 0.13 -44.76 -61.66
C SER A 1096 0.31 -43.63 -60.70
N GLY A 1097 1.53 -43.14 -60.60
CA GLY A 1097 1.83 -41.96 -59.82
C GLY A 1097 1.92 -42.17 -58.33
N PHE A 1098 1.69 -43.39 -57.87
CA PHE A 1098 1.76 -43.59 -56.44
C PHE A 1098 3.17 -43.60 -55.98
N CYS A 1099 3.97 -44.34 -56.71
CA CYS A 1099 5.35 -44.47 -56.40
C CYS A 1099 6.01 -43.35 -57.17
N GLY A 1100 6.73 -43.65 -58.21
CA GLY A 1100 7.32 -42.58 -59.00
C GLY A 1100 6.54 -42.35 -60.28
N GLN A 1101 7.17 -41.62 -61.18
CA GLN A 1101 6.55 -41.34 -62.47
C GLN A 1101 6.92 -42.44 -63.43
N GLY A 1102 6.14 -42.62 -64.48
CA GLY A 1102 6.44 -43.66 -65.45
C GLY A 1102 5.91 -44.96 -64.89
N THR A 1103 6.31 -46.09 -65.45
CA THR A 1103 5.78 -47.35 -64.96
C THR A 1103 6.67 -47.86 -63.86
N HIS A 1104 6.13 -48.17 -62.70
CA HIS A 1104 6.99 -48.61 -61.61
C HIS A 1104 7.59 -49.97 -61.82
N ILE A 1105 8.90 -50.05 -61.53
CA ILE A 1105 9.61 -51.29 -61.60
C ILE A 1105 10.08 -51.71 -60.21
N VAL A 1106 10.92 -50.92 -59.57
CA VAL A 1106 11.43 -51.31 -58.25
C VAL A 1106 11.71 -50.09 -57.39
N SER A 1107 11.53 -50.16 -56.09
CA SER A 1107 11.90 -49.04 -55.24
C SER A 1107 12.83 -49.48 -54.15
N PHE A 1108 13.64 -48.54 -53.68
CA PHE A 1108 14.56 -48.80 -52.59
C PHE A 1108 14.33 -47.76 -51.51
N VAL A 1109 14.66 -48.11 -50.27
CA VAL A 1109 14.55 -47.15 -49.16
C VAL A 1109 15.80 -47.04 -48.31
N VAL A 1110 16.18 -45.81 -48.01
CA VAL A 1110 17.28 -45.51 -47.09
C VAL A 1110 16.72 -44.56 -46.05
N ASN A 1111 17.41 -44.39 -44.94
CA ASN A 1111 16.92 -43.46 -43.95
C ASN A 1111 17.35 -42.06 -44.31
N ALA A 1112 16.58 -41.11 -43.83
CA ALA A 1112 16.82 -39.70 -44.02
C ALA A 1112 16.75 -39.05 -42.65
N PRO A 1113 17.30 -37.86 -42.43
CA PRO A 1113 17.29 -37.14 -41.18
C PRO A 1113 16.00 -37.14 -40.38
N ASN A 1114 14.85 -36.96 -41.01
CA ASN A 1114 13.62 -37.01 -40.22
C ASN A 1114 12.62 -37.98 -40.83
N GLY A 1115 13.10 -39.03 -41.47
CA GLY A 1115 12.18 -39.94 -42.14
C GLY A 1115 12.85 -40.86 -43.11
N LEU A 1116 12.13 -41.22 -44.16
CA LEU A 1116 12.65 -42.16 -45.15
C LEU A 1116 12.84 -41.49 -46.50
N TYR A 1117 13.86 -41.94 -47.21
CA TYR A 1117 14.08 -41.42 -48.55
C TYR A 1117 13.84 -42.57 -49.52
N PHE A 1118 12.85 -42.41 -50.38
CA PHE A 1118 12.43 -43.41 -51.33
C PHE A 1118 13.13 -43.18 -52.63
N MET A 1119 13.52 -44.27 -53.23
CA MET A 1119 14.27 -44.21 -54.45
C MET A 1119 13.47 -45.00 -55.48
N HIS A 1120 12.61 -44.36 -56.27
CA HIS A 1120 11.69 -45.16 -57.09
C HIS A 1120 12.20 -45.31 -58.49
N VAL A 1121 12.44 -46.52 -58.96
CA VAL A 1121 12.95 -46.65 -60.31
C VAL A 1121 11.80 -47.00 -61.22
N GLY A 1122 11.58 -46.15 -62.20
CA GLY A 1122 10.49 -46.38 -63.13
C GLY A 1122 10.98 -46.54 -64.53
N TYR A 1123 10.09 -47.04 -65.36
CA TYR A 1123 10.32 -47.24 -66.77
C TYR A 1123 9.73 -46.09 -67.54
N TYR A 1124 10.59 -45.43 -68.29
CA TYR A 1124 10.20 -44.28 -69.04
C TYR A 1124 10.33 -44.51 -70.51
N PRO A 1125 9.24 -44.57 -71.25
CA PRO A 1125 9.21 -44.83 -72.65
C PRO A 1125 9.68 -43.61 -73.42
N SER A 1126 10.16 -43.83 -74.62
CA SER A 1126 10.50 -42.73 -75.51
C SER A 1126 10.39 -43.14 -76.97
N ASN A 1127 10.48 -42.13 -77.84
CA ASN A 1127 10.43 -42.33 -79.27
C ASN A 1127 9.24 -43.13 -79.71
N HIS A 1128 8.07 -42.72 -79.29
CA HIS A 1128 6.87 -43.40 -79.65
C HIS A 1128 6.61 -43.32 -81.13
N ILE A 1129 6.05 -44.38 -81.68
CA ILE A 1129 5.65 -44.39 -83.08
C ILE A 1129 4.21 -44.77 -83.16
N GLU A 1130 3.57 -44.46 -84.26
CA GLU A 1130 2.21 -44.90 -84.42
C GLU A 1130 2.11 -46.08 -85.37
N VAL A 1131 1.38 -47.09 -84.93
CA VAL A 1131 1.13 -48.26 -85.76
C VAL A 1131 -0.36 -48.52 -85.76
N VAL A 1132 -0.81 -49.35 -86.68
CA VAL A 1132 -2.22 -49.70 -86.75
C VAL A 1132 -2.48 -51.03 -86.08
N SER A 1133 -3.45 -51.01 -85.17
CA SER A 1133 -3.79 -52.17 -84.38
C SER A 1133 -5.21 -52.67 -84.54
N ALA A 1134 -5.36 -53.96 -84.26
CA ALA A 1134 -6.66 -54.63 -84.28
C ALA A 1134 -7.22 -54.75 -82.87
N TYR A 1135 -8.55 -54.84 -82.76
CA TYR A 1135 -9.11 -55.08 -81.45
C TYR A 1135 -9.01 -56.54 -81.13
N GLY A 1136 -8.91 -57.33 -82.17
CA GLY A 1136 -8.84 -58.76 -82.14
C GLY A 1136 -8.90 -59.29 -83.56
N LEU A 1137 -8.63 -60.58 -83.69
CA LEU A 1137 -8.62 -61.26 -84.99
C LEU A 1137 -9.51 -62.47 -84.97
N CYS A 1138 -10.29 -62.69 -86.00
CA CYS A 1138 -11.13 -63.85 -86.15
C CYS A 1138 -10.81 -64.65 -87.38
N ASP A 1139 -11.01 -65.93 -87.35
CA ASP A 1139 -10.87 -66.71 -88.56
C ASP A 1139 -12.02 -66.37 -89.48
N ALA A 1140 -11.72 -65.85 -90.67
CA ALA A 1140 -12.78 -65.44 -91.59
C ALA A 1140 -13.67 -66.62 -91.99
N ALA A 1141 -13.08 -67.82 -92.11
CA ALA A 1141 -13.83 -69.00 -92.49
C ALA A 1141 -14.59 -69.56 -91.29
N ASN A 1142 -14.05 -69.31 -90.12
CA ASN A 1142 -14.60 -69.81 -88.86
C ASN A 1142 -14.76 -68.65 -87.88
N PRO A 1143 -15.76 -67.78 -88.10
CA PRO A 1143 -15.98 -66.48 -87.50
C PRO A 1143 -16.23 -66.47 -86.01
N THR A 1144 -16.47 -67.63 -85.42
CA THR A 1144 -16.68 -67.68 -83.99
C THR A 1144 -15.38 -67.96 -83.25
N ASN A 1145 -14.30 -68.22 -84.00
CA ASN A 1145 -13.00 -68.51 -83.40
C ASN A 1145 -12.13 -67.26 -83.42
N CYS A 1146 -12.10 -66.54 -82.30
CA CYS A 1146 -11.41 -65.27 -82.25
C CYS A 1146 -10.42 -65.17 -81.14
N ILE A 1147 -9.41 -64.34 -81.35
CA ILE A 1147 -8.40 -64.03 -80.38
C ILE A 1147 -8.20 -62.56 -80.12
N ALA A 1148 -7.70 -62.30 -78.95
CA ALA A 1148 -7.34 -60.97 -78.52
C ALA A 1148 -5.95 -61.09 -77.98
N PRO A 1149 -5.14 -60.05 -78.02
CA PRO A 1149 -3.81 -60.05 -77.49
C PRO A 1149 -3.81 -60.01 -75.98
N VAL A 1150 -2.76 -60.55 -75.39
CA VAL A 1150 -2.59 -60.48 -73.95
C VAL A 1150 -1.42 -59.63 -73.56
N ASN A 1151 -1.71 -58.54 -72.86
CA ASN A 1151 -0.71 -57.55 -72.40
C ASN A 1151 0.12 -56.98 -73.55
N GLY A 1152 -0.55 -56.75 -74.65
CA GLY A 1152 0.08 -56.28 -75.85
C GLY A 1152 -0.93 -56.02 -76.91
N TYR A 1153 -0.45 -55.86 -78.12
CA TYR A 1153 -1.29 -55.51 -79.24
C TYR A 1153 -1.05 -56.34 -80.46
N PHE A 1154 -2.09 -56.48 -81.26
CA PHE A 1154 -1.97 -57.07 -82.59
C PHE A 1154 -1.76 -55.91 -83.55
N ILE A 1155 -0.65 -55.93 -84.27
CA ILE A 1155 -0.27 -54.84 -85.16
C ILE A 1155 -0.04 -55.28 -86.59
N LYS A 1156 -0.24 -54.35 -87.52
CA LYS A 1156 0.00 -54.67 -88.92
C LYS A 1156 1.46 -54.51 -89.24
N THR A 1157 2.00 -55.45 -90.02
CA THR A 1157 3.38 -55.40 -90.45
C THR A 1157 3.62 -56.37 -91.58
N GLU A 1165 1.33 -60.88 -91.88
CA GLU A 1165 0.51 -59.68 -91.88
C GLU A 1165 0.35 -59.13 -90.48
N TRP A 1166 -0.33 -59.88 -89.63
CA TRP A 1166 -0.51 -59.48 -88.25
C TRP A 1166 0.56 -60.06 -87.38
N SER A 1167 1.01 -59.28 -86.42
CA SER A 1167 1.99 -59.77 -85.47
C SER A 1167 1.67 -59.20 -84.13
N TYR A 1168 2.34 -59.67 -83.11
CA TYR A 1168 2.10 -59.23 -81.76
C TYR A 1168 3.22 -58.37 -81.20
N THR A 1169 2.90 -57.36 -80.42
CA THR A 1169 3.96 -56.62 -79.73
C THR A 1169 3.54 -56.43 -78.28
N GLY A 1170 4.51 -56.40 -77.36
CA GLY A 1170 4.16 -56.17 -75.95
C GLY A 1170 3.72 -54.72 -75.77
N SER A 1171 2.91 -54.43 -74.77
CA SER A 1171 2.41 -53.07 -74.65
C SER A 1171 3.39 -51.98 -74.35
N SER A 1172 4.53 -52.31 -73.76
CA SER A 1172 5.46 -51.24 -73.41
C SER A 1172 6.61 -51.07 -74.33
N PHE A 1173 6.71 -51.90 -75.34
CA PHE A 1173 7.88 -51.75 -76.18
C PHE A 1173 7.60 -52.34 -77.53
N TYR A 1174 7.79 -51.55 -78.56
CA TYR A 1174 7.49 -52.06 -79.88
C TYR A 1174 8.54 -53.01 -80.33
N ALA A 1175 8.12 -54.22 -80.56
CA ALA A 1175 9.01 -55.28 -80.94
C ALA A 1175 8.18 -56.41 -81.46
N PRO A 1176 7.79 -56.39 -82.74
CA PRO A 1176 6.89 -57.35 -83.31
C PRO A 1176 7.46 -58.77 -83.20
N GLU A 1177 6.58 -59.71 -82.90
CA GLU A 1177 6.91 -61.13 -82.79
C GLU A 1177 5.67 -61.87 -83.29
N PRO A 1178 5.74 -63.13 -83.67
CA PRO A 1178 4.60 -63.89 -84.14
C PRO A 1178 3.50 -64.00 -83.10
N ILE A 1179 2.27 -64.06 -83.58
CA ILE A 1179 1.12 -64.30 -82.74
C ILE A 1179 1.09 -65.79 -82.46
N THR A 1180 1.09 -66.14 -81.20
CA THR A 1180 1.12 -67.52 -80.76
C THR A 1180 0.12 -67.69 -79.65
N SER A 1181 -0.07 -68.91 -79.20
CA SER A 1181 -0.98 -69.17 -78.09
C SER A 1181 -0.48 -68.62 -76.77
N LEU A 1182 0.78 -68.20 -76.71
CA LEU A 1182 1.34 -67.66 -75.48
C LEU A 1182 1.11 -66.16 -75.33
N ASN A 1183 0.59 -65.50 -76.37
CA ASN A 1183 0.40 -64.06 -76.31
C ASN A 1183 -1.01 -63.67 -76.70
N THR A 1184 -1.89 -64.67 -76.76
CA THR A 1184 -3.28 -64.50 -77.09
C THR A 1184 -4.21 -65.18 -76.13
N LYS A 1185 -5.46 -64.78 -76.18
CA LYS A 1185 -6.51 -65.45 -75.44
C LYS A 1185 -7.68 -65.60 -76.36
N TYR A 1186 -8.45 -66.66 -76.21
CA TYR A 1186 -9.62 -66.79 -77.05
C TYR A 1186 -10.71 -65.95 -76.47
N VAL A 1187 -11.42 -65.30 -77.34
CA VAL A 1187 -12.51 -64.42 -76.97
C VAL A 1187 -13.77 -64.65 -77.77
N ALA A 1188 -14.87 -64.10 -77.27
CA ALA A 1188 -16.10 -64.12 -78.03
C ALA A 1188 -15.90 -63.18 -79.22
N PRO A 1189 -16.51 -63.43 -80.38
CA PRO A 1189 -16.41 -62.60 -81.56
C PRO A 1189 -17.04 -61.25 -81.35
N GLN A 1190 -16.45 -60.25 -81.98
CA GLN A 1190 -16.94 -58.88 -81.94
C GLN A 1190 -16.89 -58.24 -83.31
N VAL A 1191 -17.72 -57.25 -83.52
CA VAL A 1191 -17.81 -56.52 -84.77
C VAL A 1191 -16.53 -55.78 -85.15
N THR A 1192 -15.70 -55.51 -84.17
CA THR A 1192 -14.44 -54.79 -84.39
C THR A 1192 -13.25 -55.70 -84.64
N TYR A 1193 -13.47 -57.00 -84.60
CA TYR A 1193 -12.37 -57.91 -84.82
C TYR A 1193 -12.20 -58.05 -86.32
N GLN A 1194 -10.97 -58.28 -86.77
CA GLN A 1194 -10.72 -58.40 -88.21
C GLN A 1194 -10.99 -59.79 -88.69
N ASN A 1195 -11.53 -59.95 -89.92
CA ASN A 1195 -11.68 -61.25 -90.48
C ASN A 1195 -10.50 -61.65 -91.29
N ILE A 1196 -9.65 -62.55 -90.86
CA ILE A 1196 -8.44 -62.88 -91.60
C ILE A 1196 -8.57 -64.22 -92.30
N SER A 1197 -8.20 -64.24 -93.57
CA SER A 1197 -8.35 -65.40 -94.43
C SER A 1197 -7.10 -66.01 -95.05
N THR A 1198 -5.93 -65.47 -94.79
CA THR A 1198 -4.71 -65.97 -95.40
C THR A 1198 -3.71 -66.46 -94.38
N ASN A 1199 -2.86 -65.55 -93.93
CA ASN A 1199 -1.84 -65.97 -92.97
C ASN A 1199 -2.38 -65.98 -91.57
N LEU A 1200 -3.14 -67.02 -91.29
CA LEU A 1200 -3.84 -67.19 -90.04
C LEU A 1200 -2.77 -67.59 -89.04
N PRO A 1201 -2.72 -67.02 -87.84
CA PRO A 1201 -1.79 -67.40 -86.81
C PRO A 1201 -2.21 -68.76 -86.26
N PRO A 1202 -1.30 -69.55 -85.70
CA PRO A 1202 -1.54 -70.83 -85.10
C PRO A 1202 -2.73 -70.98 -84.14
N PRO A 1203 -3.12 -70.03 -83.28
CA PRO A 1203 -4.31 -70.19 -82.45
C PRO A 1203 -5.61 -70.24 -83.27
N LEU A 1204 -5.61 -69.70 -84.50
CA LEU A 1204 -6.80 -69.77 -85.36
C LEU A 1204 -6.72 -70.89 -86.40
N LEU A 1205 -5.56 -71.52 -86.55
CA LEU A 1205 -5.46 -72.61 -87.53
C LEU A 1205 -6.02 -73.89 -86.97
N GLY A 1206 -7.34 -73.93 -86.87
CA GLY A 1206 -8.05 -75.06 -86.26
C GLY A 1206 -9.04 -75.64 -87.23
N VAL B 1 -37.38 32.17 -14.73
CA VAL B 1 -38.15 32.51 -15.91
C VAL B 1 -39.59 32.87 -15.63
N ASP B 2 -39.97 33.99 -16.19
CA ASP B 2 -41.34 34.47 -16.13
C ASP B 2 -42.16 33.63 -17.09
N VAL B 3 -43.18 32.95 -16.58
CA VAL B 3 -44.01 32.05 -17.35
C VAL B 3 -45.44 32.55 -17.42
N GLY B 4 -45.58 33.85 -17.25
CA GLY B 4 -46.87 34.51 -17.33
C GLY B 4 -47.46 34.58 -15.94
N PRO B 5 -48.62 35.19 -15.79
CA PRO B 5 -49.32 35.42 -14.55
C PRO B 5 -49.93 34.16 -13.96
N ASP B 6 -50.20 34.21 -12.66
CA ASP B 6 -50.91 33.16 -11.96
C ASP B 6 -52.37 33.19 -12.35
N SER B 7 -53.04 32.06 -12.23
CA SER B 7 -54.46 32.03 -12.44
C SER B 7 -55.12 32.84 -11.33
N VAL B 8 -56.21 33.50 -11.69
CA VAL B 8 -56.95 34.30 -10.76
C VAL B 8 -58.28 33.69 -10.37
N LYS B 9 -58.49 32.45 -10.75
CA LYS B 9 -59.73 31.82 -10.39
C LYS B 9 -59.68 31.29 -8.96
N SER B 10 -60.82 31.40 -8.28
CA SER B 10 -60.99 30.94 -6.89
C SER B 10 -61.28 29.46 -6.75
N ALA B 11 -61.50 28.84 -7.89
CA ALA B 11 -61.82 27.43 -7.96
C ALA B 11 -61.36 26.83 -9.25
N CYS B 12 -61.13 25.53 -9.15
CA CYS B 12 -60.78 24.68 -10.26
C CYS B 12 -62.03 24.02 -10.84
N ILE B 13 -61.98 23.55 -12.06
CA ILE B 13 -63.11 22.81 -12.57
C ILE B 13 -63.08 21.43 -11.96
N GLU B 14 -64.24 21.01 -11.49
CA GLU B 14 -64.46 19.72 -10.86
C GLU B 14 -64.07 18.60 -11.79
N VAL B 15 -63.37 17.61 -11.27
CA VAL B 15 -62.93 16.49 -12.06
C VAL B 15 -63.58 15.19 -11.63
N ASP B 16 -64.21 14.54 -12.59
CA ASP B 16 -64.88 13.27 -12.40
C ASP B 16 -63.98 12.10 -12.80
N ILE B 17 -63.52 11.31 -11.84
CA ILE B 17 -62.64 10.23 -12.20
C ILE B 17 -63.44 8.94 -12.26
N GLN B 18 -63.56 8.35 -13.45
CA GLN B 18 -64.30 7.09 -13.57
C GLN B 18 -63.52 6.10 -14.39
N GLN B 19 -62.58 5.40 -13.75
CA GLN B 19 -61.62 4.56 -14.44
C GLN B 19 -62.25 3.46 -15.24
N THR B 20 -63.40 2.99 -14.84
CA THR B 20 -64.06 1.94 -15.59
C THR B 20 -64.16 2.26 -17.06
N PHE B 21 -64.45 3.51 -17.38
CA PHE B 21 -64.66 3.92 -18.76
C PHE B 21 -63.40 3.93 -19.57
N PHE B 22 -62.27 3.93 -18.91
CA PHE B 22 -60.98 4.00 -19.55
C PHE B 22 -60.29 2.64 -19.52
N ASP B 23 -60.96 1.62 -18.98
CA ASP B 23 -60.35 0.29 -18.92
C ASP B 23 -60.61 -0.47 -20.20
N LYS B 24 -59.89 -0.07 -21.23
CA LYS B 24 -60.07 -0.61 -22.58
C LYS B 24 -58.93 -1.50 -22.96
N THR B 25 -59.22 -2.46 -23.83
CA THR B 25 -58.19 -3.36 -24.34
C THR B 25 -58.02 -3.17 -25.83
N TRP B 26 -57.01 -2.40 -26.17
CA TRP B 26 -56.66 -2.01 -27.52
C TRP B 26 -55.17 -2.20 -27.71
N PRO B 27 -54.65 -3.43 -27.62
CA PRO B 27 -53.25 -3.72 -27.56
C PRO B 27 -52.46 -3.38 -28.79
N ARG B 28 -51.34 -2.74 -28.60
CA ARG B 28 -50.44 -2.38 -29.67
C ARG B 28 -49.03 -2.54 -29.17
N PRO B 29 -48.52 -3.76 -29.03
CA PRO B 29 -47.24 -4.05 -28.48
C PRO B 29 -46.16 -3.65 -29.44
N ILE B 30 -44.95 -3.50 -28.93
CA ILE B 30 -43.86 -3.19 -29.82
C ILE B 30 -43.58 -4.30 -30.76
N ASP B 31 -43.56 -3.95 -32.05
CA ASP B 31 -43.20 -4.88 -33.09
C ASP B 31 -41.83 -4.46 -33.58
N VAL B 32 -40.81 -5.13 -33.13
CA VAL B 32 -39.46 -4.70 -33.45
C VAL B 32 -39.17 -4.94 -34.92
N SER B 33 -39.84 -5.92 -35.52
CA SER B 33 -39.64 -6.26 -36.93
C SER B 33 -40.13 -5.17 -37.86
N LYS B 34 -40.90 -4.23 -37.30
CA LYS B 34 -41.47 -3.10 -38.03
C LYS B 34 -40.74 -1.81 -37.54
N ALA B 35 -39.70 -2.03 -36.71
CA ALA B 35 -38.87 -1.05 -36.02
C ALA B 35 -39.64 -0.10 -35.10
N ASP B 36 -40.68 -0.61 -34.42
CA ASP B 36 -41.40 0.25 -33.49
C ASP B 36 -40.54 0.67 -32.33
N GLY B 37 -40.64 1.94 -31.95
CA GLY B 37 -40.01 2.43 -30.75
C GLY B 37 -38.53 2.69 -30.83
N ILE B 38 -37.95 2.61 -32.02
CA ILE B 38 -36.52 2.82 -32.12
C ILE B 38 -36.02 4.23 -32.27
N ILE B 39 -35.10 4.54 -31.39
CA ILE B 39 -34.36 5.77 -31.37
C ILE B 39 -33.13 5.47 -32.22
N TYR B 40 -32.88 6.31 -33.18
CA TYR B 40 -31.81 6.11 -34.15
C TYR B 40 -30.46 6.25 -33.42
N PRO B 41 -29.38 5.49 -33.76
CA PRO B 41 -28.09 5.65 -33.11
C PRO B 41 -27.76 7.13 -33.23
N GLN B 42 -27.37 7.75 -32.14
CA GLN B 42 -27.31 9.20 -32.13
C GLN B 42 -26.20 9.96 -32.81
N GLY B 43 -24.99 9.47 -32.82
CA GLY B 43 -23.94 10.30 -33.36
C GLY B 43 -23.57 10.02 -34.80
N ARG B 44 -24.33 9.16 -35.45
CA ARG B 44 -23.96 8.70 -36.77
C ARG B 44 -25.06 8.07 -37.54
N THR B 45 -24.82 7.84 -38.81
CA THR B 45 -25.73 7.08 -39.63
C THR B 45 -25.00 5.99 -40.36
N TYR B 46 -25.79 5.09 -40.90
CA TYR B 46 -25.29 3.93 -41.65
C TYR B 46 -26.12 3.78 -42.89
N SER B 47 -25.59 3.12 -43.92
CA SER B 47 -26.36 2.93 -45.14
C SER B 47 -26.29 1.54 -45.74
N ASN B 48 -27.47 0.95 -45.89
CA ASN B 48 -27.59 -0.35 -46.53
C ASN B 48 -26.82 -1.47 -45.77
N ILE B 49 -26.81 -1.47 -44.46
CA ILE B 49 -26.09 -2.53 -43.74
C ILE B 49 -26.96 -3.12 -42.65
N THR B 50 -26.61 -4.32 -42.21
CA THR B 50 -27.24 -4.87 -41.02
C THR B 50 -26.19 -5.06 -39.94
N ILE B 51 -26.37 -4.39 -38.81
CA ILE B 51 -25.42 -4.52 -37.70
C ILE B 51 -26.11 -4.65 -36.36
N THR B 52 -25.43 -5.21 -35.36
CA THR B 52 -26.00 -5.10 -34.04
C THR B 52 -25.61 -3.78 -33.43
N TYR B 53 -26.43 -3.33 -32.51
CA TYR B 53 -26.23 -2.07 -31.82
C TYR B 53 -26.75 -2.10 -30.40
N GLN B 54 -25.95 -1.58 -29.50
CA GLN B 54 -26.31 -1.48 -28.10
C GLN B 54 -26.92 -0.12 -27.76
N GLY B 55 -28.10 -0.11 -27.15
CA GLY B 55 -28.72 1.17 -26.82
C GLY B 55 -30.03 1.01 -26.10
N LEU B 56 -30.72 2.12 -25.86
CA LEU B 56 -31.97 2.02 -25.12
C LEU B 56 -33.12 1.79 -26.06
N PHE B 57 -33.72 0.62 -25.88
CA PHE B 57 -34.79 0.15 -26.73
C PHE B 57 -35.91 -0.45 -25.89
N PRO B 58 -37.16 -0.46 -26.37
CA PRO B 58 -38.27 -1.14 -25.77
C PRO B 58 -38.12 -2.65 -26.06
N TYR B 59 -38.73 -3.51 -25.28
CA TYR B 59 -38.67 -4.93 -25.51
C TYR B 59 -39.67 -5.36 -26.57
N GLN B 60 -39.26 -6.34 -27.37
CA GLN B 60 -40.20 -6.93 -28.32
C GLN B 60 -41.38 -7.50 -27.59
N GLY B 61 -42.57 -7.15 -28.03
CA GLY B 61 -43.77 -7.69 -27.43
C GLY B 61 -44.31 -6.90 -26.26
N ASP B 62 -43.63 -5.83 -25.88
CA ASP B 62 -44.08 -5.05 -24.75
C ASP B 62 -45.35 -4.32 -25.07
N HIS B 63 -46.40 -4.57 -24.31
CA HIS B 63 -47.68 -3.92 -24.50
C HIS B 63 -47.68 -2.48 -24.06
N GLY B 64 -46.84 -2.19 -23.09
CA GLY B 64 -46.76 -0.85 -22.57
C GLY B 64 -47.96 -0.52 -21.75
N ASP B 65 -48.10 0.75 -21.45
CA ASP B 65 -49.19 1.26 -20.67
C ASP B 65 -50.05 2.13 -21.54
N MET B 66 -51.30 1.77 -21.71
CA MET B 66 -52.16 2.57 -22.55
C MET B 66 -52.85 3.65 -21.79
N TYR B 67 -52.88 4.84 -22.36
CA TYR B 67 -53.59 5.95 -21.77
C TYR B 67 -54.52 6.58 -22.78
N VAL B 68 -55.72 6.93 -22.39
CA VAL B 68 -56.60 7.59 -23.34
C VAL B 68 -57.25 8.81 -22.72
N TYR B 69 -57.27 9.89 -23.47
CA TYR B 69 -57.90 11.12 -23.06
C TYR B 69 -59.31 11.15 -23.59
N SER B 70 -60.21 11.83 -22.90
CA SER B 70 -61.62 11.90 -23.33
C SER B 70 -62.24 13.27 -23.29
N ALA B 71 -63.49 13.30 -23.73
CA ALA B 71 -64.33 14.47 -23.65
C ALA B 71 -64.85 14.58 -22.24
N GLY B 72 -65.09 15.80 -21.81
CA GLY B 72 -65.67 16.02 -20.50
C GLY B 72 -67.17 15.87 -20.58
N HIS B 73 -67.82 16.16 -19.46
CA HIS B 73 -69.26 16.08 -19.34
C HIS B 73 -69.85 17.31 -19.96
N ALA B 74 -71.05 17.21 -20.49
CA ALA B 74 -71.73 18.34 -21.09
C ALA B 74 -73.22 18.21 -20.96
N THR B 75 -73.89 19.28 -21.29
CA THR B 75 -75.34 19.26 -21.42
C THR B 75 -75.63 20.12 -22.61
N GLY B 76 -75.81 19.52 -23.77
CA GLY B 76 -75.99 20.32 -24.95
C GLY B 76 -74.75 21.15 -25.24
N THR B 77 -74.94 22.46 -25.31
CA THR B 77 -73.89 23.42 -25.65
C THR B 77 -73.07 23.99 -24.51
N THR B 78 -73.34 23.54 -23.29
CA THR B 78 -72.60 24.05 -22.14
C THR B 78 -71.80 22.96 -21.45
N PRO B 79 -70.47 22.83 -21.73
CA PRO B 79 -69.57 21.86 -21.17
C PRO B 79 -69.60 21.99 -19.68
N GLN B 80 -69.44 20.91 -18.95
CA GLN B 80 -69.48 20.97 -17.51
C GLN B 80 -68.21 20.50 -16.84
N LYS B 81 -68.30 19.34 -16.23
CA LYS B 81 -67.28 18.68 -15.42
C LYS B 81 -66.24 17.97 -16.29
N LEU B 82 -65.00 17.89 -15.82
CA LEU B 82 -64.01 17.20 -16.64
C LEU B 82 -64.15 15.71 -16.39
N PHE B 83 -63.85 14.89 -17.40
CA PHE B 83 -63.95 13.46 -17.24
C PHE B 83 -62.61 12.79 -17.52
N VAL B 84 -62.04 12.18 -16.48
CA VAL B 84 -60.73 11.59 -16.58
C VAL B 84 -60.61 10.19 -16.02
N ALA B 85 -59.49 9.58 -16.37
CA ALA B 85 -59.00 8.33 -15.85
C ALA B 85 -58.22 8.59 -14.57
N ASN B 86 -57.91 7.56 -13.81
CA ASN B 86 -57.10 7.75 -12.56
C ASN B 86 -55.64 7.88 -12.91
N TYR B 87 -55.23 8.76 -13.75
CA TYR B 87 -53.85 8.82 -14.21
C TYR B 87 -52.94 9.61 -13.33
N SER B 88 -53.44 10.65 -12.67
CA SER B 88 -52.52 11.51 -11.93
C SER B 88 -51.94 10.84 -10.72
N GLN B 89 -52.64 9.83 -10.25
CA GLN B 89 -52.27 9.10 -9.06
C GLN B 89 -51.45 7.87 -9.38
N ASP B 90 -51.38 7.54 -10.67
CA ASP B 90 -50.68 6.36 -11.13
C ASP B 90 -49.23 6.74 -11.46
N VAL B 91 -48.38 6.81 -10.46
CA VAL B 91 -47.01 7.27 -10.66
C VAL B 91 -46.10 6.11 -10.95
N LYS B 92 -45.35 6.22 -12.03
CA LYS B 92 -44.47 5.16 -12.46
C LYS B 92 -43.02 5.47 -12.24
N GLN B 93 -42.22 4.43 -12.14
CA GLN B 93 -40.79 4.62 -12.01
C GLN B 93 -40.28 4.93 -13.41
N PHE B 94 -39.47 5.98 -13.54
CA PHE B 94 -38.89 6.45 -14.80
C PHE B 94 -37.84 5.52 -15.35
N ALA B 95 -36.95 5.04 -14.49
CA ALA B 95 -35.86 4.18 -14.90
C ALA B 95 -35.02 4.80 -15.99
N ASN B 96 -35.01 4.20 -17.19
CA ASN B 96 -34.15 4.69 -18.26
C ASN B 96 -34.91 5.57 -19.22
N GLY B 97 -36.17 5.84 -18.94
CA GLY B 97 -36.96 6.62 -19.87
C GLY B 97 -37.92 5.76 -20.64
N PHE B 98 -38.58 6.40 -21.58
CA PHE B 98 -39.66 5.75 -22.32
C PHE B 98 -39.90 6.32 -23.70
N VAL B 99 -40.62 5.54 -24.49
CA VAL B 99 -41.07 5.97 -25.80
C VAL B 99 -42.57 5.89 -25.84
N VAL B 100 -43.18 6.73 -26.65
CA VAL B 100 -44.60 6.79 -26.72
C VAL B 100 -45.12 6.68 -28.12
N ARG B 101 -46.08 5.79 -28.33
CA ARG B 101 -46.73 5.62 -29.62
C ARG B 101 -47.91 6.59 -29.62
N ILE B 102 -47.91 7.59 -30.51
CA ILE B 102 -48.96 8.62 -30.48
C ILE B 102 -49.84 8.66 -31.74
N GLY B 103 -51.15 8.53 -31.59
CA GLY B 103 -52.05 8.60 -32.74
C GLY B 103 -52.18 7.35 -33.58
N ALA B 104 -51.86 6.19 -33.05
CA ALA B 104 -51.91 4.96 -33.83
C ALA B 104 -53.27 4.65 -34.38
N ALA B 105 -54.31 5.00 -33.66
CA ALA B 105 -55.66 4.72 -34.07
C ALA B 105 -56.27 5.83 -34.91
N ALA B 106 -55.52 6.88 -35.21
CA ALA B 106 -56.14 7.95 -35.94
C ALA B 106 -56.68 7.44 -37.25
N ASN B 107 -57.81 8.05 -37.65
CA ASN B 107 -58.62 7.79 -38.84
C ASN B 107 -59.50 6.56 -38.70
N SER B 108 -59.40 5.83 -37.62
CA SER B 108 -60.26 4.67 -37.42
C SER B 108 -61.50 5.15 -36.72
N THR B 109 -62.60 4.43 -36.85
CA THR B 109 -63.75 4.81 -36.07
C THR B 109 -63.53 4.30 -34.65
N GLY B 110 -63.72 5.16 -33.68
CA GLY B 110 -63.56 4.79 -32.29
C GLY B 110 -64.72 5.15 -31.46
N THR B 111 -64.46 5.19 -30.16
CA THR B 111 -65.49 5.48 -29.20
C THR B 111 -65.21 6.75 -28.48
N VAL B 112 -66.29 7.41 -28.12
CA VAL B 112 -66.17 8.54 -27.25
C VAL B 112 -66.17 7.90 -25.86
N ILE B 113 -65.13 8.09 -25.08
CA ILE B 113 -65.04 7.32 -23.83
C ILE B 113 -66.17 7.59 -22.87
N ILE B 114 -66.53 8.85 -22.76
CA ILE B 114 -67.59 9.30 -21.86
C ILE B 114 -68.95 8.77 -22.24
N SER B 115 -69.13 8.43 -23.50
CA SER B 115 -70.38 7.93 -24.02
C SER B 115 -70.10 6.72 -24.92
N PRO B 116 -70.01 5.50 -24.37
CA PRO B 116 -69.65 4.26 -25.05
C PRO B 116 -70.48 3.93 -26.28
N SER B 117 -71.72 4.38 -26.33
CA SER B 117 -72.58 4.11 -27.47
C SER B 117 -72.36 5.09 -28.63
N THR B 118 -71.58 6.12 -28.37
CA THR B 118 -71.31 7.14 -29.37
C THR B 118 -69.98 6.86 -30.05
N SER B 119 -70.01 6.82 -31.37
CA SER B 119 -68.81 6.60 -32.14
C SER B 119 -68.39 7.88 -32.81
N ALA B 120 -67.11 7.98 -33.09
CA ALA B 120 -66.55 9.13 -33.78
C ALA B 120 -65.25 8.75 -34.44
N THR B 121 -64.83 9.51 -35.44
CA THR B 121 -63.50 9.28 -36.02
C THR B 121 -62.45 9.62 -34.99
N ILE B 122 -61.45 8.76 -34.85
CA ILE B 122 -60.36 8.97 -33.91
C ILE B 122 -59.36 9.98 -34.40
N ARG B 123 -59.03 10.93 -33.52
CA ARG B 123 -58.05 11.95 -33.83
C ARG B 123 -56.84 11.88 -32.93
N LYS B 124 -55.68 12.20 -33.48
CA LYS B 124 -54.48 12.21 -32.67
C LYS B 124 -54.49 13.27 -31.61
N ILE B 125 -54.05 12.88 -30.43
CA ILE B 125 -53.91 13.78 -29.33
C ILE B 125 -52.54 13.56 -28.70
N TYR B 126 -51.90 14.57 -28.17
CA TYR B 126 -50.59 14.41 -27.61
C TYR B 126 -50.66 14.22 -26.13
N PRO B 127 -49.81 13.38 -25.58
CA PRO B 127 -49.71 13.07 -24.20
C PRO B 127 -49.13 14.21 -23.40
N ALA B 128 -49.55 14.32 -22.16
CA ALA B 128 -48.95 15.29 -21.25
C ALA B 128 -48.26 14.54 -20.14
N PHE B 129 -47.09 15.00 -19.74
CA PHE B 129 -46.35 14.30 -18.69
C PHE B 129 -45.88 15.18 -17.58
N MET B 130 -45.82 14.62 -16.40
CA MET B 130 -45.24 15.28 -15.25
C MET B 130 -44.11 14.38 -14.75
N LEU B 131 -42.90 14.90 -14.65
CA LEU B 131 -41.75 14.09 -14.26
C LEU B 131 -40.92 14.69 -13.13
N GLY B 132 -40.35 13.87 -12.26
CA GLY B 132 -39.52 14.48 -11.25
C GLY B 132 -38.76 13.52 -10.37
N SER B 133 -38.12 14.11 -9.36
CA SER B 133 -37.24 13.42 -8.43
C SER B 133 -37.92 12.83 -7.23
N SER B 134 -39.04 13.39 -6.83
CA SER B 134 -39.70 12.98 -5.61
C SER B 134 -41.18 13.16 -5.68
N VAL B 135 -41.88 12.17 -5.15
CA VAL B 135 -43.34 12.16 -5.13
C VAL B 135 -43.91 11.88 -3.78
N GLY B 136 -45.18 12.21 -3.63
CA GLY B 136 -45.91 11.96 -2.41
C GLY B 136 -47.33 12.34 -2.61
N ASN B 137 -48.03 12.58 -1.52
CA ASN B 137 -49.42 12.89 -1.59
C ASN B 137 -49.75 14.36 -1.47
N PHE B 138 -50.99 14.66 -1.74
CA PHE B 138 -51.61 15.96 -1.63
C PHE B 138 -52.28 16.08 -0.27
N SER B 139 -52.92 17.20 0.00
CA SER B 139 -53.49 17.52 1.28
C SER B 139 -54.47 16.50 1.79
N ASP B 140 -55.26 15.91 0.90
CA ASP B 140 -56.25 14.94 1.35
C ASP B 140 -55.76 13.49 1.33
N GLY B 141 -54.48 13.27 1.07
CA GLY B 141 -53.94 11.93 1.03
C GLY B 141 -53.85 11.29 -0.36
N LYS B 142 -54.38 11.96 -1.40
CA LYS B 142 -54.27 11.33 -2.71
C LYS B 142 -52.87 11.46 -3.25
N MET B 143 -52.39 10.46 -3.97
CA MET B 143 -51.04 10.57 -4.50
C MET B 143 -50.94 11.28 -5.82
N GLY B 144 -49.72 11.63 -6.18
CA GLY B 144 -49.48 12.26 -7.45
C GLY B 144 -48.85 13.63 -7.30
N ARG B 145 -48.51 14.00 -6.08
CA ARG B 145 -47.87 15.27 -5.89
C ARG B 145 -46.39 15.12 -6.14
N PHE B 146 -45.82 16.06 -6.89
CA PHE B 146 -44.38 16.09 -7.13
C PHE B 146 -43.77 17.22 -6.34
N PHE B 147 -42.58 16.99 -5.82
CA PHE B 147 -41.93 17.98 -4.99
C PHE B 147 -40.75 18.61 -5.67
N ASN B 148 -40.47 19.82 -5.24
CA ASN B 148 -39.28 20.55 -5.78
C ASN B 148 -39.59 20.78 -7.28
N HIS B 149 -38.43 20.77 -8.04
CA HIS B 149 -38.68 21.04 -9.46
C HIS B 149 -39.18 19.85 -10.18
N THR B 150 -40.22 20.09 -10.94
CA THR B 150 -40.89 19.08 -11.71
C THR B 150 -40.87 19.48 -13.15
N LEU B 151 -40.58 18.52 -14.01
CA LEU B 151 -40.58 18.75 -15.43
C LEU B 151 -41.94 18.45 -15.98
N VAL B 152 -42.50 19.40 -16.67
CA VAL B 152 -43.79 19.21 -17.24
C VAL B 152 -43.70 19.35 -18.73
N LEU B 153 -44.20 18.33 -19.42
CA LEU B 153 -44.26 18.33 -20.86
C LEU B 153 -45.74 18.46 -21.18
N LEU B 154 -46.16 19.64 -21.62
CA LEU B 154 -47.57 19.90 -21.79
C LEU B 154 -47.88 20.41 -23.18
N PRO B 155 -48.48 19.61 -24.06
CA PRO B 155 -48.82 20.02 -25.38
C PRO B 155 -49.90 21.06 -25.25
N ASP B 156 -49.93 21.99 -26.18
CA ASP B 156 -50.90 23.07 -26.12
C ASP B 156 -51.25 23.54 -27.52
N GLY B 157 -52.13 24.52 -27.60
CA GLY B 157 -52.51 25.09 -28.89
C GLY B 157 -53.30 24.11 -29.69
N CYS B 158 -54.08 23.27 -29.03
CA CYS B 158 -54.87 22.24 -29.68
C CYS B 158 -53.97 21.30 -30.47
N GLY B 159 -52.80 20.97 -29.92
CA GLY B 159 -51.88 20.06 -30.58
C GLY B 159 -50.86 20.72 -31.53
N THR B 160 -50.62 22.03 -31.38
CA THR B 160 -49.67 22.67 -32.29
C THR B 160 -48.33 22.97 -31.63
N LEU B 161 -48.24 22.92 -30.31
CA LEU B 161 -46.96 23.15 -29.69
C LEU B 161 -46.72 22.22 -28.52
N LEU B 162 -45.46 21.88 -28.29
CA LEU B 162 -45.10 21.19 -27.08
C LEU B 162 -44.44 22.15 -26.13
N ARG B 163 -44.98 22.34 -24.94
CA ARG B 163 -44.36 23.23 -23.98
C ARG B 163 -43.68 22.48 -22.86
N ALA B 164 -42.38 22.67 -22.76
CA ALA B 164 -41.58 21.98 -21.74
C ALA B 164 -41.10 22.95 -20.69
N PHE B 165 -41.39 22.68 -19.44
CA PHE B 165 -40.91 23.60 -18.41
C PHE B 165 -40.51 22.87 -17.17
N TYR B 166 -39.60 23.47 -16.43
CA TYR B 166 -39.11 22.86 -15.20
C TYR B 166 -39.35 23.86 -14.12
N CYS B 167 -40.20 23.45 -13.19
CA CYS B 167 -40.65 24.49 -12.22
C CYS B 167 -41.15 23.78 -10.95
N ILE B 168 -41.38 24.63 -9.92
CA ILE B 168 -41.97 24.09 -8.71
C ILE B 168 -43.46 24.25 -8.79
N LEU B 169 -44.18 23.18 -8.54
CA LEU B 169 -45.63 23.24 -8.62
C LEU B 169 -46.21 23.39 -7.25
N GLU B 170 -46.82 24.54 -7.00
CA GLU B 170 -47.40 24.86 -5.72
C GLU B 170 -48.90 24.68 -5.76
N PRO B 171 -49.46 23.66 -5.14
CA PRO B 171 -50.87 23.39 -5.23
C PRO B 171 -51.69 24.58 -4.79
N ARG B 172 -52.71 24.89 -5.56
CA ARG B 172 -53.62 25.97 -5.21
C ARG B 172 -54.64 25.45 -4.24
N SER B 173 -55.13 26.33 -3.39
CA SER B 173 -56.07 25.99 -2.33
C SER B 173 -57.54 26.19 -2.59
N GLY B 174 -57.88 26.55 -3.79
CA GLY B 174 -59.28 26.83 -4.10
C GLY B 174 -60.11 25.56 -4.25
N ASN B 175 -61.37 25.75 -4.58
CA ASN B 175 -62.28 24.61 -4.62
C ASN B 175 -61.88 23.63 -5.71
N HIS B 176 -61.75 22.35 -5.36
CA HIS B 176 -61.37 21.27 -6.26
C HIS B 176 -59.91 21.34 -6.71
N CYS B 177 -59.13 22.15 -6.04
CA CYS B 177 -57.72 22.26 -6.37
C CYS B 177 -57.00 21.35 -5.38
N PRO B 178 -55.77 20.91 -5.63
CA PRO B 178 -55.01 19.98 -4.78
C PRO B 178 -54.74 20.37 -3.34
N ALA B 179 -54.76 21.66 -2.99
CA ALA B 179 -54.58 22.02 -1.59
C ALA B 179 -55.91 22.50 -0.99
N GLY B 180 -57.01 22.30 -1.73
CA GLY B 180 -58.32 22.77 -1.30
C GLY B 180 -59.31 21.65 -1.00
N ASN B 181 -60.59 22.00 -1.01
CA ASN B 181 -61.65 21.05 -0.70
C ASN B 181 -62.13 20.31 -1.92
N SER B 182 -62.69 19.12 -1.69
CA SER B 182 -63.28 18.30 -2.75
C SER B 182 -62.34 18.01 -3.92
N TYR B 183 -61.09 17.74 -3.61
CA TYR B 183 -60.11 17.40 -4.62
C TYR B 183 -60.15 15.94 -4.96
N THR B 184 -60.04 15.68 -6.24
CA THR B 184 -60.02 14.36 -6.81
C THR B 184 -58.72 14.17 -7.55
N SER B 185 -58.62 14.80 -8.69
CA SER B 185 -57.43 14.82 -9.52
C SER B 185 -57.33 16.13 -10.23
N PHE B 186 -56.12 16.59 -10.45
CA PHE B 186 -55.93 17.75 -11.26
C PHE B 186 -56.04 17.28 -12.68
N ALA B 187 -56.33 18.15 -13.60
CA ALA B 187 -56.38 17.75 -14.99
C ALA B 187 -56.18 18.97 -15.83
N THR B 188 -55.71 18.79 -17.04
CA THR B 188 -55.67 19.90 -17.95
C THR B 188 -56.84 19.79 -18.89
N TYR B 189 -57.14 20.88 -19.57
CA TYR B 189 -58.20 20.88 -20.51
C TYR B 189 -58.05 22.00 -21.50
N HIS B 190 -58.77 21.91 -22.57
CA HIS B 190 -58.92 23.01 -23.48
C HIS B 190 -60.37 22.97 -23.86
N THR B 191 -60.90 24.10 -24.34
CA THR B 191 -62.30 24.23 -24.76
C THR B 191 -62.35 24.59 -26.23
N PRO B 192 -62.44 23.62 -27.15
CA PRO B 192 -62.38 23.81 -28.58
C PRO B 192 -63.22 24.95 -29.08
N ALA B 193 -64.38 25.11 -28.45
CA ALA B 193 -65.30 26.15 -28.86
C ALA B 193 -64.67 27.52 -28.85
N THR B 194 -63.76 27.77 -27.91
CA THR B 194 -63.13 29.09 -27.84
C THR B 194 -61.62 29.02 -28.09
N ASP B 195 -61.03 27.83 -27.92
CA ASP B 195 -59.59 27.67 -28.01
C ASP B 195 -59.07 27.20 -29.34
N CYS B 196 -59.92 26.59 -30.17
CA CYS B 196 -59.42 26.02 -31.40
C CYS B 196 -60.09 26.63 -32.61
N SER B 197 -60.07 27.95 -32.71
CA SER B 197 -60.64 28.67 -33.84
C SER B 197 -59.83 28.32 -35.07
N ASP B 198 -60.42 28.33 -36.26
CA ASP B 198 -59.66 27.90 -37.45
C ASP B 198 -58.35 28.64 -37.63
N GLY B 199 -58.35 29.91 -37.27
CA GLY B 199 -57.17 30.73 -37.39
C GLY B 199 -56.38 30.76 -36.08
N ASN B 200 -56.86 31.57 -35.14
CA ASN B 200 -56.10 31.78 -33.93
C ASN B 200 -56.33 30.75 -32.82
N TYR B 201 -55.44 29.76 -32.75
CA TYR B 201 -55.53 28.76 -31.68
C TYR B 201 -54.98 29.39 -30.41
N ASN B 202 -55.56 29.03 -29.27
CA ASN B 202 -55.07 29.53 -27.99
C ASN B 202 -53.87 28.74 -27.53
N ARG B 203 -52.70 29.34 -27.66
CA ARG B 203 -51.46 28.63 -27.40
C ARG B 203 -51.19 28.45 -25.94
N ASN B 204 -52.03 29.08 -25.10
CA ASN B 204 -51.91 28.93 -23.66
C ASN B 204 -53.12 28.21 -23.08
N ALA B 205 -53.96 27.57 -23.89
CA ALA B 205 -55.15 26.98 -23.29
C ALA B 205 -54.86 25.89 -22.26
N SER B 206 -53.90 25.03 -22.53
CA SER B 206 -53.60 23.95 -21.60
C SER B 206 -52.73 24.45 -20.48
N LEU B 207 -51.90 25.45 -20.79
CA LEU B 207 -51.07 25.99 -19.73
C LEU B 207 -51.95 26.67 -18.73
N ASN B 208 -52.96 27.39 -19.22
CA ASN B 208 -53.82 28.10 -18.33
C ASN B 208 -54.63 27.16 -17.48
N SER B 209 -55.03 26.00 -18.01
CA SER B 209 -55.77 25.09 -17.14
C SER B 209 -54.86 24.47 -16.11
N PHE B 210 -53.61 24.24 -16.47
CA PHE B 210 -52.66 23.62 -15.55
C PHE B 210 -52.51 24.53 -14.36
N LYS B 211 -52.39 25.82 -14.66
CA LYS B 211 -52.23 26.91 -13.69
C LYS B 211 -53.39 27.10 -12.74
N GLU B 212 -54.54 26.50 -13.06
CA GLU B 212 -55.67 26.60 -12.18
C GLU B 212 -55.43 25.69 -10.99
N TYR B 213 -54.68 24.61 -11.16
CA TYR B 213 -54.47 23.67 -10.07
C TYR B 213 -53.17 23.98 -9.36
N PHE B 214 -52.19 24.49 -10.10
CA PHE B 214 -50.89 24.78 -9.49
C PHE B 214 -50.36 26.16 -9.78
N ASN B 215 -49.67 26.75 -8.83
CA ASN B 215 -48.94 27.96 -9.10
C ASN B 215 -47.55 27.55 -9.56
N LEU B 216 -47.06 28.14 -10.63
CA LEU B 216 -45.72 27.80 -11.13
C LEU B 216 -44.69 28.75 -10.52
N ARG B 217 -43.73 28.17 -9.81
CA ARG B 217 -42.72 28.92 -9.08
C ARG B 217 -41.28 28.50 -9.37
N ASN B 218 -40.42 29.46 -9.38
CA ASN B 218 -38.95 29.20 -9.65
C ASN B 218 -38.78 28.44 -10.87
N CYS B 219 -39.41 28.78 -11.97
CA CYS B 219 -39.23 28.08 -13.20
C CYS B 219 -37.84 28.37 -13.69
N THR B 220 -37.15 27.36 -14.16
CA THR B 220 -35.79 27.65 -14.63
C THR B 220 -35.79 27.80 -16.12
N PHE B 221 -36.79 27.23 -16.76
CA PHE B 221 -36.95 27.35 -18.19
C PHE B 221 -38.37 27.06 -18.57
N MET B 222 -38.72 27.54 -19.74
CA MET B 222 -39.93 27.18 -20.43
C MET B 222 -39.65 27.28 -21.92
N TYR B 223 -39.71 26.16 -22.60
CA TYR B 223 -39.41 26.08 -24.01
C TYR B 223 -40.61 25.63 -24.78
N THR B 224 -40.76 26.10 -26.01
CA THR B 224 -41.82 25.55 -26.82
C THR B 224 -41.27 25.01 -28.10
N TYR B 225 -41.92 24.00 -28.62
CA TYR B 225 -41.54 23.42 -29.88
C TYR B 225 -42.76 23.41 -30.75
N ASN B 226 -42.63 23.69 -32.01
CA ASN B 226 -43.78 23.68 -32.88
C ASN B 226 -44.06 22.33 -33.49
N ILE B 227 -45.32 22.01 -33.62
CA ILE B 227 -45.80 20.80 -34.24
C ILE B 227 -46.71 21.15 -35.45
N THR B 228 -46.39 20.67 -36.63
CA THR B 228 -47.29 20.89 -37.75
C THR B 228 -48.44 19.90 -37.57
N GLU B 229 -49.68 20.31 -37.75
CA GLU B 229 -50.77 19.34 -37.58
C GLU B 229 -50.92 18.35 -38.71
N ASP B 230 -51.17 17.11 -38.32
CA ASP B 230 -51.45 16.01 -39.21
C ASP B 230 -52.10 14.91 -38.36
N GLU B 231 -52.46 13.78 -38.99
CA GLU B 231 -53.01 12.61 -38.28
C GLU B 231 -52.09 11.40 -38.39
N ILE B 232 -50.82 11.68 -38.61
CA ILE B 232 -49.78 10.67 -38.82
C ILE B 232 -49.27 10.03 -37.52
N LEU B 233 -49.15 8.70 -37.48
CA LEU B 233 -48.60 8.08 -36.28
C LEU B 233 -47.18 8.56 -36.03
N GLU B 234 -46.92 8.99 -34.80
CA GLU B 234 -45.58 9.45 -34.49
C GLU B 234 -45.08 8.92 -33.18
N TRP B 235 -43.79 8.90 -33.06
CA TRP B 235 -43.20 8.49 -31.81
C TRP B 235 -42.51 9.62 -31.10
N PHE B 236 -42.66 9.59 -29.79
CA PHE B 236 -42.01 10.52 -28.85
C PHE B 236 -41.15 9.79 -27.85
N GLY B 237 -40.00 10.31 -27.49
CA GLY B 237 -39.25 9.62 -26.45
C GLY B 237 -38.54 10.53 -25.49
N ILE B 238 -38.30 10.03 -24.30
CA ILE B 238 -37.55 10.78 -23.32
C ILE B 238 -36.50 9.94 -22.60
N THR B 239 -35.29 10.46 -22.50
CA THR B 239 -34.20 9.80 -21.74
C THR B 239 -33.47 10.83 -20.90
N GLN B 240 -32.63 10.41 -19.96
CA GLN B 240 -31.85 11.40 -19.22
C GLN B 240 -30.41 10.94 -19.02
N THR B 241 -29.50 11.87 -19.26
CA THR B 241 -28.05 11.68 -19.09
C THR B 241 -27.46 12.84 -18.28
N ALA B 242 -26.16 12.85 -18.09
CA ALA B 242 -25.50 13.96 -17.39
C ALA B 242 -25.73 15.30 -18.09
N GLN B 243 -26.00 15.25 -19.40
CA GLN B 243 -26.22 16.46 -20.19
C GLN B 243 -27.64 17.00 -20.07
N GLY B 244 -28.52 16.27 -19.40
CA GLY B 244 -29.90 16.72 -19.29
C GLY B 244 -30.88 15.72 -19.87
N VAL B 245 -32.10 16.19 -19.99
CA VAL B 245 -33.20 15.38 -20.47
C VAL B 245 -33.29 15.51 -21.96
N HIS B 246 -33.31 14.40 -22.64
CA HIS B 246 -33.32 14.40 -24.07
C HIS B 246 -34.67 14.05 -24.59
N LEU B 247 -35.19 14.90 -25.45
CA LEU B 247 -36.50 14.69 -26.04
C LEU B 247 -36.29 14.24 -27.48
N PHE B 248 -36.90 13.11 -27.82
CA PHE B 248 -36.79 12.49 -29.12
C PHE B 248 -38.10 12.53 -29.82
N SER B 249 -38.08 12.62 -31.12
CA SER B 249 -39.29 12.55 -31.90
C SER B 249 -39.03 12.10 -33.30
N SER B 250 -39.98 11.40 -33.86
CA SER B 250 -39.89 11.02 -35.24
C SER B 250 -40.31 12.12 -36.22
N ARG B 251 -41.05 13.14 -35.77
CA ARG B 251 -41.65 14.04 -36.74
C ARG B 251 -40.76 15.05 -37.40
N TYR B 252 -39.57 15.28 -36.90
CA TYR B 252 -38.77 16.30 -37.53
C TYR B 252 -37.77 15.72 -38.52
N VAL B 253 -37.59 14.38 -38.49
CA VAL B 253 -36.62 13.74 -39.36
C VAL B 253 -37.21 12.60 -40.18
N ASP B 254 -38.00 11.72 -39.54
CA ASP B 254 -38.49 10.52 -40.19
C ASP B 254 -39.99 10.47 -39.92
N LEU B 255 -40.73 11.40 -40.53
CA LEU B 255 -42.15 11.55 -40.22
C LEU B 255 -42.96 10.36 -40.60
N TYR B 256 -42.68 9.80 -41.74
CA TYR B 256 -43.51 8.71 -42.17
C TYR B 256 -42.95 7.41 -41.70
N GLY B 257 -41.65 7.37 -41.51
CA GLY B 257 -40.96 6.16 -41.10
C GLY B 257 -41.07 5.78 -39.62
N GLY B 258 -41.06 6.76 -38.72
CA GLY B 258 -41.13 6.47 -37.30
C GLY B 258 -39.82 6.43 -36.48
N ASN B 259 -38.62 6.52 -37.10
CA ASN B 259 -37.42 6.48 -36.27
C ASN B 259 -37.32 7.79 -35.48
N MET B 260 -36.90 7.69 -34.22
CA MET B 260 -36.79 8.90 -33.41
C MET B 260 -35.43 9.49 -33.34
N PHE B 261 -35.42 10.80 -33.48
CA PHE B 261 -34.21 11.59 -33.44
C PHE B 261 -34.31 12.62 -32.37
N GLN B 262 -33.21 13.01 -31.80
CA GLN B 262 -33.30 14.01 -30.77
C GLN B 262 -33.66 15.37 -31.30
N PHE B 263 -34.59 16.05 -30.65
CA PHE B 263 -34.93 17.40 -31.08
C PHE B 263 -34.61 18.43 -30.02
N ALA B 264 -34.44 17.98 -28.79
CA ALA B 264 -34.15 18.92 -27.72
C ALA B 264 -33.44 18.30 -26.56
N THR B 265 -32.67 19.10 -25.85
CA THR B 265 -32.08 18.72 -24.58
C THR B 265 -32.51 19.76 -23.56
N LEU B 266 -33.03 19.32 -22.42
CA LEU B 266 -33.48 20.24 -21.41
C LEU B 266 -32.48 20.25 -20.28
N PRO B 267 -32.19 21.38 -19.65
CA PRO B 267 -31.29 21.52 -18.53
C PRO B 267 -31.88 21.07 -17.21
N VAL B 268 -32.21 19.81 -17.17
CA VAL B 268 -32.77 19.14 -16.02
C VAL B 268 -31.72 18.18 -15.53
N TYR B 269 -31.11 18.47 -14.39
CA TYR B 269 -29.99 17.65 -13.98
C TYR B 269 -30.25 16.79 -12.78
N ASP B 270 -31.32 17.05 -12.06
CA ASP B 270 -31.58 16.16 -10.96
C ASP B 270 -32.10 14.91 -11.65
N THR B 271 -31.98 13.77 -11.01
CA THR B 271 -32.44 12.54 -11.66
C THR B 271 -33.94 12.39 -11.64
N ILE B 272 -34.51 12.11 -12.80
CA ILE B 272 -35.92 11.86 -12.82
C ILE B 272 -36.12 10.46 -12.36
N LYS B 273 -36.95 10.29 -11.37
CA LYS B 273 -37.19 8.98 -10.84
C LYS B 273 -38.60 8.58 -11.10
N TYR B 274 -39.50 9.55 -11.17
CA TYR B 274 -40.92 9.28 -11.29
C TYR B 274 -41.58 10.04 -12.38
N TYR B 275 -42.62 9.47 -12.93
CA TYR B 275 -43.42 10.23 -13.88
C TYR B 275 -44.86 9.83 -13.82
N SER B 276 -45.69 10.69 -14.33
CA SER B 276 -47.10 10.40 -14.42
C SER B 276 -47.69 11.05 -15.62
N ILE B 277 -48.84 10.58 -16.03
CA ILE B 277 -49.55 11.17 -17.14
C ILE B 277 -50.50 12.21 -16.61
N ILE B 278 -50.44 13.40 -17.16
CA ILE B 278 -51.35 14.41 -16.70
C ILE B 278 -52.62 14.14 -17.46
N PRO B 279 -53.75 13.84 -16.83
CA PRO B 279 -54.96 13.55 -17.52
C PRO B 279 -55.41 14.81 -18.20
N HIS B 280 -56.01 14.67 -19.35
CA HIS B 280 -56.50 15.79 -20.12
C HIS B 280 -57.91 15.50 -20.50
N SER B 281 -58.77 16.50 -20.42
CA SER B 281 -60.16 16.31 -20.78
C SER B 281 -60.59 17.46 -21.64
N ILE B 282 -61.27 17.15 -22.72
CA ILE B 282 -61.63 18.18 -23.68
C ILE B 282 -63.02 18.69 -23.41
N ARG B 283 -63.18 19.99 -23.23
CA ARG B 283 -64.49 20.50 -22.86
C ARG B 283 -65.31 20.80 -24.10
N SER B 284 -65.66 19.74 -24.77
CA SER B 284 -66.46 19.77 -25.97
C SER B 284 -67.91 19.86 -25.58
N ILE B 285 -68.71 20.37 -26.48
CA ILE B 285 -70.15 20.33 -26.26
C ILE B 285 -70.62 18.89 -26.48
N GLN B 286 -71.79 18.56 -25.98
CA GLN B 286 -72.30 17.20 -26.06
C GLN B 286 -72.46 16.73 -27.50
N SER B 287 -72.78 17.67 -28.36
CA SER B 287 -73.05 17.42 -29.77
C SER B 287 -71.80 17.37 -30.64
N ASP B 288 -70.62 17.60 -30.05
CA ASP B 288 -69.39 17.63 -30.82
C ASP B 288 -68.26 16.85 -30.11
N ARG B 289 -68.58 15.71 -29.56
CA ARG B 289 -67.54 14.90 -28.94
C ARG B 289 -66.75 14.13 -29.97
N LYS B 290 -65.44 14.09 -29.78
CA LYS B 290 -64.57 13.38 -30.69
C LYS B 290 -63.97 12.19 -29.99
N ALA B 291 -63.53 11.23 -30.78
CA ALA B 291 -62.81 10.11 -30.20
C ALA B 291 -61.34 10.49 -30.25
N TRP B 292 -60.63 10.35 -29.16
CA TRP B 292 -59.22 10.72 -29.19
C TRP B 292 -58.39 9.47 -29.13
N ALA B 293 -57.32 9.44 -29.91
CA ALA B 293 -56.48 8.27 -29.96
C ALA B 293 -55.78 8.01 -28.67
N ALA B 294 -55.66 6.74 -28.31
CA ALA B 294 -54.91 6.36 -27.13
C ALA B 294 -53.43 6.43 -27.43
N PHE B 295 -52.64 6.71 -26.42
CA PHE B 295 -51.21 6.67 -26.60
C PHE B 295 -50.64 5.58 -25.73
N TYR B 296 -49.50 5.09 -26.13
CA TYR B 296 -48.93 3.98 -25.39
C TYR B 296 -47.56 4.26 -24.95
N VAL B 297 -47.28 4.00 -23.70
CA VAL B 297 -45.95 4.28 -23.16
C VAL B 297 -45.19 3.00 -22.96
N TYR B 298 -43.98 2.94 -23.48
CA TYR B 298 -43.19 1.72 -23.35
C TYR B 298 -41.89 2.07 -22.69
N LYS B 299 -41.42 1.22 -21.79
CA LYS B 299 -40.16 1.53 -21.11
C LYS B 299 -38.94 1.10 -21.87
N LEU B 300 -37.88 1.87 -21.72
CA LEU B 300 -36.60 1.56 -22.36
C LEU B 300 -35.61 0.87 -21.45
N GLN B 301 -34.73 0.10 -22.06
CA GLN B 301 -33.66 -0.58 -21.34
C GLN B 301 -32.53 -0.81 -22.29
N PRO B 302 -31.30 -0.98 -21.80
CA PRO B 302 -30.10 -1.23 -22.56
C PRO B 302 -30.07 -2.63 -23.13
N LEU B 303 -30.54 -2.73 -24.34
CA LEU B 303 -30.66 -3.98 -25.07
C LEU B 303 -29.78 -3.97 -26.31
N THR B 304 -29.43 -5.15 -26.80
CA THR B 304 -28.76 -5.19 -28.08
C THR B 304 -29.81 -5.54 -29.14
N PHE B 305 -29.90 -4.69 -30.16
CA PHE B 305 -30.79 -4.92 -31.30
C PHE B 305 -30.01 -5.16 -32.58
N LEU B 306 -30.58 -5.94 -33.47
CA LEU B 306 -30.03 -6.07 -34.80
C LEU B 306 -30.76 -5.01 -35.59
N LEU B 307 -30.05 -4.05 -36.18
CA LEU B 307 -30.74 -2.97 -36.89
C LEU B 307 -30.47 -2.99 -38.37
N ASP B 308 -31.54 -3.00 -39.16
CA ASP B 308 -31.44 -3.00 -40.62
C ASP B 308 -31.57 -1.60 -41.17
N PHE B 309 -30.43 -1.03 -41.61
CA PHE B 309 -30.39 0.34 -42.11
C PHE B 309 -30.57 0.30 -43.61
N SER B 310 -31.55 1.04 -44.11
CA SER B 310 -31.86 1.09 -45.53
C SER B 310 -30.86 1.98 -46.22
N VAL B 311 -30.94 2.09 -47.53
CA VAL B 311 -29.99 2.93 -48.27
C VAL B 311 -30.10 4.37 -47.78
N ASP B 312 -31.31 4.83 -47.48
CA ASP B 312 -31.56 6.18 -47.01
C ASP B 312 -31.30 6.33 -45.52
N GLY B 313 -30.79 5.27 -44.88
CA GLY B 313 -30.41 5.30 -43.51
C GLY B 313 -31.46 5.05 -42.49
N TYR B 314 -32.69 4.81 -42.89
CA TYR B 314 -33.65 4.59 -41.83
C TYR B 314 -33.73 3.18 -41.41
N ILE B 315 -34.08 2.96 -40.16
CA ILE B 315 -34.23 1.63 -39.66
C ILE B 315 -35.66 1.21 -39.90
N ARG B 316 -35.80 0.15 -40.65
CA ARG B 316 -37.15 -0.32 -41.00
C ARG B 316 -37.47 -1.63 -40.39
N ARG B 317 -36.44 -2.35 -40.04
CA ARG B 317 -36.58 -3.67 -39.50
C ARG B 317 -35.53 -3.89 -38.42
N ALA B 318 -35.89 -4.60 -37.36
CA ALA B 318 -34.93 -4.91 -36.32
C ALA B 318 -35.26 -6.20 -35.59
N ILE B 319 -34.25 -6.76 -34.93
CA ILE B 319 -34.40 -7.91 -34.04
C ILE B 319 -34.03 -7.55 -32.60
N ASP B 320 -34.91 -7.90 -31.64
CA ASP B 320 -34.58 -7.76 -30.23
C ASP B 320 -33.80 -9.01 -29.87
N CYS B 321 -32.47 -8.87 -29.67
CA CYS B 321 -31.63 -10.06 -29.58
C CYS B 321 -31.83 -10.86 -28.31
N GLY B 322 -32.60 -10.32 -27.35
CA GLY B 322 -32.83 -11.09 -26.14
C GLY B 322 -34.26 -11.59 -26.04
N PHE B 323 -35.07 -11.40 -27.06
CA PHE B 323 -36.48 -11.80 -27.01
C PHE B 323 -36.70 -13.27 -26.87
N ASN B 324 -36.07 -14.04 -27.74
CA ASN B 324 -36.16 -15.48 -27.72
C ASN B 324 -34.89 -16.05 -28.31
N ASP B 325 -34.83 -17.35 -28.41
CA ASP B 325 -33.68 -18.06 -28.91
C ASP B 325 -33.49 -17.91 -30.41
N LEU B 326 -34.58 -17.76 -31.11
CA LEU B 326 -34.52 -17.57 -32.55
C LEU B 326 -33.92 -16.19 -32.82
N SER B 327 -34.29 -15.21 -32.01
CA SER B 327 -33.77 -13.87 -32.18
C SER B 327 -32.28 -13.85 -31.88
N GLN B 328 -31.86 -14.65 -30.89
CA GLN B 328 -30.44 -14.70 -30.53
C GLN B 328 -29.65 -15.23 -31.69
N LEU B 329 -30.23 -16.20 -32.40
CA LEU B 329 -29.58 -16.77 -33.57
C LEU B 329 -29.36 -15.71 -34.63
N HIS B 330 -30.39 -14.93 -34.92
CA HIS B 330 -30.23 -13.92 -35.97
C HIS B 330 -29.20 -12.91 -35.59
N CYS B 331 -29.17 -12.55 -34.32
CA CYS B 331 -28.19 -11.58 -33.92
C CYS B 331 -26.78 -12.13 -34.00
N SER B 332 -26.57 -13.41 -33.66
CA SER B 332 -25.20 -13.94 -33.67
C SER B 332 -24.60 -13.99 -35.05
N TYR B 333 -25.46 -14.06 -36.07
CA TYR B 333 -24.97 -14.06 -37.44
C TYR B 333 -25.09 -12.71 -38.08
N GLU B 334 -25.58 -11.74 -37.30
CA GLU B 334 -25.86 -10.39 -37.73
C GLU B 334 -26.65 -10.37 -39.02
N SER B 335 -27.70 -11.16 -39.06
CA SER B 335 -28.50 -11.25 -40.25
C SER B 335 -29.92 -11.61 -39.99
N PHE B 336 -30.82 -11.18 -40.86
CA PHE B 336 -32.23 -11.51 -40.73
C PHE B 336 -32.56 -12.83 -41.38
N ASP B 337 -31.59 -13.38 -42.09
CA ASP B 337 -31.74 -14.63 -42.78
C ASP B 337 -30.53 -15.50 -42.51
N VAL B 338 -30.77 -16.60 -41.84
CA VAL B 338 -29.71 -17.51 -41.51
C VAL B 338 -30.13 -18.82 -42.14
N GLU B 339 -29.19 -19.71 -42.34
CA GLU B 339 -29.47 -20.99 -42.94
C GLU B 339 -30.17 -21.93 -41.99
N SER B 340 -30.85 -22.93 -42.54
CA SER B 340 -31.51 -23.93 -41.73
C SER B 340 -30.51 -24.76 -40.98
N GLY B 341 -30.86 -25.18 -39.78
CA GLY B 341 -29.96 -26.03 -39.01
C GLY B 341 -30.33 -26.04 -37.57
N VAL B 342 -29.54 -26.73 -36.79
CA VAL B 342 -29.76 -26.78 -35.37
C VAL B 342 -28.57 -26.06 -34.76
N TYR B 343 -28.86 -25.01 -33.97
CA TYR B 343 -27.81 -24.18 -33.42
C TYR B 343 -27.86 -24.03 -31.93
N SER B 344 -26.72 -23.97 -31.31
CA SER B 344 -26.73 -23.71 -29.87
C SER B 344 -26.77 -22.22 -29.65
N VAL B 345 -27.57 -21.82 -28.68
CA VAL B 345 -27.73 -20.42 -28.32
C VAL B 345 -27.54 -20.28 -26.82
N SER B 346 -27.55 -19.06 -26.33
CA SER B 346 -27.37 -18.89 -24.91
C SER B 346 -28.40 -19.67 -24.12
N SER B 347 -27.93 -20.24 -23.01
CA SER B 347 -28.76 -21.06 -22.13
C SER B 347 -29.82 -20.24 -21.47
N PHE B 348 -30.86 -20.90 -21.03
CA PHE B 348 -31.91 -20.20 -20.34
C PHE B 348 -31.47 -20.16 -18.89
N GLU B 349 -31.17 -18.96 -18.41
CA GLU B 349 -30.59 -18.82 -17.09
C GLU B 349 -31.54 -19.06 -15.96
N ALA B 350 -31.05 -19.72 -14.93
CA ALA B 350 -31.80 -19.83 -13.71
C ALA B 350 -31.59 -18.50 -13.02
N LYS B 351 -32.60 -17.95 -12.37
CA LYS B 351 -32.39 -16.69 -11.71
C LYS B 351 -32.67 -16.88 -10.23
N PRO B 352 -32.03 -16.10 -9.33
CA PRO B 352 -32.30 -16.14 -7.93
C PRO B 352 -33.74 -15.83 -7.62
N SER B 353 -34.25 -16.56 -6.65
CA SER B 353 -35.60 -16.48 -6.13
C SER B 353 -35.58 -15.86 -4.73
N GLY B 354 -34.41 -15.48 -4.30
CA GLY B 354 -34.18 -14.96 -2.96
C GLY B 354 -32.70 -14.93 -2.64
N SER B 355 -32.39 -14.80 -1.36
CA SER B 355 -31.01 -14.75 -0.89
C SER B 355 -30.87 -15.34 0.49
N VAL B 356 -29.68 -15.84 0.80
CA VAL B 356 -29.37 -16.32 2.15
C VAL B 356 -28.15 -15.60 2.67
N VAL B 357 -28.20 -15.19 3.93
CA VAL B 357 -27.05 -14.51 4.49
C VAL B 357 -26.69 -15.03 5.88
N GLU B 358 -25.40 -15.29 6.07
CA GLU B 358 -24.92 -15.63 7.41
C GLU B 358 -23.70 -14.75 7.67
N GLU B 364 -35.89 -20.81 18.79
CA GLU B 364 -37.10 -20.27 19.44
C GLU B 364 -36.86 -19.45 20.74
N CYS B 365 -37.57 -18.31 20.84
CA CYS B 365 -37.26 -17.20 21.75
C CYS B 365 -37.24 -17.49 23.24
N ASP B 366 -36.07 -17.26 23.83
CA ASP B 366 -35.73 -17.76 25.16
C ASP B 366 -36.70 -17.41 26.28
N PHE B 367 -37.09 -16.13 26.34
CA PHE B 367 -37.69 -15.54 27.54
C PHE B 367 -38.47 -16.47 28.47
N SER B 368 -37.93 -16.64 29.69
CA SER B 368 -36.87 -15.77 30.17
C SER B 368 -36.00 -16.25 31.33
N PRO B 369 -34.86 -15.56 31.51
CA PRO B 369 -34.15 -15.26 32.76
C PRO B 369 -34.98 -14.36 33.69
N LEU B 370 -36.27 -14.21 33.42
CA LEU B 370 -37.12 -13.35 34.22
C LEU B 370 -37.95 -14.20 35.17
N LEU B 371 -37.90 -15.50 34.94
CA LEU B 371 -38.48 -16.45 35.89
C LEU B 371 -37.47 -16.79 36.99
N SER B 372 -36.34 -16.07 37.03
CA SER B 372 -35.29 -16.39 37.99
C SER B 372 -35.27 -15.50 39.25
N GLY B 373 -34.30 -14.58 39.33
CA GLY B 373 -33.99 -13.89 40.57
C GLY B 373 -35.02 -12.90 41.06
N THR B 374 -34.52 -11.72 41.43
CA THR B 374 -35.38 -10.63 41.84
C THR B 374 -35.46 -9.55 40.75
N PRO B 375 -36.64 -9.45 40.08
CA PRO B 375 -36.88 -8.42 39.06
C PRO B 375 -36.56 -7.07 39.66
N PRO B 376 -35.68 -6.29 38.99
CA PRO B 376 -35.15 -5.03 39.55
C PRO B 376 -36.22 -3.95 39.72
N GLN B 377 -35.82 -2.82 40.29
CA GLN B 377 -36.71 -1.68 40.42
C GLN B 377 -36.87 -0.99 39.06
N VAL B 378 -37.92 -0.20 38.91
CA VAL B 378 -38.30 0.33 37.61
C VAL B 378 -37.22 1.17 36.91
N TYR B 379 -36.33 1.79 37.68
CA TYR B 379 -35.27 2.63 37.14
C TYR B 379 -34.03 1.83 36.79
N ASN B 380 -34.03 0.55 37.17
CA ASN B 380 -32.96 -0.39 36.81
C ASN B 380 -33.53 -1.51 35.94
N PHE B 381 -34.49 -1.18 35.09
CA PHE B 381 -35.18 -2.18 34.29
C PHE B 381 -34.20 -3.04 33.49
N LYS B 382 -34.31 -4.35 33.65
CA LYS B 382 -33.54 -5.27 32.83
C LYS B 382 -34.16 -5.37 31.44
N ARG B 383 -33.29 -5.34 30.43
CA ARG B 383 -33.67 -5.34 29.02
C ARG B 383 -33.42 -6.70 28.37
N LEU B 384 -34.37 -7.16 27.56
CA LEU B 384 -34.23 -8.39 26.79
C LEU B 384 -34.43 -8.14 25.30
N VAL B 385 -33.48 -8.62 24.49
CA VAL B 385 -33.49 -8.37 23.05
C VAL B 385 -33.65 -9.66 22.22
N PHE B 386 -34.69 -9.73 21.40
CA PHE B 386 -34.91 -10.92 20.58
C PHE B 386 -34.88 -10.62 19.07
N THR B 387 -33.90 -11.20 18.38
CA THR B 387 -33.63 -10.86 16.98
C THR B 387 -34.14 -11.88 15.96
N ASN B 388 -33.65 -13.12 16.06
CA ASN B 388 -34.09 -14.18 15.14
C ASN B 388 -34.49 -15.46 15.86
N CYS B 389 -35.79 -15.57 16.12
CA CYS B 389 -36.37 -16.70 16.84
C CYS B 389 -37.90 -16.58 16.76
N ASN B 390 -38.63 -17.41 17.52
CA ASN B 390 -40.07 -17.20 17.65
C ASN B 390 -40.68 -17.51 19.03
N TYR B 391 -41.88 -16.98 19.29
CA TYR B 391 -42.34 -16.76 20.66
C TYR B 391 -43.79 -17.21 20.87
N ASN B 392 -44.13 -17.58 22.09
CA ASN B 392 -45.52 -17.90 22.43
C ASN B 392 -46.05 -16.91 23.48
N LEU B 393 -47.28 -17.12 23.95
CA LEU B 393 -47.81 -16.40 25.11
C LEU B 393 -48.24 -17.42 26.14
N THR B 394 -48.48 -18.65 25.67
CA THR B 394 -48.43 -19.81 26.54
C THR B 394 -47.04 -19.79 27.18
N LYS B 395 -46.03 -19.41 26.39
CA LYS B 395 -44.62 -19.44 26.81
C LYS B 395 -44.26 -18.51 27.98
N LEU B 396 -45.03 -17.43 28.17
CA LEU B 396 -44.71 -16.45 29.22
C LEU B 396 -45.78 -15.40 29.45
N LEU B 397 -47.02 -15.81 29.69
CA LEU B 397 -48.06 -14.83 29.97
C LEU B 397 -49.26 -15.45 30.66
N SER B 398 -49.46 -16.73 30.44
CA SER B 398 -50.44 -17.48 31.21
C SER B 398 -49.79 -17.83 32.54
N LEU B 399 -48.45 -17.80 32.55
CA LEU B 399 -47.68 -17.98 33.78
C LEU B 399 -47.95 -16.90 34.83
N PHE B 400 -48.48 -15.76 34.41
CA PHE B 400 -48.78 -14.68 35.34
C PHE B 400 -50.27 -14.42 35.40
N SER B 401 -50.68 -13.67 36.40
CA SER B 401 -52.03 -13.15 36.45
C SER B 401 -51.96 -11.76 35.82
N VAL B 402 -52.30 -11.66 34.55
CA VAL B 402 -52.28 -10.36 33.89
C VAL B 402 -53.39 -9.46 34.41
N ASN B 403 -53.02 -8.27 34.87
CA ASN B 403 -53.97 -7.36 35.49
C ASN B 403 -54.39 -6.23 34.54
N ASP B 404 -53.43 -5.70 33.80
CA ASP B 404 -53.73 -4.68 32.78
C ASP B 404 -52.80 -4.82 31.56
N PHE B 405 -53.27 -4.41 30.38
CA PHE B 405 -52.58 -4.65 29.11
C PHE B 405 -52.87 -3.53 28.10
N THR B 406 -51.99 -2.54 28.03
CA THR B 406 -52.22 -1.38 27.19
C THR B 406 -51.16 -1.24 26.08
N CYS B 407 -51.61 -0.83 24.88
CA CYS B 407 -50.70 -0.59 23.77
C CYS B 407 -50.79 0.82 23.17
N SER B 408 -49.91 1.10 22.21
CA SER B 408 -49.92 2.34 21.43
C SER B 408 -49.51 2.04 19.99
N GLN B 409 -50.31 2.50 19.03
CA GLN B 409 -50.08 2.20 17.62
C GLN B 409 -50.04 0.69 17.37
N ILE B 410 -50.63 -0.06 18.30
CA ILE B 410 -50.82 -1.50 18.17
C ILE B 410 -51.92 -1.93 19.16
N SER B 411 -52.43 -3.14 19.02
CA SER B 411 -53.39 -3.67 19.99
C SER B 411 -52.75 -4.91 20.60
N PRO B 412 -53.22 -5.34 21.79
CA PRO B 412 -52.55 -6.52 22.37
C PRO B 412 -52.68 -7.75 21.47
N ALA B 413 -53.85 -7.90 20.83
CA ALA B 413 -54.10 -9.01 19.91
C ALA B 413 -53.04 -9.07 18.83
N ALA B 414 -52.81 -7.93 18.18
CA ALA B 414 -51.76 -7.77 17.19
C ALA B 414 -50.37 -8.07 17.77
N ILE B 415 -50.06 -7.48 18.93
CA ILE B 415 -48.76 -7.65 19.56
C ILE B 415 -48.46 -9.13 19.77
N ALA B 416 -49.51 -9.93 19.92
CA ALA B 416 -49.37 -11.39 20.01
C ALA B 416 -49.19 -12.07 18.65
N SER B 417 -49.98 -11.63 17.66
CA SER B 417 -49.95 -12.21 16.30
C SER B 417 -48.66 -11.95 15.50
N ASN B 418 -48.41 -10.67 15.21
CA ASN B 418 -47.52 -10.23 14.11
C ASN B 418 -46.07 -10.70 14.06
N CYS B 419 -45.38 -10.31 12.98
CA CYS B 419 -43.98 -10.65 12.73
C CYS B 419 -43.09 -9.42 12.82
N TYR B 420 -41.98 -9.50 13.53
CA TYR B 420 -41.17 -8.32 13.76
C TYR B 420 -39.72 -8.54 13.39
N SER B 421 -39.05 -7.47 12.96
CA SER B 421 -37.61 -7.50 12.74
C SER B 421 -36.89 -7.58 14.09
N SER B 422 -37.49 -6.95 15.09
CA SER B 422 -36.85 -6.81 16.37
C SER B 422 -37.89 -6.85 17.48
N LEU B 423 -37.53 -7.45 18.62
CA LEU B 423 -38.45 -7.42 19.76
C LEU B 423 -37.79 -7.10 21.10
N ILE B 424 -38.35 -6.11 21.80
CA ILE B 424 -37.80 -5.64 23.07
C ILE B 424 -38.72 -5.86 24.27
N LEU B 425 -38.17 -6.51 25.30
CA LEU B 425 -38.92 -6.81 26.52
C LEU B 425 -38.24 -6.30 27.79
N ASP B 426 -38.75 -5.21 28.35
CA ASP B 426 -38.24 -4.66 29.58
C ASP B 426 -39.11 -5.17 30.73
N TYR B 427 -38.48 -5.55 31.85
CA TYR B 427 -39.29 -5.99 33.01
C TYR B 427 -38.74 -5.42 34.32
N PHE B 428 -39.64 -5.22 35.28
CA PHE B 428 -39.27 -4.68 36.57
C PHE B 428 -40.34 -4.98 37.60
N SER B 429 -40.04 -4.72 38.87
CA SER B 429 -41.06 -4.80 39.92
C SER B 429 -41.85 -3.50 39.90
N TYR B 430 -43.16 -3.59 40.10
CA TYR B 430 -44.00 -2.42 40.00
C TYR B 430 -45.40 -2.69 40.55
N PRO B 431 -45.87 -1.81 41.44
CA PRO B 431 -47.17 -1.94 42.11
C PRO B 431 -48.36 -1.52 41.27
N LEU B 432 -49.39 -2.36 41.22
CA LEU B 432 -50.67 -2.01 40.61
C LEU B 432 -51.21 -0.69 41.14
N SER B 433 -50.84 -0.37 42.38
CA SER B 433 -51.31 0.85 43.03
C SER B 433 -50.88 2.08 42.25
N MET B 434 -49.76 1.99 41.54
CA MET B 434 -49.29 3.09 40.71
C MET B 434 -49.57 2.90 39.20
N LYS B 435 -50.66 2.18 38.88
CA LYS B 435 -51.06 1.98 37.49
C LYS B 435 -51.12 3.30 36.75
N SER B 436 -51.79 4.27 37.36
CA SER B 436 -51.98 5.54 36.73
C SER B 436 -50.66 6.15 36.22
N ASP B 437 -49.57 5.86 36.92
CA ASP B 437 -48.30 6.54 36.62
C ASP B 437 -47.44 5.81 35.60
N LEU B 438 -47.95 4.73 35.03
CA LEU B 438 -47.20 4.02 34.02
C LEU B 438 -47.99 3.97 32.73
N SER B 439 -48.02 5.10 32.02
CA SER B 439 -48.78 5.14 30.79
C SER B 439 -48.14 6.11 29.81
N VAL B 440 -48.25 5.80 28.52
CA VAL B 440 -47.66 6.61 27.48
C VAL B 440 -48.06 8.08 27.67
N SER B 441 -49.31 8.28 28.07
CA SER B 441 -49.86 9.61 28.30
C SER B 441 -49.45 10.23 29.65
N SER B 442 -48.97 9.39 30.57
CA SER B 442 -48.57 9.86 31.89
C SER B 442 -47.44 10.89 31.82
N ALA B 443 -47.40 11.77 32.82
CA ALA B 443 -46.36 12.79 32.92
C ALA B 443 -45.96 12.96 34.38
N GLY B 444 -45.86 11.84 35.08
CA GLY B 444 -45.36 11.84 36.44
C GLY B 444 -43.94 11.34 36.46
N PRO B 445 -43.44 11.01 37.66
CA PRO B 445 -42.02 10.69 37.86
C PRO B 445 -41.57 9.43 37.12
N ILE B 446 -42.51 8.58 36.71
CA ILE B 446 -42.09 7.34 36.06
C ILE B 446 -41.53 7.58 34.65
N SER B 447 -42.30 8.28 33.81
CA SER B 447 -41.84 8.66 32.47
C SER B 447 -40.86 9.82 32.52
N GLN B 448 -40.94 10.63 33.58
CA GLN B 448 -39.97 11.69 33.76
C GLN B 448 -38.58 11.16 34.05
N PHE B 449 -38.44 10.35 35.09
CA PHE B 449 -37.14 10.01 35.66
C PHE B 449 -36.81 8.53 35.70
N ASN B 450 -37.72 7.64 35.28
CA ASN B 450 -37.53 6.21 35.53
C ASN B 450 -37.42 5.30 34.31
N TYR B 451 -38.46 5.32 33.48
CA TYR B 451 -38.56 4.47 32.31
C TYR B 451 -39.46 5.16 31.29
N LYS B 452 -38.89 5.51 30.15
CA LYS B 452 -39.63 6.08 29.04
C LYS B 452 -39.43 5.18 27.83
N GLN B 453 -40.51 4.71 27.22
CA GLN B 453 -40.35 3.93 26.00
C GLN B 453 -40.48 4.74 24.71
N SER B 454 -40.23 4.09 23.59
CA SER B 454 -40.23 4.78 22.30
C SER B 454 -41.63 5.32 21.96
N PHE B 455 -41.66 6.49 21.35
CA PHE B 455 -42.90 7.06 20.85
C PHE B 455 -42.92 6.87 19.34
N SER B 456 -41.82 6.38 18.80
CA SER B 456 -41.72 6.18 17.37
C SER B 456 -41.93 4.74 16.93
N ASN B 457 -42.10 3.81 17.87
CA ASN B 457 -42.41 2.41 17.54
C ASN B 457 -43.68 1.93 18.23
N PRO B 458 -44.35 0.91 17.68
CA PRO B 458 -45.54 0.40 18.36
C PRO B 458 -45.11 -0.10 19.74
N THR B 459 -45.98 0.06 20.73
CA THR B 459 -45.51 -0.09 22.09
C THR B 459 -46.52 -0.72 23.05
N CYS B 460 -46.01 -1.42 24.06
CA CYS B 460 -46.86 -2.11 25.04
C CYS B 460 -46.43 -1.96 26.50
N LEU B 461 -47.41 -2.16 27.37
CA LEU B 461 -47.27 -1.91 28.79
C LEU B 461 -48.22 -2.84 29.53
N ILE B 462 -47.65 -3.89 30.11
CA ILE B 462 -48.41 -4.92 30.80
C ILE B 462 -48.14 -4.89 32.29
N LEU B 463 -49.21 -4.84 33.09
CA LEU B 463 -49.12 -4.97 34.53
C LEU B 463 -49.67 -6.33 34.95
N ALA B 464 -48.87 -7.12 35.66
CA ALA B 464 -49.29 -8.45 36.10
C ALA B 464 -48.78 -8.78 37.50
N THR B 465 -49.31 -9.86 38.07
CA THR B 465 -48.92 -10.31 39.41
C THR B 465 -48.41 -11.75 39.36
N VAL B 466 -47.35 -12.07 40.11
CA VAL B 466 -46.86 -13.44 40.13
C VAL B 466 -47.57 -14.30 41.22
N PRO B 467 -48.56 -15.12 40.79
CA PRO B 467 -49.36 -15.90 41.75
C PRO B 467 -48.56 -17.10 42.27
N HIS B 468 -49.03 -17.72 43.35
CA HIS B 468 -48.27 -18.73 44.09
C HIS B 468 -47.76 -19.87 43.19
N ASN B 469 -48.57 -20.21 42.16
CA ASN B 469 -48.23 -21.18 41.11
C ASN B 469 -46.73 -21.23 40.81
N LEU B 470 -46.22 -20.19 40.15
CA LEU B 470 -44.77 -20.05 39.95
C LEU B 470 -44.18 -19.45 41.19
N THR B 471 -43.00 -19.94 41.55
CA THR B 471 -42.43 -19.68 42.85
C THR B 471 -41.00 -19.24 42.67
N THR B 472 -40.56 -19.26 41.42
CA THR B 472 -39.15 -19.15 41.14
C THR B 472 -38.67 -17.67 41.12
N ILE B 473 -39.59 -16.76 40.77
CA ILE B 473 -39.38 -15.29 40.92
C ILE B 473 -39.52 -14.86 42.39
N THR B 474 -38.62 -13.99 42.85
CA THR B 474 -38.58 -13.63 44.26
C THR B 474 -38.79 -12.13 44.52
N LYS B 475 -39.50 -11.79 45.60
CA LYS B 475 -39.79 -10.40 45.95
C LYS B 475 -38.56 -9.64 46.44
N PRO B 476 -38.49 -8.33 46.17
CA PRO B 476 -37.55 -7.44 46.86
C PRO B 476 -38.21 -6.84 48.09
N LEU B 477 -37.42 -6.17 48.93
CA LEU B 477 -37.92 -5.54 50.17
C LEU B 477 -39.16 -4.67 49.96
N LYS B 478 -39.08 -3.79 48.96
CA LYS B 478 -40.17 -2.87 48.65
C LYS B 478 -40.00 -2.33 47.24
N TYR B 479 -41.10 -1.82 46.68
CA TYR B 479 -41.06 -1.15 45.38
C TYR B 479 -40.38 0.20 45.53
N SER B 480 -39.36 0.48 44.71
CA SER B 480 -38.72 1.80 44.73
C SER B 480 -39.00 2.48 43.42
N TYR B 481 -38.92 3.80 43.42
CA TYR B 481 -38.83 4.58 42.19
C TYR B 481 -38.20 5.93 42.50
N ILE B 482 -37.64 6.57 41.49
CA ILE B 482 -37.04 7.89 41.62
C ILE B 482 -38.14 8.95 41.55
N ASN B 483 -38.15 9.92 42.46
CA ASN B 483 -39.18 10.97 42.43
C ASN B 483 -38.67 12.38 42.14
N LYS B 484 -37.36 12.56 42.22
CA LYS B 484 -36.71 13.78 41.76
C LYS B 484 -35.34 13.42 41.23
N CYS B 485 -34.99 13.99 40.09
CA CYS B 485 -33.65 13.86 39.53
C CYS B 485 -33.28 15.20 38.88
N SER B 486 -32.40 15.93 39.52
CA SER B 486 -32.12 17.28 39.09
C SER B 486 -30.64 17.62 39.11
N ARG B 487 -30.29 18.69 38.40
CA ARG B 487 -28.98 19.27 38.53
C ARG B 487 -29.16 20.57 39.27
N LEU B 488 -28.19 20.93 40.10
CA LEU B 488 -28.08 22.29 40.55
C LEU B 488 -26.85 22.82 39.85
N LEU B 489 -27.01 23.87 39.06
CA LEU B 489 -25.89 24.42 38.30
C LEU B 489 -24.96 25.17 39.25
N SER B 490 -23.81 25.58 38.74
CA SER B 490 -22.76 26.16 39.57
C SER B 490 -23.12 27.48 40.23
N ASP B 491 -24.16 28.15 39.73
CA ASP B 491 -24.62 29.39 40.35
C ASP B 491 -25.26 29.15 41.72
N ASP B 492 -25.33 27.88 42.13
CA ASP B 492 -26.01 27.45 43.35
C ASP B 492 -27.44 27.97 43.51
N ARG B 493 -28.07 28.34 42.40
CA ARG B 493 -29.44 28.84 42.40
C ARG B 493 -30.35 27.95 41.55
N THR B 494 -29.94 27.71 40.31
CA THR B 494 -30.82 27.12 39.29
C THR B 494 -30.94 25.60 39.35
N GLU B 495 -32.17 25.13 39.39
CA GLU B 495 -32.42 23.71 39.34
C GLU B 495 -32.84 23.34 37.95
N VAL B 496 -32.26 22.30 37.39
CA VAL B 496 -32.68 21.81 36.09
C VAL B 496 -32.96 20.30 36.15
N PRO B 497 -34.25 19.91 36.15
CA PRO B 497 -34.62 18.49 36.14
C PRO B 497 -33.90 17.73 35.03
N GLN B 498 -33.56 16.47 35.26
CA GLN B 498 -32.95 15.65 34.22
C GLN B 498 -33.91 14.58 33.76
N LEU B 499 -34.49 14.75 32.58
CA LEU B 499 -35.43 13.76 32.10
C LEU B 499 -34.73 12.55 31.45
N VAL B 500 -35.24 11.35 31.71
CA VAL B 500 -34.69 10.15 31.10
C VAL B 500 -35.21 10.08 29.68
N ASN B 501 -34.33 9.66 28.76
CA ASN B 501 -34.74 9.48 27.37
C ASN B 501 -35.27 8.09 27.13
N ALA B 502 -36.05 7.94 26.06
CA ALA B 502 -36.51 6.61 25.65
C ALA B 502 -35.32 5.67 25.57
N ASN B 503 -35.55 4.41 25.94
CA ASN B 503 -34.51 3.39 25.91
C ASN B 503 -33.25 3.65 26.74
N GLN B 504 -33.32 4.54 27.74
CA GLN B 504 -32.14 4.80 28.56
C GLN B 504 -32.39 4.77 30.04
N TYR B 505 -31.33 4.91 30.83
CA TYR B 505 -31.43 4.95 32.29
C TYR B 505 -31.35 6.37 32.79
N SER B 506 -31.98 6.66 33.93
CA SER B 506 -31.88 7.99 34.49
C SER B 506 -30.44 8.29 34.87
N PRO B 507 -29.97 9.51 34.60
CA PRO B 507 -28.62 9.93 34.97
C PRO B 507 -28.38 9.77 36.46
N CYS B 508 -29.43 9.56 37.23
CA CYS B 508 -29.31 9.45 38.68
C CYS B 508 -29.10 8.02 39.17
N VAL B 509 -29.07 7.08 38.23
CA VAL B 509 -28.83 5.67 38.55
C VAL B 509 -27.50 5.53 39.30
N SER B 510 -26.52 6.33 38.88
CA SER B 510 -25.20 6.35 39.50
C SER B 510 -25.23 6.68 40.99
N ILE B 511 -26.34 7.23 41.50
CA ILE B 511 -26.37 7.69 42.88
C ILE B 511 -27.58 7.19 43.69
N VAL B 512 -28.52 6.53 43.03
CA VAL B 512 -29.66 5.94 43.72
C VAL B 512 -29.40 4.44 43.95
N PRO B 513 -29.53 3.98 45.20
CA PRO B 513 -29.36 2.55 45.52
C PRO B 513 -30.35 1.65 44.78
N SER B 514 -30.01 0.37 44.65
CA SER B 514 -30.83 -0.59 43.90
C SER B 514 -32.21 -0.70 44.53
N THR B 515 -32.26 -0.56 45.86
CA THR B 515 -33.51 -0.44 46.59
C THR B 515 -33.42 0.68 47.62
N VAL B 516 -34.37 1.61 47.57
CA VAL B 516 -34.37 2.78 48.44
C VAL B 516 -34.68 2.39 49.88
N TRP B 517 -33.91 2.93 50.82
CA TRP B 517 -33.99 2.52 52.20
C TRP B 517 -35.30 2.96 52.81
N GLU B 518 -35.55 4.27 52.80
CA GLU B 518 -36.79 4.78 53.40
C GLU B 518 -37.49 5.75 52.45
N ASP B 519 -38.80 5.91 52.61
CA ASP B 519 -39.64 6.58 51.62
C ASP B 519 -39.23 7.98 51.16
N GLY B 520 -38.40 8.69 51.91
CA GLY B 520 -38.10 10.03 51.44
C GLY B 520 -36.66 10.36 51.11
N ASP B 521 -35.81 9.35 51.09
CA ASP B 521 -34.36 9.52 51.09
C ASP B 521 -33.90 10.40 49.93
N TYR B 522 -32.79 11.11 50.11
CA TYR B 522 -32.24 11.91 49.03
C TYR B 522 -30.72 11.74 48.87
N TYR B 523 -30.24 11.98 47.66
CA TYR B 523 -28.88 11.64 47.29
C TYR B 523 -28.20 12.82 46.59
N ARG B 524 -26.90 12.98 46.81
CA ARG B 524 -26.16 14.07 46.21
C ARG B 524 -24.76 13.60 45.80
N LYS B 525 -24.33 14.04 44.63
CA LYS B 525 -22.97 13.76 44.15
C LYS B 525 -22.47 15.07 43.59
N GLN B 526 -21.37 15.60 44.14
CA GLN B 526 -20.82 16.83 43.59
C GLN B 526 -20.17 16.59 42.22
N LEU B 527 -20.31 17.54 41.30
CA LEU B 527 -19.76 17.36 39.96
C LEU B 527 -18.43 18.07 39.76
N SER B 528 -17.51 17.42 39.05
CA SER B 528 -16.24 18.05 38.67
C SER B 528 -16.51 19.14 37.62
N PRO B 529 -15.66 20.18 37.59
CA PRO B 529 -15.83 21.34 36.69
C PRO B 529 -16.03 20.91 35.23
N LEU B 530 -15.37 19.83 34.83
CA LEU B 530 -15.57 19.28 33.50
C LEU B 530 -16.97 18.68 33.38
N GLU B 531 -17.35 17.90 34.39
CA GLU B 531 -18.60 17.13 34.41
C GLU B 531 -19.84 18.02 34.34
N GLY B 532 -19.67 19.34 34.37
CA GLY B 532 -20.79 20.28 34.33
C GLY B 532 -20.70 21.40 35.35
N GLY B 533 -20.07 21.12 36.49
CA GLY B 533 -19.75 22.17 37.45
C GLY B 533 -20.62 22.39 38.69
N GLY B 534 -21.73 21.67 38.82
CA GLY B 534 -22.58 21.88 39.97
C GLY B 534 -22.77 20.64 40.84
N TRP B 535 -24.03 20.34 41.15
CA TRP B 535 -24.38 19.10 41.83
C TRP B 535 -25.41 18.28 41.05
N LEU B 536 -25.36 16.97 41.22
CA LEU B 536 -26.46 16.11 40.82
C LEU B 536 -27.19 15.75 42.09
N VAL B 537 -28.52 15.72 42.02
CA VAL B 537 -29.33 15.49 43.20
C VAL B 537 -30.47 14.55 42.85
N ALA B 538 -30.87 13.69 43.76
CA ALA B 538 -31.98 12.80 43.47
C ALA B 538 -32.75 12.48 44.74
N SER B 539 -33.94 11.95 44.59
CA SER B 539 -34.74 11.58 45.74
C SER B 539 -35.52 10.36 45.33
N GLY B 540 -35.81 9.48 46.29
CA GLY B 540 -36.41 8.20 45.97
C GLY B 540 -37.58 7.89 46.88
N SER B 541 -38.60 7.24 46.32
CA SER B 541 -39.81 6.91 47.06
C SER B 541 -40.10 5.42 47.02
N THR B 542 -40.85 4.94 48.00
CA THR B 542 -41.13 3.52 48.12
C THR B 542 -42.62 3.23 48.21
N VAL B 543 -43.00 2.01 47.85
CA VAL B 543 -44.33 1.51 48.12
C VAL B 543 -44.16 0.17 48.84
N ALA B 544 -44.95 -0.04 49.88
CA ALA B 544 -44.89 -1.27 50.65
C ALA B 544 -45.07 -2.48 49.75
N MET B 545 -44.24 -3.50 49.96
CA MET B 545 -44.32 -4.71 49.17
C MET B 545 -45.68 -5.35 49.37
N THR B 546 -46.24 -5.89 48.30
CA THR B 546 -47.52 -6.58 48.36
C THR B 546 -47.27 -8.05 48.59
N GLU B 547 -48.31 -8.78 48.98
CA GLU B 547 -48.19 -10.22 49.28
C GLU B 547 -47.75 -11.06 48.07
N GLN B 548 -48.37 -10.77 46.93
CA GLN B 548 -48.22 -11.54 45.69
C GLN B 548 -46.93 -11.27 44.91
N LEU B 549 -46.58 -9.99 44.84
CA LEU B 549 -45.55 -9.40 43.95
C LEU B 549 -46.11 -9.04 42.60
N GLN B 550 -46.11 -7.74 42.31
CA GLN B 550 -46.65 -7.21 41.08
C GLN B 550 -45.50 -6.69 40.21
N MET B 551 -45.58 -6.96 38.92
CA MET B 551 -44.51 -6.65 37.98
C MET B 551 -45.00 -5.80 36.81
N GLY B 552 -44.04 -5.25 36.07
CA GLY B 552 -44.33 -4.45 34.90
C GLY B 552 -43.46 -4.90 33.73
N PHE B 553 -44.07 -4.98 32.55
CA PHE B 553 -43.41 -5.39 31.30
C PHE B 553 -43.66 -4.39 30.19
N GLY B 554 -42.60 -3.77 29.66
CA GLY B 554 -42.73 -2.88 28.53
C GLY B 554 -42.24 -3.50 27.24
N ILE B 555 -43.05 -3.44 26.18
CA ILE B 555 -42.65 -4.02 24.90
C ILE B 555 -42.48 -2.98 23.80
N THR B 556 -41.43 -3.14 22.99
CA THR B 556 -41.24 -2.34 21.78
C THR B 556 -40.94 -3.23 20.59
N VAL B 557 -41.81 -3.20 19.60
CA VAL B 557 -41.59 -3.97 18.37
C VAL B 557 -41.16 -3.06 17.22
N GLN B 558 -40.23 -3.56 16.42
CA GLN B 558 -39.74 -2.85 15.25
C GLN B 558 -40.07 -3.66 13.99
N TYR B 559 -40.83 -3.09 13.06
CA TYR B 559 -41.14 -3.80 11.80
C TYR B 559 -40.10 -3.55 10.70
N GLY B 560 -40.43 -3.99 9.48
CA GLY B 560 -39.60 -3.76 8.30
C GLY B 560 -38.19 -4.30 8.45
N THR B 561 -37.28 -3.96 7.52
CA THR B 561 -37.63 -3.30 6.27
C THR B 561 -37.76 -4.36 5.15
N ASP B 562 -37.19 -5.54 5.44
CA ASP B 562 -37.30 -6.77 4.63
C ASP B 562 -36.76 -7.96 5.46
N THR B 563 -36.85 -7.90 6.79
CA THR B 563 -36.18 -8.88 7.67
C THR B 563 -37.00 -9.34 8.89
N ASN B 564 -38.32 -9.31 8.78
CA ASN B 564 -39.23 -9.73 9.87
C ASN B 564 -39.05 -11.17 10.33
N SER B 565 -38.05 -11.43 11.17
CA SER B 565 -37.72 -12.79 11.58
C SER B 565 -38.00 -13.12 13.07
N VAL B 566 -39.15 -12.68 13.56
CA VAL B 566 -39.63 -12.99 14.91
C VAL B 566 -41.14 -13.21 14.81
N CYS B 567 -41.62 -14.44 15.00
CA CYS B 567 -42.99 -14.75 14.56
C CYS B 567 -43.93 -15.52 15.52
N ASP B 575 -36.12 -14.73 6.48
CA ASP B 575 -36.32 -15.27 5.17
C ASP B 575 -34.97 -15.35 4.43
N THR B 576 -33.86 -15.11 5.16
CA THR B 576 -32.53 -15.20 4.57
C THR B 576 -31.78 -16.35 5.15
N LYS B 577 -32.52 -17.25 5.74
CA LYS B 577 -31.94 -18.46 6.29
C LYS B 577 -31.81 -19.47 5.15
N ILE B 578 -30.87 -20.39 5.29
CA ILE B 578 -30.71 -21.43 4.29
C ILE B 578 -31.79 -22.48 4.39
N ALA B 579 -32.11 -22.92 5.59
CA ALA B 579 -33.08 -24.00 5.74
C ALA B 579 -34.41 -23.65 5.12
N SER B 580 -34.79 -22.37 5.16
CA SER B 580 -36.08 -21.96 4.63
C SER B 580 -36.13 -21.85 3.11
N GLN B 581 -34.96 -21.94 2.45
CA GLN B 581 -34.91 -21.81 1.00
C GLN B 581 -34.22 -22.97 0.30
N LEU B 582 -34.28 -24.17 0.88
CA LEU B 582 -33.60 -25.26 0.24
C LEU B 582 -34.27 -25.59 -1.07
N GLY B 583 -33.44 -25.89 -2.06
CA GLY B 583 -33.90 -26.26 -3.38
C GLY B 583 -34.07 -25.09 -4.31
N ASN B 584 -33.98 -23.88 -3.77
CA ASN B 584 -34.15 -22.71 -4.60
C ASN B 584 -32.82 -22.16 -5.06
N CYS B 585 -32.88 -21.42 -6.17
CA CYS B 585 -31.62 -20.67 -6.53
C CYS B 585 -31.72 -19.34 -5.78
N VAL B 586 -30.60 -19.15 -5.02
CA VAL B 586 -30.53 -17.93 -4.23
C VAL B 586 -29.17 -17.28 -4.36
N GLU B 587 -29.13 -16.00 -4.06
CA GLU B 587 -27.84 -15.36 -3.95
C GLU B 587 -27.36 -15.68 -2.55
N TYR B 588 -26.08 -15.83 -2.33
CA TYR B 588 -25.69 -16.03 -0.96
C TYR B 588 -24.53 -15.18 -0.59
N SER B 589 -24.46 -14.88 0.69
CA SER B 589 -23.32 -14.24 1.29
C SER B 589 -23.10 -14.90 2.65
N LEU B 590 -22.12 -15.76 2.72
CA LEU B 590 -21.88 -16.51 3.92
C LEU B 590 -20.51 -16.14 4.46
N TYR B 591 -20.48 -15.34 5.51
CA TYR B 591 -19.23 -14.90 6.09
C TYR B 591 -18.28 -14.40 5.05
N GLY B 592 -18.80 -13.56 4.17
CA GLY B 592 -18.05 -12.90 3.13
C GLY B 592 -17.88 -13.66 1.85
N VAL B 593 -18.33 -14.90 1.84
CA VAL B 593 -18.21 -15.73 0.65
C VAL B 593 -19.49 -15.60 -0.12
N SER B 594 -19.42 -15.29 -1.39
CA SER B 594 -20.67 -15.07 -2.10
C SER B 594 -20.72 -15.63 -3.47
N GLY B 595 -21.94 -15.72 -3.96
CA GLY B 595 -22.19 -16.25 -5.28
C GLY B 595 -23.64 -16.65 -5.37
N ARG B 596 -23.95 -17.49 -6.33
CA ARG B 596 -25.32 -17.95 -6.51
C ARG B 596 -25.33 -19.46 -6.46
N GLY B 597 -26.39 -20.03 -5.94
CA GLY B 597 -26.49 -21.47 -5.92
C GLY B 597 -27.71 -21.99 -5.24
N VAL B 598 -27.77 -23.30 -5.18
CA VAL B 598 -28.86 -24.02 -4.61
C VAL B 598 -28.39 -24.82 -3.43
N PHE B 599 -29.02 -24.64 -2.30
CA PHE B 599 -28.61 -25.38 -1.11
C PHE B 599 -29.43 -26.63 -0.96
N GLN B 600 -28.78 -27.71 -0.54
CA GLN B 600 -29.49 -28.95 -0.26
C GLN B 600 -29.06 -29.52 1.05
N ASN B 601 -29.94 -30.12 1.79
CA ASN B 601 -29.59 -30.82 3.00
C ASN B 601 -28.85 -32.09 2.73
N CYS B 602 -27.67 -32.35 3.19
CA CYS B 602 -26.96 -33.55 2.85
C CYS B 602 -25.94 -34.02 3.88
N THR B 603 -25.33 -35.16 3.69
CA THR B 603 -24.34 -35.72 4.59
C THR B 603 -23.07 -34.89 4.62
N ALA B 604 -22.60 -34.60 5.83
CA ALA B 604 -21.39 -33.83 6.04
C ALA B 604 -20.15 -34.53 5.57
N VAL B 605 -19.31 -33.75 4.92
CA VAL B 605 -17.99 -34.15 4.46
C VAL B 605 -17.00 -33.04 4.81
N GLY B 606 -15.72 -33.36 4.87
CA GLY B 606 -14.73 -32.32 5.12
C GLY B 606 -14.61 -32.07 6.62
N VAL B 607 -13.81 -31.07 7.00
CA VAL B 607 -13.63 -30.77 8.41
C VAL B 607 -14.64 -29.71 8.83
N ARG B 608 -15.46 -30.01 9.82
CA ARG B 608 -16.52 -29.11 10.27
C ARG B 608 -16.06 -27.77 10.70
N GLN B 609 -14.93 -27.75 11.37
CA GLN B 609 -14.37 -26.54 11.93
C GLN B 609 -13.95 -25.55 10.87
N GLN B 610 -13.78 -26.01 9.65
CA GLN B 610 -13.31 -25.16 8.58
C GLN B 610 -14.45 -24.48 7.81
N ARG B 611 -15.70 -24.85 8.12
CA ARG B 611 -16.92 -24.23 7.56
C ARG B 611 -17.22 -24.37 6.08
N PHE B 612 -16.28 -24.01 5.24
CA PHE B 612 -16.51 -24.02 3.81
C PHE B 612 -15.81 -25.17 3.10
N VAL B 613 -16.59 -25.98 2.40
CA VAL B 613 -16.05 -27.14 1.70
C VAL B 613 -15.91 -26.80 0.23
N TYR B 614 -14.71 -26.99 -0.30
CA TYR B 614 -14.40 -26.71 -1.68
C TYR B 614 -14.10 -27.96 -2.48
N ASP B 615 -14.37 -27.89 -3.76
CA ASP B 615 -14.02 -28.98 -4.67
C ASP B 615 -12.63 -28.79 -5.28
N ALA B 616 -12.30 -29.65 -6.24
CA ALA B 616 -11.00 -29.68 -6.87
C ALA B 616 -10.79 -28.56 -7.88
N TYR B 617 -11.84 -27.79 -8.16
CA TYR B 617 -11.75 -26.66 -9.08
C TYR B 617 -11.92 -25.36 -8.28
N GLN B 618 -11.84 -25.48 -6.95
CA GLN B 618 -11.99 -24.42 -5.98
C GLN B 618 -13.37 -23.74 -5.97
N ASN B 619 -14.42 -24.50 -6.29
CA ASN B 619 -15.75 -23.95 -6.20
C ASN B 619 -16.25 -24.22 -4.79
N LEU B 620 -17.15 -23.41 -4.25
CA LEU B 620 -17.70 -23.79 -2.96
C LEU B 620 -18.75 -24.85 -3.23
N VAL B 621 -18.61 -26.02 -2.60
CA VAL B 621 -19.55 -27.10 -2.86
C VAL B 621 -20.28 -27.58 -1.63
N GLY B 622 -19.97 -27.00 -0.49
CA GLY B 622 -20.68 -27.37 0.69
C GLY B 622 -20.41 -26.39 1.78
N TYR B 623 -21.28 -26.39 2.77
CA TYR B 623 -21.18 -25.46 3.86
C TYR B 623 -21.75 -25.92 5.17
N TYR B 624 -21.00 -25.70 6.22
CA TYR B 624 -21.50 -26.01 7.53
C TYR B 624 -22.07 -24.74 8.10
N SER B 625 -23.36 -24.76 8.35
CA SER B 625 -24.09 -23.60 8.82
C SER B 625 -24.06 -23.42 10.31
N ASP B 626 -24.29 -22.18 10.76
CA ASP B 626 -24.39 -21.99 12.22
C ASP B 626 -25.68 -22.56 12.80
N ASP B 627 -26.63 -23.00 11.96
CA ASP B 627 -27.84 -23.60 12.48
C ASP B 627 -27.62 -25.11 12.76
N GLY B 628 -26.38 -25.61 12.55
CA GLY B 628 -26.01 -26.99 12.83
C GLY B 628 -26.05 -27.94 11.65
N ASN B 629 -26.66 -27.53 10.55
CA ASN B 629 -26.76 -28.40 9.39
C ASN B 629 -25.65 -28.22 8.38
N TYR B 630 -25.40 -29.29 7.65
CA TYR B 630 -24.48 -29.21 6.53
C TYR B 630 -25.26 -29.19 5.25
N TYR B 631 -24.92 -28.26 4.39
CA TYR B 631 -25.61 -28.19 3.14
C TYR B 631 -24.66 -28.39 2.00
N CYS B 632 -25.17 -29.03 0.97
CA CYS B 632 -24.43 -29.18 -0.26
C CYS B 632 -24.77 -27.94 -1.03
N LEU B 633 -23.83 -27.41 -1.78
CA LEU B 633 -24.13 -26.26 -2.61
C LEU B 633 -23.92 -26.60 -4.06
N ARG B 634 -24.96 -26.38 -4.83
CA ARG B 634 -24.91 -26.68 -6.23
C ARG B 634 -25.03 -25.37 -6.97
N ALA B 635 -24.47 -25.27 -8.14
CA ALA B 635 -24.61 -24.01 -8.85
C ALA B 635 -26.04 -23.83 -9.28
N CYS B 636 -26.50 -22.59 -9.39
CA CYS B 636 -27.78 -22.47 -10.03
C CYS B 636 -27.37 -22.97 -11.39
N VAL B 637 -28.13 -23.88 -11.97
CA VAL B 637 -27.76 -24.46 -13.25
C VAL B 637 -28.54 -23.97 -14.35
N SER B 638 -27.85 -23.62 -15.40
CA SER B 638 -28.58 -23.11 -16.53
C SER B 638 -29.20 -24.25 -17.32
N VAL B 639 -30.22 -23.91 -18.09
CA VAL B 639 -30.91 -24.87 -18.92
C VAL B 639 -30.46 -24.75 -20.36
N PRO B 640 -29.72 -25.71 -20.91
CA PRO B 640 -29.26 -25.74 -22.29
C PRO B 640 -30.28 -25.36 -23.30
N VAL B 641 -29.94 -24.61 -24.33
CA VAL B 641 -30.89 -24.32 -25.40
C VAL B 641 -30.30 -24.47 -26.80
N SER B 642 -30.99 -25.21 -27.65
CA SER B 642 -30.64 -25.33 -29.06
C SER B 642 -31.85 -24.93 -29.89
N VAL B 643 -31.64 -24.19 -30.94
CA VAL B 643 -32.75 -23.77 -31.77
C VAL B 643 -32.76 -24.59 -33.02
N ILE B 644 -33.90 -25.15 -33.32
CA ILE B 644 -34.05 -25.96 -34.50
C ILE B 644 -34.74 -25.05 -35.50
N TYR B 645 -34.07 -24.68 -36.59
CA TYR B 645 -34.67 -23.69 -37.50
C TYR B 645 -34.72 -24.09 -38.94
N ASP B 646 -35.88 -23.86 -39.53
CA ASP B 646 -36.04 -24.12 -40.95
C ASP B 646 -36.34 -22.83 -41.69
N LYS B 647 -35.36 -22.45 -42.52
CA LYS B 647 -35.34 -21.21 -43.30
C LYS B 647 -36.46 -21.09 -44.30
N GLU B 648 -36.80 -22.20 -44.95
CA GLU B 648 -37.85 -22.22 -45.95
C GLU B 648 -39.23 -22.04 -45.35
N THR B 649 -39.46 -22.62 -44.17
CA THR B 649 -40.78 -22.45 -43.59
C THR B 649 -40.84 -21.29 -42.63
N LYS B 650 -39.68 -20.76 -42.20
CA LYS B 650 -39.67 -19.72 -41.18
C LYS B 650 -40.31 -20.22 -39.89
N THR B 651 -39.98 -21.45 -39.51
CA THR B 651 -40.50 -22.05 -38.29
C THR B 651 -39.36 -22.57 -37.46
N HIS B 652 -39.62 -22.77 -36.18
CA HIS B 652 -38.60 -23.30 -35.32
C HIS B 652 -39.16 -24.07 -34.16
N ALA B 653 -38.27 -24.77 -33.52
CA ALA B 653 -38.55 -25.55 -32.32
C ALA B 653 -37.39 -25.39 -31.38
N THR B 654 -37.63 -25.55 -30.10
CA THR B 654 -36.57 -25.36 -29.12
C THR B 654 -36.23 -26.64 -28.39
N LEU B 655 -34.96 -27.00 -28.40
CA LEU B 655 -34.50 -28.20 -27.69
C LEU B 655 -33.70 -27.84 -26.48
N PHE B 656 -34.12 -28.42 -25.37
CA PHE B 656 -33.47 -28.22 -24.10
C PHE B 656 -32.72 -29.49 -23.81
N GLY B 657 -31.50 -29.56 -24.30
CA GLY B 657 -30.82 -30.82 -24.28
C GLY B 657 -30.48 -31.20 -22.90
N SER B 658 -30.63 -32.47 -22.60
CA SER B 658 -30.30 -33.05 -21.29
C SER B 658 -31.27 -32.69 -20.20
N VAL B 659 -32.34 -31.97 -20.52
CA VAL B 659 -33.29 -31.51 -19.52
C VAL B 659 -34.58 -32.29 -19.50
N ALA B 660 -35.01 -32.73 -18.31
CA ALA B 660 -36.33 -33.37 -18.24
C ALA B 660 -37.40 -32.27 -18.40
N CYS B 661 -38.51 -32.59 -19.05
CA CYS B 661 -39.56 -31.60 -19.31
C CYS B 661 -40.27 -31.11 -18.07
N GLU B 662 -39.99 -31.70 -16.92
CA GLU B 662 -40.59 -31.26 -15.68
C GLU B 662 -40.16 -29.83 -15.34
N HIS B 663 -39.06 -29.37 -15.96
CA HIS B 663 -38.55 -28.03 -15.74
C HIS B 663 -38.98 -27.05 -16.81
N ILE B 664 -39.74 -27.52 -17.79
CA ILE B 664 -40.09 -26.64 -18.88
C ILE B 664 -41.61 -26.48 -18.94
N TYR B 686 -49.63 -27.79 -28.37
CA TYR B 686 -49.05 -28.93 -27.67
C TYR B 686 -48.13 -28.50 -26.56
N GLY B 687 -47.99 -29.34 -25.55
CA GLY B 687 -47.10 -29.07 -24.44
C GLY B 687 -45.71 -29.54 -24.84
N PRO B 688 -44.75 -29.57 -23.92
CA PRO B 688 -43.38 -29.99 -24.16
C PRO B 688 -43.33 -31.48 -24.43
N LEU B 689 -42.43 -31.91 -25.33
CA LEU B 689 -42.24 -33.32 -25.67
C LEU B 689 -40.92 -33.88 -25.15
N GLN B 690 -40.96 -34.96 -24.39
CA GLN B 690 -39.70 -35.49 -23.89
C GLN B 690 -39.12 -36.41 -24.93
N THR B 691 -37.88 -36.18 -25.34
CA THR B 691 -37.25 -37.04 -26.33
C THR B 691 -35.96 -37.59 -25.74
N PRO B 692 -35.32 -38.58 -26.38
CA PRO B 692 -34.01 -39.14 -26.02
C PRO B 692 -32.84 -38.15 -25.92
N VAL B 693 -33.00 -36.95 -26.46
CA VAL B 693 -31.93 -35.97 -26.40
C VAL B 693 -32.27 -34.77 -25.52
N GLY B 694 -33.43 -34.76 -24.90
CA GLY B 694 -33.84 -33.62 -24.09
C GLY B 694 -35.28 -33.28 -24.31
N CYS B 695 -35.71 -32.15 -23.77
CA CYS B 695 -37.10 -31.74 -23.87
C CYS B 695 -37.29 -30.81 -25.05
N VAL B 696 -38.26 -31.06 -25.91
CA VAL B 696 -38.38 -30.16 -27.05
C VAL B 696 -39.76 -29.53 -27.17
N LEU B 697 -39.77 -28.21 -27.30
CA LEU B 697 -41.01 -27.46 -27.50
C LEU B 697 -41.10 -27.09 -28.97
N GLY B 698 -42.29 -27.12 -29.54
CA GLY B 698 -42.41 -26.73 -30.94
C GLY B 698 -42.45 -27.94 -31.87
N LEU B 699 -42.14 -29.13 -31.35
CA LEU B 699 -42.24 -30.32 -32.15
C LEU B 699 -43.45 -31.12 -31.74
N VAL B 700 -44.02 -31.82 -32.70
CA VAL B 700 -45.12 -32.71 -32.42
C VAL B 700 -44.66 -34.13 -32.75
N ASN B 701 -44.94 -35.05 -31.86
CA ASN B 701 -44.48 -36.44 -32.13
C ASN B 701 -45.32 -37.02 -33.27
N SER B 702 -44.55 -37.54 -34.30
CA SER B 702 -45.26 -38.04 -35.49
C SER B 702 -45.23 -39.52 -35.77
N SER B 703 -44.36 -40.28 -35.13
CA SER B 703 -44.22 -41.72 -35.43
C SER B 703 -44.04 -41.96 -36.93
N LEU B 704 -43.20 -41.16 -37.52
CA LEU B 704 -42.88 -41.14 -38.92
C LEU B 704 -41.40 -41.34 -39.09
N PHE B 705 -40.98 -42.03 -40.15
CA PHE B 705 -39.57 -42.20 -40.43
C PHE B 705 -39.07 -41.46 -41.65
N VAL B 706 -37.82 -41.03 -41.57
CA VAL B 706 -37.14 -40.34 -42.66
C VAL B 706 -35.80 -40.97 -42.95
N GLU B 707 -35.25 -40.68 -44.14
CA GLU B 707 -33.88 -41.11 -44.40
C GLU B 707 -33.16 -39.79 -44.64
N ASP B 708 -33.94 -38.93 -45.24
CA ASP B 708 -33.54 -37.61 -45.71
C ASP B 708 -33.69 -36.54 -44.64
N CYS B 709 -32.82 -36.67 -43.66
CA CYS B 709 -32.96 -35.73 -42.51
C CYS B 709 -31.98 -34.55 -42.65
N LYS B 710 -32.65 -33.36 -42.53
CA LYS B 710 -31.89 -32.11 -42.67
C LYS B 710 -31.63 -31.43 -41.33
N LEU B 711 -32.43 -31.77 -40.32
CA LEU B 711 -32.32 -31.15 -39.02
C LEU B 711 -32.19 -32.20 -37.94
N PRO B 712 -31.09 -32.96 -37.91
CA PRO B 712 -30.89 -34.04 -36.99
C PRO B 712 -30.83 -33.48 -35.60
N LEU B 713 -31.42 -34.19 -34.66
CA LEU B 713 -31.41 -33.70 -33.29
C LEU B 713 -30.42 -34.39 -32.42
N GLY B 714 -29.97 -35.55 -32.87
CA GLY B 714 -29.08 -36.38 -32.08
C GLY B 714 -29.72 -37.74 -31.95
N GLN B 715 -28.92 -38.71 -31.51
CA GLN B 715 -29.41 -40.06 -31.42
C GLN B 715 -29.96 -40.37 -32.81
N SER B 716 -31.18 -40.81 -32.97
CA SER B 716 -31.64 -41.06 -34.34
C SER B 716 -32.91 -40.31 -34.58
N LEU B 717 -32.97 -39.12 -34.02
CA LEU B 717 -34.10 -38.22 -34.10
C LEU B 717 -33.85 -37.12 -35.11
N CYS B 718 -34.93 -36.64 -35.71
CA CYS B 718 -34.85 -35.58 -36.71
C CYS B 718 -36.05 -34.64 -36.66
N ALA B 719 -35.81 -33.34 -36.81
CA ALA B 719 -36.95 -32.42 -36.91
C ALA B 719 -37.36 -32.34 -38.37
N LEU B 720 -38.64 -32.53 -38.62
CA LEU B 720 -39.16 -32.51 -39.96
C LEU B 720 -40.23 -31.46 -40.14
N PRO B 721 -40.02 -30.40 -40.91
CA PRO B 721 -40.97 -29.33 -41.05
C PRO B 721 -42.22 -29.83 -41.72
N ASP B 722 -43.36 -29.23 -41.37
CA ASP B 722 -44.66 -29.53 -41.95
C ASP B 722 -44.93 -28.58 -43.11
N THR B 723 -44.70 -29.08 -44.32
CA THR B 723 -44.77 -28.28 -45.53
C THR B 723 -44.78 -29.13 -46.78
N PRO B 736 -47.17 -22.80 -43.07
CA PRO B 736 -46.43 -23.94 -42.55
C PRO B 736 -46.94 -24.32 -41.17
N GLY B 737 -46.75 -25.58 -40.81
CA GLY B 737 -47.21 -26.05 -39.50
C GLY B 737 -46.06 -26.19 -38.52
N GLU B 738 -46.24 -27.04 -37.54
CA GLU B 738 -45.23 -27.28 -36.53
C GLU B 738 -44.26 -28.31 -37.06
N MET B 739 -43.04 -28.31 -36.56
CA MET B 739 -42.13 -29.34 -37.01
C MET B 739 -42.52 -30.65 -36.35
N ARG B 740 -42.40 -31.71 -37.08
CA ARG B 740 -42.66 -33.04 -36.58
C ARG B 740 -41.40 -33.68 -36.01
N LEU B 741 -41.57 -34.51 -34.99
CA LEU B 741 -40.43 -35.27 -34.53
C LEU B 741 -40.48 -36.61 -35.23
N ALA B 742 -39.47 -36.84 -36.07
CA ALA B 742 -39.36 -38.03 -36.90
C ALA B 742 -38.15 -38.82 -36.47
N SER B 743 -38.21 -40.12 -36.73
CA SER B 743 -37.07 -40.98 -36.44
C SER B 743 -36.33 -41.30 -37.72
N ILE B 744 -35.03 -41.43 -37.65
CA ILE B 744 -34.30 -41.76 -38.86
C ILE B 744 -34.34 -43.27 -39.04
N ALA B 745 -34.74 -43.69 -40.22
CA ALA B 745 -34.85 -45.09 -40.55
C ALA B 745 -33.52 -45.75 -40.85
N PHE B 746 -33.42 -47.01 -40.48
CA PHE B 746 -32.32 -47.80 -40.95
C PHE B 746 -32.82 -48.39 -42.25
N ASN B 747 -32.07 -48.24 -43.31
CA ASN B 747 -32.48 -48.76 -44.60
C ASN B 747 -31.89 -50.16 -44.78
N HIS B 748 -32.71 -51.19 -44.62
CA HIS B 748 -32.18 -52.54 -44.67
C HIS B 748 -31.76 -52.95 -46.06
N PRO B 749 -30.67 -53.71 -46.19
CA PRO B 749 -30.16 -54.26 -47.41
C PRO B 749 -31.07 -55.38 -47.86
N ILE B 750 -30.93 -55.76 -49.12
CA ILE B 750 -31.74 -56.85 -49.63
C ILE B 750 -31.29 -58.09 -48.91
N GLN B 751 -32.23 -58.85 -48.34
CA GLN B 751 -31.83 -60.04 -47.59
C GLN B 751 -31.74 -61.22 -48.51
N VAL B 752 -30.59 -61.89 -48.50
CA VAL B 752 -30.45 -63.04 -49.40
C VAL B 752 -30.12 -64.23 -48.53
N ASP B 753 -30.96 -65.24 -48.56
CA ASP B 753 -30.80 -66.42 -47.71
C ASP B 753 -29.75 -67.39 -48.17
N GLN B 754 -29.10 -68.02 -47.21
CA GLN B 754 -28.16 -69.08 -47.53
C GLN B 754 -28.92 -70.38 -47.66
N LEU B 755 -28.41 -71.30 -48.46
CA LEU B 755 -29.10 -72.56 -48.61
C LEU B 755 -28.40 -73.68 -47.89
N ASN B 756 -29.20 -74.57 -47.39
CA ASN B 756 -28.75 -75.88 -46.77
C ASN B 756 -28.47 -76.81 -47.86
N SER B 757 -27.56 -76.63 -48.72
CA SER B 757 -27.32 -77.42 -49.90
C SER B 757 -25.95 -77.17 -50.45
N SER B 758 -25.66 -77.84 -51.55
CA SER B 758 -24.41 -77.68 -52.30
C SER B 758 -24.51 -76.51 -53.29
N TYR B 759 -25.67 -75.88 -53.33
CA TYR B 759 -25.95 -74.73 -54.20
C TYR B 759 -25.92 -73.45 -53.37
N PHE B 760 -26.03 -72.31 -54.04
CA PHE B 760 -26.18 -71.06 -53.31
C PHE B 760 -27.12 -70.13 -54.02
N LYS B 761 -27.69 -69.20 -53.29
CA LYS B 761 -28.50 -68.15 -53.88
C LYS B 761 -27.68 -66.99 -54.38
N LEU B 762 -28.00 -66.60 -55.59
CA LEU B 762 -27.39 -65.48 -56.23
C LEU B 762 -28.36 -64.37 -56.40
N SER B 763 -28.11 -63.27 -55.74
CA SER B 763 -28.97 -62.12 -55.94
C SER B 763 -28.25 -61.34 -57.06
N ILE B 764 -28.85 -61.30 -58.24
CA ILE B 764 -28.18 -60.72 -59.39
C ILE B 764 -29.08 -59.70 -60.08
N PRO B 765 -28.57 -58.54 -60.53
CA PRO B 765 -29.32 -57.49 -61.19
C PRO B 765 -29.94 -57.97 -62.46
N THR B 766 -31.08 -57.39 -62.82
CA THR B 766 -31.72 -57.71 -64.10
C THR B 766 -31.79 -56.43 -64.89
N ASN B 767 -31.50 -55.36 -64.19
CA ASN B 767 -31.57 -54.01 -64.77
C ASN B 767 -30.43 -53.18 -64.28
N PHE B 768 -30.20 -52.05 -64.88
CA PHE B 768 -29.16 -51.15 -64.44
C PHE B 768 -29.38 -49.74 -64.89
N SER B 769 -28.64 -48.87 -64.26
CA SER B 769 -28.57 -47.48 -64.66
C SER B 769 -27.18 -46.97 -64.45
N PHE B 770 -26.88 -45.83 -65.03
CA PHE B 770 -25.60 -45.21 -64.75
C PHE B 770 -25.92 -44.01 -63.87
N GLY B 771 -25.01 -43.64 -63.01
CA GLY B 771 -25.25 -42.44 -62.24
C GLY B 771 -23.95 -41.76 -61.99
N VAL B 772 -24.00 -40.52 -61.55
CA VAL B 772 -22.78 -39.80 -61.34
C VAL B 772 -22.60 -39.39 -59.91
N THR B 773 -21.51 -39.80 -59.33
CA THR B 773 -21.21 -39.37 -57.99
C THR B 773 -20.35 -38.15 -58.22
N GLN B 774 -20.74 -37.03 -57.65
CA GLN B 774 -19.96 -35.84 -57.84
C GLN B 774 -19.08 -35.67 -56.63
N GLU B 775 -17.87 -35.23 -56.84
CA GLU B 775 -16.98 -35.02 -55.71
C GLU B 775 -16.12 -33.83 -55.88
N TYR B 776 -16.02 -33.04 -54.84
CA TYR B 776 -15.12 -31.91 -54.90
C TYR B 776 -13.96 -32.10 -53.98
N ILE B 777 -12.76 -31.90 -54.52
CA ILE B 777 -11.58 -31.96 -53.71
C ILE B 777 -10.88 -30.63 -53.77
N GLN B 778 -10.68 -30.05 -52.62
CA GLN B 778 -10.00 -28.76 -52.56
C GLN B 778 -8.52 -29.01 -52.71
N THR B 779 -7.83 -28.27 -53.55
CA THR B 779 -6.39 -28.52 -53.64
C THR B 779 -5.60 -27.34 -53.13
N THR B 780 -6.25 -26.17 -53.10
CA THR B 780 -5.61 -24.94 -52.67
C THR B 780 -6.48 -24.16 -51.73
N ILE B 781 -5.88 -23.15 -51.14
CA ILE B 781 -6.58 -22.15 -50.37
C ILE B 781 -6.16 -20.83 -51.00
N GLN B 782 -6.89 -19.76 -50.73
CA GLN B 782 -6.46 -18.47 -51.24
C GLN B 782 -5.19 -18.09 -50.51
N LYS B 783 -4.20 -17.61 -51.27
CA LYS B 783 -2.93 -17.19 -50.72
C LYS B 783 -3.00 -15.75 -50.30
N VAL B 784 -2.66 -15.48 -49.05
CA VAL B 784 -2.73 -14.14 -48.51
C VAL B 784 -1.44 -13.75 -47.82
N THR B 785 -1.04 -12.50 -48.01
CA THR B 785 0.10 -11.98 -47.27
C THR B 785 -0.40 -10.81 -46.47
N VAL B 786 0.29 -10.46 -45.41
CA VAL B 786 -0.14 -9.34 -44.60
C VAL B 786 0.95 -8.35 -44.37
N ASP B 787 0.66 -7.07 -44.56
CA ASP B 787 1.65 -6.08 -44.20
C ASP B 787 1.39 -5.87 -42.72
N CYS B 788 2.12 -6.70 -41.97
CA CYS B 788 1.88 -6.76 -40.48
C CYS B 788 2.18 -5.47 -39.86
N LYS B 789 3.18 -4.76 -40.18
CA LYS B 789 3.49 -3.51 -39.55
C LYS B 789 2.36 -2.54 -39.80
N GLN B 790 1.86 -2.48 -41.05
CA GLN B 790 0.75 -1.56 -41.30
C GLN B 790 -0.50 -2.01 -40.59
N TYR B 791 -0.76 -3.31 -40.57
CA TYR B 791 -1.97 -3.83 -39.96
C TYR B 791 -2.06 -3.41 -38.52
N VAL B 792 -0.97 -3.60 -37.80
CA VAL B 792 -0.96 -3.32 -36.38
C VAL B 792 -0.91 -1.83 -36.05
N CYS B 793 -0.01 -1.09 -36.71
CA CYS B 793 0.20 0.30 -36.31
C CYS B 793 -0.31 1.39 -37.22
N ASN B 794 -0.75 1.08 -38.43
CA ASN B 794 -1.27 2.08 -39.32
C ASN B 794 -0.38 3.28 -39.60
N GLY B 795 0.92 3.08 -39.63
CA GLY B 795 1.82 4.17 -39.93
C GLY B 795 2.17 5.08 -38.76
N PHE B 796 1.67 4.78 -37.56
CA PHE B 796 1.96 5.64 -36.43
C PHE B 796 3.26 5.26 -35.82
N GLN B 797 4.15 6.23 -35.66
CA GLN B 797 5.48 5.94 -35.16
C GLN B 797 5.50 5.53 -33.72
N LYS B 798 4.56 6.04 -32.92
CA LYS B 798 4.58 5.66 -31.52
C LYS B 798 4.25 4.20 -31.42
N CYS B 799 3.27 3.76 -32.18
CA CYS B 799 2.93 2.38 -32.16
C CYS B 799 4.09 1.54 -32.62
N GLU B 800 4.74 1.94 -33.71
CA GLU B 800 5.82 1.12 -34.23
C GLU B 800 6.92 0.98 -33.20
N GLN B 801 7.17 2.05 -32.45
CA GLN B 801 8.15 2.03 -31.39
C GLN B 801 7.80 1.04 -30.30
N LEU B 802 6.51 0.87 -30.03
CA LEU B 802 6.12 -0.06 -29.00
C LEU B 802 6.10 -1.47 -29.55
N LEU B 803 5.79 -1.60 -30.83
CA LEU B 803 5.73 -2.89 -31.51
C LEU B 803 7.07 -3.56 -31.50
N ARG B 804 8.13 -2.78 -31.57
CA ARG B 804 9.47 -3.32 -31.58
C ARG B 804 9.81 -4.08 -30.30
N GLU B 805 9.09 -3.83 -29.23
CA GLU B 805 9.42 -4.45 -27.94
C GLU B 805 8.84 -5.85 -27.83
N TYR B 806 8.14 -6.25 -28.89
CA TYR B 806 7.56 -7.57 -29.00
C TYR B 806 8.41 -8.46 -29.87
N GLY B 807 9.59 -7.97 -30.23
CA GLY B 807 10.51 -8.77 -31.01
C GLY B 807 10.19 -8.71 -32.47
N GLN B 808 10.74 -9.65 -33.24
CA GLN B 808 10.54 -9.59 -34.68
C GLN B 808 9.23 -10.29 -35.02
N PHE B 809 8.15 -9.69 -34.53
CA PHE B 809 6.83 -10.24 -34.67
C PHE B 809 6.42 -10.32 -36.11
N CYS B 810 6.61 -9.23 -36.81
CA CYS B 810 6.18 -9.18 -38.16
C CYS B 810 7.05 -10.01 -39.07
N SER B 811 8.29 -10.28 -38.67
CA SER B 811 9.09 -11.11 -39.52
C SER B 811 8.50 -12.51 -39.46
N LYS B 812 8.03 -12.90 -38.28
CA LYS B 812 7.46 -14.21 -38.11
C LYS B 812 6.16 -14.36 -38.87
N ILE B 813 5.35 -13.31 -38.90
CA ILE B 813 4.09 -13.36 -39.63
C ILE B 813 4.37 -13.52 -41.10
N ASN B 814 5.33 -12.75 -41.60
CA ASN B 814 5.61 -12.79 -43.01
C ASN B 814 6.22 -14.07 -43.47
N GLN B 815 7.09 -14.63 -42.64
CA GLN B 815 7.75 -15.85 -43.04
C GLN B 815 6.82 -17.02 -42.96
N ALA B 816 5.94 -17.01 -41.97
CA ALA B 816 5.00 -18.10 -41.86
C ALA B 816 4.06 -18.12 -43.03
N LEU B 817 3.61 -16.95 -43.48
CA LEU B 817 2.71 -16.91 -44.60
C LEU B 817 3.44 -17.15 -45.87
N HIS B 818 4.68 -16.72 -45.96
CA HIS B 818 5.39 -16.94 -47.20
C HIS B 818 5.52 -18.42 -47.42
N GLY B 819 5.89 -19.16 -46.37
CA GLY B 819 6.02 -20.61 -46.49
C GLY B 819 4.70 -21.26 -46.84
N ALA B 820 3.63 -20.80 -46.18
CA ALA B 820 2.30 -21.32 -46.43
C ALA B 820 1.85 -21.07 -47.83
N ASN B 821 2.28 -19.96 -48.43
CA ASN B 821 1.88 -19.64 -49.78
C ASN B 821 2.70 -20.45 -50.77
N LEU B 822 3.99 -20.70 -50.46
CA LEU B 822 4.83 -21.50 -51.35
C LEU B 822 4.27 -22.87 -51.43
N ARG B 823 3.72 -23.32 -50.30
CA ARG B 823 3.15 -24.63 -50.21
C ARG B 823 2.06 -24.86 -51.23
N GLN B 824 1.28 -23.83 -51.58
CA GLN B 824 0.24 -24.06 -52.55
C GLN B 824 0.86 -24.05 -53.91
N ASP B 825 1.86 -23.23 -54.14
CA ASP B 825 2.41 -23.26 -55.48
C ASP B 825 3.05 -24.63 -55.70
N ASP B 826 3.63 -25.22 -54.66
CA ASP B 826 4.25 -26.53 -54.82
C ASP B 826 3.20 -27.60 -54.96
N SER B 827 2.10 -27.46 -54.22
CA SER B 827 1.01 -28.41 -54.26
C SER B 827 0.38 -28.46 -55.62
N VAL B 828 0.17 -27.27 -56.20
CA VAL B 828 -0.41 -27.14 -57.52
C VAL B 828 0.50 -27.66 -58.57
N ARG B 829 1.78 -27.32 -58.48
CA ARG B 829 2.71 -27.77 -59.48
C ARG B 829 2.76 -29.30 -59.51
N ASN B 830 2.74 -29.93 -58.32
CA ASN B 830 2.83 -31.37 -58.23
C ASN B 830 1.56 -32.03 -58.70
N LEU B 831 0.42 -31.42 -58.37
CA LEU B 831 -0.83 -31.99 -58.76
C LEU B 831 -0.96 -31.96 -60.25
N PHE B 832 -0.64 -30.85 -60.87
CA PHE B 832 -0.81 -30.81 -62.30
C PHE B 832 0.20 -31.62 -63.03
N ALA B 833 1.40 -31.73 -62.47
CA ALA B 833 2.39 -32.57 -63.12
C ALA B 833 1.86 -33.98 -63.27
N SER B 834 1.05 -34.42 -62.28
CA SER B 834 0.48 -35.74 -62.31
C SER B 834 -0.79 -35.89 -63.14
N VAL B 835 -1.55 -34.80 -63.35
CA VAL B 835 -2.76 -34.94 -64.16
C VAL B 835 -2.31 -35.00 -65.60
N LYS B 836 -1.20 -34.31 -65.89
CA LYS B 836 -0.66 -34.20 -67.22
C LYS B 836 -0.53 -35.54 -67.90
N SER B 837 -1.04 -35.60 -69.13
CA SER B 837 -0.97 -36.79 -69.95
C SER B 837 0.34 -36.82 -70.73
N SER B 838 0.82 -38.00 -71.05
CA SER B 838 1.98 -38.15 -71.91
C SER B 838 1.58 -38.05 -73.37
N GLN B 839 0.52 -38.79 -73.67
CA GLN B 839 -0.08 -39.00 -74.97
C GLN B 839 -1.57 -38.74 -74.78
N SER B 840 -2.23 -38.16 -75.77
CA SER B 840 -3.66 -37.90 -75.69
C SER B 840 -4.27 -37.74 -77.06
N SER B 841 -5.56 -38.05 -77.22
CA SER B 841 -6.17 -37.78 -78.50
C SER B 841 -6.74 -36.35 -78.48
N PRO B 842 -6.84 -35.65 -79.60
CA PRO B 842 -7.50 -34.37 -79.71
C PRO B 842 -8.96 -34.46 -79.35
N ILE B 843 -9.51 -33.41 -78.76
CA ILE B 843 -10.94 -33.38 -78.51
C ILE B 843 -11.54 -32.72 -79.74
N ILE B 844 -12.50 -33.36 -80.35
CA ILE B 844 -13.13 -32.79 -81.52
C ILE B 844 -14.60 -32.75 -81.18
N PRO B 845 -15.42 -31.90 -81.78
CA PRO B 845 -16.84 -31.95 -81.57
C PRO B 845 -17.26 -33.35 -81.94
N GLY B 846 -18.10 -33.99 -81.15
CA GLY B 846 -18.50 -35.36 -81.54
C GLY B 846 -17.71 -36.39 -80.74
N PHE B 847 -16.73 -35.90 -79.98
CA PHE B 847 -15.93 -36.74 -79.11
C PHE B 847 -16.95 -37.46 -78.26
N GLY B 848 -16.79 -38.75 -78.08
CA GLY B 848 -17.73 -39.56 -77.32
C GLY B 848 -18.60 -40.47 -78.21
N GLY B 849 -18.71 -40.15 -79.48
CA GLY B 849 -19.54 -41.00 -80.35
C GLY B 849 -21.00 -40.91 -79.89
N ASP B 850 -21.58 -42.07 -79.56
CA ASP B 850 -22.97 -42.12 -79.11
C ASP B 850 -23.11 -41.66 -77.68
N PHE B 851 -21.97 -41.49 -77.01
CA PHE B 851 -21.92 -41.05 -75.65
C PHE B 851 -21.78 -39.55 -75.68
N ASN B 852 -22.69 -38.83 -75.20
CA ASN B 852 -22.85 -37.42 -75.20
C ASN B 852 -21.87 -36.74 -74.30
N LEU B 853 -20.75 -36.37 -74.59
CA LEU B 853 -19.74 -35.76 -73.76
C LEU B 853 -19.64 -34.27 -74.05
N THR B 854 -20.64 -33.67 -74.70
CA THR B 854 -20.51 -32.24 -75.09
C THR B 854 -20.35 -31.36 -73.89
N LEU B 855 -20.92 -31.83 -72.78
CA LEU B 855 -20.89 -31.24 -71.45
C LEU B 855 -19.45 -31.00 -71.01
N LEU B 856 -18.59 -31.95 -71.36
CA LEU B 856 -17.19 -31.96 -70.99
C LEU B 856 -16.27 -31.35 -72.06
N GLU B 857 -16.70 -31.30 -73.32
CA GLU B 857 -15.86 -30.78 -74.38
C GLU B 857 -15.62 -29.29 -74.11
N PRO B 858 -14.42 -28.74 -74.39
CA PRO B 858 -14.13 -27.32 -74.25
C PRO B 858 -15.05 -26.52 -75.12
N VAL B 859 -15.52 -25.38 -74.63
CA VAL B 859 -16.38 -24.55 -75.45
C VAL B 859 -15.56 -23.66 -76.35
N ALA B 868 -9.98 -22.71 -73.17
CA ALA B 868 -11.43 -22.84 -73.16
C ALA B 868 -11.88 -23.85 -72.12
N ARG B 869 -12.78 -23.43 -71.25
CA ARG B 869 -13.32 -24.32 -70.24
C ARG B 869 -14.50 -25.07 -70.85
N SER B 870 -14.83 -26.21 -70.26
CA SER B 870 -16.00 -26.99 -70.71
C SER B 870 -17.29 -26.36 -70.25
N ALA B 871 -18.40 -26.79 -70.82
CA ALA B 871 -19.67 -26.24 -70.40
C ALA B 871 -19.99 -26.49 -68.94
N ILE B 872 -19.68 -27.69 -68.44
CA ILE B 872 -20.01 -27.97 -67.05
C ILE B 872 -19.12 -27.17 -66.16
N GLU B 873 -17.89 -26.99 -66.59
CA GLU B 873 -16.91 -26.24 -65.83
C GLU B 873 -17.32 -24.79 -65.72
N ASP B 874 -17.81 -24.19 -66.83
CA ASP B 874 -18.27 -22.82 -66.71
C ASP B 874 -19.49 -22.74 -65.83
N LEU B 875 -20.36 -23.76 -65.90
CA LEU B 875 -21.55 -23.70 -65.09
C LEU B 875 -21.19 -23.77 -63.64
N LEU B 876 -20.21 -24.62 -63.32
CA LEU B 876 -19.78 -24.81 -61.95
C LEU B 876 -19.27 -23.50 -61.40
N PHE B 877 -18.47 -22.79 -62.19
CA PHE B 877 -17.97 -21.49 -61.72
C PHE B 877 -19.07 -20.43 -61.65
N ASP B 878 -19.98 -20.40 -62.62
CA ASP B 878 -21.02 -19.36 -62.63
C ASP B 878 -21.98 -19.48 -61.47
N LYS B 879 -22.19 -20.70 -60.99
CA LYS B 879 -23.11 -20.93 -59.91
C LYS B 879 -22.55 -20.75 -58.53
N VAL B 880 -21.25 -20.49 -58.42
CA VAL B 880 -20.62 -20.33 -57.12
C VAL B 880 -20.37 -18.84 -56.91
N THR B 881 -20.77 -18.29 -55.76
CA THR B 881 -20.55 -16.86 -55.60
C THR B 881 -19.17 -16.61 -55.05
N ILE B 882 -18.35 -15.98 -55.90
CA ILE B 882 -16.96 -15.72 -55.62
C ILE B 882 -16.67 -14.24 -55.84
N ALA B 883 -16.08 -13.58 -54.87
CA ALA B 883 -15.72 -12.16 -55.08
C ALA B 883 -14.58 -12.10 -56.07
N ASP B 884 -14.56 -11.08 -56.92
CA ASP B 884 -13.46 -10.90 -57.87
C ASP B 884 -12.28 -10.21 -57.22
N PRO B 885 -11.12 -10.86 -57.00
CA PRO B 885 -9.96 -10.32 -56.35
C PRO B 885 -9.27 -9.19 -57.12
N GLY B 886 -9.55 -9.00 -58.42
CA GLY B 886 -8.91 -7.85 -59.06
C GLY B 886 -7.42 -8.00 -59.25
N TYR B 887 -6.96 -9.17 -59.65
CA TYR B 887 -5.53 -9.38 -59.75
C TYR B 887 -4.80 -8.37 -60.62
N MET B 888 -5.40 -7.90 -61.72
CA MET B 888 -4.70 -6.97 -62.59
C MET B 888 -4.80 -5.51 -62.15
N GLN B 889 -5.98 -5.08 -61.71
CA GLN B 889 -6.13 -3.66 -61.35
C GLN B 889 -7.12 -3.39 -60.22
N GLY B 890 -7.28 -4.31 -59.27
CA GLY B 890 -8.24 -4.18 -58.17
C GLY B 890 -8.07 -2.94 -57.34
N TYR B 891 -6.83 -2.48 -57.24
CA TYR B 891 -6.48 -1.29 -56.49
C TYR B 891 -7.31 -0.14 -57.00
N ASP B 892 -7.42 -0.04 -58.32
CA ASP B 892 -8.12 1.03 -58.97
C ASP B 892 -9.60 0.79 -58.98
N ASP B 893 -10.03 -0.44 -59.09
CA ASP B 893 -11.47 -0.64 -59.14
C ASP B 893 -12.08 -0.14 -57.84
N CYS B 894 -11.37 -0.38 -56.75
CA CYS B 894 -11.84 -0.01 -55.41
C CYS B 894 -11.77 1.47 -55.15
N MET B 895 -11.18 2.24 -56.05
CA MET B 895 -11.11 3.67 -55.89
C MET B 895 -12.12 4.35 -56.83
N GLN B 896 -12.18 3.88 -58.09
CA GLN B 896 -13.06 4.53 -59.07
C GLN B 896 -14.51 4.08 -58.92
N GLN B 897 -14.72 2.87 -58.39
CA GLN B 897 -16.07 2.38 -58.17
C GLN B 897 -16.34 2.30 -56.67
N GLY B 898 -15.32 1.89 -55.92
CA GLY B 898 -15.49 1.69 -54.49
C GLY B 898 -15.98 0.25 -54.25
N PRO B 899 -16.26 -0.11 -52.99
CA PRO B 899 -16.69 -1.42 -52.56
C PRO B 899 -18.00 -1.81 -53.21
N ALA B 900 -18.11 -3.10 -53.56
CA ALA B 900 -19.33 -3.66 -54.16
C ALA B 900 -20.50 -3.72 -53.19
N SER B 901 -20.20 -3.99 -51.92
CA SER B 901 -21.23 -4.11 -50.91
C SER B 901 -20.69 -3.94 -49.52
N ALA B 902 -21.54 -4.19 -48.54
CA ALA B 902 -21.09 -4.10 -47.16
C ALA B 902 -20.06 -5.19 -46.93
N ARG B 903 -19.04 -4.94 -46.12
CA ARG B 903 -18.09 -6.00 -45.89
C ARG B 903 -17.41 -6.56 -47.12
N ASP B 904 -16.96 -5.67 -48.00
CA ASP B 904 -16.27 -6.08 -49.22
C ASP B 904 -14.82 -6.34 -48.88
N LEU B 905 -14.46 -7.62 -48.89
CA LEU B 905 -13.17 -8.08 -48.43
C LEU B 905 -12.10 -7.96 -49.48
N ILE B 906 -12.51 -7.53 -50.66
CA ILE B 906 -11.48 -7.35 -51.66
C ILE B 906 -11.03 -5.90 -51.49
N CYS B 907 -11.96 -4.99 -51.34
CA CYS B 907 -11.50 -3.60 -51.21
C CYS B 907 -10.88 -3.34 -49.86
N ALA B 908 -11.21 -4.20 -48.88
CA ALA B 908 -10.64 -4.09 -47.56
C ALA B 908 -9.16 -4.29 -47.59
N GLN B 909 -8.64 -4.93 -48.63
CA GLN B 909 -7.22 -5.22 -48.66
C GLN B 909 -6.35 -3.98 -48.59
N TYR B 910 -6.80 -2.90 -49.24
CA TYR B 910 -5.94 -1.75 -49.41
C TYR B 910 -6.06 -0.82 -48.26
N VAL B 911 -6.99 -1.18 -47.38
CA VAL B 911 -7.35 -0.41 -46.23
C VAL B 911 -6.78 -1.05 -44.98
N ALA B 912 -7.05 -2.34 -44.83
CA ALA B 912 -6.64 -3.14 -43.70
C ALA B 912 -5.16 -3.50 -43.72
N GLY B 913 -4.54 -3.61 -44.89
CA GLY B 913 -3.14 -3.99 -44.89
C GLY B 913 -2.88 -5.45 -45.28
N TYR B 914 -3.76 -6.06 -46.06
CA TYR B 914 -3.54 -7.44 -46.47
C TYR B 914 -3.69 -7.56 -47.95
N LYS B 915 -3.11 -8.59 -48.54
CA LYS B 915 -3.20 -8.75 -49.97
C LYS B 915 -3.50 -10.15 -50.39
N VAL B 916 -4.44 -10.27 -51.31
CA VAL B 916 -4.74 -11.57 -51.90
C VAL B 916 -3.83 -11.77 -53.11
N LEU B 917 -3.10 -12.89 -53.11
CA LEU B 917 -2.17 -13.15 -54.18
C LEU B 917 -2.80 -14.01 -55.24
N PRO B 918 -2.42 -13.87 -56.51
CA PRO B 918 -2.87 -14.69 -57.59
C PRO B 918 -2.34 -16.11 -57.48
N PRO B 919 -3.07 -17.07 -58.05
CA PRO B 919 -2.76 -18.48 -58.13
C PRO B 919 -1.62 -18.69 -59.08
N LEU B 920 -0.96 -19.85 -58.93
CA LEU B 920 0.18 -20.25 -59.75
C LEU B 920 -0.07 -20.40 -61.22
N MET B 921 -1.25 -20.88 -61.60
CA MET B 921 -1.58 -21.07 -63.00
C MET B 921 -2.81 -20.25 -63.38
N ASP B 922 -2.84 -19.70 -64.61
CA ASP B 922 -4.03 -18.97 -65.02
C ASP B 922 -5.07 -19.97 -65.43
N VAL B 923 -6.27 -19.50 -65.67
CA VAL B 923 -7.37 -20.34 -66.08
C VAL B 923 -7.17 -21.11 -67.36
N ASN B 924 -6.57 -20.50 -68.36
CA ASN B 924 -6.45 -21.26 -69.59
C ASN B 924 -5.49 -22.42 -69.43
N MET B 925 -4.45 -22.26 -68.60
CA MET B 925 -3.54 -23.37 -68.41
C MET B 925 -4.21 -24.49 -67.65
N GLU B 926 -5.02 -24.15 -66.64
CA GLU B 926 -5.67 -25.24 -65.93
C GLU B 926 -6.64 -25.95 -66.84
N ALA B 927 -7.32 -25.19 -67.71
CA ALA B 927 -8.25 -25.80 -68.63
C ALA B 927 -7.51 -26.72 -69.58
N ALA B 928 -6.31 -26.32 -70.01
CA ALA B 928 -5.51 -27.14 -70.90
C ALA B 928 -5.17 -28.46 -70.27
N TYR B 929 -4.92 -28.45 -68.96
CA TYR B 929 -4.57 -29.70 -68.33
C TYR B 929 -5.74 -30.64 -68.27
N THR B 930 -6.95 -30.13 -67.98
CA THR B 930 -8.05 -31.07 -67.87
C THR B 930 -8.59 -31.44 -69.22
N SER B 931 -8.34 -30.60 -70.22
CA SER B 931 -8.78 -30.91 -71.55
C SER B 931 -7.94 -32.02 -72.12
N SER B 932 -6.62 -31.97 -71.85
CA SER B 932 -5.75 -33.01 -72.36
C SER B 932 -6.00 -34.28 -71.64
N LEU B 933 -6.48 -34.17 -70.39
CA LEU B 933 -6.80 -35.33 -69.59
C LEU B 933 -8.01 -36.00 -70.17
N LEU B 934 -9.02 -35.21 -70.57
CA LEU B 934 -10.24 -35.80 -71.14
C LEU B 934 -9.92 -36.65 -72.33
N GLY B 935 -9.04 -36.13 -73.17
CA GLY B 935 -8.71 -36.79 -74.42
C GLY B 935 -7.83 -38.00 -74.25
N SER B 936 -7.33 -38.20 -73.05
CA SER B 936 -6.49 -39.32 -72.80
C SER B 936 -7.25 -40.47 -72.19
N ILE B 937 -8.52 -40.29 -71.81
CA ILE B 937 -9.16 -41.34 -71.02
C ILE B 937 -9.36 -42.65 -71.74
N ALA B 938 -9.91 -42.62 -72.93
CA ALA B 938 -10.20 -43.86 -73.61
C ALA B 938 -8.94 -44.68 -73.89
N GLY B 939 -7.85 -44.00 -74.19
CA GLY B 939 -6.65 -44.70 -74.57
C GLY B 939 -5.64 -44.93 -73.50
N VAL B 940 -5.97 -44.54 -72.27
CA VAL B 940 -4.99 -44.71 -71.22
C VAL B 940 -5.42 -45.90 -70.39
N GLY B 941 -6.70 -45.98 -70.03
CA GLY B 941 -7.15 -47.08 -69.20
C GLY B 941 -7.50 -48.29 -70.04
N TRP B 942 -6.56 -48.75 -70.87
CA TRP B 942 -6.89 -49.82 -71.82
C TRP B 942 -6.10 -51.09 -71.57
N THR B 943 -4.77 -51.04 -71.53
CA THR B 943 -4.03 -52.28 -71.29
C THR B 943 -2.81 -52.15 -70.41
N ALA B 944 -2.00 -53.19 -70.38
CA ALA B 944 -0.81 -53.24 -69.51
C ALA B 944 0.20 -52.14 -69.80
N GLY B 945 0.78 -51.60 -68.74
CA GLY B 945 1.84 -50.60 -68.82
C GLY B 945 1.23 -49.21 -68.94
N LEU B 946 2.02 -48.17 -68.65
CA LEU B 946 1.52 -46.81 -68.77
C LEU B 946 2.17 -46.09 -69.94
N SER B 947 2.88 -46.86 -70.76
CA SER B 947 3.70 -46.32 -71.84
C SER B 947 3.12 -46.19 -73.22
N SER B 948 2.01 -46.85 -73.51
CA SER B 948 1.50 -46.78 -74.86
C SER B 948 0.12 -46.20 -74.82
N PHE B 949 -0.30 -45.61 -75.92
CA PHE B 949 -1.63 -45.03 -75.97
C PHE B 949 -2.46 -45.58 -77.08
N ALA B 950 -3.62 -46.05 -76.73
CA ALA B 950 -4.53 -46.61 -77.73
C ALA B 950 -5.55 -45.58 -78.14
N ALA B 951 -5.43 -45.02 -79.32
CA ALA B 951 -6.37 -43.98 -79.70
C ALA B 951 -7.62 -44.63 -80.23
N ILE B 952 -8.49 -44.98 -79.30
CA ILE B 952 -9.70 -45.70 -79.60
C ILE B 952 -10.87 -44.83 -79.25
N PRO B 953 -12.03 -45.03 -79.81
CA PRO B 953 -13.25 -44.34 -79.48
C PRO B 953 -13.64 -44.45 -78.05
N PHE B 954 -14.22 -43.42 -77.51
CA PHE B 954 -14.74 -43.43 -76.16
C PHE B 954 -15.71 -44.55 -75.97
N ALA B 955 -16.60 -44.72 -76.93
CA ALA B 955 -17.59 -45.77 -76.81
C ALA B 955 -16.97 -47.14 -76.68
N GLN B 956 -15.87 -47.37 -77.39
CA GLN B 956 -15.22 -48.65 -77.38
C GLN B 956 -14.64 -48.88 -76.00
N SER B 957 -14.12 -47.80 -75.41
CA SER B 957 -13.57 -47.85 -74.07
C SER B 957 -14.63 -48.21 -73.05
N ILE B 958 -15.82 -47.62 -73.20
CA ILE B 958 -16.91 -47.93 -72.28
C ILE B 958 -17.29 -49.38 -72.36
N PHE B 959 -17.34 -49.94 -73.56
CA PHE B 959 -17.74 -51.32 -73.61
C PHE B 959 -16.70 -52.20 -73.00
N TYR B 960 -15.41 -51.86 -73.11
CA TYR B 960 -14.42 -52.70 -72.44
C TYR B 960 -14.55 -52.56 -70.93
N ARG B 961 -14.84 -51.35 -70.46
CA ARG B 961 -15.04 -51.10 -69.04
C ARG B 961 -16.25 -51.83 -68.47
N LEU B 962 -17.31 -51.95 -69.25
CA LEU B 962 -18.47 -52.69 -68.79
C LEU B 962 -18.21 -54.18 -68.81
N ASN B 963 -17.47 -54.64 -69.81
CA ASN B 963 -17.19 -56.05 -69.88
C ASN B 963 -16.33 -56.47 -68.72
N GLY B 964 -15.48 -55.56 -68.29
CA GLY B 964 -14.55 -55.80 -67.23
C GLY B 964 -15.18 -55.87 -65.86
N VAL B 965 -16.46 -55.52 -65.75
CA VAL B 965 -17.07 -55.57 -64.45
C VAL B 965 -18.13 -56.65 -64.39
N GLY B 966 -18.20 -57.50 -65.43
CA GLY B 966 -19.18 -58.56 -65.38
C GLY B 966 -20.36 -58.49 -66.32
N ILE B 967 -20.36 -57.59 -67.29
CA ILE B 967 -21.48 -57.61 -68.23
C ILE B 967 -20.95 -58.30 -69.47
N THR B 968 -21.61 -59.36 -69.94
CA THR B 968 -21.02 -60.09 -71.06
C THR B 968 -21.10 -59.35 -72.36
N GLN B 969 -20.31 -59.79 -73.33
CA GLN B 969 -20.26 -59.16 -74.63
C GLN B 969 -21.52 -59.34 -75.41
N GLN B 970 -22.25 -60.43 -75.18
CA GLN B 970 -23.49 -60.62 -75.91
C GLN B 970 -24.46 -59.55 -75.49
N VAL B 971 -24.44 -59.21 -74.21
CA VAL B 971 -25.34 -58.22 -73.66
C VAL B 971 -24.97 -56.85 -74.13
N LEU B 972 -23.69 -56.55 -74.10
CA LEU B 972 -23.25 -55.23 -74.50
C LEU B 972 -23.53 -55.02 -75.97
N SER B 973 -23.39 -56.08 -76.78
CA SER B 973 -23.62 -55.98 -78.21
C SER B 973 -25.08 -55.74 -78.54
N GLU B 974 -25.98 -56.40 -77.81
CA GLU B 974 -27.40 -56.22 -78.06
C GLU B 974 -27.90 -54.87 -77.60
N ASN B 975 -27.28 -54.37 -76.53
CA ASN B 975 -27.69 -53.13 -75.90
C ASN B 975 -26.81 -51.92 -76.13
N GLN B 976 -26.04 -51.85 -77.19
CA GLN B 976 -25.16 -50.68 -77.27
C GLN B 976 -25.89 -49.35 -77.28
N LYS B 977 -27.07 -49.30 -77.89
CA LYS B 977 -27.78 -48.03 -77.94
C LYS B 977 -28.43 -47.76 -76.61
N LEU B 978 -28.83 -48.82 -75.92
CA LEU B 978 -29.49 -48.67 -74.63
C LEU B 978 -28.48 -48.16 -73.61
N ILE B 979 -27.27 -48.68 -73.69
CA ILE B 979 -26.20 -48.31 -72.81
C ILE B 979 -25.81 -46.87 -73.04
N ALA B 980 -25.64 -46.49 -74.31
CA ALA B 980 -25.30 -45.11 -74.58
C ALA B 980 -26.40 -44.20 -74.09
N ASN B 981 -27.67 -44.61 -74.22
CA ASN B 981 -28.72 -43.73 -73.77
C ASN B 981 -28.72 -43.58 -72.28
N LYS B 982 -28.45 -44.66 -71.55
CA LYS B 982 -28.44 -44.54 -70.10
C LYS B 982 -27.30 -43.71 -69.62
N PHE B 983 -26.16 -43.84 -70.29
CA PHE B 983 -25.00 -43.06 -69.94
C PHE B 983 -25.32 -41.60 -70.13
N ASN B 984 -25.94 -41.30 -71.27
CA ASN B 984 -26.28 -39.93 -71.60
C ASN B 984 -27.29 -39.35 -70.64
N GLN B 985 -28.20 -40.18 -70.13
CA GLN B 985 -29.14 -39.68 -69.16
C GLN B 985 -28.41 -39.35 -67.89
N ALA B 986 -27.45 -40.20 -67.49
CA ALA B 986 -26.73 -39.96 -66.26
C ALA B 986 -25.98 -38.65 -66.28
N LEU B 987 -25.39 -38.32 -67.43
CA LEU B 987 -24.65 -37.07 -67.50
C LEU B 987 -25.56 -35.91 -67.80
N GLY B 988 -26.59 -36.11 -68.60
CA GLY B 988 -27.48 -35.02 -68.94
C GLY B 988 -28.19 -34.53 -67.71
N ALA B 989 -28.50 -35.46 -66.80
CA ALA B 989 -29.20 -35.21 -65.55
C ALA B 989 -28.42 -34.32 -64.62
N MET B 990 -27.14 -34.24 -64.87
CA MET B 990 -26.24 -33.47 -64.05
C MET B 990 -26.16 -32.03 -64.47
N GLN B 991 -26.65 -31.69 -65.66
CA GLN B 991 -26.49 -30.32 -66.14
C GLN B 991 -27.21 -29.34 -65.24
N THR B 992 -28.29 -29.79 -64.63
CA THR B 992 -29.11 -28.97 -63.77
C THR B 992 -28.87 -29.28 -62.30
N GLY B 993 -27.81 -30.04 -62.03
CA GLY B 993 -27.51 -30.48 -60.69
C GLY B 993 -26.78 -29.50 -59.77
N PHE B 994 -26.30 -28.37 -60.24
CA PHE B 994 -25.56 -27.48 -59.33
C PHE B 994 -26.49 -26.60 -58.55
N THR B 995 -27.14 -27.24 -57.61
CA THR B 995 -28.18 -26.72 -56.75
C THR B 995 -28.01 -27.08 -55.31
N THR B 996 -29.04 -26.80 -54.53
CA THR B 996 -29.05 -26.93 -53.07
C THR B 996 -28.98 -28.37 -52.57
N THR B 997 -29.32 -29.30 -53.41
CA THR B 997 -29.33 -30.70 -53.04
C THR B 997 -28.05 -31.42 -53.42
N ASN B 998 -27.11 -30.71 -54.05
CA ASN B 998 -25.86 -31.29 -54.52
C ASN B 998 -24.75 -31.09 -53.50
N GLU B 999 -24.45 -32.10 -52.70
CA GLU B 999 -23.47 -31.95 -51.64
C GLU B 999 -22.11 -31.53 -52.16
N ALA B 1000 -21.67 -32.10 -53.28
CA ALA B 1000 -20.37 -31.74 -53.83
C ALA B 1000 -20.35 -30.28 -54.20
N PHE B 1001 -21.47 -29.79 -54.71
CA PHE B 1001 -21.56 -28.40 -55.08
C PHE B 1001 -21.45 -27.52 -53.84
N GLN B 1002 -22.17 -27.85 -52.75
CA GLN B 1002 -21.97 -27.01 -51.58
C GLN B 1002 -20.53 -27.06 -51.11
N LYS B 1003 -19.85 -28.20 -51.22
CA LYS B 1003 -18.48 -28.18 -50.77
C LYS B 1003 -17.66 -27.18 -51.56
N VAL B 1004 -18.00 -26.98 -52.83
CA VAL B 1004 -17.27 -26.00 -53.61
C VAL B 1004 -17.53 -24.61 -53.03
N GLN B 1005 -18.80 -24.32 -52.74
CA GLN B 1005 -19.14 -23.01 -52.19
C GLN B 1005 -18.53 -22.82 -50.82
N ASP B 1006 -18.44 -23.87 -50.03
CA ASP B 1006 -17.88 -23.77 -48.71
C ASP B 1006 -16.40 -23.49 -48.78
N ALA B 1007 -15.69 -24.09 -49.74
CA ALA B 1007 -14.28 -23.79 -49.85
C ALA B 1007 -14.10 -22.30 -50.09
N VAL B 1008 -15.01 -21.75 -50.89
CA VAL B 1008 -15.02 -20.33 -51.20
C VAL B 1008 -15.35 -19.51 -49.97
N ASN B 1009 -16.32 -19.97 -49.20
CA ASN B 1009 -16.71 -19.24 -48.02
C ASN B 1009 -15.60 -19.26 -47.00
N ASN B 1010 -14.80 -20.33 -46.97
CA ASN B 1010 -13.74 -20.41 -45.99
C ASN B 1010 -12.67 -19.41 -46.33
N ASN B 1011 -12.47 -19.15 -47.61
CA ASN B 1011 -11.47 -18.16 -47.97
C ASN B 1011 -11.95 -16.80 -47.52
N ALA B 1012 -13.25 -16.56 -47.70
CA ALA B 1012 -13.80 -15.28 -47.30
C ALA B 1012 -13.72 -15.10 -45.80
N GLN B 1013 -13.94 -16.16 -45.05
CA GLN B 1013 -13.90 -16.01 -43.60
C GLN B 1013 -12.53 -15.67 -43.14
N ALA B 1014 -11.52 -16.27 -43.77
CA ALA B 1014 -10.16 -15.99 -43.39
C ALA B 1014 -9.83 -14.53 -43.54
N LEU B 1015 -10.39 -13.90 -44.59
CA LEU B 1015 -10.09 -12.50 -44.81
C LEU B 1015 -10.93 -11.60 -43.92
N SER B 1016 -12.10 -12.10 -43.51
CA SER B 1016 -12.96 -11.29 -42.69
C SER B 1016 -12.38 -11.09 -41.34
N LYS B 1017 -11.47 -11.99 -40.91
CA LYS B 1017 -10.91 -11.78 -39.59
C LYS B 1017 -10.07 -10.53 -39.61
N LEU B 1018 -9.29 -10.35 -40.66
CA LEU B 1018 -8.47 -9.16 -40.71
C LEU B 1018 -9.31 -7.93 -40.94
N ALA B 1019 -10.30 -8.02 -41.80
CA ALA B 1019 -11.07 -6.82 -42.05
C ALA B 1019 -11.87 -6.36 -40.84
N SER B 1020 -12.42 -7.31 -40.07
CA SER B 1020 -13.27 -6.96 -38.95
C SER B 1020 -12.63 -6.69 -37.62
N GLU B 1021 -11.40 -7.15 -37.42
CA GLU B 1021 -10.81 -6.98 -36.11
C GLU B 1021 -10.16 -5.65 -35.86
N LEU B 1022 -9.92 -4.85 -36.90
CA LEU B 1022 -9.27 -3.57 -36.66
C LEU B 1022 -10.18 -2.56 -36.02
N SER B 1023 -11.47 -2.83 -36.01
CA SER B 1023 -12.43 -1.93 -35.41
C SER B 1023 -12.58 -2.16 -33.91
N ASN B 1024 -11.94 -3.21 -33.40
CA ASN B 1024 -12.07 -3.53 -31.98
C ASN B 1024 -11.15 -2.66 -31.17
N THR B 1025 -11.50 -2.43 -29.91
CA THR B 1025 -10.63 -1.59 -29.10
C THR B 1025 -9.88 -2.42 -28.11
N PHE B 1026 -10.35 -3.62 -27.83
CA PHE B 1026 -9.68 -4.50 -26.91
C PHE B 1026 -9.46 -3.87 -25.56
N GLY B 1027 -10.44 -3.07 -25.12
CA GLY B 1027 -10.43 -2.38 -23.85
C GLY B 1027 -9.91 -0.95 -23.92
N ALA B 1028 -9.36 -0.56 -25.07
CA ALA B 1028 -8.83 0.78 -25.30
C ALA B 1028 -9.95 1.77 -25.49
N ILE B 1029 -9.62 3.03 -25.31
CA ILE B 1029 -10.56 4.15 -25.48
C ILE B 1029 -11.00 4.35 -26.92
N SER B 1030 -10.19 3.88 -27.84
CA SER B 1030 -10.47 3.94 -29.25
C SER B 1030 -9.74 2.88 -30.02
N ALA B 1031 -10.27 2.49 -31.18
CA ALA B 1031 -9.58 1.56 -32.08
C ALA B 1031 -8.56 2.31 -32.92
N SER B 1032 -8.61 3.63 -32.84
CA SER B 1032 -7.72 4.48 -33.56
C SER B 1032 -6.52 4.91 -32.75
N ILE B 1033 -5.36 4.66 -33.28
CA ILE B 1033 -4.12 5.04 -32.65
C ILE B 1033 -4.07 6.54 -32.62
N GLY B 1034 -4.50 7.17 -33.71
CA GLY B 1034 -4.50 8.61 -33.78
C GLY B 1034 -5.35 9.25 -32.69
N ASP B 1035 -6.48 8.62 -32.29
CA ASP B 1035 -7.31 9.18 -31.22
C ASP B 1035 -6.61 9.05 -29.90
N ILE B 1036 -5.90 7.96 -29.71
CA ILE B 1036 -5.20 7.75 -28.48
C ILE B 1036 -4.12 8.77 -28.31
N ILE B 1037 -3.37 9.00 -29.37
CA ILE B 1037 -2.29 9.98 -29.32
C ILE B 1037 -2.82 11.36 -29.10
N GLN B 1038 -3.88 11.72 -29.82
CA GLN B 1038 -4.49 13.02 -29.69
C GLN B 1038 -5.06 13.32 -28.31
N ARG B 1039 -5.59 12.30 -27.63
CA ARG B 1039 -6.18 12.51 -26.31
C ARG B 1039 -5.27 12.32 -25.11
N LEU B 1040 -4.31 11.40 -25.17
CA LEU B 1040 -3.50 11.07 -23.99
C LEU B 1040 -2.02 11.37 -24.05
N ASP B 1041 -1.43 11.64 -22.89
CA ASP B 1041 0.02 11.77 -22.75
C ASP B 1041 0.67 10.41 -22.64
N PRO B 1042 1.96 10.27 -23.00
CA PRO B 1042 2.73 9.04 -23.03
C PRO B 1042 2.52 8.00 -21.92
N PRO B 1043 2.52 8.28 -20.62
CA PRO B 1043 2.36 7.21 -19.66
C PRO B 1043 1.02 6.47 -19.78
N GLU B 1044 -0.02 7.13 -20.33
CA GLU B 1044 -1.31 6.46 -20.46
C GLU B 1044 -1.53 6.10 -21.90
N GLN B 1045 -0.96 6.93 -22.78
CA GLN B 1045 -1.07 6.78 -24.22
C GLN B 1045 -0.46 5.45 -24.59
N ASP B 1046 0.63 5.12 -23.91
CA ASP B 1046 1.38 3.90 -24.11
C ASP B 1046 0.52 2.71 -23.80
N ALA B 1047 -0.17 2.74 -22.66
CA ALA B 1047 -1.01 1.64 -22.25
C ALA B 1047 -2.14 1.39 -23.20
N GLN B 1048 -2.68 2.45 -23.76
CA GLN B 1048 -3.79 2.31 -24.69
C GLN B 1048 -3.35 1.80 -26.04
N ILE B 1049 -2.18 2.25 -26.50
CA ILE B 1049 -1.68 1.78 -27.77
C ILE B 1049 -1.35 0.34 -27.61
N ASP B 1050 -0.75 0.01 -26.47
CA ASP B 1050 -0.37 -1.35 -26.20
C ASP B 1050 -1.58 -2.28 -26.19
N ARG B 1051 -2.74 -1.83 -25.67
CA ARG B 1051 -3.88 -2.72 -25.79
C ARG B 1051 -4.21 -3.02 -27.23
N LEU B 1052 -4.11 -1.99 -28.09
CA LEU B 1052 -4.43 -2.26 -29.48
C LEU B 1052 -3.40 -3.17 -30.08
N ILE B 1053 -2.14 -3.03 -29.69
CA ILE B 1053 -1.13 -3.90 -30.24
C ILE B 1053 -1.41 -5.31 -29.81
N ASN B 1054 -1.67 -5.54 -28.53
CA ASN B 1054 -1.87 -6.92 -28.14
C ASN B 1054 -2.99 -7.56 -28.89
N GLY B 1055 -4.07 -6.83 -29.11
CA GLY B 1055 -5.22 -7.37 -29.81
C GLY B 1055 -4.93 -7.68 -31.24
N ARG B 1056 -4.12 -6.86 -31.87
CA ARG B 1056 -3.82 -7.04 -33.27
C ARG B 1056 -2.76 -8.10 -33.46
N LEU B 1057 -1.85 -8.24 -32.49
CA LEU B 1057 -0.85 -9.26 -32.63
C LEU B 1057 -1.53 -10.60 -32.49
N THR B 1058 -2.52 -10.65 -31.58
CA THR B 1058 -3.28 -11.85 -31.33
C THR B 1058 -4.05 -12.24 -32.56
N THR B 1059 -4.67 -11.25 -33.20
CA THR B 1059 -5.40 -11.50 -34.41
C THR B 1059 -4.53 -12.04 -35.49
N LEU B 1060 -3.34 -11.46 -35.67
CA LEU B 1060 -2.47 -11.96 -36.70
C LEU B 1060 -1.94 -13.33 -36.37
N ASN B 1061 -1.70 -13.63 -35.10
CA ASN B 1061 -1.23 -14.96 -34.82
C ASN B 1061 -2.31 -15.96 -35.11
N ALA B 1062 -3.56 -15.62 -34.81
CA ALA B 1062 -4.66 -16.52 -35.08
C ALA B 1062 -4.82 -16.75 -36.56
N PHE B 1063 -4.67 -15.68 -37.33
CA PHE B 1063 -4.78 -15.76 -38.78
C PHE B 1063 -3.74 -16.67 -39.34
N VAL B 1064 -2.50 -16.47 -38.93
CA VAL B 1064 -1.45 -17.28 -39.44
C VAL B 1064 -1.66 -18.70 -39.01
N ALA B 1065 -2.03 -18.94 -37.76
CA ALA B 1065 -2.21 -20.31 -37.38
C ALA B 1065 -3.23 -20.98 -38.26
N GLN B 1066 -4.30 -20.28 -38.64
CA GLN B 1066 -5.27 -20.89 -39.51
C GLN B 1066 -4.79 -21.01 -40.92
N GLN B 1067 -3.97 -20.09 -41.42
CA GLN B 1067 -3.53 -20.29 -42.78
C GLN B 1067 -2.65 -21.50 -42.83
N LEU B 1068 -1.88 -21.75 -41.78
CA LEU B 1068 -1.07 -22.96 -41.76
C LEU B 1068 -1.95 -24.21 -41.64
N VAL B 1069 -3.02 -24.17 -40.85
CA VAL B 1069 -3.88 -25.33 -40.76
C VAL B 1069 -4.59 -25.60 -42.06
N ARG B 1070 -5.09 -24.54 -42.69
CA ARG B 1070 -5.81 -24.66 -43.93
C ARG B 1070 -4.92 -25.05 -45.08
N SER B 1071 -3.68 -24.59 -45.10
CA SER B 1071 -2.78 -24.96 -46.17
C SER B 1071 -2.29 -26.38 -46.00
N GLU B 1072 -2.24 -26.87 -44.75
CA GLU B 1072 -1.80 -28.24 -44.54
C GLU B 1072 -2.91 -29.14 -45.01
N SER B 1073 -4.15 -28.76 -44.68
CA SER B 1073 -5.30 -29.55 -45.08
C SER B 1073 -5.44 -29.59 -46.56
N ALA B 1074 -5.31 -28.44 -47.22
CA ALA B 1074 -5.43 -28.39 -48.65
C ALA B 1074 -4.35 -29.21 -49.31
N ALA B 1075 -3.14 -29.21 -48.75
CA ALA B 1075 -2.08 -30.01 -49.34
C ALA B 1075 -2.38 -31.51 -49.25
N LEU B 1076 -2.96 -31.95 -48.13
CA LEU B 1076 -3.29 -33.37 -48.03
C LEU B 1076 -4.35 -33.70 -49.02
N SER B 1077 -5.29 -32.79 -49.16
CA SER B 1077 -6.41 -32.96 -50.04
C SER B 1077 -5.89 -33.00 -51.47
N ALA B 1078 -4.92 -32.16 -51.80
CA ALA B 1078 -4.34 -32.18 -53.12
C ALA B 1078 -3.73 -33.54 -53.45
N GLN B 1079 -3.16 -34.20 -52.46
CA GLN B 1079 -2.62 -35.52 -52.75
C GLN B 1079 -3.74 -36.51 -52.97
N LEU B 1080 -4.89 -36.28 -52.33
CA LEU B 1080 -6.03 -37.15 -52.57
C LEU B 1080 -6.49 -36.95 -54.00
N ALA B 1081 -6.52 -35.69 -54.44
CA ALA B 1081 -6.93 -35.38 -55.80
C ALA B 1081 -6.00 -36.05 -56.78
N LYS B 1082 -4.69 -36.06 -56.46
CA LYS B 1082 -3.70 -36.71 -57.30
C LYS B 1082 -4.00 -38.17 -57.45
N ASP B 1083 -4.33 -38.82 -56.32
CA ASP B 1083 -4.64 -40.23 -56.37
C ASP B 1083 -5.89 -40.50 -57.15
N LYS B 1084 -6.90 -39.65 -57.02
CA LYS B 1084 -8.08 -39.87 -57.79
C LYS B 1084 -7.88 -39.68 -59.26
N VAL B 1085 -7.07 -38.72 -59.64
CA VAL B 1085 -6.90 -38.64 -61.06
C VAL B 1085 -6.26 -39.93 -61.55
N ASN B 1086 -5.22 -40.39 -60.86
CA ASN B 1086 -4.56 -41.58 -61.37
C ASN B 1086 -5.36 -42.86 -61.26
N GLU B 1087 -6.15 -42.99 -60.21
CA GLU B 1087 -6.96 -44.17 -59.92
C GLU B 1087 -8.30 -44.17 -60.58
N CYS B 1088 -9.03 -43.11 -60.72
CA CYS B 1088 -10.27 -42.89 -61.16
C CYS B 1088 -10.52 -42.54 -62.65
N VAL B 1089 -9.53 -41.53 -62.96
CA VAL B 1089 -9.70 -40.90 -64.27
C VAL B 1089 -8.84 -41.55 -65.31
N LYS B 1090 -7.59 -41.82 -64.96
CA LYS B 1090 -6.66 -42.42 -65.89
C LYS B 1090 -6.75 -43.94 -65.86
N ALA B 1091 -7.64 -44.47 -65.04
CA ALA B 1091 -7.80 -45.89 -64.90
C ALA B 1091 -9.20 -46.21 -64.46
N GLN B 1092 -9.64 -47.43 -64.74
CA GLN B 1092 -10.90 -47.88 -64.16
C GLN B 1092 -10.55 -48.43 -62.78
N SER B 1093 -11.26 -48.01 -61.74
CA SER B 1093 -10.93 -48.49 -60.41
C SER B 1093 -11.71 -49.70 -60.04
N LYS B 1094 -11.09 -50.59 -59.29
CA LYS B 1094 -11.74 -51.78 -58.74
C LYS B 1094 -11.93 -51.66 -57.23
N ARG B 1095 -11.68 -50.47 -56.70
CA ARG B 1095 -11.80 -50.21 -55.27
C ARG B 1095 -13.17 -49.69 -54.90
N SER B 1096 -13.95 -50.49 -54.20
CA SER B 1096 -15.28 -50.04 -53.90
C SER B 1096 -15.23 -48.78 -53.09
N GLY B 1097 -16.00 -47.79 -53.50
CA GLY B 1097 -16.16 -46.57 -52.73
C GLY B 1097 -15.03 -45.58 -52.85
N PHE B 1098 -13.99 -45.92 -53.60
CA PHE B 1098 -12.90 -44.97 -53.69
C PHE B 1098 -13.28 -43.85 -54.57
N CYS B 1099 -13.83 -44.20 -55.71
CA CYS B 1099 -14.23 -43.23 -56.68
C CYS B 1099 -15.66 -42.90 -56.29
N GLY B 1100 -16.62 -43.34 -57.06
CA GLY B 1100 -18.00 -43.07 -56.69
C GLY B 1100 -18.64 -44.31 -56.09
N GLN B 1101 -19.96 -44.26 -56.01
CA GLN B 1101 -20.71 -45.39 -55.48
C GLN B 1101 -21.06 -46.31 -56.63
N GLY B 1102 -21.33 -47.57 -56.34
CA GLY B 1102 -21.68 -48.51 -57.39
C GLY B 1102 -20.38 -48.99 -58.00
N THR B 1103 -20.44 -49.62 -59.15
CA THR B 1103 -19.20 -50.14 -59.73
C THR B 1103 -18.61 -49.07 -60.63
N HIS B 1104 -17.36 -48.72 -60.43
CA HIS B 1104 -16.80 -47.65 -61.24
C HIS B 1104 -16.58 -48.03 -62.68
N ILE B 1105 -16.98 -47.10 -63.56
CA ILE B 1105 -16.78 -47.27 -64.98
C ILE B 1105 -15.81 -46.22 -65.50
N VAL B 1106 -16.16 -44.96 -65.39
CA VAL B 1106 -15.28 -43.91 -65.93
C VAL B 1106 -15.39 -42.62 -65.12
N SER B 1107 -14.32 -41.86 -64.97
CA SER B 1107 -14.45 -40.58 -64.29
C SER B 1107 -13.90 -39.47 -65.15
N PHE B 1108 -14.43 -38.27 -64.93
CA PHE B 1108 -13.99 -37.10 -65.62
C PHE B 1108 -13.60 -36.03 -64.63
N VAL B 1109 -12.70 -35.13 -65.02
CA VAL B 1109 -12.31 -34.02 -64.14
C VAL B 1109 -12.37 -32.66 -64.80
N VAL B 1110 -12.94 -31.70 -64.07
CA VAL B 1110 -12.97 -30.31 -64.50
C VAL B 1110 -12.41 -29.50 -63.34
N ASN B 1111 -12.03 -28.25 -63.57
CA ASN B 1111 -11.52 -27.45 -62.48
C ASN B 1111 -12.67 -26.86 -61.71
N ALA B 1112 -12.41 -26.58 -60.45
CA ALA B 1112 -13.35 -25.95 -59.55
C ALA B 1112 -12.65 -24.77 -58.92
N PRO B 1113 -13.35 -23.79 -58.36
CA PRO B 1113 -12.78 -22.62 -57.71
C PRO B 1113 -11.56 -22.81 -56.82
N ASN B 1114 -11.53 -23.85 -56.00
CA ASN B 1114 -10.34 -24.05 -55.17
C ASN B 1114 -9.80 -25.46 -55.32
N GLY B 1115 -9.99 -26.07 -56.48
CA GLY B 1115 -9.58 -27.46 -56.62
C GLY B 1115 -10.16 -28.14 -57.83
N LEU B 1116 -10.38 -29.44 -57.71
CA LEU B 1116 -10.90 -30.22 -58.83
C LEU B 1116 -12.29 -30.75 -58.54
N TYR B 1117 -13.09 -30.85 -59.57
CA TYR B 1117 -14.40 -31.42 -59.43
C TYR B 1117 -14.44 -32.72 -60.22
N PHE B 1118 -14.63 -33.82 -59.51
CA PHE B 1118 -14.63 -35.15 -60.08
C PHE B 1118 -16.02 -35.54 -60.44
N MET B 1119 -16.11 -36.21 -61.56
CA MET B 1119 -17.39 -36.59 -62.08
C MET B 1119 -17.36 -38.09 -62.24
N HIS B 1120 -17.81 -38.87 -61.25
CA HIS B 1120 -17.55 -40.32 -61.33
C HIS B 1120 -18.74 -41.05 -61.86
N VAL B 1121 -18.61 -41.76 -62.97
CA VAL B 1121 -19.77 -42.45 -63.50
C VAL B 1121 -19.68 -43.89 -63.09
N GLY B 1122 -20.69 -44.34 -62.37
CA GLY B 1122 -20.70 -45.71 -61.91
C GLY B 1122 -21.88 -46.47 -62.44
N TYR B 1123 -21.79 -47.76 -62.30
CA TYR B 1123 -22.82 -48.70 -62.71
C TYR B 1123 -23.64 -49.07 -61.51
N TYR B 1124 -24.93 -48.82 -61.60
CA TYR B 1124 -25.83 -49.07 -60.53
C TYR B 1124 -26.84 -50.11 -60.89
N PRO B 1125 -26.80 -51.28 -60.28
CA PRO B 1125 -27.67 -52.37 -60.56
C PRO B 1125 -29.04 -52.11 -60.00
N SER B 1126 -30.04 -52.77 -60.55
CA SER B 1126 -31.37 -52.71 -59.98
C SER B 1126 -32.19 -53.95 -60.32
N ASN B 1127 -33.35 -54.07 -59.67
CA ASN B 1127 -34.25 -55.17 -59.91
C ASN B 1127 -33.59 -56.51 -59.77
N HIS B 1128 -32.89 -56.72 -58.67
CA HIS B 1128 -32.23 -57.97 -58.45
C HIS B 1128 -33.20 -59.10 -58.31
N ILE B 1129 -32.81 -60.26 -58.81
CA ILE B 1129 -33.60 -61.47 -58.65
C ILE B 1129 -32.77 -62.52 -58.03
N GLU B 1130 -33.39 -63.53 -57.46
CA GLU B 1130 -32.61 -64.62 -56.93
C GLU B 1130 -32.68 -65.84 -57.83
N VAL B 1131 -31.52 -66.40 -58.10
CA VAL B 1131 -31.40 -67.60 -58.88
C VAL B 1131 -30.55 -68.59 -58.13
N VAL B 1132 -30.58 -69.84 -58.53
CA VAL B 1132 -29.77 -70.85 -57.90
C VAL B 1132 -28.51 -71.12 -58.69
N SER B 1133 -27.37 -71.05 -58.00
CA SER B 1133 -26.07 -71.20 -58.61
C SER B 1133 -25.24 -72.35 -58.09
N ALA B 1134 -24.33 -72.80 -58.95
CA ALA B 1134 -23.37 -73.85 -58.62
C ALA B 1134 -22.03 -73.26 -58.26
N TYR B 1135 -21.25 -73.97 -57.47
CA TYR B 1135 -19.91 -73.50 -57.19
C TYR B 1135 -19.01 -73.86 -58.35
N GLY B 1136 -19.43 -74.86 -59.09
CA GLY B 1136 -18.75 -75.40 -60.24
C GLY B 1136 -19.49 -76.64 -60.70
N LEU B 1137 -19.09 -77.14 -61.85
CA LEU B 1137 -19.70 -78.31 -62.48
C LEU B 1137 -18.65 -79.34 -62.83
N CYS B 1138 -18.90 -80.61 -62.56
CA CYS B 1138 -18.03 -81.69 -62.91
C CYS B 1138 -18.67 -82.71 -63.81
N ASP B 1139 -17.94 -83.33 -64.66
CA ASP B 1139 -18.50 -84.42 -65.43
C ASP B 1139 -18.76 -85.59 -64.50
N ALA B 1140 -20.01 -86.01 -64.37
CA ALA B 1140 -20.34 -87.09 -63.44
C ALA B 1140 -19.63 -88.38 -63.79
N ALA B 1141 -19.43 -88.63 -65.10
CA ALA B 1141 -18.75 -89.85 -65.55
C ALA B 1141 -17.24 -89.71 -65.41
N ASN B 1142 -16.78 -88.47 -65.47
CA ASN B 1142 -15.37 -88.13 -65.41
C ASN B 1142 -15.14 -87.06 -64.36
N PRO B 1143 -15.22 -87.41 -63.07
CA PRO B 1143 -15.31 -86.57 -61.89
C PRO B 1143 -14.12 -85.69 -61.62
N THR B 1144 -13.02 -85.91 -62.31
CA THR B 1144 -11.86 -85.06 -62.11
C THR B 1144 -11.84 -83.91 -63.12
N ASN B 1145 -12.78 -83.91 -64.06
CA ASN B 1145 -12.85 -82.87 -65.07
C ASN B 1145 -13.92 -81.84 -64.69
N CYS B 1146 -13.48 -80.75 -64.08
CA CYS B 1146 -14.40 -79.77 -63.54
C CYS B 1146 -14.14 -78.38 -64.02
N ILE B 1147 -15.20 -77.59 -64.06
CA ILE B 1147 -15.15 -76.18 -64.41
C ILE B 1147 -15.79 -75.26 -63.40
N ALA B 1148 -15.31 -74.04 -63.44
CA ALA B 1148 -15.83 -72.97 -62.63
C ALA B 1148 -16.06 -71.84 -63.56
N PRO B 1149 -17.01 -70.95 -63.31
CA PRO B 1149 -17.30 -69.81 -64.13
C PRO B 1149 -16.22 -68.75 -63.99
N VAL B 1150 -16.05 -67.96 -65.03
CA VAL B 1150 -15.14 -66.85 -64.99
C VAL B 1150 -15.86 -65.53 -65.06
N ASN B 1151 -15.73 -64.74 -64.01
CA ASN B 1151 -16.38 -63.43 -63.87
C ASN B 1151 -17.89 -63.49 -64.04
N GLY B 1152 -18.48 -64.55 -63.52
CA GLY B 1152 -19.88 -64.80 -63.64
C GLY B 1152 -20.26 -66.02 -62.87
N TYR B 1153 -21.44 -66.50 -63.13
CA TYR B 1153 -21.99 -67.61 -62.40
C TYR B 1153 -22.59 -68.67 -63.28
N PHE B 1154 -22.60 -69.89 -62.78
CA PHE B 1154 -23.31 -70.99 -63.39
C PHE B 1154 -24.66 -71.03 -62.72
N ILE B 1155 -25.73 -70.90 -63.49
CA ILE B 1155 -27.10 -70.82 -62.95
C ILE B 1155 -28.01 -71.88 -63.53
N LYS B 1156 -29.04 -72.23 -62.78
CA LYS B 1156 -30.02 -73.20 -63.27
C LYS B 1156 -31.04 -72.50 -64.11
N THR B 1157 -31.42 -73.13 -65.21
CA THR B 1157 -32.44 -72.60 -66.11
C THR B 1157 -32.90 -73.65 -67.08
N GLU B 1165 -29.79 -77.13 -69.06
CA GLU B 1165 -29.96 -77.09 -67.62
C GLU B 1165 -29.15 -75.99 -67.00
N TRP B 1166 -27.83 -76.11 -67.08
CA TRP B 1166 -26.95 -75.09 -66.55
C TRP B 1166 -26.57 -74.11 -67.63
N SER B 1167 -26.48 -72.85 -67.26
CA SER B 1167 -26.05 -71.84 -68.20
C SER B 1167 -25.20 -70.85 -67.46
N TYR B 1168 -24.57 -69.96 -68.18
CA TYR B 1168 -23.69 -68.97 -67.60
C TYR B 1168 -24.27 -67.57 -67.63
N THR B 1169 -24.03 -66.78 -66.59
CA THR B 1169 -24.43 -65.38 -66.68
C THR B 1169 -23.27 -64.53 -66.16
N GLY B 1170 -23.10 -63.32 -66.69
CA GLY B 1170 -22.03 -62.44 -66.18
C GLY B 1170 -22.39 -61.96 -64.79
N SER B 1171 -21.40 -61.62 -63.98
CA SER B 1171 -21.73 -61.24 -62.62
C SER B 1171 -22.52 -59.99 -62.38
N SER B 1172 -22.51 -59.07 -63.33
CA SER B 1172 -23.23 -57.83 -63.08
C SER B 1172 -24.56 -57.73 -63.76
N PHE B 1173 -24.93 -58.72 -64.53
CA PHE B 1173 -26.19 -58.55 -65.23
C PHE B 1173 -26.73 -59.90 -65.59
N TYR B 1174 -27.95 -60.17 -65.17
CA TYR B 1174 -28.50 -61.47 -65.47
C TYR B 1174 -28.88 -61.57 -66.90
N ALA B 1175 -28.25 -62.50 -67.56
CA ALA B 1175 -28.46 -62.69 -68.98
C ALA B 1175 -27.88 -64.03 -69.33
N PRO B 1176 -28.61 -65.11 -69.16
CA PRO B 1176 -28.10 -66.46 -69.36
C PRO B 1176 -27.62 -66.65 -70.80
N GLU B 1177 -26.50 -67.36 -70.93
CA GLU B 1177 -25.91 -67.70 -72.21
C GLU B 1177 -25.29 -69.08 -72.01
N PRO B 1178 -24.99 -69.85 -73.05
CA PRO B 1178 -24.39 -71.16 -72.93
C PRO B 1178 -23.05 -71.12 -72.23
N ILE B 1179 -22.74 -72.21 -71.52
CA ILE B 1179 -21.45 -72.40 -70.91
C ILE B 1179 -20.52 -72.86 -72.00
N THR B 1180 -19.44 -72.13 -72.18
CA THR B 1180 -18.47 -72.40 -73.22
C THR B 1180 -17.08 -72.29 -72.63
N SER B 1181 -16.08 -72.61 -73.41
CA SER B 1181 -14.70 -72.49 -72.95
C SER B 1181 -14.26 -71.04 -72.75
N LEU B 1182 -15.05 -70.10 -73.24
CA LEU B 1182 -14.71 -68.69 -73.10
C LEU B 1182 -15.22 -68.07 -71.80
N ASN B 1183 -16.02 -68.81 -71.04
CA ASN B 1183 -16.59 -68.27 -69.81
C ASN B 1183 -16.35 -69.19 -68.63
N THR B 1184 -15.47 -70.16 -68.83
CA THR B 1184 -15.11 -71.14 -67.83
C THR B 1184 -13.62 -71.30 -67.69
N LYS B 1185 -13.22 -71.88 -66.58
CA LYS B 1185 -11.86 -72.28 -66.36
C LYS B 1185 -11.86 -73.67 -65.79
N TYR B 1186 -10.84 -74.46 -66.09
CA TYR B 1186 -10.81 -75.77 -65.50
C TYR B 1186 -10.25 -75.65 -64.11
N VAL B 1187 -10.85 -76.39 -63.22
CA VAL B 1187 -10.46 -76.39 -61.82
C VAL B 1187 -10.30 -77.76 -61.24
N ALA B 1188 -9.66 -77.83 -60.09
CA ALA B 1188 -9.59 -79.08 -59.36
C ALA B 1188 -10.99 -79.38 -58.86
N PRO B 1189 -11.41 -80.64 -58.74
CA PRO B 1189 -12.71 -81.05 -58.25
C PRO B 1189 -12.91 -80.70 -56.80
N GLN B 1190 -14.13 -80.36 -56.45
CA GLN B 1190 -14.52 -80.03 -55.09
C GLN B 1190 -15.83 -80.68 -54.74
N VAL B 1191 -16.06 -80.88 -53.46
CA VAL B 1191 -17.27 -81.48 -52.93
C VAL B 1191 -18.53 -80.69 -53.22
N THR B 1192 -18.38 -79.41 -53.48
CA THR B 1192 -19.50 -78.53 -53.75
C THR B 1192 -19.85 -78.39 -55.22
N TYR B 1193 -19.07 -79.05 -56.08
CA TYR B 1193 -19.34 -78.95 -57.50
C TYR B 1193 -20.44 -79.95 -57.82
N GLN B 1194 -21.26 -79.64 -58.82
CA GLN B 1194 -22.35 -80.55 -59.16
C GLN B 1194 -21.89 -81.62 -60.09
N ASN B 1195 -22.44 -82.85 -59.95
CA ASN B 1195 -22.13 -83.89 -60.89
C ASN B 1195 -23.11 -83.94 -62.01
N ILE B 1196 -22.79 -83.54 -63.20
CA ILE B 1196 -23.76 -83.47 -64.29
C ILE B 1196 -23.55 -84.62 -65.26
N SER B 1197 -24.63 -85.28 -65.61
CA SER B 1197 -24.61 -86.47 -66.47
C SER B 1197 -25.39 -86.43 -67.77
N THR B 1198 -26.04 -85.33 -68.09
CA THR B 1198 -26.84 -85.26 -69.30
C THR B 1198 -26.38 -84.18 -70.25
N ASN B 1199 -26.91 -82.99 -70.07
CA ASN B 1199 -26.53 -81.91 -70.98
C ASN B 1199 -25.25 -81.26 -70.54
N LEU B 1200 -24.16 -81.95 -70.84
CA LEU B 1200 -22.83 -81.57 -70.43
C LEU B 1200 -22.45 -80.43 -71.36
N PRO B 1201 -21.89 -79.32 -70.85
CA PRO B 1201 -21.43 -78.23 -71.67
C PRO B 1201 -20.16 -78.68 -72.40
N PRO B 1202 -19.83 -78.10 -73.55
CA PRO B 1202 -18.65 -78.38 -74.34
C PRO B 1202 -17.30 -78.47 -73.62
N PRO B 1203 -16.94 -77.69 -72.58
CA PRO B 1203 -15.69 -77.88 -71.88
C PRO B 1203 -15.60 -79.22 -71.14
N LEU B 1204 -16.75 -79.84 -70.81
CA LEU B 1204 -16.75 -81.16 -70.15
C LEU B 1204 -16.98 -82.31 -71.14
N LEU B 1205 -17.37 -82.01 -72.37
CA LEU B 1205 -17.60 -83.09 -73.33
C LEU B 1205 -16.30 -83.58 -73.91
N GLY B 1206 -15.54 -84.29 -73.09
CA GLY B 1206 -14.20 -84.77 -73.45
C GLY B 1206 -14.14 -86.27 -73.33
N VAL C 1 -0.19 -6.48 32.15
CA VAL C 1 -0.81 -7.60 32.82
C VAL C 1 -0.09 -8.10 34.03
N ASP C 2 -0.84 -8.23 35.09
CA ASP C 2 -0.35 -8.77 36.34
C ASP C 2 -0.22 -10.28 36.17
N VAL C 3 0.99 -10.80 36.34
CA VAL C 3 1.29 -12.21 36.13
C VAL C 3 1.69 -12.88 37.43
N GLY C 4 1.26 -12.28 38.53
CA GLY C 4 1.53 -12.81 39.85
C GLY C 4 2.78 -12.16 40.38
N PRO C 5 3.18 -12.47 41.61
CA PRO C 5 4.31 -11.92 42.32
C PRO C 5 5.63 -12.41 41.78
N ASP C 6 6.68 -11.64 42.08
CA ASP C 6 8.05 -12.01 41.79
C ASP C 6 8.48 -13.13 42.72
N SER C 7 9.43 -13.92 42.30
CA SER C 7 10.03 -14.90 43.18
C SER C 7 10.76 -14.17 44.30
N VAL C 8 10.71 -14.78 45.48
CA VAL C 8 11.36 -14.22 46.64
C VAL C 8 12.61 -14.98 47.04
N LYS C 9 13.04 -15.90 46.21
CA LYS C 9 14.22 -16.64 46.55
C LYS C 9 15.48 -15.84 46.22
N SER C 10 16.48 -15.99 47.08
CA SER C 10 17.79 -15.34 46.93
C SER C 10 18.74 -16.05 45.99
N ALA C 11 18.34 -17.22 45.60
CA ALA C 11 19.14 -18.06 44.72
C ALA C 11 18.27 -18.93 43.87
N CYS C 12 18.85 -19.30 42.74
CA CYS C 12 18.30 -20.22 41.79
C CYS C 12 18.82 -21.63 42.05
N ILE C 13 18.14 -22.65 41.58
CA ILE C 13 18.69 -23.97 41.71
C ILE C 13 19.79 -24.13 40.67
N GLU C 14 20.92 -24.65 41.14
CA GLU C 14 22.10 -24.90 40.34
C GLU C 14 21.78 -25.80 39.16
N VAL C 15 22.29 -25.45 37.99
CA VAL C 15 22.03 -26.23 36.81
C VAL C 15 23.30 -26.86 36.25
N ASP C 16 23.26 -28.16 36.11
CA ASP C 16 24.34 -28.97 35.58
C ASP C 16 24.17 -29.22 34.09
N ILE C 17 25.01 -28.63 33.25
CA ILE C 17 24.83 -28.82 31.83
C ILE C 17 25.81 -29.90 31.36
N GLN C 18 25.31 -31.03 30.91
CA GLN C 18 26.21 -32.09 30.41
C GLN C 18 25.70 -32.62 29.09
N GLN C 19 26.03 -31.92 28.01
CA GLN C 19 25.47 -32.21 26.71
C GLN C 19 25.73 -33.60 26.21
N THR C 20 26.83 -34.19 26.62
CA THR C 20 27.14 -35.54 26.19
C THR C 20 25.97 -36.48 26.40
N PHE C 21 25.27 -36.34 27.52
CA PHE C 21 24.18 -37.24 27.87
C PHE C 21 22.97 -37.07 27.02
N PHE C 22 22.88 -35.95 26.33
CA PHE C 22 21.74 -35.61 25.52
C PHE C 22 22.08 -35.78 24.03
N ASP C 23 23.30 -36.23 23.72
CA ASP C 23 23.70 -36.40 22.32
C ASP C 23 23.26 -37.76 21.82
N LYS C 24 21.97 -37.89 21.59
CA LYS C 24 21.36 -39.15 21.20
C LYS C 24 20.95 -39.14 19.76
N THR C 25 20.92 -40.31 19.15
CA THR C 25 20.49 -40.46 17.78
C THR C 25 19.24 -41.30 17.69
N TRP C 26 18.12 -40.61 17.61
CA TRP C 26 16.79 -41.18 17.60
C TRP C 26 16.00 -40.53 16.47
N PRO C 27 16.41 -40.69 15.22
CA PRO C 27 15.89 -39.95 14.09
C PRO C 27 14.44 -40.20 13.77
N ARG C 28 13.72 -39.14 13.53
CA ARG C 28 12.33 -39.20 13.15
C ARG C 28 12.06 -38.11 12.16
N PRO C 29 12.51 -38.23 10.92
CA PRO C 29 12.39 -37.23 9.91
C PRO C 29 10.98 -37.09 9.46
N ILE C 30 10.67 -35.98 8.83
CA ILE C 30 9.34 -35.83 8.30
C ILE C 30 9.05 -36.79 7.20
N ASP C 31 7.96 -37.52 7.37
CA ASP C 31 7.48 -38.43 6.36
C ASP C 31 6.24 -37.78 5.77
N VAL C 32 6.37 -37.16 4.62
CA VAL C 32 5.28 -36.41 4.07
C VAL C 32 4.18 -37.37 3.60
N SER C 33 4.55 -38.59 3.24
CA SER C 33 3.61 -39.60 2.76
C SER C 33 2.66 -40.06 3.84
N LYS C 34 2.99 -39.73 5.09
CA LYS C 34 2.19 -40.07 6.27
C LYS C 34 1.56 -38.77 6.81
N ALA C 35 1.75 -37.67 6.04
CA ALA C 35 1.35 -36.30 6.29
C ALA C 35 1.93 -35.70 7.58
N ASP C 36 3.19 -36.04 7.91
CA ASP C 36 3.80 -35.46 9.08
C ASP C 36 4.01 -33.97 8.93
N GLY C 37 3.72 -33.23 9.99
CA GLY C 37 4.02 -31.82 10.04
C GLY C 37 3.10 -30.90 9.29
N ILE C 38 1.99 -31.43 8.77
CA ILE C 38 1.13 -30.58 8.01
C ILE C 38 0.07 -29.79 8.74
N ILE C 39 0.10 -28.51 8.46
CA ILE C 39 -0.85 -27.54 8.91
C ILE C 39 -1.92 -27.53 7.84
N TYR C 40 -3.16 -27.70 8.25
CA TYR C 40 -4.27 -27.82 7.33
C TYR C 40 -4.50 -26.48 6.63
N PRO C 41 -4.91 -26.40 5.33
CA PRO C 41 -5.17 -25.14 4.67
C PRO C 41 -6.13 -24.40 5.59
N GLN C 42 -5.84 -23.14 5.88
CA GLN C 42 -6.58 -22.49 6.94
C GLN C 42 -7.98 -21.98 6.76
N GLY C 43 -8.35 -21.49 5.61
CA GLY C 43 -9.67 -20.91 5.53
C GLY C 43 -10.74 -21.81 4.97
N ARG C 44 -10.42 -23.07 4.76
CA ARG C 44 -11.34 -23.96 4.08
C ARG C 44 -11.03 -25.41 4.27
N THR C 45 -11.95 -26.24 3.83
CA THR C 45 -11.72 -27.66 3.78
C THR C 45 -12.08 -28.21 2.43
N TYR C 46 -11.64 -29.43 2.21
CA TYR C 46 -11.86 -30.15 0.96
C TYR C 46 -12.27 -31.56 1.30
N SER C 47 -12.94 -32.24 0.39
CA SER C 47 -13.35 -33.62 0.64
C SER C 47 -13.15 -34.58 -0.49
N ASN C 48 -12.38 -35.62 -0.20
CA ASN C 48 -12.15 -36.70 -1.15
C ASN C 48 -11.45 -36.19 -2.45
N ILE C 49 -10.51 -35.29 -2.37
CA ILE C 49 -9.83 -34.83 -3.58
C ILE C 49 -8.33 -34.83 -3.41
N THR C 50 -7.61 -34.83 -4.52
CA THR C 50 -6.17 -34.61 -4.45
C THR C 50 -5.82 -33.34 -5.20
N ILE C 51 -5.25 -32.37 -4.49
CA ILE C 51 -4.86 -31.10 -5.12
C ILE C 51 -3.49 -30.64 -4.69
N THR C 52 -2.85 -29.78 -5.48
CA THR C 52 -1.66 -29.16 -4.93
C THR C 52 -2.05 -27.95 -4.14
N TYR C 53 -1.20 -27.60 -3.20
CA TYR C 53 -1.42 -26.47 -2.34
C TYR C 53 -0.13 -25.80 -1.92
N GLN C 54 -0.13 -24.49 -1.97
CA GLN C 54 1.01 -23.69 -1.57
C GLN C 54 0.90 -23.22 -0.12
N GLY C 55 1.91 -23.49 0.70
CA GLY C 55 1.84 -23.07 2.10
C GLY C 55 3.09 -23.39 2.87
N LEU C 56 3.08 -23.17 4.17
CA LEU C 56 4.27 -23.42 4.96
C LEU C 56 4.29 -24.84 5.46
N PHE C 57 5.27 -25.58 4.97
CA PHE C 57 5.43 -26.99 5.23
C PHE C 57 6.87 -27.31 5.55
N PRO C 58 7.16 -28.38 6.30
CA PRO C 58 8.47 -28.89 6.55
C PRO C 58 8.92 -29.66 5.28
N TYR C 59 10.21 -29.83 5.07
CA TYR C 59 10.71 -30.58 3.94
C TYR C 59 10.64 -32.07 4.18
N GLN C 60 10.33 -32.81 3.11
CA GLN C 60 10.41 -34.26 3.21
C GLN C 60 11.80 -34.68 3.57
N GLY C 61 11.91 -35.54 4.57
CA GLY C 61 13.20 -36.05 4.97
C GLY C 61 13.92 -35.21 6.01
N ASP C 62 13.34 -34.09 6.41
CA ASP C 62 14.00 -33.24 7.38
C ASP C 62 14.04 -33.89 8.72
N HIS C 63 15.23 -34.08 9.26
CA HIS C 63 15.41 -34.69 10.57
C HIS C 63 15.03 -33.76 11.69
N GLY C 64 15.17 -32.48 11.45
CA GLY C 64 14.85 -31.50 12.46
C GLY C 64 15.88 -31.49 13.54
N ASP C 65 15.55 -30.81 14.61
CA ASP C 65 16.40 -30.69 15.75
C ASP C 65 15.79 -31.43 16.91
N MET C 66 16.47 -32.43 17.43
CA MET C 66 15.89 -33.17 18.53
C MET C 66 16.28 -32.58 19.86
N TYR C 67 15.29 -32.48 20.75
CA TYR C 67 15.53 -32.01 22.09
C TYR C 67 14.96 -32.99 23.09
N VAL C 68 15.67 -33.26 24.17
CA VAL C 68 15.10 -34.15 25.17
C VAL C 68 15.28 -33.59 26.56
N TYR C 69 14.22 -33.65 27.33
CA TYR C 69 14.24 -33.20 28.71
C TYR C 69 14.55 -34.38 29.61
N SER C 70 15.16 -34.13 30.75
CA SER C 70 15.52 -35.21 31.68
C SER C 70 15.19 -34.96 33.13
N ALA C 71 15.47 -35.98 33.92
CA ALA C 71 15.39 -35.91 35.36
C ALA C 71 16.61 -35.19 35.88
N GLY C 72 16.45 -34.53 36.99
CA GLY C 72 17.56 -33.86 37.62
C GLY C 72 18.32 -34.85 38.48
N HIS C 73 19.32 -34.33 39.19
CA HIS C 73 20.17 -35.11 40.06
C HIS C 73 19.41 -35.36 41.33
N ALA C 74 19.68 -36.48 41.99
CA ALA C 74 19.03 -36.80 43.25
C ALA C 74 19.93 -37.62 44.13
N THR C 75 19.50 -37.79 45.34
CA THR C 75 20.15 -38.73 46.25
C THR C 75 19.01 -39.35 47.02
N GLY C 76 18.56 -40.52 46.59
CA GLY C 76 17.41 -41.09 47.24
C GLY C 76 16.18 -40.22 47.05
N THR C 77 15.59 -39.82 48.16
CA THR C 77 14.37 -39.03 48.19
C THR C 77 14.50 -37.52 48.19
N THR C 78 15.72 -37.02 48.10
CA THR C 78 15.93 -35.58 48.09
C THR C 78 16.56 -35.10 46.79
N PRO C 79 15.77 -34.59 45.83
CA PRO C 79 16.19 -34.09 44.54
C PRO C 79 17.21 -33.02 44.77
N GLN C 80 18.18 -32.88 43.89
CA GLN C 80 19.21 -31.89 44.06
C GLN C 80 19.29 -30.88 42.93
N LYS C 81 20.34 -31.01 42.14
CA LYS C 81 20.72 -30.14 41.05
C LYS C 81 19.94 -30.44 39.78
N LEU C 82 19.69 -29.43 38.94
CA LEU C 82 18.95 -29.71 37.72
C LEU C 82 19.92 -30.26 36.69
N PHE C 83 19.44 -31.13 35.82
CA PHE C 83 20.30 -31.70 34.78
C PHE C 83 19.76 -31.40 33.40
N VAL C 84 20.52 -30.62 32.65
CA VAL C 84 20.08 -30.16 31.35
C VAL C 84 21.10 -30.30 30.23
N ALA C 85 20.59 -30.17 29.03
CA ALA C 85 21.33 -30.05 27.79
C ALA C 85 21.73 -28.60 27.58
N ASN C 86 22.63 -28.33 26.65
CA ASN C 86 23.02 -26.91 26.36
C ASN C 86 21.98 -26.25 25.50
N TYR C 87 20.74 -26.21 25.85
CA TYR C 87 19.70 -25.70 24.97
C TYR C 87 19.50 -24.22 25.05
N SER C 88 19.72 -23.61 26.20
CA SER C 88 19.37 -22.21 26.32
C SER C 88 20.27 -21.32 25.53
N GLN C 89 21.46 -21.84 25.24
CA GLN C 89 22.48 -21.10 24.52
C GLN C 89 22.44 -21.38 23.04
N ASP C 90 21.64 -22.36 22.65
CA ASP C 90 21.53 -22.79 21.27
C ASP C 90 20.38 -22.01 20.61
N VAL C 91 20.66 -20.79 20.16
CA VAL C 91 19.61 -19.94 19.63
C VAL C 91 19.51 -20.10 18.14
N LYS C 92 18.30 -20.36 17.67
CA LYS C 92 18.07 -20.60 16.27
C LYS C 92 17.36 -19.47 15.58
N GLN C 93 17.54 -19.39 14.28
CA GLN C 93 16.83 -18.39 13.51
C GLN C 93 15.40 -18.91 13.33
N PHE C 94 14.40 -18.08 13.60
CA PHE C 94 12.98 -18.43 13.49
C PHE C 94 12.52 -18.58 12.08
N ALA C 95 12.93 -17.68 11.20
CA ALA C 95 12.52 -17.69 9.81
C ALA C 95 11.01 -17.70 9.67
N ASN C 96 10.44 -18.77 9.11
CA ASN C 96 9.00 -18.80 8.87
C ASN C 96 8.25 -19.54 9.96
N GLY C 97 8.95 -19.96 11.00
CA GLY C 97 8.30 -20.73 12.04
C GLY C 97 8.63 -22.19 11.94
N PHE C 98 7.98 -22.96 12.79
CA PHE C 98 8.29 -24.37 12.94
C PHE C 98 7.15 -25.22 13.43
N VAL C 99 7.31 -26.51 13.24
CA VAL C 99 6.39 -27.49 13.77
C VAL C 99 7.14 -28.44 14.67
N VAL C 100 6.46 -28.98 15.65
CA VAL C 100 7.09 -29.84 16.61
C VAL C 100 6.39 -31.16 16.75
N ARG C 101 7.15 -32.24 16.68
CA ARG C 101 6.63 -33.59 16.88
C ARG C 101 6.75 -33.86 18.38
N ILE C 102 5.62 -34.04 19.09
CA ILE C 102 5.66 -34.20 20.55
C ILE C 102 5.17 -35.56 21.05
N GLY C 103 6.00 -36.27 21.80
CA GLY C 103 5.59 -37.57 22.35
C GLY C 103 5.65 -38.77 21.43
N ALA C 104 6.44 -38.70 20.37
CA ALA C 104 6.50 -39.79 19.42
C ALA C 104 6.93 -41.11 20.02
N ALA C 105 7.79 -41.06 21.00
CA ALA C 105 8.31 -42.25 21.64
C ALA C 105 7.48 -42.71 22.81
N ALA C 106 6.38 -42.03 23.11
CA ALA C 106 5.62 -42.43 24.27
C ALA C 106 5.21 -43.88 24.14
N ASN C 107 5.19 -44.54 25.30
CA ASN C 107 4.87 -45.95 25.54
C ASN C 107 6.00 -46.89 25.18
N SER C 108 7.09 -46.40 24.64
CA SER C 108 8.21 -47.25 24.32
C SER C 108 9.09 -47.30 25.52
N THR C 109 9.90 -48.34 25.67
CA THR C 109 10.86 -48.30 26.77
C THR C 109 12.01 -47.41 26.33
N GLY C 110 12.40 -46.48 27.18
CA GLY C 110 13.48 -45.59 26.89
C GLY C 110 14.48 -45.53 27.97
N THR C 111 15.27 -44.47 27.92
CA THR C 111 16.33 -44.27 28.87
C THR C 111 16.09 -43.07 29.72
N VAL C 112 16.57 -43.17 30.93
CA VAL C 112 16.58 -42.01 31.77
C VAL C 112 17.91 -41.33 31.39
N ILE C 113 17.86 -40.11 30.91
CA ILE C 113 19.07 -39.51 30.36
C ILE C 113 20.20 -39.39 31.36
N ILE C 114 19.85 -38.98 32.56
CA ILE C 114 20.80 -38.78 33.64
C ILE C 114 21.46 -40.06 34.09
N SER C 115 20.80 -41.19 33.86
CA SER C 115 21.31 -42.50 34.23
C SER C 115 21.11 -43.47 33.08
N PRO C 116 22.05 -43.56 32.13
CA PRO C 116 21.99 -44.34 30.90
C PRO C 116 21.66 -45.82 31.09
N SER C 117 22.02 -46.38 32.24
CA SER C 117 21.76 -47.79 32.51
C SER C 117 20.36 -48.04 33.03
N THR C 118 19.64 -46.97 33.35
CA THR C 118 18.30 -47.07 33.88
C THR C 118 17.29 -46.89 32.75
N SER C 119 16.37 -47.83 32.65
CA SER C 119 15.33 -47.76 31.65
C SER C 119 14.01 -47.44 32.31
N ALA C 120 13.13 -46.84 31.54
CA ALA C 120 11.79 -46.50 32.02
C ALA C 120 10.86 -46.36 30.85
N THR C 121 9.56 -46.48 31.08
CA THR C 121 8.60 -46.21 30.02
C THR C 121 8.65 -44.73 29.67
N ILE C 122 8.67 -44.42 28.38
CA ILE C 122 8.70 -43.05 27.90
C ILE C 122 7.36 -42.37 28.00
N ARG C 123 7.37 -41.17 28.56
CA ARG C 123 6.17 -40.38 28.70
C ARG C 123 6.24 -39.08 27.92
N LYS C 124 5.12 -38.65 27.39
CA LYS C 124 5.09 -37.38 26.68
C LYS C 124 5.35 -36.20 27.57
N ILE C 125 6.18 -35.29 27.07
CA ILE C 125 6.46 -34.08 27.73
C ILE C 125 6.34 -32.93 26.73
N TYR C 126 5.90 -31.77 27.12
CA TYR C 126 5.73 -30.67 26.21
C TYR C 126 6.92 -29.78 26.21
N PRO C 127 7.31 -29.27 25.06
CA PRO C 127 8.40 -28.38 24.86
C PRO C 127 8.13 -27.02 25.40
N ALA C 128 9.18 -26.34 25.84
CA ALA C 128 9.07 -24.95 26.27
C ALA C 128 9.88 -24.10 25.33
N PHE C 129 9.37 -22.95 24.95
CA PHE C 129 10.09 -22.10 24.02
C PHE C 129 10.22 -20.68 24.46
N MET C 130 11.32 -20.07 24.07
CA MET C 130 11.54 -18.65 24.29
C MET C 130 11.77 -18.04 22.91
N LEU C 131 10.98 -17.04 22.53
CA LEU C 131 11.09 -16.45 21.19
C LEU C 131 11.21 -14.92 21.21
N GLY C 132 11.93 -14.34 20.28
CA GLY C 132 11.97 -12.90 20.28
C GLY C 132 12.67 -12.26 19.12
N SER C 133 12.80 -10.94 19.21
CA SER C 133 13.36 -10.08 18.19
C SER C 133 14.85 -9.89 18.25
N SER C 134 15.43 -10.03 19.43
CA SER C 134 16.83 -9.75 19.64
C SER C 134 17.43 -10.58 20.72
N VAL C 135 18.64 -11.05 20.45
CA VAL C 135 19.38 -11.88 21.38
C VAL C 135 20.78 -11.40 21.64
N GLY C 136 21.35 -11.89 22.71
CA GLY C 136 22.71 -11.58 23.07
C GLY C 136 23.10 -12.38 24.26
N ASN C 137 24.11 -11.94 24.97
CA ASN C 137 24.61 -12.66 26.10
C ASN C 137 24.15 -12.14 27.44
N PHE C 138 24.42 -12.92 28.46
CA PHE C 138 24.17 -12.65 29.85
C PHE C 138 25.43 -12.04 30.47
N SER C 139 25.39 -11.76 31.75
CA SER C 139 26.45 -11.06 32.44
C SER C 139 27.79 -11.72 32.34
N ASP C 140 27.83 -13.05 32.33
CA ASP C 140 29.12 -13.72 32.26
C ASP C 140 29.57 -14.08 30.84
N GLY C 141 28.85 -13.61 29.83
CA GLY C 141 29.20 -13.89 28.45
C GLY C 141 28.47 -15.07 27.82
N LYS C 142 27.66 -15.81 28.59
CA LYS C 142 26.97 -16.93 27.95
C LYS C 142 25.82 -16.42 27.11
N MET C 143 25.54 -17.07 25.99
CA MET C 143 24.44 -16.60 25.17
C MET C 143 23.10 -17.17 25.55
N GLY C 144 22.06 -16.54 25.01
CA GLY C 144 20.72 -17.02 25.24
C GLY C 144 19.85 -15.97 25.89
N ARG C 145 20.38 -14.76 26.04
CA ARG C 145 19.58 -13.72 26.61
C ARG C 145 18.73 -13.09 25.53
N PHE C 146 17.46 -12.88 25.83
CA PHE C 146 16.56 -12.19 24.91
C PHE C 146 16.28 -10.81 25.43
N PHE C 147 16.17 -9.85 24.53
CA PHE C 147 15.96 -8.47 24.93
C PHE C 147 14.58 -7.99 24.60
N ASN C 148 14.15 -7.02 25.37
CA ASN C 148 12.82 -6.38 25.13
C ASN C 148 11.78 -7.50 25.40
N HIS C 149 10.67 -7.36 24.59
CA HIS C 149 9.65 -8.35 24.87
C HIS C 149 9.95 -9.66 24.23
N THR C 150 9.82 -10.69 25.02
CA THR C 150 10.07 -12.04 24.63
C THR C 150 8.84 -12.85 24.82
N LEU C 151 8.54 -13.70 23.84
CA LEU C 151 7.40 -14.58 23.91
C LEU C 151 7.84 -15.89 24.52
N VAL C 152 7.16 -16.27 25.57
CA VAL C 152 7.47 -17.50 26.21
C VAL C 152 6.30 -18.42 26.16
N LEU C 153 6.55 -19.61 25.64
CA LEU C 153 5.54 -20.66 25.60
C LEU C 153 5.98 -21.68 26.62
N LEU C 154 5.30 -21.71 27.76
CA LEU C 154 5.76 -22.54 28.85
C LEU C 154 4.66 -23.48 29.34
N PRO C 155 4.71 -24.77 29.06
CA PRO C 155 3.74 -25.71 29.49
C PRO C 155 3.86 -25.80 30.99
N ASP C 156 2.76 -26.06 31.66
CA ASP C 156 2.76 -26.13 33.11
C ASP C 156 1.70 -27.10 33.59
N GLY C 157 1.61 -27.24 34.91
CA GLY C 157 0.58 -28.12 35.48
C GLY C 157 0.88 -29.55 35.20
N CYS C 158 2.14 -29.90 35.10
CA CYS C 158 2.57 -31.25 34.79
C CYS C 158 2.01 -31.68 33.43
N GLY C 159 1.99 -30.76 32.47
CA GLY C 159 1.50 -31.06 31.12
C GLY C 159 -0.01 -30.85 30.92
N THR C 160 -0.66 -30.04 31.78
CA THR C 160 -2.10 -29.83 31.58
C THR C 160 -2.44 -28.48 31.00
N LEU C 161 -1.50 -27.55 31.00
CA LEU C 161 -1.81 -26.26 30.39
C LEU C 161 -0.64 -25.72 29.61
N LEU C 162 -0.93 -24.96 28.56
CA LEU C 162 0.09 -24.21 27.88
C LEU C 162 -0.01 -22.76 28.26
N ARG C 163 1.03 -22.17 28.83
CA ARG C 163 0.97 -20.77 29.18
C ARG C 163 1.79 -19.92 28.24
N ALA C 164 1.14 -19.01 27.55
CA ALA C 164 1.79 -18.15 26.58
C ALA C 164 1.85 -16.72 27.09
N PHE C 165 3.03 -16.14 27.17
CA PHE C 165 3.09 -14.75 27.62
C PHE C 165 4.12 -13.97 26.89
N TYR C 166 3.91 -12.68 26.83
CA TYR C 166 4.85 -11.81 26.12
C TYR C 166 5.26 -10.77 27.11
N CYS C 167 6.54 -10.79 27.41
CA CYS C 167 6.96 -9.94 28.57
C CYS C 167 8.46 -9.65 28.43
N ILE C 168 8.91 -8.73 29.30
CA ILE C 168 10.34 -8.46 29.35
C ILE C 168 10.94 -9.31 30.42
N LEU C 169 12.00 -10.01 30.09
CA LEU C 169 12.63 -10.88 31.07
C LEU C 169 13.84 -10.21 31.65
N GLU C 170 13.76 -9.91 32.93
CA GLU C 170 14.82 -9.22 33.64
C GLU C 170 15.63 -10.20 34.46
N PRO C 171 16.85 -10.52 34.09
CA PRO C 171 17.61 -11.52 34.78
C PRO C 171 17.76 -11.19 36.25
N ARG C 172 17.56 -12.18 37.10
CA ARG C 172 17.75 -12.00 38.52
C ARG C 172 19.20 -12.16 38.84
N SER C 173 19.63 -11.49 39.89
CA SER C 173 21.02 -11.43 40.32
C SER C 173 21.47 -12.38 41.39
N GLY C 174 20.59 -13.27 41.81
CA GLY C 174 20.95 -14.16 42.90
C GLY C 174 21.87 -15.29 42.45
N ASN C 175 22.15 -16.18 43.38
CA ASN C 175 23.13 -17.22 43.10
C ASN C 175 22.62 -18.16 42.02
N HIS C 176 23.43 -18.39 40.99
CA HIS C 176 23.11 -19.26 39.85
C HIS C 176 22.04 -18.69 38.93
N CYS C 177 21.74 -17.42 39.09
CA CYS C 177 20.75 -16.79 38.24
C CYS C 177 21.54 -16.07 37.16
N PRO C 178 20.97 -15.72 36.01
CA PRO C 178 21.64 -15.09 34.88
C PRO C 178 22.35 -13.76 35.10
N ALA C 179 21.99 -12.99 36.13
CA ALA C 179 22.74 -11.76 36.38
C ALA C 179 23.60 -11.92 37.64
N GLY C 180 23.70 -13.14 38.14
CA GLY C 180 24.44 -13.41 39.37
C GLY C 180 25.69 -14.26 39.18
N ASN C 181 26.15 -14.87 40.27
CA ASN C 181 27.36 -15.67 40.26
C ASN C 181 27.09 -17.11 39.91
N SER C 182 28.10 -17.78 39.37
CA SER C 182 28.03 -19.21 39.05
C SER C 182 26.87 -19.60 38.16
N TYR C 183 26.60 -18.78 37.17
CA TYR C 183 25.55 -19.04 36.20
C TYR C 183 26.04 -19.92 35.10
N THR C 184 25.20 -20.86 34.74
CA THR C 184 25.40 -21.81 33.68
C THR C 184 24.31 -21.65 32.64
N SER C 185 23.14 -22.11 32.98
CA SER C 185 21.95 -21.97 32.17
C SER C 185 20.75 -21.85 33.06
N PHE C 186 19.77 -21.10 32.61
CA PHE C 186 18.53 -21.06 33.33
C PHE C 186 17.79 -22.30 32.93
N ALA C 187 16.86 -22.74 33.73
CA ALA C 187 16.07 -23.89 33.35
C ALA C 187 14.77 -23.84 34.09
N THR C 188 13.76 -24.48 33.56
CA THR C 188 12.54 -24.62 34.33
C THR C 188 12.50 -25.99 34.93
N TYR C 189 11.63 -26.17 35.90
CA TYR C 189 11.48 -27.44 36.53
C TYR C 189 10.16 -27.54 37.21
N HIS C 190 9.79 -28.75 37.53
CA HIS C 190 8.67 -28.99 38.40
C HIS C 190 9.14 -30.12 39.28
N THR C 191 8.52 -30.27 40.44
CA THR C 191 8.84 -31.32 41.42
C THR C 191 7.64 -32.21 41.62
N PRO C 192 7.49 -33.32 40.88
CA PRO C 192 6.34 -34.19 40.88
C PRO C 192 5.84 -34.54 42.25
N ALA C 193 6.80 -34.72 43.18
CA ALA C 193 6.46 -35.08 44.54
C ALA C 193 5.49 -34.12 45.17
N THR C 194 5.58 -32.83 44.85
CA THR C 194 4.69 -31.86 45.44
C THR C 194 3.79 -31.18 44.40
N ASP C 195 4.20 -31.23 43.13
CA ASP C 195 3.48 -30.52 42.08
C ASP C 195 2.50 -31.34 41.29
N CYS C 196 2.64 -32.67 41.30
CA CYS C 196 1.77 -33.47 40.47
C CYS C 196 0.94 -34.44 41.28
N SER C 197 0.21 -33.93 42.27
CA SER C 197 -0.67 -34.73 43.10
C SER C 197 -1.77 -35.27 42.23
N ASP C 198 -2.36 -36.43 42.54
CA ASP C 198 -3.37 -36.99 41.64
C ASP C 198 -4.51 -36.04 41.35
N GLY C 199 -4.87 -35.24 42.35
CA GLY C 199 -5.94 -34.28 42.20
C GLY C 199 -5.41 -32.90 41.81
N ASN C 200 -4.89 -32.20 42.79
CA ASN C 200 -4.50 -30.82 42.55
C ASN C 200 -3.09 -30.63 41.99
N TYR C 201 -3.00 -30.49 40.67
CA TYR C 201 -1.71 -30.22 40.04
C TYR C 201 -1.36 -28.76 40.26
N ASN C 202 -0.08 -28.46 40.42
CA ASN C 202 0.35 -27.08 40.59
C ASN C 202 0.48 -26.40 39.24
N ARG C 203 -0.49 -25.55 38.94
CA ARG C 203 -0.58 -24.94 37.63
C ARG C 203 0.43 -23.86 37.41
N ASN C 204 1.13 -23.51 38.48
CA ASN C 204 2.18 -22.51 38.39
C ASN C 204 3.56 -23.12 38.67
N ALA C 205 3.69 -24.45 38.67
CA ALA C 205 5.02 -24.98 39.02
C ALA C 205 6.14 -24.55 38.08
N SER C 206 5.87 -24.54 36.78
CA SER C 206 6.93 -24.19 35.83
C SER C 206 7.06 -22.70 35.73
N LEU C 207 5.93 -22.00 35.94
CA LEU C 207 6.02 -20.56 35.89
C LEU C 207 6.84 -20.08 37.05
N ASN C 208 6.65 -20.70 38.20
CA ASN C 208 7.38 -20.29 39.37
C ASN C 208 8.85 -20.57 39.23
N SER C 209 9.22 -21.67 38.57
CA SER C 209 10.65 -21.88 38.41
C SER C 209 11.26 -20.91 37.42
N PHE C 210 10.47 -20.53 36.41
CA PHE C 210 10.97 -19.60 35.39
C PHE C 210 11.32 -18.30 36.07
N LYS C 211 10.40 -17.89 36.96
CA LYS C 211 10.50 -16.66 37.75
C LYS C 211 11.66 -16.59 38.71
N GLU C 212 12.30 -17.75 38.97
CA GLU C 212 13.44 -17.75 39.84
C GLU C 212 14.63 -17.17 39.08
N TYR C 213 14.66 -17.33 37.75
CA TYR C 213 15.78 -16.85 36.99
C TYR C 213 15.50 -15.48 36.43
N PHE C 214 14.23 -15.18 36.14
CA PHE C 214 13.89 -13.89 35.56
C PHE C 214 12.74 -13.19 36.26
N ASN C 215 12.80 -11.88 36.32
CA ASN C 215 11.65 -11.12 36.76
C ASN C 215 10.84 -10.81 35.52
N LEU C 216 9.52 -11.01 35.58
CA LEU C 216 8.66 -10.72 34.42
C LEU C 216 8.13 -9.29 34.53
N ARG C 217 8.45 -8.49 33.52
CA ARG C 217 8.11 -7.08 33.49
C ARG C 217 7.38 -6.61 32.23
N ASN C 218 6.49 -5.71 32.41
CA ASN C 218 5.69 -5.16 31.23
C ASN C 218 5.09 -6.23 30.47
N CYS C 219 4.45 -7.21 31.05
CA CYS C 219 3.80 -8.25 30.33
C CYS C 219 2.63 -7.66 29.62
N THR C 220 2.42 -8.02 28.37
CA THR C 220 1.29 -7.42 27.68
C THR C 220 0.13 -8.39 27.70
N PHE C 221 0.45 -9.66 27.85
CA PHE C 221 -0.55 -10.69 27.94
C PHE C 221 0.01 -11.90 28.62
N MET C 222 -0.88 -12.71 29.13
CA MET C 222 -0.60 -14.05 29.58
C MET C 222 -1.86 -14.87 29.38
N TYR C 223 -1.77 -15.85 28.51
CA TYR C 223 -2.90 -16.69 28.17
C TYR C 223 -2.64 -18.11 28.53
N THR C 224 -3.67 -18.85 28.89
CA THR C 224 -3.46 -20.26 29.11
C THR C 224 -4.40 -21.06 28.26
N TYR C 225 -3.95 -22.23 27.87
CA TYR C 225 -4.77 -23.13 27.10
C TYR C 225 -4.78 -24.43 27.81
N ASN C 226 -5.89 -25.12 27.85
CA ASN C 226 -5.94 -26.40 28.52
C ASN C 226 -5.59 -27.56 27.64
N ILE C 227 -4.90 -28.52 28.18
CA ILE C 227 -4.52 -29.75 27.54
C ILE C 227 -5.10 -30.95 28.30
N THR C 228 -5.88 -31.79 27.65
CA THR C 228 -6.35 -33.00 28.32
C THR C 228 -5.16 -33.96 28.31
N GLU C 229 -4.88 -34.65 29.42
CA GLU C 229 -3.74 -35.57 29.39
C GLU C 229 -4.00 -36.87 28.65
N ASP C 230 -3.00 -37.26 27.89
CA ASP C 230 -2.96 -38.51 27.16
C ASP C 230 -1.49 -38.78 26.81
N GLU C 231 -1.21 -39.91 26.13
CA GLU C 231 0.14 -40.24 25.65
C GLU C 231 0.18 -40.29 24.12
N ILE C 232 -0.74 -39.59 23.50
CA ILE C 232 -0.92 -39.57 22.05
C ILE C 232 0.08 -38.64 21.32
N LEU C 233 0.69 -39.12 20.24
CA LEU C 233 1.58 -38.22 19.50
C LEU C 233 0.82 -37.02 18.97
N GLU C 234 1.37 -35.83 19.21
CA GLU C 234 0.71 -34.63 18.72
C GLU C 234 1.65 -33.69 18.09
N TRP C 235 1.11 -32.85 17.24
CA TRP C 235 1.91 -31.82 16.64
C TRP C 235 1.54 -30.44 17.12
N PHE C 236 2.56 -29.63 17.28
CA PHE C 236 2.45 -28.21 17.64
C PHE C 236 3.11 -27.33 16.60
N GLY C 237 2.54 -26.19 16.28
CA GLY C 237 3.25 -25.33 15.34
C GLY C 237 3.14 -23.87 15.64
N ILE C 238 4.11 -23.11 15.19
CA ILE C 238 4.10 -21.67 15.34
C ILE C 238 4.50 -20.92 14.08
N THR C 239 3.71 -19.93 13.70
CA THR C 239 4.04 -19.07 12.55
C THR C 239 3.78 -17.62 12.93
N GLN C 240 4.24 -16.65 12.13
CA GLN C 240 3.91 -15.26 12.44
C GLN C 240 3.56 -14.48 11.18
N THR C 241 2.48 -13.72 11.28
CA THR C 241 1.97 -12.84 10.22
C THR C 241 1.70 -11.45 10.77
N ALA C 242 1.18 -10.54 9.96
CA ALA C 242 0.82 -9.21 10.43
C ALA C 242 -0.22 -9.25 11.55
N GLN C 243 -1.00 -10.34 11.60
CA GLN C 243 -2.04 -10.49 12.61
C GLN C 243 -1.53 -11.01 13.94
N GLY C 244 -0.24 -11.36 14.01
CA GLY C 244 0.30 -11.90 15.23
C GLY C 244 0.86 -13.29 15.07
N VAL C 245 1.15 -13.89 16.20
CA VAL C 245 1.74 -15.21 16.24
C VAL C 245 0.66 -16.24 16.31
N HIS C 246 0.72 -17.19 15.43
CA HIS C 246 -0.32 -18.19 15.33
C HIS C 246 0.16 -19.48 15.90
N LEU C 247 -0.61 -20.01 16.82
CA LEU C 247 -0.29 -21.27 17.45
C LEU C 247 -1.20 -22.33 16.89
N PHE C 248 -0.59 -23.41 16.39
CA PHE C 248 -1.29 -24.51 15.76
C PHE C 248 -1.15 -25.75 16.57
N SER C 249 -2.16 -26.59 16.55
CA SER C 249 -2.08 -27.87 17.23
C SER C 249 -2.99 -28.87 16.61
N SER C 250 -2.58 -30.11 16.65
CA SER C 250 -3.44 -31.18 16.21
C SER C 250 -4.46 -31.62 17.25
N ARG C 251 -4.26 -31.31 18.53
CA ARG C 251 -5.11 -31.95 19.53
C ARG C 251 -6.51 -31.46 19.70
N TYR C 252 -6.85 -30.32 19.13
CA TYR C 252 -8.20 -29.85 19.36
C TYR C 252 -9.12 -30.20 18.19
N VAL C 253 -8.54 -30.65 17.07
CA VAL C 253 -9.34 -30.96 15.88
C VAL C 253 -9.08 -32.36 15.34
N ASP C 254 -7.81 -32.76 15.23
CA ASP C 254 -7.45 -34.00 14.58
C ASP C 254 -6.48 -34.71 15.53
N LEU C 255 -7.00 -35.17 16.66
CA LEU C 255 -6.16 -35.71 17.71
C LEU C 255 -5.44 -36.95 17.30
N TYR C 256 -6.12 -37.81 16.61
CA TYR C 256 -5.50 -39.06 16.29
C TYR C 256 -4.80 -38.97 14.97
N GLY C 257 -5.29 -38.10 14.12
CA GLY C 257 -4.74 -37.94 12.78
C GLY C 257 -3.46 -37.14 12.66
N GLY C 258 -3.29 -36.09 13.46
CA GLY C 258 -2.08 -35.28 13.39
C GLY C 258 -2.14 -33.96 12.57
N ASN C 259 -3.21 -33.66 11.84
CA ASN C 259 -3.20 -32.39 11.09
C ASN C 259 -3.31 -31.24 12.07
N MET C 260 -2.58 -30.16 11.81
CA MET C 260 -2.63 -29.02 12.72
C MET C 260 -3.54 -27.93 12.31
N PHE C 261 -4.28 -27.45 13.28
CA PHE C 261 -5.24 -26.40 13.11
C PHE C 261 -4.91 -25.27 14.04
N GLN C 262 -5.25 -24.06 13.67
CA GLN C 262 -4.94 -22.98 14.56
C GLN C 262 -5.82 -22.97 15.79
N PHE C 263 -5.20 -22.77 16.96
CA PHE C 263 -6.01 -22.69 18.17
C PHE C 263 -5.90 -21.33 18.82
N ALA C 264 -4.88 -20.56 18.45
CA ALA C 264 -4.71 -19.26 19.06
C ALA C 264 -3.93 -18.31 18.20
N THR C 265 -4.20 -17.03 18.38
CA THR C 265 -3.38 -15.97 17.79
C THR C 265 -2.95 -15.06 18.94
N LEU C 266 -1.66 -14.77 19.02
CA LEU C 266 -1.15 -13.95 20.08
C LEU C 266 -0.84 -12.58 19.51
N PRO C 267 -1.07 -11.48 20.24
CA PRO C 267 -0.78 -10.13 19.83
C PRO C 267 0.67 -9.75 19.96
N VAL C 268 1.48 -10.46 19.22
CA VAL C 268 2.90 -10.26 19.15
C VAL C 268 3.21 -9.73 17.77
N TYR C 269 3.59 -8.47 17.69
CA TYR C 269 3.72 -7.87 16.37
C TYR C 269 5.12 -7.58 15.97
N ASP C 270 6.04 -7.59 16.90
CA ASP C 270 7.39 -7.35 16.47
C ASP C 270 7.76 -8.67 15.80
N THR C 271 8.72 -8.66 14.91
CA THR C 271 9.07 -9.90 14.20
C THR C 271 9.92 -10.82 15.05
N ILE C 272 9.51 -12.07 15.13
CA ILE C 272 10.31 -13.02 15.85
C ILE C 272 11.42 -13.41 14.93
N LYS C 273 12.63 -13.27 15.42
CA LYS C 273 13.77 -13.61 14.61
C LYS C 273 14.48 -14.80 15.19
N TYR C 274 14.40 -14.94 16.50
CA TYR C 274 15.15 -15.97 17.21
C TYR C 274 14.32 -16.78 18.13
N TYR C 275 14.71 -18.01 18.33
CA TYR C 275 14.06 -18.80 19.35
C TYR C 275 15.03 -19.78 19.99
N SER C 276 14.65 -20.25 21.14
CA SER C 276 15.43 -21.25 21.82
C SER C 276 14.54 -22.15 22.60
N ILE C 277 15.06 -23.29 22.96
CA ILE C 277 14.32 -24.23 23.79
C ILE C 277 14.67 -23.96 25.23
N ILE C 278 13.67 -23.80 26.06
CA ILE C 278 13.96 -23.57 27.45
C ILE C 278 14.18 -24.96 28.01
N PRO C 279 15.34 -25.31 28.55
CA PRO C 279 15.57 -26.62 29.06
C PRO C 279 14.70 -26.80 30.26
N HIS C 280 14.24 -28.02 30.46
CA HIS C 280 13.39 -28.35 31.58
C HIS C 280 13.95 -29.56 32.24
N SER C 281 13.96 -29.58 33.55
CA SER C 281 14.48 -30.71 34.29
C SER C 281 13.51 -31.08 35.38
N ILE C 282 13.23 -32.34 35.51
CA ILE C 282 12.22 -32.77 36.46
C ILE C 282 12.86 -33.19 37.75
N ARG C 283 12.45 -32.58 38.85
CA ARG C 283 13.11 -32.88 40.12
C ARG C 283 12.49 -34.08 40.79
N SER C 284 12.69 -35.21 40.15
CA SER C 284 12.21 -36.49 40.61
C SER C 284 13.16 -37.03 41.64
N ILE C 285 12.68 -37.90 42.48
CA ILE C 285 13.56 -38.60 43.39
C ILE C 285 14.33 -39.64 42.58
N GLN C 286 15.44 -40.12 43.12
CA GLN C 286 16.28 -41.05 42.40
C GLN C 286 15.57 -42.34 42.05
N SER C 287 14.64 -42.72 42.92
CA SER C 287 13.89 -43.95 42.80
C SER C 287 12.67 -43.85 41.89
N ASP C 288 12.39 -42.66 41.35
CA ASP C 288 11.21 -42.46 40.53
C ASP C 288 11.54 -41.66 39.26
N ARG C 289 12.64 -41.95 38.62
CA ARG C 289 12.97 -41.25 37.39
C ARG C 289 12.21 -41.84 36.22
N LYS C 290 11.71 -40.97 35.36
CA LYS C 290 10.98 -41.39 34.19
C LYS C 290 11.76 -41.07 32.95
N ALA C 291 11.44 -41.76 31.88
CA ALA C 291 12.04 -41.43 30.61
C ALA C 291 11.09 -40.44 29.94
N TRP C 292 11.57 -39.33 29.46
CA TRP C 292 10.68 -38.38 28.83
C TRP C 292 10.91 -38.39 27.35
N ALA C 293 9.84 -38.32 26.58
CA ALA C 293 9.95 -38.37 25.14
C ALA C 293 10.65 -37.16 24.59
N ALA C 294 11.47 -37.40 23.57
CA ALA C 294 12.13 -36.31 22.88
C ALA C 294 11.14 -35.63 21.96
N PHE C 295 11.34 -34.35 21.73
CA PHE C 295 10.52 -33.65 20.77
C PHE C 295 11.39 -33.18 19.63
N TYR C 296 10.78 -33.01 18.50
CA TYR C 296 11.57 -32.65 17.33
C TYR C 296 11.06 -31.42 16.70
N VAL C 297 11.94 -30.51 16.41
CA VAL C 297 11.55 -29.24 15.80
C VAL C 297 11.93 -29.21 14.36
N TYR C 298 10.98 -28.89 13.50
CA TYR C 298 11.27 -28.87 12.06
C TYR C 298 10.94 -27.49 11.53
N LYS C 299 11.75 -26.96 10.65
CA LYS C 299 11.47 -25.63 10.12
C LYS C 299 10.52 -25.63 8.95
N LEU C 300 9.72 -24.58 8.87
CA LEU C 300 8.78 -24.41 7.78
C LEU C 300 9.28 -23.50 6.68
N GLN C 301 8.78 -23.74 5.48
CA GLN C 301 9.09 -22.92 4.33
C GLN C 301 7.96 -23.01 3.35
N PRO C 302 7.78 -22.02 2.47
CA PRO C 302 6.76 -21.96 1.44
C PRO C 302 7.01 -22.93 0.32
N LEU C 303 6.42 -24.09 0.45
CA LEU C 303 6.57 -25.20 -0.46
C LEU C 303 5.23 -25.54 -1.11
N THR C 304 5.28 -26.18 -2.26
CA THR C 304 4.04 -26.69 -2.82
C THR C 304 3.98 -28.18 -2.48
N PHE C 305 2.88 -28.58 -1.84
CA PHE C 305 2.61 -29.98 -1.54
C PHE C 305 1.41 -30.52 -2.30
N LEU C 306 1.44 -31.80 -2.59
CA LEU C 306 0.27 -32.45 -3.15
C LEU C 306 -0.45 -32.97 -1.92
N LEU C 307 -1.69 -32.55 -1.68
CA LEU C 307 -2.39 -32.98 -0.45
C LEU C 307 -3.58 -33.86 -0.76
N ASP C 308 -3.60 -35.03 -0.13
CA ASP C 308 -4.70 -35.99 -0.30
C ASP C 308 -5.72 -35.84 0.82
N PHE C 309 -6.86 -35.24 0.49
CA PHE C 309 -7.93 -34.97 1.47
C PHE C 309 -8.89 -36.14 1.45
N SER C 310 -9.11 -36.73 2.61
CA SER C 310 -10.02 -37.86 2.75
C SER C 310 -11.43 -37.39 2.73
N VAL C 311 -12.39 -38.29 2.79
CA VAL C 311 -13.80 -37.89 2.77
C VAL C 311 -14.10 -36.99 3.96
N ASP C 312 -13.49 -37.30 5.11
CA ASP C 312 -13.70 -36.54 6.34
C ASP C 312 -12.82 -35.29 6.39
N GLY C 313 -12.11 -35.01 5.30
CA GLY C 313 -11.32 -33.82 5.18
C GLY C 313 -9.94 -33.85 5.73
N TYR C 314 -9.50 -34.94 6.31
CA TYR C 314 -8.16 -34.86 6.84
C TYR C 314 -7.13 -35.21 5.83
N ILE C 315 -5.95 -34.65 5.99
CA ILE C 315 -4.87 -34.96 5.09
C ILE C 315 -4.12 -36.14 5.68
N ARG C 316 -4.08 -37.20 4.91
CA ARG C 316 -3.44 -38.41 5.40
C ARG C 316 -2.20 -38.75 4.64
N ARG C 317 -2.12 -38.21 3.46
CA ARG C 317 -1.02 -38.48 2.58
C ARG C 317 -0.66 -37.23 1.82
N ALA C 318 0.63 -37.00 1.57
CA ALA C 318 1.06 -35.86 0.79
C ALA C 318 2.38 -36.10 0.07
N ILE C 319 2.61 -35.28 -0.95
CA ILE C 319 3.88 -35.26 -1.68
C ILE C 319 4.57 -33.89 -1.53
N ASP C 320 5.86 -33.89 -1.18
CA ASP C 320 6.64 -32.66 -1.18
C ASP C 320 7.12 -32.50 -2.61
N CYS C 321 6.52 -31.53 -3.35
CA CYS C 321 6.76 -31.48 -4.79
C CYS C 321 8.15 -31.06 -5.19
N GLY C 322 8.96 -30.62 -4.21
CA GLY C 322 10.32 -30.24 -4.56
C GLY C 322 11.35 -31.21 -4.03
N PHE C 323 10.93 -32.32 -3.42
CA PHE C 323 11.85 -33.26 -2.81
C PHE C 323 12.79 -33.93 -3.79
N ASN C 324 12.22 -34.50 -4.84
CA ASN C 324 12.97 -35.15 -5.88
C ASN C 324 12.19 -35.07 -7.17
N ASP C 325 12.74 -35.65 -8.21
CA ASP C 325 12.15 -35.64 -9.53
C ASP C 325 10.90 -36.49 -9.64
N LEU C 326 10.86 -37.55 -8.88
CA LEU C 326 9.69 -38.43 -8.86
C LEU C 326 8.54 -37.67 -8.22
N SER C 327 8.83 -36.92 -7.17
CA SER C 327 7.80 -36.16 -6.50
C SER C 327 7.26 -35.07 -7.42
N GLN C 328 8.15 -34.48 -8.23
CA GLN C 328 7.73 -33.44 -9.16
C GLN C 328 6.75 -34.00 -10.15
N LEU C 329 7.01 -35.25 -10.56
CA LEU C 329 6.12 -35.93 -11.50
C LEU C 329 4.73 -36.08 -10.92
N HIS C 330 4.66 -36.54 -9.67
CA HIS C 330 3.35 -36.74 -9.07
C HIS C 330 2.61 -35.45 -8.94
N CYS C 331 3.33 -34.40 -8.60
CA CYS C 331 2.65 -33.13 -8.47
C CYS C 331 2.17 -32.60 -9.79
N SER C 332 2.93 -32.79 -10.88
CA SER C 332 2.50 -32.23 -12.16
C SER C 332 1.23 -32.86 -12.68
N TYR C 333 0.96 -34.09 -12.26
CA TYR C 333 -0.28 -34.75 -12.67
C TYR C 333 -1.33 -34.68 -11.61
N GLU C 334 -0.99 -34.02 -10.50
CA GLU C 334 -1.82 -33.91 -9.32
C GLU C 334 -2.36 -35.25 -8.88
N SER C 335 -1.48 -36.23 -8.81
CA SER C 335 -1.90 -37.55 -8.45
C SER C 335 -0.83 -38.34 -7.79
N PHE C 336 -1.22 -39.29 -6.95
CA PHE C 336 -0.25 -40.16 -6.29
C PHE C 336 0.08 -41.37 -7.13
N ASP C 337 -0.66 -41.54 -8.21
CA ASP C 337 -0.47 -42.63 -9.12
C ASP C 337 -0.45 -42.11 -10.54
N VAL C 338 0.69 -42.27 -11.18
CA VAL C 338 0.84 -41.81 -12.54
C VAL C 338 1.23 -43.03 -13.30
N GLU C 339 1.04 -43.01 -14.60
CA GLU C 339 1.38 -44.14 -15.44
C GLU C 339 2.86 -44.29 -15.65
N SER C 340 3.28 -45.49 -16.00
CA SER C 340 4.69 -45.76 -16.27
C SER C 340 5.14 -44.99 -17.51
N GLY C 341 6.37 -44.56 -17.52
CA GLY C 341 6.89 -43.87 -18.68
C GLY C 341 8.11 -43.09 -18.37
N VAL C 342 8.61 -42.38 -19.34
CA VAL C 342 9.78 -41.55 -19.15
C VAL C 342 9.28 -40.13 -19.31
N TYR C 343 9.48 -39.31 -18.29
CA TYR C 343 8.94 -37.96 -18.27
C TYR C 343 9.97 -36.90 -18.03
N SER C 344 9.83 -35.77 -18.67
CA SER C 344 10.72 -34.67 -18.36
C SER C 344 10.18 -33.92 -17.18
N VAL C 345 11.08 -33.53 -16.30
CA VAL C 345 10.74 -32.77 -15.11
C VAL C 345 11.66 -31.57 -15.01
N SER C 346 11.42 -30.70 -14.06
CA SER C 346 12.28 -29.55 -13.94
C SER C 346 13.74 -29.95 -13.81
N SER C 347 14.58 -29.14 -14.48
CA SER C 347 16.02 -29.37 -14.51
C SER C 347 16.62 -29.19 -13.15
N PHE C 348 17.79 -29.76 -12.96
CA PHE C 348 18.45 -29.60 -11.70
C PHE C 348 19.26 -28.31 -11.85
N GLU C 349 18.88 -27.30 -11.10
CA GLU C 349 19.46 -25.99 -11.27
C GLU C 349 20.88 -25.87 -10.76
N ALA C 350 21.68 -25.16 -11.51
CA ALA C 350 22.99 -24.79 -11.03
C ALA C 350 22.73 -23.63 -10.10
N LYS C 351 23.44 -23.53 -8.98
CA LYS C 351 23.20 -22.41 -8.11
C LYS C 351 24.50 -21.63 -7.97
N PRO C 352 24.45 -20.31 -7.73
CA PRO C 352 25.61 -19.50 -7.49
C PRO C 352 26.39 -19.98 -6.31
N SER C 353 27.70 -19.94 -6.47
CA SER C 353 28.71 -20.32 -5.50
C SER C 353 29.41 -19.09 -4.94
N GLY C 354 28.95 -17.94 -5.38
CA GLY C 354 29.54 -16.66 -5.03
C GLY C 354 29.03 -15.57 -5.95
N SER C 355 29.74 -14.44 -5.95
CA SER C 355 29.35 -13.29 -6.77
C SER C 355 30.56 -12.52 -7.21
N VAL C 356 30.44 -11.81 -8.34
CA VAL C 356 31.48 -10.91 -8.82
C VAL C 356 30.90 -9.52 -9.00
N GLU C 364 53.85 -0.13 -12.53
CA GLU C 364 54.18 -0.31 -11.11
C GLU C 364 54.46 0.99 -10.31
N CYS C 365 53.88 1.06 -9.09
CA CYS C 365 53.67 2.30 -8.32
C CYS C 365 54.91 3.11 -7.94
N ASP C 366 54.92 4.35 -8.42
CA ASP C 366 56.11 5.17 -8.46
C ASP C 366 56.84 5.36 -7.14
N PHE C 367 56.08 5.68 -6.09
CA PHE C 367 56.62 6.26 -4.86
C PHE C 367 58.07 5.93 -4.48
N SER C 368 58.92 6.96 -4.51
CA SER C 368 58.44 8.34 -4.58
C SER C 368 59.40 9.43 -5.05
N PRO C 369 58.80 10.59 -5.40
CA PRO C 369 59.32 11.96 -5.25
C PRO C 369 59.51 12.35 -3.78
N LEU C 370 59.49 11.39 -2.87
CA LEU C 370 59.62 11.68 -1.45
C LEU C 370 61.03 11.35 -1.00
N LEU C 371 61.77 10.70 -1.89
CA LEU C 371 63.19 10.49 -1.67
C LEU C 371 63.98 11.70 -2.19
N SER C 372 63.29 12.78 -2.54
CA SER C 372 63.97 13.94 -3.13
C SER C 372 64.22 15.10 -2.15
N GLY C 373 63.44 16.17 -2.28
CA GLY C 373 63.75 17.43 -1.62
C GLY C 373 63.61 17.47 -0.12
N THR C 374 62.96 18.53 0.36
CA THR C 374 62.66 18.66 1.78
C THR C 374 61.17 18.39 2.05
N PRO C 375 60.88 17.23 2.69
CA PRO C 375 59.51 16.88 3.09
C PRO C 375 58.91 18.03 3.87
N PRO C 376 57.74 18.53 3.46
CA PRO C 376 57.14 19.75 4.03
C PRO C 376 56.73 19.60 5.49
N GLN C 377 56.26 20.70 6.07
CA GLN C 377 55.74 20.66 7.43
C GLN C 377 54.36 20.00 7.44
N VAL C 378 53.92 19.55 8.61
CA VAL C 378 52.72 18.71 8.70
C VAL C 378 51.44 19.36 8.14
N TYR C 379 51.37 20.69 8.18
CA TYR C 379 50.20 21.40 7.69
C TYR C 379 50.26 21.68 6.20
N ASN C 380 51.40 21.39 5.60
CA ASN C 380 51.59 21.49 4.15
C ASN C 380 51.89 20.10 3.56
N PHE C 381 51.25 19.07 4.13
CA PHE C 381 51.53 17.70 3.73
C PHE C 381 51.37 17.50 2.23
N LYS C 382 52.41 16.97 1.60
CA LYS C 382 52.32 16.60 0.20
C LYS C 382 51.56 15.28 0.06
N ARG C 383 50.67 15.26 -0.93
CA ARG C 383 49.77 14.14 -1.18
C ARG C 383 50.20 13.34 -2.42
N LEU C 384 50.16 12.01 -2.31
CA LEU C 384 50.45 11.12 -3.42
C LEU C 384 49.28 10.17 -3.69
N VAL C 385 48.86 10.10 -4.96
CA VAL C 385 47.69 9.31 -5.35
C VAL C 385 48.06 8.16 -6.30
N PHE C 386 47.74 6.93 -5.92
CA PHE C 386 48.04 5.78 -6.75
C PHE C 386 46.79 4.99 -7.17
N THR C 387 46.51 4.98 -8.48
CA THR C 387 45.25 4.44 -9.00
C THR C 387 45.36 3.05 -9.62
N ASN C 388 46.17 2.92 -10.66
CA ASN C 388 46.36 1.61 -11.31
C ASN C 388 47.83 1.24 -11.51
N CYS C 389 48.36 0.50 -10.55
CA CYS C 389 49.75 0.07 -10.51
C CYS C 389 49.92 -0.94 -9.39
N ASN C 390 51.16 -1.31 -9.06
CA ASN C 390 51.40 -2.11 -7.85
C ASN C 390 52.70 -1.79 -7.08
N TYR C 391 52.76 -2.21 -5.81
CA TYR C 391 53.64 -1.58 -4.84
C TYR C 391 54.39 -2.61 -3.99
N ASN C 392 55.57 -2.25 -3.49
CA ASN C 392 56.31 -3.10 -2.55
C ASN C 392 56.46 -2.38 -1.20
N LEU C 393 57.17 -3.01 -0.26
CA LEU C 393 57.59 -2.34 0.97
C LEU C 393 59.10 -2.43 1.08
N THR C 394 59.66 -3.39 0.35
CA THR C 394 61.07 -3.32 -0.04
C THR C 394 61.21 -1.98 -0.77
N LYS C 395 60.20 -1.64 -1.58
CA LYS C 395 60.22 -0.44 -2.45
C LYS C 395 60.32 0.90 -1.72
N LEU C 396 59.85 0.95 -0.47
CA LEU C 396 59.84 2.22 0.28
C LEU C 396 59.48 2.10 1.75
N LEU C 397 60.19 1.25 2.48
CA LEU C 397 59.91 1.13 3.91
C LEU C 397 61.05 0.50 4.68
N SER C 398 61.84 -0.31 3.97
CA SER C 398 63.09 -0.80 4.53
C SER C 398 64.12 0.30 4.36
N LEU C 399 63.84 1.21 3.42
CA LEU C 399 64.66 2.42 3.22
C LEU C 399 64.70 3.33 4.45
N PHE C 400 63.71 3.20 5.35
CA PHE C 400 63.67 4.03 6.54
C PHE C 400 63.84 3.18 7.79
N SER C 401 64.09 3.83 8.91
CA SER C 401 64.04 3.18 10.18
C SER C 401 62.64 3.42 10.71
N VAL C 402 61.74 2.45 10.54
CA VAL C 402 60.38 2.61 11.03
C VAL C 402 60.35 2.56 12.57
N ASN C 403 59.77 3.59 13.16
CA ASN C 403 59.75 3.73 14.61
C ASN C 403 58.41 3.33 15.21
N ASP C 404 57.31 3.74 14.56
CA ASP C 404 55.98 3.34 14.99
C ASP C 404 55.05 3.15 13.77
N PHE C 405 54.04 2.28 13.92
CA PHE C 405 53.18 1.87 12.80
C PHE C 405 51.77 1.52 13.29
N THR C 406 50.86 2.48 13.21
CA THR C 406 49.51 2.30 13.73
C THR C 406 48.44 2.37 12.64
N CYS C 407 47.42 1.52 12.75
CA CYS C 407 46.29 1.55 11.82
C CYS C 407 44.91 1.70 12.48
N SER C 408 43.88 1.82 11.65
CA SER C 408 42.48 1.85 12.09
C SER C 408 41.60 1.11 11.08
N GLN C 409 40.80 0.18 11.56
CA GLN C 409 39.98 -0.66 10.69
C GLN C 409 40.84 -1.42 9.69
N ILE C 410 42.13 -1.56 10.01
CA ILE C 410 43.08 -2.38 9.25
C ILE C 410 44.28 -2.67 10.17
N SER C 411 45.13 -3.61 9.78
CA SER C 411 46.35 -3.88 10.51
C SER C 411 47.51 -3.59 9.55
N PRO C 412 48.72 -3.35 10.09
CA PRO C 412 49.81 -3.04 9.14
C PRO C 412 50.06 -4.20 8.17
N ALA C 413 49.96 -5.43 8.67
CA ALA C 413 50.15 -6.64 7.86
C ALA C 413 49.22 -6.63 6.65
N ALA C 414 47.94 -6.38 6.92
CA ALA C 414 46.93 -6.23 5.89
C ALA C 414 47.26 -5.08 4.92
N ILE C 415 47.58 -3.92 5.50
CA ILE C 415 47.87 -2.72 4.70
C ILE C 415 48.98 -3.02 3.70
N ALA C 416 49.86 -3.97 4.03
CA ALA C 416 50.90 -4.42 3.11
C ALA C 416 50.40 -5.43 2.07
N SER C 417 49.55 -6.37 2.52
CA SER C 417 49.01 -7.43 1.65
C SER C 417 48.03 -6.96 0.58
N ASN C 418 46.88 -6.43 1.03
CA ASN C 418 45.64 -6.33 0.24
C ASN C 418 45.64 -5.59 -1.10
N CYS C 419 44.49 -5.64 -1.76
CA CYS C 419 44.27 -4.99 -3.06
C CYS C 419 43.28 -3.83 -2.94
N TYR C 420 43.61 -2.69 -3.52
CA TYR C 420 42.79 -1.50 -3.31
C TYR C 420 42.39 -0.86 -4.63
N SER C 421 41.22 -0.22 -4.64
CA SER C 421 40.80 0.59 -5.78
C SER C 421 41.63 1.86 -5.83
N SER C 422 42.01 2.34 -4.66
CA SER C 422 42.68 3.62 -4.54
C SER C 422 43.68 3.59 -3.41
N LEU C 423 44.82 4.28 -3.59
CA LEU C 423 45.76 4.37 -2.48
C LEU C 423 46.35 5.77 -2.26
N ILE C 424 46.26 6.25 -1.01
CA ILE C 424 46.69 7.60 -0.66
C ILE C 424 47.87 7.63 0.32
N LEU C 425 48.92 8.36 -0.05
CA LEU C 425 50.12 8.48 0.78
C LEU C 425 50.51 9.92 1.06
N ASP C 426 50.24 10.37 2.27
CA ASP C 426 50.60 11.72 2.70
C ASP C 426 51.94 11.64 3.44
N TYR C 427 52.86 12.58 3.21
CA TYR C 427 54.12 12.57 3.95
C TYR C 427 54.52 13.98 4.40
N PHE C 428 55.22 14.04 5.52
CA PHE C 428 55.66 15.32 6.06
C PHE C 428 56.82 15.12 7.04
N SER C 429 57.45 16.21 7.46
CA SER C 429 58.44 16.14 8.53
C SER C 429 57.69 16.14 9.85
N TYR C 430 58.16 15.36 10.81
CA TYR C 430 57.44 15.23 12.07
C TYR C 430 58.30 14.52 13.12
N PRO C 431 58.39 15.11 14.30
CA PRO C 431 59.21 14.61 15.42
C PRO C 431 58.59 13.48 16.20
N LEU C 432 59.34 12.40 16.42
CA LEU C 432 58.92 11.32 17.31
C LEU C 432 58.49 11.84 18.67
N SER C 433 59.05 12.98 19.07
CA SER C 433 58.76 13.58 20.36
C SER C 433 57.28 13.91 20.49
N MET C 434 56.62 14.18 19.37
CA MET C 434 55.18 14.44 19.36
C MET C 434 54.34 13.25 18.88
N LYS C 435 54.83 12.03 19.11
CA LYS C 435 54.09 10.81 18.76
C LYS C 435 52.67 10.87 19.30
N SER C 436 52.56 11.21 20.58
CA SER C 436 51.27 11.23 21.23
C SER C 436 50.25 12.05 20.43
N ASP C 437 50.70 13.09 19.75
CA ASP C 437 49.76 14.03 19.13
C ASP C 437 49.39 13.67 17.70
N LEU C 438 49.85 12.53 17.22
CA LEU C 438 49.50 12.11 15.87
C LEU C 438 48.78 10.77 15.93
N SER C 439 47.52 10.80 16.33
CA SER C 439 46.80 9.54 16.45
C SER C 439 45.32 9.77 16.20
N VAL C 440 44.67 8.77 15.61
CA VAL C 440 43.26 8.87 15.25
C VAL C 440 42.46 9.33 16.48
N SER C 441 42.85 8.83 17.65
CA SER C 441 42.20 9.17 18.91
C SER C 441 42.62 10.53 19.48
N SER C 442 43.73 11.07 18.99
CA SER C 442 44.24 12.34 19.49
C SER C 442 43.26 13.48 19.26
N ALA C 443 43.33 14.49 20.12
CA ALA C 443 42.49 15.68 20.01
C ALA C 443 43.29 16.91 20.37
N GLY C 444 44.54 16.94 19.91
CA GLY C 444 45.38 18.11 20.06
C GLY C 444 45.45 18.87 18.75
N PRO C 445 46.40 19.79 18.66
CA PRO C 445 46.47 20.73 17.53
C PRO C 445 46.75 20.05 16.20
N ILE C 446 47.25 18.81 16.21
CA ILE C 446 47.56 18.17 14.94
C ILE C 446 46.31 17.77 14.14
N SER C 447 45.40 17.04 14.79
CA SER C 447 44.11 16.68 14.18
C SER C 447 43.15 17.86 14.18
N GLN C 448 43.35 18.79 15.11
CA GLN C 448 42.53 19.99 15.10
C GLN C 448 42.81 20.89 13.91
N PHE C 449 44.07 21.28 13.72
CA PHE C 449 44.44 22.35 12.81
C PHE C 449 45.43 21.97 11.70
N ASN C 450 45.93 20.74 11.70
CA ASN C 450 47.06 20.41 10.80
C ASN C 450 46.81 19.36 9.73
N TYR C 451 46.45 18.16 10.18
CA TYR C 451 46.25 17.01 9.30
C TYR C 451 45.24 16.08 9.99
N LYS C 452 44.10 15.90 9.33
CA LYS C 452 43.08 14.98 9.78
C LYS C 452 42.82 13.98 8.65
N GLN C 453 42.95 12.69 8.92
CA GLN C 453 42.62 11.71 7.89
C GLN C 453 41.19 11.17 7.98
N SER C 454 40.80 10.38 6.99
CA SER C 454 39.44 9.87 6.91
C SER C 454 39.11 8.96 8.10
N PHE C 455 37.88 9.06 8.58
CA PHE C 455 37.40 8.16 9.61
C PHE C 455 36.49 7.14 8.95
N SER C 456 36.24 7.34 7.66
CA SER C 456 35.35 6.45 6.93
C SER C 456 36.10 5.42 6.07
N ASN C 457 37.42 5.50 6.01
CA ASN C 457 38.22 4.50 5.29
C ASN C 457 39.30 3.88 6.18
N PRO C 458 39.75 2.66 5.85
CA PRO C 458 40.82 2.07 6.66
C PRO C 458 42.03 2.99 6.58
N THR C 459 42.79 3.09 7.66
CA THR C 459 43.74 4.18 7.76
C THR C 459 45.03 3.83 8.48
N CYS C 460 46.12 4.50 8.08
CA CYS C 460 47.44 4.24 8.66
C CYS C 460 48.27 5.49 8.98
N LEU C 461 49.21 5.30 9.90
CA LEU C 461 49.99 6.37 10.49
C LEU C 461 51.34 5.79 10.90
N ILE C 462 52.35 6.09 10.09
CA ILE C 462 53.70 5.57 10.29
C ILE C 462 54.66 6.68 10.68
N LEU C 463 55.39 6.48 11.77
CA LEU C 463 56.46 7.37 12.18
C LEU C 463 57.80 6.69 11.94
N ALA C 464 58.68 7.33 11.17
CA ALA C 464 59.99 6.76 10.85
C ALA C 464 61.09 7.82 10.82
N THR C 465 62.34 7.37 10.78
CA THR C 465 63.50 8.27 10.74
C THR C 465 64.35 7.98 9.51
N VAL C 466 64.87 9.00 8.85
CA VAL C 466 65.75 8.77 7.71
C VAL C 466 67.24 8.60 8.11
N PRO C 467 67.71 7.33 8.17
CA PRO C 467 69.07 7.07 8.65
C PRO C 467 70.10 7.41 7.58
N HIS C 468 71.38 7.50 7.97
CA HIS C 468 72.44 8.05 7.09
C HIS C 468 72.50 7.35 5.73
N ASN C 469 72.18 6.04 5.73
CA ASN C 469 72.06 5.21 4.51
C ASN C 469 71.58 6.00 3.28
N LEU C 470 70.31 6.38 3.29
CA LEU C 470 69.78 7.27 2.26
C LEU C 470 70.10 8.69 2.65
N THR C 471 70.46 9.49 1.66
CA THR C 471 71.05 10.79 1.89
C THR C 471 70.33 11.81 1.07
N THR C 472 69.39 11.33 0.27
CA THR C 472 68.83 12.14 -0.80
C THR C 472 67.70 13.06 -0.28
N ILE C 473 67.01 12.62 0.78
CA ILE C 473 66.06 13.47 1.55
C ILE C 473 66.80 14.46 2.46
N THR C 474 66.33 15.71 2.50
CA THR C 474 67.06 16.75 3.21
C THR C 474 66.23 17.40 4.35
N LYS C 475 66.90 17.73 5.46
CA LYS C 475 66.23 18.34 6.62
C LYS C 475 65.81 19.78 6.37
N PRO C 476 64.70 20.22 6.98
CA PRO C 476 64.36 21.64 7.09
C PRO C 476 64.93 22.21 8.37
N LEU C 477 64.89 23.54 8.53
CA LEU C 477 65.42 24.23 9.72
C LEU C 477 64.91 23.63 11.03
N LYS C 478 63.60 23.45 11.12
CA LYS C 478 62.96 22.91 12.31
C LYS C 478 61.58 22.39 11.98
N TYR C 479 61.07 21.52 12.85
CA TYR C 479 59.69 21.03 12.73
C TYR C 479 58.72 22.15 13.10
N SER C 480 57.76 22.44 12.22
CA SER C 480 56.73 23.43 12.55
C SER C 480 55.40 22.72 12.64
N TYR C 481 54.46 23.32 13.37
CA TYR C 481 53.05 22.96 13.28
C TYR C 481 52.21 24.13 13.75
N ILE C 482 50.95 24.16 13.34
CA ILE C 482 50.01 25.19 13.75
C ILE C 482 49.45 24.86 15.11
N ASN C 483 49.41 25.83 16.04
CA ASN C 483 48.88 25.56 17.38
C ASN C 483 47.60 26.31 17.74
N LYS C 484 47.25 27.30 16.93
CA LYS C 484 45.96 27.97 17.01
C LYS C 484 45.56 28.41 15.61
N CYS C 485 44.31 28.19 15.26
CA CYS C 485 43.74 28.68 14.02
C CYS C 485 42.29 29.08 14.30
N SER C 486 42.05 30.38 14.34
CA SER C 486 40.76 30.86 14.77
C SER C 486 40.24 32.01 13.90
N ARG C 487 38.94 32.25 14.01
CA ARG C 487 38.37 33.46 13.47
C ARG C 487 38.00 34.33 14.64
N LEU C 488 38.14 35.64 14.47
CA LEU C 488 37.48 36.56 15.37
C LEU C 488 36.39 37.17 14.52
N LEU C 489 35.14 37.02 14.95
CA LEU C 489 34.01 37.53 14.18
C LEU C 489 33.97 39.05 14.31
N SER C 490 33.08 39.68 13.55
CA SER C 490 33.05 41.14 13.44
C SER C 490 32.67 41.85 14.73
N ASP C 491 32.06 41.13 15.68
CA ASP C 491 31.73 41.74 16.97
C ASP C 491 32.97 42.05 17.80
N ASP C 492 34.15 41.72 17.27
CA ASP C 492 35.43 41.83 17.96
C ASP C 492 35.47 41.19 19.36
N ARG C 493 34.57 40.24 19.60
CA ARG C 493 34.51 39.54 20.87
C ARG C 493 34.72 38.04 20.68
N THR C 494 33.93 37.44 19.78
CA THR C 494 33.82 35.99 19.67
C THR C 494 34.94 35.31 18.90
N GLU C 495 35.54 34.31 19.52
CA GLU C 495 36.54 33.52 18.85
C GLU C 495 35.91 32.22 18.41
N VAL C 496 36.14 31.83 17.17
CA VAL C 496 35.66 30.55 16.69
C VAL C 496 36.80 29.76 16.03
N PRO C 497 37.34 28.74 16.73
CA PRO C 497 38.38 27.89 16.16
C PRO C 497 38.00 27.37 14.77
N GLN C 498 38.96 27.21 13.87
CA GLN C 498 38.69 26.64 12.56
C GLN C 498 39.31 25.25 12.46
N LEU C 499 38.48 24.21 12.52
CA LEU C 499 39.03 22.87 12.44
C LEU C 499 39.28 22.44 10.98
N VAL C 500 40.39 21.76 10.75
CA VAL C 500 40.70 21.24 9.42
C VAL C 500 39.86 20.00 9.20
N ASN C 501 39.34 19.82 7.99
CA ASN C 501 38.58 18.64 7.65
C ASN C 501 39.48 17.54 7.13
N ALA C 502 39.00 16.31 7.18
CA ALA C 502 39.73 15.19 6.58
C ALA C 502 40.09 15.54 5.14
N ASN C 503 41.26 15.09 4.71
CA ASN C 503 41.75 15.32 3.35
C ASN C 503 41.88 16.79 2.92
N GLN C 504 41.96 17.73 3.87
CA GLN C 504 42.11 19.13 3.48
C GLN C 504 43.23 19.86 4.21
N TYR C 505 43.45 21.12 3.83
CA TYR C 505 44.46 21.97 4.47
C TYR C 505 43.79 22.92 5.44
N SER C 506 44.52 23.33 6.48
CA SER C 506 43.96 24.29 7.41
C SER C 506 43.73 25.61 6.70
N PRO C 507 42.60 26.27 6.97
CA PRO C 507 42.29 27.58 6.39
C PRO C 507 43.38 28.59 6.69
N CYS C 508 44.28 28.27 7.60
CA CYS C 508 45.33 29.21 8.00
C CYS C 508 46.61 29.04 7.19
N VAL C 509 46.61 28.08 6.27
CA VAL C 509 47.76 27.85 5.40
C VAL C 509 48.11 29.14 4.64
N SER C 510 47.07 29.87 4.26
CA SER C 510 47.22 31.15 3.55
C SER C 510 48.03 32.19 4.32
N ILE C 511 48.21 31.98 5.63
CA ILE C 511 48.87 33.00 6.45
C ILE C 511 50.03 32.49 7.32
N VAL C 512 50.21 31.17 7.36
CA VAL C 512 51.32 30.59 8.10
C VAL C 512 52.47 30.27 7.12
N PRO C 513 53.68 30.77 7.42
CA PRO C 513 54.85 30.48 6.58
C PRO C 513 55.17 28.98 6.48
N SER C 514 55.89 28.59 5.44
CA SER C 514 56.21 27.19 5.17
C SER C 514 57.00 26.60 6.33
N THR C 515 57.83 27.45 6.95
CA THR C 515 58.51 27.11 8.20
C THR C 515 58.42 28.27 9.18
N VAL C 516 57.93 28.00 10.38
CA VAL C 516 57.73 29.03 11.40
C VAL C 516 59.06 29.54 11.93
N TRP C 517 59.18 30.86 12.05
CA TRP C 517 60.44 31.49 12.39
C TRP C 517 60.82 31.17 13.82
N GLU C 518 59.97 31.55 14.77
CA GLU C 518 60.26 31.30 16.17
C GLU C 518 59.08 30.66 16.89
N ASP C 519 59.35 29.95 17.98
CA ASP C 519 58.37 29.05 18.61
C ASP C 519 57.00 29.64 18.96
N GLY C 520 56.86 30.95 19.07
CA GLY C 520 55.54 31.42 19.46
C GLY C 520 54.79 32.32 18.51
N ASP C 521 55.32 32.45 17.29
CA ASP C 521 54.90 33.48 16.34
C ASP C 521 53.40 33.46 16.09
N TYR C 522 52.80 34.61 15.78
CA TYR C 522 51.39 34.65 15.45
C TYR C 522 51.08 35.49 14.21
N TYR C 523 49.99 35.17 13.54
CA TYR C 523 49.68 35.70 12.23
C TYR C 523 48.26 36.21 12.17
N ARG C 524 48.03 37.29 11.42
CA ARG C 524 46.71 37.87 11.29
C ARG C 524 46.46 38.36 9.87
N LYS C 525 45.26 38.11 9.36
CA LYS C 525 44.85 38.61 8.06
C LYS C 525 43.45 39.15 8.25
N GLN C 526 43.25 40.43 7.98
CA GLN C 526 41.90 40.99 8.11
C GLN C 526 40.99 40.47 6.98
N LEU C 527 39.72 40.22 7.29
CA LEU C 527 38.81 39.68 6.29
C LEU C 527 37.91 40.74 5.67
N SER C 528 37.69 40.65 4.36
CA SER C 528 36.72 41.52 3.68
C SER C 528 35.30 41.16 4.11
N PRO C 529 34.38 42.15 4.11
CA PRO C 529 32.99 41.96 4.57
C PRO C 529 32.31 40.76 3.91
N LEU C 530 32.66 40.49 2.65
CA LEU C 530 32.15 39.31 1.97
C LEU C 530 32.77 38.05 2.58
N GLU C 531 34.08 38.10 2.78
CA GLU C 531 34.89 36.95 3.22
C GLU C 531 34.48 36.45 4.61
N GLY C 532 33.53 37.13 5.27
CA GLY C 532 33.10 36.75 6.60
C GLY C 532 33.02 37.92 7.59
N GLY C 533 33.87 38.93 7.41
CA GLY C 533 33.74 40.17 8.15
C GLY C 533 34.62 40.44 9.37
N GLY C 534 35.43 39.47 9.79
CA GLY C 534 36.26 39.70 10.97
C GLY C 534 37.76 39.59 10.70
N TRP C 535 38.43 38.81 11.54
CA TRP C 535 39.84 38.48 11.32
C TRP C 535 40.06 36.97 11.28
N LEU C 536 41.09 36.55 10.55
CA LEU C 536 41.62 35.21 10.67
C LEU C 536 42.91 35.35 11.47
N VAL C 537 43.14 34.42 12.37
CA VAL C 537 44.28 34.50 13.27
C VAL C 537 44.92 33.14 13.40
N ALA C 538 46.23 33.06 13.52
CA ALA C 538 46.87 31.78 13.68
C ALA C 538 48.12 31.90 14.53
N SER C 539 48.63 30.79 15.02
CA SER C 539 49.84 30.81 15.82
C SER C 539 50.57 29.52 15.49
N GLY C 540 51.90 29.55 15.55
CA GLY C 540 52.68 28.42 15.11
C GLY C 540 53.77 28.07 16.10
N SER C 541 54.03 26.78 16.24
CA SER C 541 55.02 26.28 17.20
C SER C 541 56.08 25.43 16.52
N THR C 542 57.24 25.34 17.15
CA THR C 542 58.37 24.63 16.56
C THR C 542 58.93 23.57 17.49
N VAL C 543 59.61 22.59 16.92
CA VAL C 543 60.41 21.65 17.68
C VAL C 543 61.80 21.63 17.03
N ALA C 544 62.83 21.66 17.87
CA ALA C 544 64.20 21.67 17.40
C ALA C 544 64.45 20.48 16.47
N MET C 545 65.13 20.74 15.37
CA MET C 545 65.44 19.68 14.41
C MET C 545 66.30 18.64 15.08
N THR C 546 66.04 17.37 14.77
CA THR C 546 66.82 16.27 15.30
C THR C 546 67.95 15.96 14.34
N GLU C 547 68.93 15.20 14.80
CA GLU C 547 70.11 14.87 14.00
C GLU C 547 69.77 14.06 12.74
N GLN C 548 68.90 13.07 12.91
CA GLN C 548 68.56 12.08 11.88
C GLN C 548 67.56 12.58 10.83
N LEU C 549 66.55 13.30 11.30
CA LEU C 549 65.33 13.69 10.58
C LEU C 549 64.25 12.63 10.67
N GLN C 550 63.15 13.01 11.33
CA GLN C 550 62.04 12.10 11.57
C GLN C 550 60.86 12.56 10.72
N MET C 551 60.15 11.59 10.13
CA MET C 551 59.07 11.87 9.20
C MET C 551 57.78 11.18 9.58
N GLY C 552 56.69 11.60 8.95
CA GLY C 552 55.38 11.01 9.18
C GLY C 552 54.70 10.69 7.86
N PHE C 553 54.07 9.52 7.80
CA PHE C 553 53.35 9.03 6.62
C PHE C 553 51.94 8.60 6.97
N GLY C 554 50.94 9.24 6.37
CA GLY C 554 49.56 8.83 6.56
C GLY C 554 49.00 8.10 5.35
N ILE C 555 48.38 6.93 5.57
CA ILE C 555 47.83 6.17 4.47
C ILE C 555 46.30 6.03 4.53
N THR C 556 45.65 6.16 3.38
CA THR C 556 44.22 5.89 3.26
C THR C 556 43.95 4.99 2.07
N VAL C 557 43.41 3.80 2.35
CA VAL C 557 43.06 2.88 1.28
C VAL C 557 41.54 2.84 1.06
N GLN C 558 41.14 2.76 -0.20
CA GLN C 558 39.74 2.66 -0.58
C GLN C 558 39.50 1.33 -1.28
N TYR C 559 38.61 0.48 -0.76
CA TYR C 559 38.30 -0.79 -1.44
C TYR C 559 37.14 -0.67 -2.45
N GLY C 560 36.68 -1.83 -2.94
CA GLY C 560 35.53 -1.91 -3.84
C GLY C 560 35.72 -1.10 -5.10
N THR C 561 34.66 -0.92 -5.90
CA THR C 561 33.41 -1.64 -5.74
C THR C 561 33.40 -2.86 -6.69
N ASP C 562 34.29 -2.80 -7.69
CA ASP C 562 34.62 -3.88 -8.63
C ASP C 562 35.90 -3.51 -9.40
N THR C 563 36.80 -2.73 -8.80
CA THR C 563 37.95 -2.17 -9.53
C THR C 563 39.28 -2.15 -8.76
N ASN C 564 39.46 -3.08 -7.82
CA ASN C 564 40.67 -3.19 -7.00
C ASN C 564 41.96 -3.40 -7.81
N SER C 565 42.51 -2.32 -8.36
CA SER C 565 43.68 -2.43 -9.24
C SER C 565 44.98 -1.83 -8.67
N VAL C 566 45.27 -2.10 -7.40
CA VAL C 566 46.52 -1.72 -6.74
C VAL C 566 46.90 -2.88 -5.81
N CYS C 567 47.98 -3.61 -6.12
CA CYS C 567 48.17 -4.93 -5.48
C CYS C 567 49.54 -5.28 -4.91
N ASP C 575 37.20 -11.16 -2.97
CA ASP C 575 36.61 -12.41 -3.32
C ASP C 575 35.45 -12.18 -4.30
N THR C 576 35.30 -10.93 -4.79
CA THR C 576 34.26 -10.59 -5.74
C THR C 576 34.86 -10.25 -7.07
N LYS C 577 36.09 -10.66 -7.24
CA LYS C 577 36.78 -10.47 -8.49
C LYS C 577 36.39 -11.61 -9.43
N ILE C 578 36.46 -11.35 -10.74
CA ILE C 578 36.17 -12.40 -11.71
C ILE C 578 37.29 -13.41 -11.79
N ALA C 579 38.53 -12.94 -11.84
CA ALA C 579 39.63 -13.87 -12.03
C ALA C 579 39.68 -14.93 -10.95
N SER C 580 39.29 -14.58 -9.73
CA SER C 580 39.34 -15.52 -8.62
C SER C 580 38.21 -16.54 -8.62
N GLN C 581 37.21 -16.36 -9.47
CA GLN C 581 36.08 -17.28 -9.51
C GLN C 581 35.80 -17.86 -10.89
N LEU C 582 36.83 -18.01 -11.73
CA LEU C 582 36.55 -18.52 -13.04
C LEU C 582 36.11 -19.96 -12.96
N GLY C 583 35.13 -20.29 -13.78
CA GLY C 583 34.59 -21.63 -13.87
C GLY C 583 33.44 -21.87 -12.93
N ASN C 584 33.19 -20.93 -12.03
CA ASN C 584 32.11 -21.09 -11.08
C ASN C 584 30.85 -20.40 -11.54
N CYS C 585 29.73 -20.89 -11.02
CA CYS C 585 28.47 -20.09 -11.29
C CYS C 585 28.42 -19.06 -10.15
N VAL C 586 28.31 -17.79 -10.68
CA VAL C 586 28.25 -16.67 -9.74
C VAL C 586 27.17 -15.70 -10.12
N GLU C 587 26.75 -14.93 -9.15
CA GLU C 587 25.87 -13.82 -9.49
C GLU C 587 26.81 -12.72 -9.94
N TYR C 588 26.40 -11.89 -10.86
CA TYR C 588 27.28 -10.80 -11.18
C TYR C 588 26.56 -9.50 -11.25
N SER C 589 27.30 -8.45 -10.96
CA SER C 589 26.85 -7.09 -11.18
C SER C 589 28.03 -6.32 -11.72
N LEU C 590 28.01 -6.06 -13.01
CA LEU C 590 29.13 -5.40 -13.66
C LEU C 590 28.66 -4.08 -14.22
N TYR C 591 29.00 -2.99 -13.55
CA TYR C 591 28.59 -1.67 -13.98
C TYR C 591 27.12 -1.63 -14.28
N GLY C 592 26.35 -2.19 -13.37
CA GLY C 592 24.90 -2.18 -13.42
C GLY C 592 24.27 -3.29 -14.20
N VAL C 593 25.08 -4.09 -14.86
CA VAL C 593 24.57 -5.20 -15.64
C VAL C 593 24.59 -6.42 -14.78
N SER C 594 23.49 -7.14 -14.67
CA SER C 594 23.49 -8.25 -13.75
C SER C 594 22.80 -9.46 -14.24
N GLY C 595 23.10 -10.55 -13.56
CA GLY C 595 22.54 -11.84 -13.90
C GLY C 595 23.38 -12.91 -13.27
N ARG C 596 23.26 -14.12 -13.78
CA ARG C 596 24.03 -15.24 -13.26
C ARG C 596 24.81 -15.86 -14.41
N GLY C 597 25.99 -16.35 -14.12
CA GLY C 597 26.74 -17.02 -15.16
C GLY C 597 28.09 -17.49 -14.72
N VAL C 598 28.80 -18.03 -15.67
CA VAL C 598 30.11 -18.58 -15.48
C VAL C 598 31.11 -17.84 -16.31
N PHE C 599 32.16 -17.34 -15.69
CA PHE C 599 33.16 -16.60 -16.44
C PHE C 599 34.29 -17.51 -16.85
N GLN C 600 34.78 -17.30 -18.06
CA GLN C 600 35.93 -18.05 -18.54
C GLN C 600 36.94 -17.14 -19.16
N ASN C 601 38.21 -17.39 -18.99
CA ASN C 601 39.24 -16.65 -19.66
C ASN C 601 39.30 -16.96 -21.13
N CYS C 602 39.17 -16.07 -22.06
CA CYS C 602 39.15 -16.40 -23.45
C CYS C 602 39.61 -15.30 -24.39
N THR C 603 39.72 -15.57 -25.67
CA THR C 603 40.15 -14.60 -26.67
C THR C 603 39.14 -13.48 -26.85
N ALA C 604 39.63 -12.25 -26.85
CA ALA C 604 38.81 -11.07 -27.03
C ALA C 604 38.20 -10.97 -28.39
N VAL C 605 36.93 -10.60 -28.38
CA VAL C 605 36.13 -10.32 -29.57
C VAL C 605 35.36 -9.02 -29.34
N GLY C 606 34.91 -8.38 -30.40
CA GLY C 606 34.10 -7.18 -30.22
C GLY C 606 35.00 -5.97 -30.00
N VAL C 607 34.39 -4.82 -29.73
CA VAL C 607 35.17 -3.61 -29.52
C VAL C 607 35.46 -3.45 -28.04
N ARG C 608 36.73 -3.37 -27.66
CA ARG C 608 37.14 -3.28 -26.27
C ARG C 608 36.56 -2.14 -25.51
N GLN C 609 36.48 -1.02 -26.18
CA GLN C 609 36.01 0.20 -25.58
C GLN C 609 34.56 0.16 -25.16
N GLN C 610 33.82 -0.80 -25.71
CA GLN C 610 32.41 -0.90 -25.43
C GLN C 610 32.10 -1.80 -24.24
N ARG C 611 33.11 -2.48 -23.69
CA ARG C 611 33.02 -3.30 -22.48
C ARG C 611 32.17 -4.57 -22.49
N PHE C 612 30.92 -4.44 -22.88
CA PHE C 612 30.02 -5.57 -22.84
C PHE C 612 29.72 -6.14 -24.21
N VAL C 613 29.99 -7.43 -24.38
CA VAL C 613 29.79 -8.10 -25.66
C VAL C 613 28.49 -8.89 -25.60
N TYR C 614 27.62 -8.63 -26.55
CA TYR C 614 26.33 -9.30 -26.63
C TYR C 614 26.21 -10.21 -27.83
N ASP C 615 25.38 -11.22 -27.70
CA ASP C 615 25.09 -12.11 -28.81
C ASP C 615 23.87 -11.64 -29.61
N ALA C 616 23.43 -12.48 -30.54
CA ALA C 616 22.34 -12.17 -31.45
C ALA C 616 20.97 -12.27 -30.80
N TYR C 617 20.91 -12.75 -29.55
CA TYR C 617 19.66 -12.84 -28.81
C TYR C 617 19.69 -11.82 -27.66
N GLN C 618 20.66 -10.92 -27.70
CA GLN C 618 20.92 -9.88 -26.73
C GLN C 618 21.29 -10.38 -25.33
N ASN C 619 21.94 -11.55 -25.26
CA ASN C 619 22.41 -12.02 -23.96
C ASN C 619 23.80 -11.44 -23.76
N LEU C 620 24.24 -11.27 -22.52
CA LEU C 620 25.63 -10.85 -22.37
C LEU C 620 26.47 -12.11 -22.52
N VAL C 621 27.42 -12.09 -23.46
CA VAL C 621 28.23 -13.27 -23.70
C VAL C 621 29.70 -13.05 -23.51
N GLY C 622 30.09 -11.83 -23.19
CA GLY C 622 31.48 -11.59 -22.93
C GLY C 622 31.65 -10.26 -22.28
N TYR C 623 32.79 -10.09 -21.65
CA TYR C 623 33.07 -8.87 -20.93
C TYR C 623 34.52 -8.51 -20.83
N TYR C 624 34.80 -7.24 -21.07
CA TYR C 624 36.14 -6.75 -20.90
C TYR C 624 36.22 -6.15 -19.52
N SER C 625 37.04 -6.75 -18.68
CA SER C 625 37.18 -6.34 -17.30
C SER C 625 38.16 -5.22 -17.07
N ASP C 626 37.99 -4.51 -15.95
CA ASP C 626 38.99 -3.47 -15.64
C ASP C 626 40.34 -4.07 -15.20
N ASP C 627 40.41 -5.39 -14.99
CA ASP C 627 41.68 -6.00 -14.64
C ASP C 627 42.51 -6.32 -15.90
N GLY C 628 41.98 -5.95 -17.09
CA GLY C 628 42.67 -6.13 -18.36
C GLY C 628 42.31 -7.39 -19.15
N ASN C 629 41.61 -8.32 -18.52
CA ASN C 629 41.25 -9.55 -19.20
C ASN C 629 39.89 -9.53 -19.84
N TYR C 630 39.75 -10.35 -20.87
CA TYR C 630 38.46 -10.55 -21.49
C TYR C 630 37.92 -11.89 -21.06
N TYR C 631 36.68 -11.88 -20.62
CA TYR C 631 36.08 -13.12 -20.21
C TYR C 631 34.89 -13.45 -21.06
N CYS C 632 34.72 -14.71 -21.29
CA CYS C 632 33.53 -15.21 -21.95
C CYS C 632 32.55 -15.40 -20.84
N LEU C 633 31.29 -15.15 -21.11
CA LEU C 633 30.28 -15.40 -20.09
C LEU C 633 29.30 -16.43 -20.59
N ARG C 634 29.15 -17.47 -19.80
CA ARG C 634 28.26 -18.55 -20.16
C ARG C 634 27.16 -18.56 -19.14
N ALA C 635 25.99 -19.00 -19.50
CA ALA C 635 24.94 -19.04 -18.50
C ALA C 635 25.26 -20.09 -17.47
N CYS C 636 24.80 -19.90 -16.25
CA CYS C 636 24.93 -21.04 -15.36
C CYS C 636 23.98 -21.96 -16.11
N VAL C 637 24.39 -23.19 -16.36
CA VAL C 637 23.56 -24.11 -17.12
C VAL C 637 22.93 -25.11 -16.32
N SER C 638 21.66 -25.29 -16.57
CA SER C 638 20.96 -26.28 -15.80
C SER C 638 21.24 -27.66 -16.32
N VAL C 639 21.04 -28.64 -15.46
CA VAL C 639 21.25 -30.04 -15.80
C VAL C 639 19.93 -30.73 -16.10
N PRO C 640 19.63 -31.08 -17.35
CA PRO C 640 18.43 -31.77 -17.77
C PRO C 640 18.03 -32.91 -16.88
N VAL C 641 16.74 -33.10 -16.61
CA VAL C 641 16.31 -34.26 -15.84
C VAL C 641 15.08 -34.96 -16.44
N SER C 642 15.18 -36.26 -16.61
CA SER C 642 14.05 -37.09 -17.04
C SER C 642 13.86 -38.19 -16.00
N VAL C 643 12.63 -38.48 -15.65
CA VAL C 643 12.39 -39.53 -14.67
C VAL C 643 11.89 -40.73 -15.37
N ILE C 644 12.52 -41.86 -15.10
CA ILE C 644 12.14 -43.10 -15.68
C ILE C 644 11.31 -43.80 -14.62
N TYR C 645 10.02 -44.01 -14.85
CA TYR C 645 9.19 -44.57 -13.77
C TYR C 645 8.37 -45.75 -14.15
N ASP C 646 8.40 -46.74 -13.27
CA ASP C 646 7.60 -47.93 -13.46
C ASP C 646 6.58 -48.07 -12.34
N LYS C 647 5.32 -47.89 -12.74
CA LYS C 647 4.15 -47.89 -11.87
C LYS C 647 3.92 -49.20 -11.11
N GLU C 648 4.17 -50.31 -11.79
CA GLU C 648 3.98 -51.63 -11.20
C GLU C 648 5.00 -51.93 -10.12
N THR C 649 6.25 -51.51 -10.34
CA THR C 649 7.25 -51.80 -9.32
C THR C 649 7.40 -50.67 -8.33
N LYS C 650 6.88 -49.48 -8.66
CA LYS C 650 7.10 -48.32 -7.80
C LYS C 650 8.60 -48.01 -7.66
N THR C 651 9.29 -48.08 -8.80
CA THR C 651 10.72 -47.80 -8.83
C THR C 651 11.00 -46.79 -9.90
N HIS C 652 12.15 -46.14 -9.80
CA HIS C 652 12.51 -45.18 -10.80
C HIS C 652 14.01 -45.03 -10.94
N ALA C 653 14.36 -44.36 -12.00
CA ALA C 653 15.74 -44.05 -12.34
C ALA C 653 15.77 -42.64 -12.90
N THR C 654 16.88 -41.96 -12.78
CA THR C 654 16.96 -40.58 -13.25
C THR C 654 17.94 -40.44 -14.39
N LEU C 655 17.48 -39.86 -15.49
CA LEU C 655 18.33 -39.61 -16.65
C LEU C 655 18.65 -38.16 -16.80
N PHE C 656 19.93 -37.87 -16.89
CA PHE C 656 20.42 -36.53 -17.08
C PHE C 656 20.88 -36.44 -18.51
N GLY C 657 19.94 -36.11 -19.37
CA GLY C 657 20.24 -36.24 -20.77
C GLY C 657 21.25 -35.24 -21.18
N SER C 658 22.15 -35.67 -22.03
CA SER C 658 23.20 -34.81 -22.60
C SER C 658 24.30 -34.47 -21.62
N VAL C 659 24.25 -35.01 -20.41
CA VAL C 659 25.22 -34.68 -19.37
C VAL C 659 26.25 -35.75 -19.13
N ALA C 660 27.53 -35.37 -19.12
CA ALA C 660 28.56 -36.36 -18.75
C ALA C 660 28.43 -36.62 -17.24
N CYS C 661 28.68 -37.85 -16.81
CA CYS C 661 28.54 -38.22 -15.40
C CYS C 661 29.54 -37.56 -14.49
N GLU C 662 30.52 -36.86 -15.03
CA GLU C 662 31.50 -36.17 -14.22
C GLU C 662 30.83 -35.07 -13.39
N HIS C 663 29.61 -34.66 -13.79
CA HIS C 663 28.86 -33.63 -13.07
C HIS C 663 27.84 -34.20 -12.13
N ILE C 664 27.74 -35.52 -12.06
CA ILE C 664 26.70 -36.12 -11.25
C ILE C 664 27.34 -36.97 -10.15
N TYR C 686 25.18 -48.71 -6.64
CA TYR C 686 25.95 -48.39 -7.84
C TYR C 686 26.07 -46.89 -8.03
N GLY C 687 27.14 -46.47 -8.69
CA GLY C 687 27.37 -45.07 -8.98
C GLY C 687 26.62 -44.74 -10.25
N PRO C 688 26.82 -43.56 -10.83
CA PRO C 688 26.18 -43.11 -12.05
C PRO C 688 26.66 -43.91 -13.25
N LEU C 689 25.78 -44.18 -14.21
CA LEU C 689 26.12 -44.92 -15.43
C LEU C 689 26.12 -44.03 -16.66
N GLN C 690 27.21 -43.99 -17.42
CA GLN C 690 27.20 -43.13 -18.60
C GLN C 690 26.61 -43.91 -19.74
N THR C 691 25.59 -43.37 -20.40
CA THR C 691 24.97 -44.06 -21.52
C THR C 691 25.04 -43.14 -22.73
N PRO C 692 24.73 -43.62 -23.94
CA PRO C 692 24.61 -42.86 -25.18
C PRO C 692 23.62 -41.69 -25.17
N VAL C 693 22.73 -41.63 -24.19
CA VAL C 693 21.76 -40.55 -24.13
C VAL C 693 21.97 -39.63 -22.93
N GLY C 694 23.00 -39.88 -22.14
CA GLY C 694 23.23 -39.06 -20.95
C GLY C 694 23.62 -39.91 -19.77
N CYS C 695 23.68 -39.29 -18.61
CA CYS C 695 24.11 -40.00 -17.40
C CYS C 695 22.90 -40.52 -16.65
N VAL C 696 22.88 -41.79 -16.28
CA VAL C 696 21.69 -42.27 -15.59
C VAL C 696 21.98 -42.88 -14.24
N LEU C 697 21.25 -42.41 -13.24
CA LEU C 697 21.36 -42.96 -11.88
C LEU C 697 20.17 -43.86 -11.63
N GLY C 698 20.36 -44.96 -10.94
CA GLY C 698 19.23 -45.83 -10.65
C GLY C 698 19.16 -47.02 -11.62
N LEU C 699 19.97 -46.99 -12.68
CA LEU C 699 20.02 -48.11 -13.59
C LEU C 699 21.30 -48.87 -13.39
N VAL C 700 21.23 -50.16 -13.62
CA VAL C 700 22.42 -50.99 -13.59
C VAL C 700 22.63 -51.56 -14.97
N ASN C 701 23.86 -51.50 -15.44
CA ASN C 701 24.12 -52.02 -16.81
C ASN C 701 23.98 -53.54 -16.79
N SER C 702 23.11 -54.03 -17.76
CA SER C 702 22.86 -55.48 -17.76
C SER C 702 23.36 -56.30 -18.93
N SER C 703 23.77 -55.66 -20.02
CA SER C 703 24.16 -56.41 -21.24
C SER C 703 23.12 -57.44 -21.64
N LEU C 704 21.89 -57.01 -21.61
CA LEU C 704 20.71 -57.80 -21.90
C LEU C 704 19.95 -57.14 -23.02
N PHE C 705 19.32 -57.92 -23.88
CA PHE C 705 18.50 -57.36 -24.95
C PHE C 705 17.00 -57.60 -24.79
N VAL C 706 16.23 -56.63 -25.25
CA VAL C 706 14.78 -56.70 -25.24
C VAL C 706 14.21 -56.38 -26.61
N GLU C 707 12.94 -56.76 -26.82
CA GLU C 707 12.28 -56.32 -28.05
C GLU C 707 11.12 -55.51 -27.52
N ASP C 708 10.64 -56.01 -26.40
CA ASP C 708 9.47 -55.54 -25.69
C ASP C 708 9.79 -54.43 -24.70
N CYS C 709 10.13 -53.30 -25.29
CA CYS C 709 10.57 -52.18 -24.41
C CYS C 709 9.41 -51.22 -24.14
N LYS C 710 9.25 -51.00 -22.80
CA LYS C 710 8.17 -50.12 -22.34
C LYS C 710 8.67 -48.76 -21.89
N LEU C 711 9.95 -48.66 -21.57
CA LEU C 711 10.54 -47.44 -21.07
C LEU C 711 11.76 -47.08 -21.89
N PRO C 712 11.60 -46.73 -23.17
CA PRO C 712 12.69 -46.44 -24.07
C PRO C 712 13.39 -45.21 -23.59
N LEU C 713 14.70 -45.20 -23.67
CA LEU C 713 15.45 -44.04 -23.21
C LEU C 713 15.91 -43.15 -24.31
N GLY C 714 15.93 -43.71 -25.52
CA GLY C 714 16.46 -43.00 -26.66
C GLY C 714 17.53 -43.85 -27.29
N GLN C 715 17.93 -43.51 -28.51
CA GLN C 715 18.89 -44.31 -29.22
C GLN C 715 18.31 -45.72 -29.20
N SER C 716 19.01 -46.72 -28.76
CA SER C 716 18.38 -48.04 -28.75
C SER C 716 18.47 -48.64 -27.37
N LEU C 717 18.33 -47.77 -26.40
CA LEU C 717 18.39 -48.09 -24.99
C LEU C 717 17.01 -48.19 -24.38
N CYS C 718 16.88 -49.02 -23.36
CA CYS C 718 15.61 -49.22 -22.67
C CYS C 718 15.78 -49.48 -21.18
N ALA C 719 14.92 -48.88 -20.35
CA ALA C 719 14.99 -49.21 -18.93
C ALA C 719 14.09 -50.43 -18.70
N LEU C 720 14.65 -51.43 -18.03
CA LEU C 720 13.93 -52.65 -17.79
C LEU C 720 13.82 -52.95 -16.31
N PRO C 721 12.65 -52.90 -15.69
CA PRO C 721 12.50 -53.11 -14.27
C PRO C 721 12.88 -54.52 -13.89
N ASP C 722 13.40 -54.66 -12.68
CA ASP C 722 13.79 -55.95 -12.11
C ASP C 722 12.63 -56.51 -11.30
N THR C 723 11.88 -57.43 -11.91
CA THR C 723 10.66 -57.96 -11.34
C THR C 723 10.19 -59.20 -12.06
N PRO C 736 10.96 -55.30 -5.45
CA PRO C 736 11.53 -55.01 -6.75
C PRO C 736 12.95 -54.51 -6.62
N GLY C 737 13.73 -54.69 -7.68
CA GLY C 737 15.13 -54.25 -7.65
C GLY C 737 15.32 -52.97 -8.42
N GLU C 738 16.54 -52.76 -8.88
CA GLU C 738 16.88 -51.58 -9.65
C GLU C 738 16.52 -51.82 -11.10
N MET C 739 16.26 -50.76 -11.85
CA MET C 739 15.99 -50.99 -13.25
C MET C 739 17.30 -51.32 -13.95
N ARG C 740 17.23 -52.21 -14.90
CA ARG C 740 18.36 -52.58 -15.70
C ARG C 740 18.46 -51.73 -16.95
N LEU C 741 19.67 -51.47 -17.41
CA LEU C 741 19.80 -50.82 -18.69
C LEU C 741 19.98 -51.90 -19.74
N ALA C 742 18.98 -52.00 -20.62
CA ALA C 742 18.91 -53.01 -21.65
C ALA C 742 19.00 -52.36 -23.01
N SER C 743 19.47 -53.12 -23.98
CA SER C 743 19.53 -52.63 -25.34
C SER C 743 18.39 -53.22 -26.14
N ILE C 744 17.86 -52.48 -27.09
CA ILE C 744 16.79 -53.03 -27.89
C ILE C 744 17.40 -53.81 -29.03
N ALA C 745 16.96 -55.04 -29.17
CA ALA C 745 17.45 -55.93 -30.20
C ALA C 745 16.91 -55.64 -31.56
N PHE C 746 17.74 -55.89 -32.56
CA PHE C 746 17.23 -55.90 -33.91
C PHE C 746 16.83 -57.35 -34.13
N ASN C 747 15.62 -57.58 -34.57
CA ASN C 747 15.16 -58.94 -34.79
C ASN C 747 15.41 -59.31 -36.25
N HIS C 748 16.43 -60.11 -36.50
CA HIS C 748 16.80 -60.42 -37.87
C HIS C 748 15.78 -61.31 -38.55
N PRO C 749 15.51 -61.09 -39.84
CA PRO C 749 14.64 -61.88 -40.68
C PRO C 749 15.32 -63.19 -40.97
N ILE C 750 14.53 -64.15 -41.43
CA ILE C 750 15.09 -65.44 -41.80
C ILE C 750 15.99 -65.21 -42.97
N GLN C 751 17.23 -65.69 -42.91
CA GLN C 751 18.14 -65.45 -44.02
C GLN C 751 18.00 -66.53 -45.04
N VAL C 752 17.77 -66.15 -46.29
CA VAL C 752 17.62 -67.17 -47.32
C VAL C 752 18.66 -66.89 -48.38
N ASP C 753 19.54 -67.84 -48.61
CA ASP C 753 20.64 -67.66 -49.55
C ASP C 753 20.27 -67.78 -51.00
N GLN C 754 20.94 -67.02 -51.84
CA GLN C 754 20.75 -67.14 -53.27
C GLN C 754 21.67 -68.22 -53.77
N LEU C 755 21.28 -68.88 -54.86
CA LEU C 755 22.13 -69.93 -55.40
C LEU C 755 22.85 -69.50 -56.65
N ASN C 756 24.04 -70.00 -56.78
CA ASN C 756 24.89 -69.86 -58.02
C ASN C 756 24.43 -70.85 -58.98
N SER C 757 23.27 -70.84 -59.49
CA SER C 757 22.68 -71.86 -60.34
C SER C 757 21.48 -71.34 -61.07
N SER C 758 20.87 -72.21 -61.84
CA SER C 758 19.63 -71.93 -62.57
C SER C 758 18.41 -72.18 -61.68
N TYR C 759 18.64 -72.61 -60.46
CA TYR C 759 17.60 -72.88 -59.47
C TYR C 759 17.56 -71.75 -58.44
N PHE C 760 16.58 -71.78 -57.56
CA PHE C 760 16.57 -70.83 -56.45
C PHE C 760 16.07 -71.48 -55.19
N LYS C 761 16.44 -70.90 -54.06
CA LYS C 761 15.90 -71.34 -52.79
C LYS C 761 14.57 -70.71 -52.46
N LEU C 762 13.68 -71.56 -52.05
CA LEU C 762 12.36 -71.17 -51.62
C LEU C 762 12.20 -71.37 -50.17
N SER C 763 12.00 -70.30 -49.44
CA SER C 763 11.73 -70.44 -48.03
C SER C 763 10.20 -70.46 -47.97
N ILE C 764 9.62 -71.61 -47.63
CA ILE C 764 8.18 -71.77 -47.71
C ILE C 764 7.63 -72.33 -46.39
N PRO C 765 6.50 -71.86 -45.87
CA PRO C 765 5.89 -72.30 -44.64
C PRO C 765 5.51 -73.75 -44.68
N THR C 766 5.55 -74.41 -43.54
CA THR C 766 5.10 -75.80 -43.47
C THR C 766 3.94 -75.83 -42.49
N ASN C 767 3.78 -74.73 -41.81
CA ASN C 767 2.75 -74.60 -40.78
C ASN C 767 2.13 -73.23 -40.84
N PHE C 768 1.03 -73.04 -40.17
CA PHE C 768 0.40 -71.73 -40.13
C PHE C 768 -0.51 -71.58 -38.94
N SER C 769 -0.86 -70.33 -38.71
CA SER C 769 -1.85 -69.98 -37.72
C SER C 769 -2.63 -68.79 -38.22
N PHE C 770 -3.75 -68.55 -37.58
CA PHE C 770 -4.49 -67.33 -37.90
C PHE C 770 -4.28 -66.40 -36.73
N GLY C 771 -4.28 -65.11 -36.98
CA GLY C 771 -4.19 -64.21 -35.85
C GLY C 771 -4.99 -62.99 -36.15
N VAL C 772 -5.26 -62.19 -35.14
CA VAL C 772 -6.06 -61.03 -35.36
C VAL C 772 -5.32 -59.75 -35.06
N THR C 773 -5.24 -58.90 -36.04
CA THR C 773 -4.64 -57.61 -35.82
C THR C 773 -5.82 -56.74 -35.44
N GLN C 774 -5.75 -56.10 -34.30
CA GLN C 774 -6.86 -55.26 -33.90
C GLN C 774 -6.51 -53.84 -34.26
N GLU C 775 -7.48 -53.09 -34.72
CA GLU C 775 -7.21 -51.73 -35.06
C GLU C 775 -8.34 -50.81 -34.71
N TYR C 776 -8.03 -49.70 -34.10
CA TYR C 776 -9.06 -48.73 -33.83
C TYR C 776 -8.89 -47.50 -34.66
N ILE C 777 -9.97 -47.11 -35.31
CA ILE C 777 -9.95 -45.87 -36.07
C ILE C 777 -10.98 -44.94 -35.50
N GLN C 778 -10.54 -43.78 -35.11
CA GLN C 778 -11.45 -42.80 -34.56
C GLN C 778 -12.18 -42.14 -35.71
N THR C 779 -13.49 -42.00 -35.65
CA THR C 779 -14.15 -41.34 -36.76
C THR C 779 -14.76 -40.01 -36.34
N THR C 780 -14.97 -39.87 -35.03
CA THR C 780 -15.58 -38.67 -34.48
C THR C 780 -14.84 -38.19 -33.26
N ILE C 781 -15.22 -37.01 -32.83
CA ILE C 781 -14.79 -36.45 -31.57
C ILE C 781 -16.09 -36.08 -30.88
N GLN C 782 -16.06 -35.86 -29.57
CA GLN C 782 -17.26 -35.41 -28.89
C GLN C 782 -17.55 -33.99 -29.37
N LYS C 783 -18.83 -33.75 -29.69
CA LYS C 783 -19.27 -32.45 -30.16
C LYS C 783 -19.63 -31.59 -28.98
N VAL C 784 -19.04 -30.40 -28.91
CA VAL C 784 -19.26 -29.50 -27.80
C VAL C 784 -19.59 -28.11 -28.28
N THR C 785 -20.53 -27.47 -27.60
CA THR C 785 -20.82 -26.07 -27.88
C THR C 785 -20.57 -25.31 -26.61
N VAL C 786 -20.32 -24.01 -26.73
CA VAL C 786 -20.07 -23.24 -25.53
C VAL C 786 -20.92 -22.01 -25.47
N ASP C 787 -21.53 -21.77 -24.32
CA ASP C 787 -22.24 -20.53 -24.17
C ASP C 787 -21.14 -19.56 -23.74
N CYS C 788 -20.57 -18.97 -24.80
CA CYS C 788 -19.35 -18.10 -24.58
C CYS C 788 -19.69 -16.96 -23.74
N LYS C 789 -20.76 -16.29 -23.88
CA LYS C 789 -21.06 -15.14 -23.09
C LYS C 789 -21.15 -15.54 -21.63
N GLN C 790 -21.83 -16.68 -21.35
CA GLN C 790 -21.91 -17.10 -19.94
C GLN C 790 -20.56 -17.54 -19.45
N TYR C 791 -19.77 -18.22 -20.26
CA TYR C 791 -18.49 -18.73 -19.83
C TYR C 791 -17.61 -17.60 -19.35
N VAL C 792 -17.54 -16.55 -20.15
CA VAL C 792 -16.66 -15.45 -19.85
C VAL C 792 -17.18 -14.56 -18.72
N CYS C 793 -18.45 -14.18 -18.78
CA CYS C 793 -18.95 -13.17 -17.82
C CYS C 793 -19.87 -13.64 -16.74
N ASN C 794 -20.37 -14.86 -16.78
CA ASN C 794 -21.25 -15.35 -15.74
C ASN C 794 -22.46 -14.52 -15.41
N GLY C 795 -23.04 -13.87 -16.40
CA GLY C 795 -24.23 -13.08 -16.18
C GLY C 795 -24.00 -11.67 -15.63
N PHE C 796 -22.75 -11.27 -15.44
CA PHE C 796 -22.50 -9.95 -14.90
C PHE C 796 -22.51 -8.93 -15.98
N GLN C 797 -23.31 -7.89 -15.81
CA GLN C 797 -23.48 -6.90 -16.84
C GLN C 797 -22.26 -6.06 -17.07
N LYS C 798 -21.46 -5.84 -16.02
CA LYS C 798 -20.28 -5.03 -16.23
C LYS C 798 -19.33 -5.77 -17.11
N CYS C 799 -19.18 -7.05 -16.88
CA CYS C 799 -18.32 -7.83 -17.71
C CYS C 799 -18.83 -7.83 -19.12
N GLU C 800 -20.13 -8.03 -19.32
CA GLU C 800 -20.65 -8.11 -20.68
C GLU C 800 -20.37 -6.82 -21.42
N GLN C 801 -20.48 -5.70 -20.71
CA GLN C 801 -20.19 -4.41 -21.28
C GLN C 801 -18.77 -4.28 -21.74
N LEU C 802 -17.84 -4.91 -21.02
CA LEU C 802 -16.46 -4.82 -21.41
C LEU C 802 -16.16 -5.83 -22.51
N LEU C 803 -16.86 -6.95 -22.49
CA LEU C 803 -16.70 -8.00 -23.47
C LEU C 803 -17.03 -7.50 -24.87
N ARG C 804 -18.00 -6.60 -24.94
CA ARG C 804 -18.39 -6.05 -26.23
C ARG C 804 -17.28 -5.30 -26.94
N GLU C 805 -16.27 -4.87 -26.21
CA GLU C 805 -15.21 -4.06 -26.81
C GLU C 805 -14.17 -4.91 -27.49
N TYR C 806 -14.38 -6.23 -27.42
CA TYR C 806 -13.52 -7.20 -28.05
C TYR C 806 -14.15 -7.70 -29.35
N GLY C 807 -15.24 -7.05 -29.76
CA GLY C 807 -15.87 -7.39 -31.01
C GLY C 807 -16.78 -8.56 -30.86
N GLN C 808 -17.15 -9.18 -31.98
CA GLN C 808 -18.11 -10.26 -31.91
C GLN C 808 -17.37 -11.56 -31.62
N PHE C 809 -16.77 -11.60 -30.44
CA PHE C 809 -15.95 -12.70 -30.02
C PHE C 809 -16.73 -13.97 -29.91
N CYS C 810 -17.86 -13.87 -29.26
CA CYS C 810 -18.66 -15.03 -29.04
C CYS C 810 -19.32 -15.51 -30.29
N SER C 811 -19.54 -14.63 -31.27
CA SER C 811 -20.14 -15.11 -32.48
C SER C 811 -19.12 -16.00 -33.15
N LYS C 812 -17.85 -15.63 -33.06
CA LYS C 812 -16.81 -16.41 -33.68
C LYS C 812 -16.65 -17.76 -33.02
N ILE C 813 -16.76 -17.79 -31.69
CA ILE C 813 -16.64 -19.06 -30.98
C ILE C 813 -17.76 -19.98 -31.37
N ASN C 814 -18.97 -19.43 -31.44
CA ASN C 814 -20.10 -20.27 -31.76
C ASN C 814 -20.12 -20.76 -33.16
N GLN C 815 -19.69 -19.93 -34.10
CA GLN C 815 -19.70 -20.35 -35.47
C GLN C 815 -18.62 -21.34 -35.75
N ALA C 816 -17.47 -21.16 -35.12
CA ALA C 816 -16.39 -22.09 -35.34
C ALA C 816 -16.77 -23.47 -34.83
N LEU C 817 -17.43 -23.52 -33.68
CA LEU C 817 -17.80 -24.81 -33.14
C LEU C 817 -18.96 -25.38 -33.89
N HIS C 818 -19.86 -24.52 -34.37
CA HIS C 818 -20.99 -25.05 -35.08
C HIS C 818 -20.50 -25.77 -36.30
N GLY C 819 -19.57 -25.15 -37.03
CA GLY C 819 -19.03 -25.77 -38.22
C GLY C 819 -18.30 -27.06 -37.90
N ALA C 820 -17.51 -27.04 -36.81
CA ALA C 820 -16.77 -28.21 -36.36
C ALA C 820 -17.69 -29.33 -35.99
N ASN C 821 -18.86 -29.02 -35.45
CA ASN C 821 -19.79 -30.05 -35.06
C ASN C 821 -20.52 -30.61 -36.26
N LEU C 822 -20.81 -29.75 -37.26
CA LEU C 822 -21.50 -30.22 -38.47
C LEU C 822 -20.59 -31.18 -39.16
N ARG C 823 -19.30 -30.92 -39.08
CA ARG C 823 -18.31 -31.75 -39.71
C ARG C 823 -18.39 -33.18 -39.25
N GLN C 824 -18.75 -33.44 -37.98
CA GLN C 824 -18.82 -34.81 -37.56
C GLN C 824 -20.12 -35.39 -38.05
N ASP C 825 -21.18 -34.61 -38.07
CA ASP C 825 -22.40 -35.23 -38.55
C ASP C 825 -22.22 -35.60 -40.02
N ASP C 826 -21.47 -34.79 -40.77
CA ASP C 826 -21.26 -35.10 -42.18
C ASP C 826 -20.31 -36.27 -42.32
N SER C 827 -19.30 -36.33 -41.45
CA SER C 827 -18.33 -37.41 -41.50
C SER C 827 -18.97 -38.73 -41.22
N VAL C 828 -19.85 -38.75 -40.22
CA VAL C 828 -20.57 -39.95 -39.82
C VAL C 828 -21.54 -40.36 -40.89
N ARG C 829 -22.28 -39.41 -41.45
CA ARG C 829 -23.23 -39.75 -42.46
C ARG C 829 -22.55 -40.39 -43.65
N ASN C 830 -21.39 -39.85 -44.04
CA ASN C 830 -20.64 -40.36 -45.19
C ASN C 830 -20.04 -41.70 -44.91
N LEU C 831 -19.52 -41.87 -43.69
CA LEU C 831 -18.91 -43.13 -43.34
C LEU C 831 -19.93 -44.21 -43.33
N PHE C 832 -21.09 -43.98 -42.75
CA PHE C 832 -22.05 -45.05 -42.70
C PHE C 832 -22.67 -45.31 -44.02
N ALA C 833 -22.81 -44.28 -44.84
CA ALA C 833 -23.37 -44.51 -46.16
C ALA C 833 -22.52 -45.51 -46.91
N SER C 834 -21.21 -45.49 -46.65
CA SER C 834 -20.30 -46.42 -47.30
C SER C 834 -20.19 -47.79 -46.65
N VAL C 835 -20.49 -47.91 -45.35
CA VAL C 835 -20.40 -49.24 -44.72
C VAL C 835 -21.63 -50.00 -45.17
N LYS C 836 -22.73 -49.26 -45.37
CA LYS C 836 -24.00 -49.83 -45.73
C LYS C 836 -23.92 -50.79 -46.88
N SER C 837 -24.51 -51.95 -46.68
CA SER C 837 -24.56 -52.99 -47.69
C SER C 837 -25.77 -52.78 -48.61
N SER C 838 -25.66 -53.24 -49.84
CA SER C 838 -26.78 -53.21 -50.76
C SER C 838 -27.68 -54.42 -50.54
N GLN C 839 -27.01 -55.55 -50.44
CA GLN C 839 -27.55 -56.89 -50.29
C GLN C 839 -26.79 -57.52 -49.14
N SER C 840 -27.45 -58.33 -48.33
CA SER C 840 -26.82 -58.99 -47.21
C SER C 840 -27.57 -60.24 -46.78
N SER C 841 -26.90 -61.23 -46.22
CA SER C 841 -27.64 -62.35 -45.69
C SER C 841 -28.04 -62.06 -44.24
N PRO C 842 -29.14 -62.59 -43.71
CA PRO C 842 -29.51 -62.51 -42.32
C PRO C 842 -28.47 -63.15 -41.43
N ILE C 843 -28.29 -62.61 -40.23
CA ILE C 843 -27.41 -63.26 -39.27
C ILE C 843 -28.31 -64.17 -38.48
N ILE C 844 -27.97 -65.42 -38.38
CA ILE C 844 -28.77 -66.35 -37.62
C ILE C 844 -27.82 -66.96 -36.62
N PRO C 845 -28.25 -67.49 -35.49
CA PRO C 845 -27.37 -68.19 -34.61
C PRO C 845 -26.75 -69.28 -35.42
N GLY C 846 -25.44 -69.51 -35.32
CA GLY C 846 -24.87 -70.59 -36.13
C GLY C 846 -24.20 -70.02 -37.38
N PHE C 847 -24.36 -68.72 -37.57
CA PHE C 847 -23.72 -68.01 -38.67
C PHE C 847 -22.26 -68.33 -38.50
N GLY C 848 -21.58 -68.66 -39.59
CA GLY C 848 -20.18 -69.03 -39.53
C GLY C 848 -19.94 -70.53 -39.73
N GLY C 849 -20.97 -71.35 -39.51
CA GLY C 849 -20.76 -72.79 -39.68
C GLY C 849 -19.74 -73.28 -38.65
N ASP C 850 -18.65 -73.89 -39.13
CA ASP C 850 -17.61 -74.42 -38.25
C ASP C 850 -16.75 -73.31 -37.70
N PHE C 851 -16.91 -72.11 -38.26
CA PHE C 851 -16.17 -70.95 -37.86
C PHE C 851 -16.99 -70.24 -36.80
N ASN C 852 -16.54 -70.13 -35.64
CA ASN C 852 -17.15 -69.63 -34.47
C ASN C 852 -17.31 -68.13 -34.52
N LEU C 853 -18.26 -67.53 -34.97
CA LEU C 853 -18.46 -66.12 -35.09
C LEU C 853 -19.43 -65.61 -34.04
N THR C 854 -19.71 -66.39 -32.99
CA THR C 854 -20.74 -65.97 -32.02
C THR C 854 -20.39 -64.67 -31.36
N LEU C 855 -19.08 -64.43 -31.27
CA LEU C 855 -18.42 -63.25 -30.75
C LEU C 855 -18.94 -62.00 -31.47
N LEU C 856 -19.15 -62.16 -32.77
CA LEU C 856 -19.58 -61.09 -33.65
C LEU C 856 -21.12 -61.02 -33.86
N GLU C 857 -21.83 -62.13 -33.62
CA GLU C 857 -23.27 -62.15 -33.84
C GLU C 857 -23.91 -61.19 -32.85
N PRO C 858 -24.96 -60.45 -33.21
CA PRO C 858 -25.69 -59.57 -32.32
C PRO C 858 -26.26 -60.37 -31.16
N VAL C 859 -26.22 -59.81 -29.95
CA VAL C 859 -26.78 -60.53 -28.82
C VAL C 859 -28.27 -60.29 -28.74
N ALA C 868 -29.23 -54.43 -31.39
CA ALA C 868 -28.43 -55.33 -30.56
C ALA C 868 -26.97 -55.30 -30.97
N ARG C 869 -26.10 -55.04 -30.00
CA ARG C 869 -24.67 -55.05 -30.27
C ARG C 869 -24.16 -56.46 -30.12
N SER C 870 -23.02 -56.75 -30.73
CA SER C 870 -22.38 -58.07 -30.62
C SER C 870 -21.72 -58.24 -29.27
N ALA C 871 -21.35 -59.45 -28.92
CA ALA C 871 -20.71 -59.67 -27.64
C ALA C 871 -19.37 -58.97 -27.53
N ILE C 872 -18.59 -58.94 -28.61
CA ILE C 872 -17.28 -58.30 -28.52
C ILE C 872 -17.48 -56.82 -28.42
N GLU C 873 -18.48 -56.31 -29.10
CA GLU C 873 -18.79 -54.90 -29.12
C GLU C 873 -19.21 -54.44 -27.73
N ASP C 874 -20.04 -55.24 -27.04
CA ASP C 874 -20.41 -54.84 -25.68
C ASP C 874 -19.20 -54.91 -24.78
N LEU C 875 -18.33 -55.89 -25.00
CA LEU C 875 -17.18 -56.01 -24.13
C LEU C 875 -16.28 -54.81 -24.32
N LEU C 876 -16.13 -54.39 -25.58
CA LEU C 876 -15.26 -53.28 -25.90
C LEU C 876 -15.76 -52.04 -25.20
N PHE C 877 -17.07 -51.82 -25.21
CA PHE C 877 -17.60 -50.66 -24.52
C PHE C 877 -17.52 -50.78 -23.01
N ASP C 878 -17.78 -51.98 -22.46
CA ASP C 878 -17.78 -52.14 -21.01
C ASP C 878 -16.42 -51.95 -20.39
N LYS C 879 -15.37 -52.27 -21.15
CA LYS C 879 -14.02 -52.15 -20.66
C LYS C 879 -13.41 -50.79 -20.79
N VAL C 880 -14.09 -49.85 -21.43
CA VAL C 880 -13.54 -48.51 -21.60
C VAL C 880 -14.24 -47.57 -20.62
N THR C 881 -13.49 -46.78 -19.87
CA THR C 881 -14.17 -45.93 -18.90
C THR C 881 -14.59 -44.65 -19.56
N ILE C 882 -15.90 -44.49 -19.67
CA ILE C 882 -16.53 -43.37 -20.35
C ILE C 882 -17.54 -42.72 -19.42
N ALA C 883 -17.46 -41.42 -19.23
CA ALA C 883 -18.47 -40.76 -18.39
C ALA C 883 -19.79 -40.75 -19.14
N ASP C 884 -20.91 -40.89 -18.45
CA ASP C 884 -22.22 -40.83 -19.09
C ASP C 884 -22.68 -39.39 -19.27
N PRO C 885 -22.78 -38.84 -20.50
CA PRO C 885 -23.15 -37.49 -20.78
C PRO C 885 -24.59 -37.13 -20.41
N GLY C 886 -25.49 -38.12 -20.19
CA GLY C 886 -26.82 -37.70 -19.76
C GLY C 886 -27.62 -37.02 -20.85
N TYR C 887 -27.57 -37.53 -22.06
CA TYR C 887 -28.26 -36.85 -23.14
C TYR C 887 -29.73 -36.61 -22.91
N MET C 888 -30.44 -37.52 -22.25
CA MET C 888 -31.88 -37.32 -22.06
C MET C 888 -32.23 -36.45 -20.84
N GLN C 889 -31.53 -36.63 -19.72
CA GLN C 889 -31.88 -35.86 -18.52
C GLN C 889 -30.71 -35.54 -17.59
N GLY C 890 -29.49 -35.38 -18.13
CA GLY C 890 -28.30 -35.13 -17.33
C GLY C 890 -28.38 -33.92 -16.44
N TYR C 891 -29.15 -32.93 -16.89
CA TYR C 891 -29.36 -31.70 -16.15
C TYR C 891 -29.87 -32.03 -14.77
N ASP C 892 -30.81 -32.97 -14.72
CA ASP C 892 -31.45 -33.37 -13.49
C ASP C 892 -30.61 -34.34 -12.72
N ASP C 893 -29.87 -35.19 -13.39
CA ASP C 893 -29.10 -36.15 -12.63
C ASP C 893 -28.10 -35.40 -11.77
N CYS C 894 -27.57 -34.33 -12.33
CA CYS C 894 -26.54 -33.52 -11.64
C CYS C 894 -27.10 -32.67 -10.54
N MET C 895 -28.42 -32.61 -10.40
CA MET C 895 -29.04 -31.85 -9.33
C MET C 895 -29.54 -32.80 -8.25
N GLN C 896 -30.19 -33.90 -8.64
CA GLN C 896 -30.76 -34.81 -7.65
C GLN C 896 -29.72 -35.75 -7.05
N GLN C 897 -28.65 -36.03 -7.81
CA GLN C 897 -27.59 -36.86 -7.29
C GLN C 897 -26.33 -36.02 -7.08
N GLY C 898 -26.10 -35.09 -8.00
CA GLY C 898 -24.89 -34.29 -7.94
C GLY C 898 -23.77 -35.01 -8.70
N PRO C 899 -22.55 -34.46 -8.72
CA PRO C 899 -21.38 -34.98 -9.40
C PRO C 899 -21.02 -36.36 -8.91
N ALA C 900 -20.58 -37.21 -9.84
CA ALA C 900 -20.15 -38.58 -9.52
C ALA C 900 -18.84 -38.60 -8.75
N SER C 901 -17.94 -37.68 -9.06
CA SER C 901 -16.64 -37.63 -8.42
C SER C 901 -16.00 -36.28 -8.55
N ALA C 902 -14.75 -36.20 -8.11
CA ALA C 902 -14.02 -34.95 -8.25
C ALA C 902 -13.85 -34.66 -9.72
N ARG C 903 -13.89 -33.41 -10.13
CA ARG C 903 -13.67 -33.13 -11.53
C ARG C 903 -14.64 -33.84 -12.48
N ASP C 904 -15.92 -33.80 -12.16
CA ASP C 904 -16.94 -34.41 -12.99
C ASP C 904 -17.29 -33.44 -14.11
N LEU C 905 -16.85 -33.80 -15.32
CA LEU C 905 -16.95 -32.92 -16.47
C LEU C 905 -18.29 -32.98 -17.12
N ILE C 906 -19.15 -33.85 -16.62
CA ILE C 906 -20.46 -33.85 -17.21
C ILE C 906 -21.27 -32.87 -16.39
N CYS C 907 -21.15 -32.91 -15.08
CA CYS C 907 -21.94 -31.96 -14.31
C CYS C 907 -21.41 -30.55 -14.43
N ALA C 908 -20.12 -30.43 -14.79
CA ALA C 908 -19.51 -29.15 -14.99
C ALA C 908 -20.17 -28.39 -16.09
N GLN C 909 -20.87 -29.08 -16.99
CA GLN C 909 -21.46 -28.39 -18.12
C GLN C 909 -22.44 -27.32 -17.73
N TYR C 910 -23.20 -27.56 -16.68
CA TYR C 910 -24.32 -26.68 -16.36
C TYR C 910 -23.88 -25.56 -15.48
N VAL C 911 -22.62 -25.65 -15.10
CA VAL C 911 -21.98 -24.73 -14.20
C VAL C 911 -21.04 -23.81 -14.97
N ALA C 912 -20.18 -24.42 -15.77
CA ALA C 912 -19.18 -23.73 -16.57
C ALA C 912 -19.76 -23.05 -17.79
N GLY C 913 -20.86 -23.54 -18.36
CA GLY C 913 -21.37 -22.89 -19.54
C GLY C 913 -21.08 -23.62 -20.86
N TYR C 914 -20.91 -24.94 -20.80
CA TYR C 914 -20.63 -25.69 -22.03
C TYR C 914 -21.57 -26.86 -22.12
N LYS C 915 -21.78 -27.36 -23.33
CA LYS C 915 -22.69 -28.48 -23.49
C LYS C 915 -22.15 -29.54 -24.40
N VAL C 916 -22.30 -30.77 -23.95
CA VAL C 916 -21.95 -31.91 -24.78
C VAL C 916 -23.17 -32.31 -25.61
N LEU C 917 -22.99 -32.36 -26.92
CA LEU C 917 -24.09 -32.67 -27.80
C LEU C 917 -24.12 -34.14 -28.13
N PRO C 918 -25.29 -34.73 -28.36
CA PRO C 918 -25.45 -36.09 -28.77
C PRO C 918 -24.95 -36.32 -30.18
N PRO C 919 -24.52 -37.54 -30.49
CA PRO C 919 -24.05 -38.02 -31.76
C PRO C 919 -25.20 -38.10 -32.73
N LEU C 920 -24.86 -38.11 -34.01
CA LEU C 920 -25.82 -38.19 -35.11
C LEU C 920 -26.68 -39.41 -35.18
N MET C 921 -26.14 -40.57 -34.79
CA MET C 921 -26.88 -41.82 -34.83
C MET C 921 -26.95 -42.44 -33.43
N ASP C 922 -28.08 -43.07 -33.09
CA ASP C 922 -28.15 -43.73 -31.80
C ASP C 922 -27.43 -45.05 -31.91
N VAL C 923 -27.24 -45.72 -30.81
CA VAL C 923 -26.57 -47.00 -30.76
C VAL C 923 -27.23 -48.10 -31.57
N ASN C 924 -28.54 -48.19 -31.57
CA ASN C 924 -29.11 -49.29 -32.31
C ASN C 924 -28.91 -49.11 -33.80
N MET C 925 -28.91 -47.88 -34.28
CA MET C 925 -28.69 -47.68 -35.69
C MET C 925 -27.26 -48.02 -36.06
N GLU C 926 -26.30 -47.65 -35.22
CA GLU C 926 -24.94 -48.01 -35.59
C GLU C 926 -24.77 -49.50 -35.57
N ALA C 927 -25.42 -50.17 -34.60
CA ALA C 927 -25.32 -51.62 -34.54
C ALA C 927 -25.92 -52.23 -35.78
N ALA C 928 -27.02 -51.65 -36.28
CA ALA C 928 -27.67 -52.16 -37.48
C ALA C 928 -26.75 -52.09 -38.66
N TYR C 929 -25.93 -51.04 -38.72
CA TYR C 929 -25.05 -50.94 -39.85
C TYR C 929 -23.95 -51.98 -39.82
N THR C 930 -23.40 -52.26 -38.63
CA THR C 930 -22.31 -53.23 -38.63
C THR C 930 -22.84 -54.64 -38.66
N SER C 931 -24.10 -54.81 -38.25
CA SER C 931 -24.68 -56.13 -38.30
C SER C 931 -24.98 -56.51 -39.73
N SER C 932 -25.45 -55.52 -40.51
CA SER C 932 -25.75 -55.82 -41.90
C SER C 932 -24.49 -56.01 -42.66
N LEU C 933 -23.41 -55.37 -42.19
CA LEU C 933 -22.11 -55.50 -42.80
C LEU C 933 -21.59 -56.90 -42.57
N LEU C 934 -21.76 -57.43 -41.36
CA LEU C 934 -21.29 -58.78 -41.06
C LEU C 934 -21.89 -59.79 -41.99
N GLY C 935 -23.19 -59.63 -42.22
CA GLY C 935 -23.93 -60.59 -43.03
C GLY C 935 -23.66 -60.49 -44.49
N SER C 936 -22.94 -59.44 -44.89
CA SER C 936 -22.64 -59.25 -46.28
C SER C 936 -21.26 -59.78 -46.61
N ILE C 937 -20.45 -60.17 -45.63
CA ILE C 937 -19.06 -60.45 -45.97
C ILE C 937 -18.82 -61.62 -46.89
N ALA C 938 -19.42 -62.75 -46.60
CA ALA C 938 -19.17 -63.92 -47.42
C ALA C 938 -19.60 -63.73 -48.85
N GLY C 939 -20.70 -63.02 -49.06
CA GLY C 939 -21.22 -62.87 -50.39
C GLY C 939 -20.84 -61.65 -51.14
N VAL C 940 -19.99 -60.83 -50.54
CA VAL C 940 -19.64 -59.60 -51.24
C VAL C 940 -18.25 -59.78 -51.81
N GLY C 941 -17.31 -60.31 -51.02
CA GLY C 941 -15.95 -60.47 -51.51
C GLY C 941 -15.79 -61.78 -52.28
N TRP C 942 -16.65 -62.00 -53.28
CA TRP C 942 -16.64 -63.30 -53.95
C TRP C 942 -16.24 -63.22 -55.41
N THR C 943 -16.89 -62.39 -56.23
CA THR C 943 -16.49 -62.33 -57.64
C THR C 943 -16.52 -60.96 -58.24
N ALA C 944 -16.40 -60.91 -59.57
CA ALA C 944 -16.34 -59.65 -60.31
C ALA C 944 -17.58 -58.78 -60.14
N GLY C 945 -17.38 -57.47 -60.02
CA GLY C 945 -18.45 -56.50 -59.95
C GLY C 945 -18.90 -56.32 -58.50
N LEU C 946 -19.58 -55.22 -58.21
CA LEU C 946 -20.09 -55.01 -56.86
C LEU C 946 -21.60 -55.14 -56.80
N SER C 947 -22.18 -55.61 -57.90
CA SER C 947 -23.62 -55.65 -58.10
C SER C 947 -24.39 -56.90 -57.72
N SER C 948 -23.72 -58.02 -57.53
CA SER C 948 -24.47 -59.23 -57.24
C SER C 948 -24.05 -59.75 -55.91
N PHE C 949 -24.91 -60.51 -55.26
CA PHE C 949 -24.56 -61.06 -53.96
C PHE C 949 -24.69 -62.56 -53.94
N ALA C 950 -23.62 -63.19 -53.51
CA ALA C 950 -23.62 -64.64 -53.44
C ALA C 950 -23.91 -65.08 -52.02
N ALA C 951 -25.09 -65.59 -51.75
CA ALA C 951 -25.40 -65.96 -50.38
C ALA C 951 -24.84 -67.32 -50.10
N ILE C 952 -23.57 -67.35 -49.75
CA ILE C 952 -22.84 -68.56 -49.54
C ILE C 952 -22.43 -68.62 -48.10
N PRO C 953 -22.15 -69.77 -47.54
CA PRO C 953 -21.65 -69.96 -46.21
C PRO C 953 -20.37 -69.25 -45.95
N PHE C 954 -20.18 -68.77 -44.75
CA PHE C 954 -18.95 -68.14 -44.32
C PHE C 954 -17.79 -69.05 -44.55
N ALA C 955 -17.95 -70.31 -44.17
CA ALA C 955 -16.87 -71.25 -44.33
C ALA C 955 -16.43 -71.39 -45.77
N GLN C 956 -17.38 -71.33 -46.69
CA GLN C 956 -17.05 -71.50 -48.09
C GLN C 956 -16.24 -70.30 -48.55
N SER C 957 -16.60 -69.14 -48.01
CA SER C 957 -15.89 -67.90 -48.30
C SER C 957 -14.47 -67.97 -47.83
N ILE C 958 -14.25 -68.53 -46.62
CA ILE C 958 -12.91 -68.65 -46.10
C ILE C 958 -12.07 -69.54 -46.96
N PHE C 959 -12.63 -70.64 -47.44
CA PHE C 959 -11.80 -71.49 -48.23
C PHE C 959 -11.45 -70.84 -49.54
N TYR C 960 -12.34 -70.03 -50.12
CA TYR C 960 -11.94 -69.35 -51.35
C TYR C 960 -10.85 -68.33 -51.05
N ARG C 961 -10.96 -67.66 -49.91
CA ARG C 961 -9.96 -66.69 -49.49
C ARG C 961 -8.60 -67.29 -49.23
N LEU C 962 -8.57 -68.51 -48.69
CA LEU C 962 -7.31 -69.18 -48.48
C LEU C 962 -6.73 -69.69 -49.78
N ASN C 963 -7.59 -70.14 -50.68
CA ASN C 963 -7.09 -70.62 -51.94
C ASN C 963 -6.48 -69.51 -52.73
N GLY C 964 -7.05 -68.32 -52.56
CA GLY C 964 -6.62 -67.15 -53.26
C GLY C 964 -5.30 -66.60 -52.83
N VAL C 965 -4.75 -67.12 -51.73
CA VAL C 965 -3.48 -66.60 -51.27
C VAL C 965 -2.40 -67.65 -51.41
N GLY C 966 -2.69 -68.76 -52.08
CA GLY C 966 -1.65 -69.75 -52.25
C GLY C 966 -1.78 -71.06 -51.51
N ILE C 967 -2.91 -71.34 -50.90
CA ILE C 967 -3.01 -72.66 -50.26
C ILE C 967 -3.84 -73.50 -51.21
N THR C 968 -3.34 -74.66 -51.62
CA THR C 968 -4.07 -75.40 -52.64
C THR C 968 -5.33 -76.02 -52.11
N GLN C 969 -6.21 -76.43 -53.02
CA GLN C 969 -7.48 -77.03 -52.66
C GLN C 969 -7.32 -78.39 -52.05
N GLN C 970 -6.26 -79.11 -52.40
CA GLN C 970 -6.08 -80.42 -51.80
C GLN C 970 -5.81 -80.24 -50.31
N VAL C 971 -5.07 -79.19 -49.99
CA VAL C 971 -4.70 -78.91 -48.62
C VAL C 971 -5.90 -78.44 -47.84
N LEU C 972 -6.66 -77.54 -48.44
CA LEU C 972 -7.81 -77.01 -47.74
C LEU C 972 -8.83 -78.08 -47.49
N SER C 973 -8.97 -79.01 -48.45
CA SER C 973 -9.93 -80.10 -48.33
C SER C 973 -9.55 -81.08 -47.23
N GLU C 974 -8.25 -81.38 -47.11
CA GLU C 974 -7.81 -82.31 -46.07
C GLU C 974 -7.90 -81.70 -44.69
N ASN C 975 -7.67 -80.38 -44.63
CA ASN C 975 -7.62 -79.66 -43.38
C ASN C 975 -8.81 -78.78 -43.04
N GLN C 976 -9.99 -79.04 -43.55
CA GLN C 976 -11.05 -78.08 -43.23
C GLN C 976 -11.34 -77.94 -41.76
N LYS C 977 -11.22 -79.03 -40.99
CA LYS C 977 -11.52 -78.93 -39.58
C LYS C 977 -10.37 -78.27 -38.86
N LEU C 978 -9.15 -78.48 -39.35
CA LEU C 978 -7.98 -77.91 -38.73
C LEU C 978 -7.99 -76.40 -38.93
N ILE C 979 -8.41 -75.97 -40.11
CA ILE C 979 -8.48 -74.57 -40.45
C ILE C 979 -9.54 -73.90 -39.63
N ALA C 980 -10.72 -74.51 -39.52
CA ALA C 980 -11.75 -73.92 -38.71
C ALA C 980 -11.29 -73.82 -37.26
N ASN C 981 -10.56 -74.83 -36.77
CA ASN C 981 -10.14 -74.75 -35.40
C ASN C 981 -9.13 -73.66 -35.19
N LYS C 982 -8.22 -73.46 -36.13
CA LYS C 982 -7.24 -72.40 -35.94
C LYS C 982 -7.87 -71.05 -36.00
N PHE C 983 -8.85 -70.91 -36.89
CA PHE C 983 -9.56 -69.65 -37.03
C PHE C 983 -10.25 -69.34 -35.71
N ASN C 984 -10.90 -70.37 -35.16
CA ASN C 984 -11.63 -70.21 -33.93
C ASN C 984 -10.72 -69.88 -32.77
N GLN C 985 -9.51 -70.41 -32.78
CA GLN C 985 -8.58 -70.08 -31.73
C GLN C 985 -8.18 -68.63 -31.85
N ALA C 986 -7.97 -68.16 -33.08
CA ALA C 986 -7.56 -66.78 -33.28
C ALA C 986 -8.57 -65.80 -32.78
N LEU C 987 -9.85 -66.12 -32.97
CA LEU C 987 -10.89 -65.20 -32.50
C LEU C 987 -11.21 -65.43 -31.05
N GLY C 988 -11.18 -66.68 -30.60
CA GLY C 988 -11.51 -66.96 -29.23
C GLY C 988 -10.50 -66.31 -28.30
N ALA C 989 -9.25 -66.26 -28.75
CA ALA C 989 -8.13 -65.70 -28.02
C ALA C 989 -8.27 -64.23 -27.77
N MET C 990 -9.13 -63.61 -28.56
CA MET C 990 -9.35 -62.21 -28.50
C MET C 990 -10.40 -61.83 -27.47
N GLN C 991 -11.17 -62.79 -26.98
CA GLN C 991 -12.26 -62.45 -26.07
C GLN C 991 -11.73 -61.82 -24.81
N THR C 992 -10.54 -62.22 -24.41
CA THR C 992 -9.92 -61.75 -23.20
C THR C 992 -8.82 -60.72 -23.49
N GLY C 993 -8.79 -60.25 -24.73
CA GLY C 993 -7.76 -59.34 -25.17
C GLY C 993 -7.93 -57.86 -24.82
N PHE C 994 -9.07 -57.41 -24.31
CA PHE C 994 -9.21 -55.98 -24.04
C PHE C 994 -8.61 -55.60 -22.72
N THR C 995 -7.29 -55.61 -22.72
CA THR C 995 -6.42 -55.39 -21.59
C THR C 995 -5.30 -54.44 -21.88
N THR C 996 -4.36 -54.38 -20.94
CA THR C 996 -3.23 -53.45 -20.94
C THR C 996 -2.21 -53.67 -22.06
N THR C 997 -2.20 -54.85 -22.60
CA THR C 997 -1.24 -55.19 -23.63
C THR C 997 -1.80 -55.03 -25.04
N ASN C 998 -3.07 -54.61 -25.14
CA ASN C 998 -3.75 -54.46 -26.42
C ASN C 998 -3.66 -53.02 -26.91
N GLU C 999 -2.74 -52.73 -27.82
CA GLU C 999 -2.55 -51.36 -28.26
C GLU C 999 -3.81 -50.74 -28.85
N ALA C 1000 -4.55 -51.51 -29.65
CA ALA C 1000 -5.76 -50.97 -30.24
C ALA C 1000 -6.76 -50.59 -29.17
N PHE C 1001 -6.80 -51.38 -28.11
CA PHE C 1001 -7.70 -51.11 -27.02
C PHE C 1001 -7.29 -49.80 -26.33
N GLN C 1002 -5.98 -49.61 -26.05
CA GLN C 1002 -5.65 -48.32 -25.45
C GLN C 1002 -6.00 -47.19 -26.39
N LYS C 1003 -5.87 -47.35 -27.70
CA LYS C 1003 -6.24 -46.23 -28.53
C LYS C 1003 -7.69 -45.87 -28.36
N VAL C 1004 -8.53 -46.87 -28.06
CA VAL C 1004 -9.94 -46.56 -27.85
C VAL C 1004 -10.07 -45.72 -26.58
N GLN C 1005 -9.37 -46.13 -25.52
CA GLN C 1005 -9.43 -45.38 -24.26
C GLN C 1005 -8.84 -44.00 -24.41
N ASP C 1006 -7.81 -43.87 -25.23
CA ASP C 1006 -7.19 -42.57 -25.41
C ASP C 1006 -8.11 -41.64 -26.16
N ALA C 1007 -8.86 -42.16 -27.13
CA ALA C 1007 -9.79 -41.27 -27.82
C ALA C 1007 -10.78 -40.70 -26.82
N VAL C 1008 -11.17 -41.55 -25.87
CA VAL C 1008 -12.07 -41.17 -24.81
C VAL C 1008 -11.42 -40.16 -23.88
N ASN C 1009 -10.16 -40.38 -23.55
CA ASN C 1009 -9.47 -39.48 -22.67
C ASN C 1009 -9.28 -38.13 -23.33
N ASN C 1010 -9.13 -38.11 -24.65
CA ASN C 1010 -8.93 -36.85 -25.33
C ASN C 1010 -10.18 -36.02 -25.28
N ASN C 1011 -11.34 -36.69 -25.31
CA ASN C 1011 -12.57 -35.93 -25.21
C ASN C 1011 -12.67 -35.32 -23.83
N ALA C 1012 -12.26 -36.10 -22.82
CA ALA C 1012 -12.32 -35.59 -21.46
C ALA C 1012 -11.38 -34.43 -21.28
N GLN C 1013 -10.21 -34.49 -21.88
CA GLN C 1013 -9.26 -33.41 -21.70
C GLN C 1013 -9.77 -32.13 -22.30
N ALA C 1014 -10.45 -32.26 -23.43
CA ALA C 1014 -10.98 -31.07 -24.08
C ALA C 1014 -11.95 -30.36 -23.18
N LEU C 1015 -12.74 -31.13 -22.42
CA LEU C 1015 -13.73 -30.52 -21.55
C LEU C 1015 -13.11 -30.00 -20.28
N SER C 1016 -11.99 -30.62 -19.87
CA SER C 1016 -11.37 -30.21 -18.64
C SER C 1016 -10.78 -28.85 -18.78
N LYS C 1017 -10.49 -28.41 -20.01
CA LYS C 1017 -9.91 -27.08 -20.11
C LYS C 1017 -10.96 -26.07 -19.71
N LEU C 1018 -12.18 -26.27 -20.15
CA LEU C 1018 -13.21 -25.31 -19.77
C LEU C 1018 -13.55 -25.43 -18.31
N ALA C 1019 -13.64 -26.64 -17.80
CA ALA C 1019 -14.01 -26.76 -16.40
C ALA C 1019 -12.96 -26.18 -15.46
N SER C 1020 -11.68 -26.38 -15.78
CA SER C 1020 -10.62 -25.96 -14.88
C SER C 1020 -10.12 -24.54 -15.00
N GLU C 1021 -10.36 -23.89 -16.12
CA GLU C 1021 -9.80 -22.56 -16.29
C GLU C 1021 -10.58 -21.44 -15.67
N LEU C 1022 -11.83 -21.67 -15.29
CA LEU C 1022 -12.61 -20.59 -14.72
C LEU C 1022 -12.20 -20.24 -13.32
N SER C 1023 -11.40 -21.10 -12.70
CA SER C 1023 -10.93 -20.85 -11.34
C SER C 1023 -9.67 -20.01 -11.32
N ASN C 1024 -9.11 -19.73 -12.49
CA ASN C 1024 -7.87 -18.96 -12.55
C ASN C 1024 -8.17 -17.49 -12.42
N THR C 1025 -7.19 -16.72 -11.94
CA THR C 1025 -7.45 -15.30 -11.80
C THR C 1025 -6.71 -14.53 -12.86
N PHE C 1026 -5.70 -15.13 -13.44
CA PHE C 1026 -4.94 -14.48 -14.48
C PHE C 1026 -4.38 -13.15 -14.04
N GLY C 1027 -3.97 -13.08 -12.78
CA GLY C 1027 -3.41 -11.90 -12.17
C GLY C 1027 -4.40 -11.03 -11.41
N ALA C 1028 -5.68 -11.33 -11.56
CA ALA C 1028 -6.76 -10.61 -10.90
C ALA C 1028 -6.83 -10.96 -9.43
N ILE C 1029 -7.47 -10.12 -8.66
CA ILE C 1029 -7.66 -10.30 -7.22
C ILE C 1029 -8.59 -11.47 -6.89
N SER C 1030 -9.43 -11.84 -7.83
CA SER C 1030 -10.33 -12.95 -7.70
C SER C 1030 -10.73 -13.50 -9.04
N ALA C 1031 -11.11 -14.79 -9.07
CA ALA C 1031 -11.66 -15.41 -10.28
C ALA C 1031 -13.13 -15.07 -10.42
N SER C 1032 -13.68 -14.48 -9.38
CA SER C 1032 -15.06 -14.09 -9.35
C SER C 1032 -15.28 -12.65 -9.73
N ILE C 1033 -16.11 -12.46 -10.73
CA ILE C 1033 -16.46 -11.13 -11.18
C ILE C 1033 -17.20 -10.44 -10.07
N GLY C 1034 -18.07 -11.17 -9.39
CA GLY C 1034 -18.82 -10.61 -8.29
C GLY C 1034 -17.93 -10.07 -7.18
N ASP C 1035 -16.77 -10.71 -6.92
CA ASP C 1035 -15.85 -10.23 -5.88
C ASP C 1035 -15.19 -8.97 -6.33
N ILE C 1036 -14.89 -8.89 -7.62
CA ILE C 1036 -14.24 -7.71 -8.14
C ILE C 1036 -15.15 -6.54 -8.03
N ILE C 1037 -16.41 -6.73 -8.42
CA ILE C 1037 -17.37 -5.65 -8.36
C ILE C 1037 -17.63 -5.22 -6.95
N GLN C 1038 -17.79 -6.18 -6.04
CA GLN C 1038 -18.03 -5.87 -4.65
C GLN C 1038 -16.88 -5.13 -3.96
N ARG C 1039 -15.64 -5.40 -4.35
CA ARG C 1039 -14.52 -4.76 -3.72
C ARG C 1039 -14.00 -3.47 -4.36
N LEU C 1040 -14.07 -3.35 -5.69
CA LEU C 1040 -13.47 -2.20 -6.38
C LEU C 1040 -14.40 -1.25 -7.11
N ASP C 1041 -13.97 0.01 -7.21
CA ASP C 1041 -14.67 1.00 -8.02
C ASP C 1041 -14.25 0.88 -9.48
N PRO C 1042 -15.09 1.31 -10.44
CA PRO C 1042 -14.89 1.23 -11.88
C PRO C 1042 -13.48 1.42 -12.45
N PRO C 1043 -12.69 2.44 -12.15
CA PRO C 1043 -11.40 2.55 -12.79
C PRO C 1043 -10.45 1.37 -12.51
N GLU C 1044 -10.66 0.67 -11.38
CA GLU C 1044 -9.79 -0.45 -11.06
C GLU C 1044 -10.54 -1.74 -11.29
N GLN C 1045 -11.86 -1.66 -11.09
CA GLN C 1045 -12.77 -2.78 -11.24
C GLN C 1045 -12.68 -3.25 -12.66
N ASP C 1046 -12.59 -2.28 -13.57
CA ASP C 1046 -12.50 -2.51 -15.00
C ASP C 1046 -11.28 -3.30 -15.34
N ALA C 1047 -10.13 -2.91 -14.79
CA ALA C 1047 -8.88 -3.58 -15.06
C ALA C 1047 -8.89 -5.02 -14.59
N GLN C 1048 -9.54 -5.26 -13.46
CA GLN C 1048 -9.59 -6.60 -12.92
C GLN C 1048 -10.52 -7.50 -13.69
N ILE C 1049 -11.65 -6.94 -14.13
CA ILE C 1049 -12.58 -7.74 -14.89
C ILE C 1049 -11.93 -8.05 -16.20
N ASP C 1050 -11.25 -7.06 -16.76
CA ASP C 1050 -10.59 -7.22 -18.02
C ASP C 1050 -9.53 -8.32 -17.95
N ARG C 1051 -8.81 -8.44 -16.83
CA ARG C 1051 -7.88 -9.57 -16.78
C ARG C 1051 -8.61 -10.89 -16.89
N LEU C 1052 -9.77 -10.99 -16.23
CA LEU C 1052 -10.49 -12.24 -16.33
C LEU C 1052 -11.00 -12.46 -17.73
N ILE C 1053 -11.41 -11.39 -18.40
CA ILE C 1053 -11.87 -11.55 -19.76
C ILE C 1053 -10.76 -12.02 -20.63
N ASN C 1054 -9.59 -11.39 -20.55
CA ASN C 1054 -8.54 -11.81 -21.45
C ASN C 1054 -8.21 -13.27 -21.26
N GLY C 1055 -8.18 -13.74 -20.02
CA GLY C 1055 -7.85 -15.12 -19.75
C GLY C 1055 -8.88 -16.08 -20.27
N ARG C 1056 -10.13 -15.68 -20.20
CA ARG C 1056 -11.20 -16.56 -20.64
C ARG C 1056 -11.34 -16.52 -22.14
N LEU C 1057 -11.05 -15.40 -22.75
CA LEU C 1057 -11.14 -15.33 -24.20
C LEU C 1057 -10.05 -16.20 -24.76
N THR C 1058 -8.89 -16.17 -24.10
CA THR C 1058 -7.74 -16.97 -24.51
C THR C 1058 -8.05 -18.41 -24.40
N THR C 1059 -8.68 -18.81 -23.29
CA THR C 1059 -9.06 -20.18 -23.09
C THR C 1059 -10.02 -20.64 -24.15
N LEU C 1060 -11.02 -19.83 -24.48
CA LEU C 1060 -11.95 -20.25 -25.49
C LEU C 1060 -11.32 -20.30 -26.85
N ASN C 1061 -10.38 -19.41 -27.15
CA ASN C 1061 -9.75 -19.50 -28.45
C ASN C 1061 -8.95 -20.76 -28.54
N ALA C 1062 -8.27 -21.14 -27.43
CA ALA C 1062 -7.48 -22.36 -27.45
C ALA C 1062 -8.35 -23.56 -27.62
N PHE C 1063 -9.51 -23.56 -26.95
CA PHE C 1063 -10.44 -24.65 -27.04
C PHE C 1063 -10.93 -24.83 -28.44
N VAL C 1064 -11.35 -23.74 -29.05
CA VAL C 1064 -11.84 -23.83 -30.39
C VAL C 1064 -10.74 -24.26 -31.31
N ALA C 1065 -9.55 -23.71 -31.17
CA ALA C 1065 -8.51 -24.14 -32.06
C ALA C 1065 -8.32 -25.63 -31.99
N GLN C 1066 -8.40 -26.22 -30.79
CA GLN C 1066 -8.24 -27.64 -30.69
C GLN C 1066 -9.44 -28.39 -31.19
N GLN C 1067 -10.65 -27.86 -31.05
CA GLN C 1067 -11.75 -28.64 -31.58
C GLN C 1067 -11.64 -28.68 -33.07
N LEU C 1068 -11.14 -27.61 -33.69
CA LEU C 1068 -10.94 -27.63 -35.12
C LEU C 1068 -9.81 -28.60 -35.51
N VAL C 1069 -8.74 -28.66 -34.72
CA VAL C 1069 -7.67 -29.60 -35.06
C VAL C 1069 -8.14 -31.03 -34.90
N ARG C 1070 -8.85 -31.29 -33.81
CA ARG C 1070 -9.32 -32.63 -33.52
C ARG C 1070 -10.41 -33.08 -34.47
N SER C 1071 -11.26 -32.16 -34.92
CA SER C 1071 -12.30 -32.54 -35.86
C SER C 1071 -11.73 -32.74 -37.25
N GLU C 1072 -10.63 -32.05 -37.56
CA GLU C 1072 -10.02 -32.24 -38.87
C GLU C 1072 -9.37 -33.61 -38.88
N SER C 1073 -8.70 -33.94 -37.77
CA SER C 1073 -8.04 -35.22 -37.67
C SER C 1073 -9.01 -36.34 -37.70
N ALA C 1074 -10.11 -36.23 -36.96
CA ALA C 1074 -11.10 -37.27 -36.95
C ALA C 1074 -11.71 -37.44 -38.31
N ALA C 1075 -11.92 -36.36 -39.05
CA ALA C 1075 -12.48 -36.49 -40.38
C ALA C 1075 -11.54 -37.24 -41.33
N LEU C 1076 -10.22 -37.00 -41.21
CA LEU C 1076 -9.31 -37.73 -42.07
C LEU C 1076 -9.33 -39.17 -41.72
N SER C 1077 -9.40 -39.42 -40.42
CA SER C 1077 -9.40 -40.75 -39.89
C SER C 1077 -10.65 -41.46 -40.35
N ALA C 1078 -11.79 -40.76 -40.36
CA ALA C 1078 -13.02 -41.35 -40.85
C ALA C 1078 -12.90 -41.80 -42.28
N GLN C 1079 -12.15 -41.07 -43.11
CA GLN C 1079 -11.99 -41.51 -44.48
C GLN C 1079 -11.10 -42.75 -44.52
N LEU C 1080 -10.18 -42.88 -43.56
CA LEU C 1080 -9.37 -44.08 -43.51
C LEU C 1080 -10.27 -45.25 -43.16
N ALA C 1081 -11.18 -45.03 -42.22
CA ALA C 1081 -12.11 -46.08 -41.81
C ALA C 1081 -12.96 -46.50 -42.98
N LYS C 1082 -13.36 -45.53 -43.81
CA LYS C 1082 -14.15 -45.80 -45.00
C LYS C 1082 -13.39 -46.70 -45.92
N ASP C 1083 -12.10 -46.39 -46.13
CA ASP C 1083 -11.30 -47.21 -47.01
C ASP C 1083 -11.11 -48.58 -46.47
N LYS C 1084 -10.93 -48.73 -45.17
CA LYS C 1084 -10.79 -50.06 -44.63
C LYS C 1084 -12.04 -50.85 -44.71
N VAL C 1085 -13.18 -50.24 -44.53
CA VAL C 1085 -14.32 -51.10 -44.67
C VAL C 1085 -14.37 -51.61 -46.10
N ASN C 1086 -14.17 -50.73 -47.08
CA ASN C 1086 -14.29 -51.20 -48.45
C ASN C 1086 -13.19 -52.14 -48.91
N GLU C 1087 -11.97 -51.92 -48.42
CA GLU C 1087 -10.79 -52.70 -48.78
C GLU C 1087 -10.60 -53.94 -47.96
N CYS C 1088 -10.84 -54.01 -46.70
CA CYS C 1088 -10.66 -54.95 -45.76
C CYS C 1088 -11.77 -55.96 -45.43
N VAL C 1089 -12.98 -55.18 -45.31
CA VAL C 1089 -14.13 -55.91 -44.82
C VAL C 1089 -14.99 -56.40 -45.94
N LYS C 1090 -15.24 -55.55 -46.92
CA LYS C 1090 -16.07 -55.91 -48.04
C LYS C 1090 -15.27 -56.59 -49.15
N ALA C 1091 -14.00 -56.76 -48.91
CA ALA C 1091 -13.12 -57.37 -49.88
C ALA C 1091 -11.94 -58.03 -49.20
N GLN C 1092 -11.33 -58.99 -49.87
CA GLN C 1092 -10.07 -59.51 -49.36
C GLN C 1092 -8.99 -58.59 -49.91
N SER C 1093 -8.10 -58.11 -49.06
CA SER C 1093 -7.06 -57.20 -49.55
C SER C 1093 -5.82 -57.92 -49.93
N LYS C 1094 -5.16 -57.41 -50.97
CA LYS C 1094 -3.87 -57.92 -51.42
C LYS C 1094 -2.75 -56.94 -51.10
N ARG C 1095 -3.06 -55.91 -50.32
CA ARG C 1095 -2.10 -54.89 -49.95
C ARG C 1095 -1.41 -55.21 -48.64
N SER C 1096 -0.14 -55.51 -48.70
CA SER C 1096 0.53 -55.90 -47.47
C SER C 1096 0.48 -54.77 -46.49
N GLY C 1097 0.09 -55.07 -45.27
CA GLY C 1097 0.13 -54.12 -44.19
C GLY C 1097 -1.00 -53.12 -44.16
N PHE C 1098 -1.90 -53.17 -45.14
CA PHE C 1098 -2.96 -52.20 -45.12
C PHE C 1098 -3.96 -52.54 -44.09
N CYS C 1099 -4.33 -53.80 -44.09
CA CYS C 1099 -5.30 -54.30 -43.16
C CYS C 1099 -4.47 -54.71 -41.96
N GLY C 1100 -4.33 -56.00 -41.73
CA GLY C 1100 -3.50 -56.42 -40.62
C GLY C 1100 -2.16 -56.92 -41.10
N GLN C 1101 -1.46 -57.60 -40.21
CA GLN C 1101 -0.16 -58.16 -40.55
C GLN C 1101 -0.37 -59.56 -41.12
N GLY C 1102 0.59 -60.04 -41.87
CA GLY C 1102 0.46 -61.38 -42.44
C GLY C 1102 -0.39 -61.25 -43.69
N THR C 1103 -0.88 -62.35 -44.21
CA THR C 1103 -1.67 -62.25 -45.43
C THR C 1103 -3.13 -62.07 -45.06
N HIS C 1104 -3.78 -61.05 -45.58
CA HIS C 1104 -5.16 -60.84 -45.19
C HIS C 1104 -6.12 -61.86 -45.71
N ILE C 1105 -7.00 -62.31 -44.82
CA ILE C 1105 -8.03 -63.24 -45.17
C ILE C 1105 -9.40 -62.59 -45.03
N VAL C 1106 -9.77 -62.17 -43.83
CA VAL C 1106 -11.10 -61.58 -43.63
C VAL C 1106 -11.08 -60.54 -42.53
N SER C 1107 -11.87 -59.49 -42.63
CA SER C 1107 -11.94 -58.55 -41.52
C SER C 1107 -13.37 -58.35 -41.08
N PHE C 1108 -13.53 -57.98 -39.82
CA PHE C 1108 -14.83 -57.71 -39.25
C PHE C 1108 -14.83 -56.33 -38.63
N VAL C 1109 -15.98 -55.70 -38.55
CA VAL C 1109 -16.08 -54.39 -37.89
C VAL C 1109 -17.19 -54.30 -36.85
N VAL C 1110 -16.85 -53.72 -35.71
CA VAL C 1110 -17.81 -53.43 -34.65
C VAL C 1110 -17.65 -51.96 -34.31
N ASN C 1111 -18.61 -51.37 -33.62
CA ASN C 1111 -18.46 -49.97 -33.27
C ASN C 1111 -17.63 -49.85 -32.02
N ALA C 1112 -17.00 -48.71 -31.88
CA ALA C 1112 -16.18 -48.37 -30.74
C ALA C 1112 -16.65 -47.02 -30.25
N PRO C 1113 -16.37 -46.61 -29.02
CA PRO C 1113 -16.76 -45.34 -28.44
C PRO C 1113 -16.63 -44.10 -29.32
N ASN C 1114 -15.56 -43.95 -30.07
CA ASN C 1114 -15.47 -42.77 -30.93
C ASN C 1114 -15.13 -43.17 -32.35
N GLY C 1115 -15.59 -44.34 -32.79
CA GLY C 1115 -15.22 -44.79 -34.12
C GLY C 1115 -15.48 -46.25 -34.35
N LEU C 1116 -14.65 -46.86 -35.19
CA LEU C 1116 -14.81 -48.27 -35.53
C LEU C 1116 -13.65 -49.10 -35.02
N TYR C 1117 -13.96 -50.33 -34.65
CA TYR C 1117 -12.91 -51.23 -34.22
C TYR C 1117 -12.83 -52.36 -35.26
N PHE C 1118 -11.69 -52.45 -35.92
CA PHE C 1118 -11.46 -53.42 -36.98
C PHE C 1118 -10.84 -54.64 -36.40
N MET C 1119 -11.28 -55.75 -36.92
CA MET C 1119 -10.82 -57.02 -36.42
C MET C 1119 -10.23 -57.76 -37.61
N HIS C 1120 -8.92 -57.66 -37.84
CA HIS C 1120 -8.40 -58.19 -39.11
C HIS C 1120 -7.83 -59.57 -38.95
N VAL C 1121 -8.36 -60.56 -39.65
CA VAL C 1121 -7.83 -61.89 -39.46
C VAL C 1121 -6.87 -62.19 -40.60
N GLY C 1122 -5.64 -62.46 -40.24
CA GLY C 1122 -4.63 -62.74 -41.24
C GLY C 1122 -4.07 -64.11 -41.10
N TYR C 1123 -3.38 -64.52 -42.14
CA TYR C 1123 -2.70 -65.79 -42.22
C TYR C 1123 -1.26 -65.60 -41.89
N TYR C 1124 -0.81 -66.32 -40.87
CA TYR C 1124 0.54 -66.20 -40.41
C TYR C 1124 1.29 -67.49 -40.59
N PRO C 1125 2.27 -67.54 -41.46
CA PRO C 1125 3.04 -68.71 -41.75
C PRO C 1125 3.99 -69.00 -40.62
N SER C 1126 4.41 -70.24 -40.51
CA SER C 1126 5.45 -70.61 -39.58
C SER C 1126 6.21 -71.85 -40.03
N ASN C 1127 7.31 -72.12 -39.33
CA ASN C 1127 8.13 -73.29 -39.60
C ASN C 1127 8.55 -73.37 -41.05
N HIS C 1128 9.10 -72.31 -41.57
CA HIS C 1128 9.53 -72.30 -42.94
C HIS C 1128 10.66 -73.25 -43.16
N ILE C 1129 10.68 -73.87 -44.34
CA ILE C 1129 11.77 -74.75 -44.73
C ILE C 1129 12.31 -74.27 -46.04
N GLU C 1130 13.52 -74.67 -46.36
CA GLU C 1130 14.05 -74.32 -47.66
C GLU C 1130 14.02 -75.50 -48.60
N VAL C 1131 13.51 -75.25 -49.79
CA VAL C 1131 13.49 -76.25 -50.85
C VAL C 1131 14.08 -75.65 -52.10
N VAL C 1132 14.42 -76.48 -53.05
CA VAL C 1132 14.96 -76.00 -54.32
C VAL C 1132 13.88 -75.94 -55.38
N SER C 1133 13.79 -74.76 -56.01
CA SER C 1133 12.77 -74.49 -56.99
C SER C 1133 13.28 -74.13 -58.37
N ALA C 1134 12.44 -74.40 -59.35
CA ALA C 1134 12.71 -74.08 -60.75
C ALA C 1134 12.02 -72.78 -61.14
N TYR C 1135 12.55 -72.09 -62.14
CA TYR C 1135 11.84 -70.91 -62.62
C TYR C 1135 10.74 -71.34 -63.54
N GLY C 1136 10.90 -72.52 -64.09
CA GLY C 1136 10.00 -73.15 -65.02
C GLY C 1136 10.64 -74.43 -65.53
N LEU C 1137 9.84 -75.22 -66.24
CA LEU C 1137 10.28 -76.49 -66.78
C LEU C 1137 10.00 -76.57 -68.27
N CYS C 1138 10.93 -77.07 -69.06
CA CYS C 1138 10.77 -77.27 -70.47
C CYS C 1138 10.94 -78.71 -70.88
N ASP C 1139 10.27 -79.14 -71.89
CA ASP C 1139 10.52 -80.46 -72.43
C ASP C 1139 11.88 -80.47 -73.08
N ALA C 1140 12.80 -81.29 -72.59
CA ALA C 1140 14.16 -81.30 -73.14
C ALA C 1140 14.17 -81.68 -74.60
N ALA C 1141 13.25 -82.58 -75.02
CA ALA C 1141 13.19 -83.01 -76.41
C ALA C 1141 12.47 -81.97 -77.26
N ASN C 1142 11.60 -81.22 -76.62
CA ASN C 1142 10.77 -80.22 -77.27
C ASN C 1142 10.90 -78.89 -76.52
N PRO C 1143 12.03 -78.20 -76.65
CA PRO C 1143 12.51 -77.07 -75.86
C PRO C 1143 11.69 -75.81 -75.94
N THR C 1144 10.75 -75.74 -76.87
CA THR C 1144 9.90 -74.58 -76.96
C THR C 1144 8.62 -74.76 -76.17
N ASN C 1145 8.41 -75.98 -75.62
CA ASN C 1145 7.21 -76.27 -74.85
C ASN C 1145 7.52 -76.17 -73.35
N CYS C 1146 7.21 -75.03 -72.76
CA CYS C 1146 7.58 -74.78 -71.38
C CYS C 1146 6.42 -74.36 -70.52
N ILE C 1147 6.54 -74.67 -69.24
CA ILE C 1147 5.59 -74.28 -68.22
C ILE C 1147 6.19 -73.56 -67.05
N ALA C 1148 5.33 -72.79 -66.42
CA ALA C 1148 5.65 -72.07 -65.22
C ALA C 1148 4.54 -72.36 -64.27
N PRO C 1149 4.76 -72.36 -62.96
CA PRO C 1149 3.77 -72.60 -61.97
C PRO C 1149 2.82 -71.43 -61.85
N VAL C 1150 1.60 -71.71 -61.43
CA VAL C 1150 0.64 -70.68 -61.16
C VAL C 1150 0.30 -70.58 -59.70
N ASN C 1151 0.61 -69.44 -59.10
CA ASN C 1151 0.41 -69.16 -57.67
C ASN C 1151 1.06 -70.18 -56.75
N GLY C 1152 2.23 -70.61 -57.16
CA GLY C 1152 2.98 -71.62 -56.46
C GLY C 1152 4.30 -71.83 -57.08
N TYR C 1153 4.94 -72.91 -56.71
CA TYR C 1153 6.28 -73.20 -57.15
C TYR C 1153 6.45 -74.61 -57.62
N PHE C 1154 7.42 -74.79 -58.53
CA PHE C 1154 7.86 -76.11 -58.94
C PHE C 1154 9.04 -76.44 -58.05
N ILE C 1155 8.95 -77.53 -57.32
CA ILE C 1155 9.97 -77.93 -56.35
C ILE C 1155 10.52 -79.32 -56.61
N LYS C 1156 11.76 -79.54 -56.16
CA LYS C 1156 12.36 -80.87 -56.30
C LYS C 1156 11.92 -81.74 -55.17
N THR C 1157 11.62 -82.99 -55.49
CA THR C 1157 11.24 -83.98 -54.49
C THR C 1157 11.27 -85.38 -55.06
N GLU C 1165 9.98 -86.42 -59.86
CA GLU C 1165 11.09 -85.51 -59.62
C GLU C 1165 10.59 -84.13 -59.26
N TRP C 1166 9.95 -83.47 -60.20
CA TRP C 1166 9.38 -82.16 -59.95
C TRP C 1166 7.95 -82.27 -59.52
N SER C 1167 7.56 -81.42 -58.60
CA SER C 1167 6.18 -81.38 -58.16
C SER C 1167 5.81 -79.95 -57.90
N TYR C 1168 4.54 -79.71 -57.69
CA TYR C 1168 4.04 -78.36 -57.45
C TYR C 1168 3.63 -78.12 -56.01
N THR C 1169 3.88 -76.93 -55.49
CA THR C 1169 3.34 -76.62 -54.18
C THR C 1169 2.72 -75.23 -54.24
N GLY C 1170 1.67 -74.97 -53.46
CA GLY C 1170 1.07 -73.63 -53.45
C GLY C 1170 2.01 -72.66 -52.76
N SER C 1171 1.93 -71.38 -53.07
CA SER C 1171 2.91 -70.47 -52.47
C SER C 1171 2.85 -70.24 -51.00
N SER C 1172 1.72 -70.49 -50.36
CA SER C 1172 1.65 -70.21 -48.94
C SER C 1172 1.78 -71.40 -48.05
N PHE C 1173 1.90 -72.58 -48.63
CA PHE C 1173 1.94 -73.72 -47.74
C PHE C 1173 2.60 -74.86 -48.44
N TYR C 1174 3.64 -75.40 -47.84
CA TYR C 1174 4.33 -76.48 -48.49
C TYR C 1174 3.54 -77.73 -48.42
N ALA C 1175 3.19 -78.22 -49.57
CA ALA C 1175 2.38 -79.41 -49.70
C ALA C 1175 2.47 -79.88 -51.10
N PRO C 1176 3.50 -80.67 -51.45
CA PRO C 1176 3.76 -81.07 -52.82
C PRO C 1176 2.57 -81.87 -53.38
N GLU C 1177 2.26 -81.62 -54.64
CA GLU C 1177 1.22 -82.30 -55.38
C GLU C 1177 1.72 -82.40 -56.81
N PRO C 1178 1.20 -83.26 -57.67
CA PRO C 1178 1.63 -83.38 -59.04
C PRO C 1178 1.44 -82.11 -59.83
N ILE C 1179 2.32 -81.91 -60.81
CA ILE C 1179 2.21 -80.81 -61.73
C ILE C 1179 1.19 -81.23 -62.76
N THR C 1180 0.18 -80.41 -62.92
CA THR C 1180 -0.92 -80.67 -63.82
C THR C 1180 -1.25 -79.42 -64.58
N SER C 1181 -2.16 -79.51 -65.53
CA SER C 1181 -2.57 -78.34 -66.29
C SER C 1181 -3.34 -77.33 -65.46
N LEU C 1182 -3.77 -77.72 -64.26
CA LEU C 1182 -4.52 -76.82 -63.39
C LEU C 1182 -3.63 -75.96 -62.50
N ASN C 1183 -2.32 -76.21 -62.50
CA ASN C 1183 -1.42 -75.46 -61.64
C ASN C 1183 -0.24 -74.90 -62.41
N THR C 1184 -0.35 -74.94 -63.73
CA THR C 1184 0.66 -74.45 -64.64
C THR C 1184 0.11 -73.57 -65.72
N LYS C 1185 0.98 -72.82 -66.33
CA LYS C 1185 0.65 -72.04 -67.50
C LYS C 1185 1.74 -72.24 -68.52
N TYR C 1186 1.40 -72.20 -69.80
CA TYR C 1186 2.45 -72.32 -70.78
C TYR C 1186 3.11 -71.00 -70.95
N VAL C 1187 4.41 -71.04 -71.07
CA VAL C 1187 5.22 -69.85 -71.21
C VAL C 1187 6.23 -69.94 -72.33
N ALA C 1188 6.76 -68.79 -72.72
CA ALA C 1188 7.86 -68.79 -73.66
C ALA C 1188 9.07 -69.40 -72.95
N PRO C 1189 9.97 -70.09 -73.64
CA PRO C 1189 11.16 -70.68 -73.09
C PRO C 1189 12.13 -69.64 -72.59
N GLN C 1190 12.83 -69.97 -71.52
CA GLN C 1190 13.84 -69.12 -70.92
C GLN C 1190 15.06 -69.92 -70.54
N VAL C 1191 16.19 -69.25 -70.46
CA VAL C 1191 17.47 -69.84 -70.10
C VAL C 1191 17.50 -70.44 -68.70
N THR C 1192 16.62 -69.98 -67.84
CA THR C 1192 16.56 -70.44 -66.47
C THR C 1192 15.60 -71.60 -66.25
N TYR C 1193 14.92 -72.03 -67.30
CA TYR C 1193 13.98 -73.13 -67.16
C TYR C 1193 14.79 -74.41 -67.24
N GLN C 1194 14.33 -75.45 -66.54
CA GLN C 1194 15.06 -76.71 -66.55
C GLN C 1194 14.69 -77.54 -67.74
N ASN C 1195 15.65 -78.28 -68.31
CA ASN C 1195 15.34 -79.20 -69.37
C ASN C 1195 15.03 -80.57 -68.85
N ILE C 1196 13.82 -81.03 -68.84
CA ILE C 1196 13.50 -82.32 -68.24
C ILE C 1196 13.24 -83.36 -69.31
N SER C 1197 13.85 -84.52 -69.15
CA SER C 1197 13.80 -85.61 -70.12
C SER C 1197 13.23 -86.94 -69.69
N THR C 1198 12.79 -87.08 -68.45
CA THR C 1198 12.29 -88.35 -67.97
C THR C 1198 10.86 -88.27 -67.51
N ASN C 1199 10.67 -87.94 -66.25
CA ASN C 1199 9.30 -87.90 -65.73
C ASN C 1199 8.67 -86.56 -66.03
N LEU C 1200 8.25 -86.44 -67.27
CA LEU C 1200 7.70 -85.21 -67.80
C LEU C 1200 6.29 -85.14 -67.24
N PRO C 1201 5.82 -84.00 -66.73
CA PRO C 1201 4.48 -83.83 -66.25
C PRO C 1201 3.54 -83.79 -67.46
N PRO C 1202 2.28 -84.14 -67.31
CA PRO C 1202 1.26 -84.11 -68.33
C PRO C 1202 1.14 -82.88 -69.23
N PRO C 1203 1.34 -81.61 -68.78
CA PRO C 1203 1.30 -80.48 -69.69
C PRO C 1203 2.44 -80.50 -70.72
N LEU C 1204 3.55 -81.19 -70.43
CA LEU C 1204 4.66 -81.31 -71.39
C LEU C 1204 4.63 -82.62 -72.18
N LEU C 1205 3.79 -83.57 -71.80
CA LEU C 1205 3.74 -84.83 -72.54
C LEU C 1205 2.90 -84.68 -73.79
N GLY C 1206 3.48 -83.98 -74.76
CA GLY C 1206 2.78 -83.65 -76.01
C GLY C 1206 3.56 -84.17 -77.19
N SER D 1 -50.78 59.13 98.46
CA SER D 1 -50.74 58.89 99.91
C SER D 1 -51.54 57.64 100.37
N ARG D 2 -51.93 56.81 99.40
CA ARG D 2 -52.53 55.51 99.68
C ARG D 2 -51.44 54.46 99.97
N LYS D 3 -51.80 53.19 99.83
CA LYS D 3 -50.85 52.09 100.01
C LYS D 3 -50.17 51.80 98.68
N THR D 4 -49.02 51.13 98.73
CA THR D 4 -48.21 50.89 97.54
C THR D 4 -48.55 49.55 96.86
N TYR D 5 -48.01 49.36 95.65
CA TYR D 5 -48.08 48.08 94.98
C TYR D 5 -47.01 47.17 95.57
N THR D 6 -47.44 46.12 96.27
CA THR D 6 -46.50 45.32 97.01
C THR D 6 -46.13 44.01 96.34
N LEU D 7 -45.02 43.41 96.79
CA LEU D 7 -44.58 42.15 96.27
C LEU D 7 -45.71 41.15 96.41
N THR D 8 -46.40 41.17 97.55
CA THR D 8 -47.53 40.27 97.74
C THR D 8 -48.61 40.56 96.73
N ASP D 9 -48.80 41.84 96.41
CA ASP D 9 -49.77 42.18 95.37
C ASP D 9 -49.41 41.44 94.10
N TYR D 10 -48.17 41.61 93.64
CA TYR D 10 -47.68 40.94 92.44
C TYR D 10 -47.83 39.41 92.46
N LEU D 11 -47.40 38.76 93.54
CA LEU D 11 -47.38 37.30 93.56
C LEU D 11 -48.76 36.69 93.79
N LYS D 12 -49.58 37.34 94.60
CA LYS D 12 -50.90 36.82 94.94
C LYS D 12 -51.95 37.25 93.91
N ASN D 13 -51.52 38.09 92.97
CA ASN D 13 -52.34 38.54 91.86
C ASN D 13 -53.56 39.40 92.25
N THR D 14 -53.40 40.26 93.24
CA THR D 14 -54.55 40.90 93.83
C THR D 14 -55.18 41.91 92.89
N TYR D 15 -54.41 42.49 91.98
CA TYR D 15 -54.98 43.42 90.99
C TYR D 15 -54.94 42.82 89.59
N ARG D 16 -56.04 42.23 89.13
CA ARG D 16 -55.99 41.45 87.87
C ARG D 16 -56.55 42.15 86.63
N LEU D 17 -55.83 42.01 85.52
CA LEU D 17 -56.29 42.52 84.23
C LEU D 17 -57.37 41.61 83.63
N LYS D 18 -58.51 42.17 83.28
CA LYS D 18 -59.51 41.39 82.57
C LYS D 18 -59.17 41.34 81.08
N LEU D 19 -59.55 40.23 80.44
CA LEU D 19 -59.36 40.05 79.02
C LEU D 19 -60.71 39.87 78.40
N TYR D 20 -60.71 39.57 77.11
CA TYR D 20 -61.91 39.20 76.39
C TYR D 20 -61.44 38.45 75.16
N SER D 21 -61.33 37.13 75.28
CA SER D 21 -60.89 36.33 74.15
C SER D 21 -62.07 35.70 73.46
N LEU D 22 -62.22 35.94 72.17
CA LEU D 22 -63.31 35.29 71.46
C LEU D 22 -62.81 34.33 70.43
N ARG D 23 -63.72 33.56 69.83
CA ARG D 23 -63.34 32.72 68.71
C ARG D 23 -64.34 32.90 67.58
N TRP D 24 -63.91 33.45 66.45
CA TRP D 24 -64.84 33.58 65.33
C TRP D 24 -65.15 32.19 64.81
N ILE D 25 -66.41 31.96 64.47
CA ILE D 25 -66.86 30.67 63.97
C ILE D 25 -67.53 30.87 62.63
N SER D 26 -67.77 32.13 62.26
CA SER D 26 -68.29 32.47 60.95
C SER D 26 -67.91 33.89 60.57
N ASP D 27 -68.62 34.48 59.60
CA ASP D 27 -68.26 35.80 59.09
C ASP D 27 -68.79 36.92 59.98
N HIS D 28 -69.64 36.55 60.94
CA HIS D 28 -70.36 37.55 61.74
C HIS D 28 -70.73 37.00 63.14
N GLU D 29 -70.14 35.89 63.52
CA GLU D 29 -70.46 35.26 64.78
C GLU D 29 -69.20 34.78 65.50
N TYR D 30 -69.14 34.99 66.80
CA TYR D 30 -68.02 34.48 67.58
C TYR D 30 -68.47 33.84 68.90
N LEU D 31 -67.58 33.12 69.58
CA LEU D 31 -67.87 32.48 70.87
C LEU D 31 -67.13 33.17 72.02
N TYR D 32 -67.85 33.45 73.11
CA TYR D 32 -67.19 33.86 74.37
C TYR D 32 -67.60 32.98 75.55
N LYS D 33 -66.82 33.02 76.63
CA LYS D 33 -67.04 32.16 77.79
C LYS D 33 -67.55 32.93 79.02
N GLN D 34 -68.66 33.66 78.87
CA GLN D 34 -69.21 34.48 79.96
C GLN D 34 -69.83 33.67 81.12
N GLU D 35 -69.21 33.77 82.31
CA GLU D 35 -69.62 33.04 83.52
C GLU D 35 -69.55 31.50 83.36
N ASN D 36 -68.50 31.04 82.70
CA ASN D 36 -68.23 29.62 82.45
C ASN D 36 -69.21 28.90 81.49
N ASN D 37 -70.17 29.64 80.93
CA ASN D 37 -70.99 29.12 79.84
C ASN D 37 -70.37 29.57 78.54
N ILE D 38 -70.48 28.77 77.49
CA ILE D 38 -70.09 29.26 76.16
C ILE D 38 -71.30 29.85 75.45
N LEU D 39 -71.18 31.13 75.12
CA LEU D 39 -72.21 31.85 74.38
C LEU D 39 -71.74 32.18 72.97
N VAL D 40 -72.69 32.24 72.03
CA VAL D 40 -72.41 32.72 70.67
C VAL D 40 -73.04 34.09 70.44
N PHE D 41 -72.19 35.07 70.11
CA PHE D 41 -72.65 36.46 69.89
C PHE D 41 -72.75 36.75 68.39
N ASN D 42 -73.74 37.56 68.00
CA ASN D 42 -73.95 37.94 66.59
C ASN D 42 -73.61 39.41 66.34
N ALA D 43 -72.43 39.65 65.74
CA ALA D 43 -71.88 41.00 65.58
C ALA D 43 -72.71 41.92 64.70
N GLU D 44 -73.37 41.34 63.68
CA GLU D 44 -74.19 42.09 62.73
C GLU D 44 -75.21 43.01 63.42
N TYR D 45 -75.73 42.52 64.55
CA TYR D 45 -76.63 43.28 65.39
C TYR D 45 -76.05 43.35 66.79
N GLY D 46 -76.70 42.68 67.74
CA GLY D 46 -76.19 42.67 69.10
C GLY D 46 -76.41 41.34 69.80
N ASN D 47 -77.38 40.56 69.33
CA ASN D 47 -77.89 39.43 70.09
C ASN D 47 -76.86 38.39 70.54
N SER D 48 -77.26 37.62 71.54
CA SER D 48 -76.39 36.62 72.13
C SER D 48 -77.28 35.48 72.66
N SER D 49 -76.84 34.25 72.47
CA SER D 49 -77.68 33.10 72.80
C SER D 49 -76.81 31.91 73.21
N VAL D 50 -77.20 31.20 74.28
CA VAL D 50 -76.34 30.17 74.88
C VAL D 50 -76.05 29.01 73.94
N PHE D 51 -74.77 28.70 73.79
CA PHE D 51 -74.33 27.61 72.94
C PHE D 51 -74.04 26.37 73.76
N LEU D 52 -73.59 26.56 75.01
CA LEU D 52 -73.31 25.42 75.87
C LEU D 52 -73.27 25.80 77.34
N GLU D 53 -74.16 25.22 78.13
CA GLU D 53 -74.26 25.57 79.54
C GLU D 53 -73.16 24.96 80.37
N ASN D 54 -72.68 25.72 81.36
CA ASN D 54 -71.61 25.28 82.24
C ASN D 54 -71.91 23.94 82.91
N SER D 55 -73.21 23.67 83.09
CA SER D 55 -73.65 22.44 83.75
C SER D 55 -73.45 21.18 82.89
N THR D 56 -73.38 21.35 81.56
CA THR D 56 -73.23 20.23 80.63
C THR D 56 -72.22 19.18 81.11
N PHE D 57 -71.09 19.62 81.64
CA PHE D 57 -70.06 18.67 82.06
C PHE D 57 -69.81 18.63 83.57
N ASP D 58 -70.89 18.82 84.32
CA ASP D 58 -70.90 18.55 85.75
C ASP D 58 -70.81 17.04 85.98
N GLU D 59 -71.20 16.26 84.97
CA GLU D 59 -71.34 14.81 85.09
C GLU D 59 -70.14 14.04 84.55
N PHE D 60 -69.19 14.78 84.01
CA PHE D 60 -68.03 14.17 83.36
C PHE D 60 -67.18 13.31 84.31
N GLY D 61 -67.03 13.77 85.55
CA GLY D 61 -66.21 13.08 86.52
C GLY D 61 -64.74 13.09 86.10
N HIS D 62 -64.23 14.28 85.73
CA HIS D 62 -62.84 14.48 85.31
C HIS D 62 -62.58 15.96 85.36
N SER D 63 -61.41 16.34 85.85
CA SER D 63 -61.03 17.73 85.76
C SER D 63 -60.77 18.03 84.29
N ILE D 64 -61.43 19.06 83.74
CA ILE D 64 -61.35 19.33 82.30
C ILE D 64 -60.34 20.42 81.93
N ASN D 65 -59.20 19.98 81.42
CA ASN D 65 -58.09 20.90 81.15
C ASN D 65 -58.38 21.84 80.01
N ASP D 66 -59.04 21.35 78.97
CA ASP D 66 -59.26 22.20 77.80
C ASP D 66 -60.38 21.63 76.95
N TYR D 67 -60.99 22.46 76.10
CA TYR D 67 -62.05 21.98 75.22
C TYR D 67 -61.77 22.57 73.85
N SER D 68 -62.43 22.05 72.83
CA SER D 68 -62.41 22.66 71.49
C SER D 68 -63.62 22.22 70.67
N ILE D 69 -64.45 23.19 70.30
CA ILE D 69 -65.67 22.94 69.54
C ILE D 69 -65.37 22.86 68.04
N SER D 70 -65.93 21.89 67.33
CA SER D 70 -65.60 21.70 65.92
C SER D 70 -66.14 22.86 65.09
N PRO D 71 -65.56 23.10 63.90
CA PRO D 71 -65.94 24.27 63.10
C PRO D 71 -67.43 24.37 62.83
N ASP D 72 -68.10 23.24 62.71
CA ASP D 72 -69.52 23.25 62.39
C ASP D 72 -70.40 23.16 63.64
N GLY D 73 -69.78 23.29 64.81
CA GLY D 73 -70.50 23.31 66.06
C GLY D 73 -71.22 22.02 66.42
N GLN D 74 -71.02 20.96 65.64
CA GLN D 74 -71.68 19.68 65.86
C GLN D 74 -71.07 18.86 67.00
N PHE D 75 -69.76 18.94 67.17
CA PHE D 75 -69.06 18.14 68.17
C PHE D 75 -68.14 18.99 69.04
N ILE D 76 -67.94 18.57 70.29
CA ILE D 76 -66.98 19.23 71.14
C ILE D 76 -65.95 18.23 71.69
N LEU D 77 -64.67 18.62 71.62
CA LEU D 77 -63.58 17.77 72.06
C LEU D 77 -63.22 18.17 73.47
N LEU D 78 -63.06 17.17 74.35
CA LEU D 78 -62.79 17.42 75.76
C LEU D 78 -61.44 16.86 76.18
N GLU D 79 -60.53 17.75 76.55
CA GLU D 79 -59.18 17.38 76.95
C GLU D 79 -59.05 17.32 78.45
N TYR D 80 -58.72 16.14 78.96
CA TYR D 80 -58.47 15.94 80.39
C TYR D 80 -57.19 15.10 80.59
N ASN D 81 -56.73 14.96 81.84
CA ASN D 81 -55.48 14.24 82.14
C ASN D 81 -54.23 14.80 81.47
N TYR D 82 -54.18 16.12 81.30
CA TYR D 82 -53.01 16.80 80.75
C TYR D 82 -51.79 16.47 81.61
N VAL D 83 -50.71 16.00 80.99
CA VAL D 83 -49.43 15.75 81.68
C VAL D 83 -48.29 16.37 80.87
N LYS D 84 -47.61 17.37 81.42
CA LYS D 84 -46.73 18.22 80.60
C LYS D 84 -45.47 17.54 80.06
N GLN D 85 -45.03 18.03 78.88
CA GLN D 85 -43.91 17.49 78.10
C GLN D 85 -42.73 18.47 77.96
N TRP D 86 -42.94 19.58 77.22
CA TRP D 86 -41.92 20.62 77.01
C TRP D 86 -42.49 22.07 77.15
N ARG D 87 -42.57 22.82 76.06
CA ARG D 87 -43.27 24.11 76.02
C ARG D 87 -44.06 24.23 74.72
N HIS D 88 -45.40 24.26 74.84
CA HIS D 88 -46.39 24.05 73.75
C HIS D 88 -46.90 22.57 73.69
N SER D 89 -46.25 21.65 74.41
CA SER D 89 -46.49 20.19 74.26
C SER D 89 -46.87 19.40 75.53
N TYR D 90 -47.45 18.20 75.34
CA TYR D 90 -47.91 17.34 76.46
C TYR D 90 -48.34 15.90 76.08
N THR D 91 -49.10 15.29 76.98
CA THR D 91 -49.83 14.05 76.72
C THR D 91 -51.21 14.21 77.38
N ALA D 92 -52.27 13.72 76.74
CA ALA D 92 -53.58 13.76 77.41
C ALA D 92 -54.57 12.67 77.02
N SER D 93 -55.72 12.72 77.69
CA SER D 93 -56.85 11.88 77.39
C SER D 93 -57.92 12.74 76.74
N TYR D 94 -58.62 12.18 75.76
CA TYR D 94 -59.65 12.94 75.04
C TYR D 94 -60.97 12.19 74.96
N ASP D 95 -62.05 12.94 75.16
CA ASP D 95 -63.41 12.43 74.95
C ASP D 95 -64.13 13.36 73.98
N ILE D 96 -64.96 12.79 73.09
CA ILE D 96 -65.74 13.61 72.18
C ILE D 96 -67.22 13.58 72.57
N TYR D 97 -67.83 14.76 72.66
CA TYR D 97 -69.24 14.90 73.03
C TYR D 97 -70.09 15.32 71.82
N ASP D 98 -71.04 14.48 71.40
CA ASP D 98 -71.98 14.81 70.30
C ASP D 98 -73.05 15.81 70.79
N LEU D 99 -73.02 17.02 70.24
CA LEU D 99 -73.89 18.10 70.71
C LEU D 99 -75.36 17.89 70.36
N ASN D 100 -75.62 17.35 69.17
CA ASN D 100 -76.97 16.94 68.80
C ASN D 100 -77.47 15.86 69.78
N LYS D 101 -76.89 14.68 69.68
CA LYS D 101 -77.26 13.55 70.54
C LYS D 101 -77.18 13.85 72.05
N ARG D 102 -76.57 14.98 72.40
CA ARG D 102 -76.28 15.31 73.81
C ARG D 102 -75.69 14.15 74.61
N GLN D 103 -74.73 13.46 74.02
CA GLN D 103 -74.21 12.20 74.52
C GLN D 103 -72.68 12.17 74.36
N LEU D 104 -72.00 11.44 75.22
CA LEU D 104 -70.57 11.23 75.07
C LEU D 104 -70.41 10.11 74.08
N ILE D 105 -69.45 10.24 73.16
CA ILE D 105 -69.17 9.16 72.22
C ILE D 105 -68.26 8.13 72.89
N THR D 106 -68.73 6.89 73.00
CA THR D 106 -68.02 5.90 73.81
C THR D 106 -67.35 4.79 73.00
N GLU D 107 -67.83 4.57 71.78
CA GLU D 107 -67.22 3.61 70.87
C GLU D 107 -66.02 4.27 70.17
N GLU D 108 -64.94 3.52 69.97
CA GLU D 108 -63.75 4.01 69.24
C GLU D 108 -63.10 5.32 69.72
N ARG D 109 -62.79 5.42 71.01
CA ARG D 109 -62.31 6.68 71.58
C ARG D 109 -60.87 6.99 71.16
N ILE D 110 -60.48 8.25 71.36
CA ILE D 110 -59.10 8.64 71.13
C ILE D 110 -58.24 8.07 72.25
N PRO D 111 -57.18 7.31 71.89
CA PRO D 111 -56.37 6.62 72.89
C PRO D 111 -55.81 7.55 73.94
N ASN D 112 -55.66 7.01 75.15
CA ASN D 112 -54.96 7.72 76.22
C ASN D 112 -53.54 8.07 75.75
N ASN D 113 -52.96 9.10 76.34
CA ASN D 113 -51.57 9.45 76.05
C ASN D 113 -51.39 9.95 74.63
N THR D 114 -52.37 10.70 74.15
CA THR D 114 -52.31 11.26 72.82
C THR D 114 -51.47 12.52 72.89
N GLN D 115 -50.62 12.70 71.89
CA GLN D 115 -49.75 13.85 71.79
C GLN D 115 -50.39 15.13 71.25
N TRP D 116 -51.29 15.01 70.29
CA TRP D 116 -51.90 16.19 69.70
C TRP D 116 -53.21 15.86 68.95
N VAL D 117 -54.13 16.82 68.89
CA VAL D 117 -55.40 16.67 68.16
C VAL D 117 -55.80 17.99 67.49
N THR D 118 -56.18 17.95 66.21
CA THR D 118 -56.76 19.11 65.50
C THR D 118 -58.04 18.68 64.83
N TRP D 119 -59.04 19.55 64.85
CA TRP D 119 -60.16 19.42 63.92
C TRP D 119 -59.71 19.83 62.54
N SER D 120 -60.32 19.28 61.52
CA SER D 120 -60.21 19.86 60.19
C SER D 120 -60.77 21.28 60.25
N PRO D 121 -60.39 22.14 59.31
CA PRO D 121 -60.86 23.52 59.49
C PRO D 121 -62.33 23.77 59.13
N VAL D 122 -63.06 22.79 58.57
CA VAL D 122 -64.47 23.06 58.28
C VAL D 122 -65.49 21.97 58.66
N GLY D 123 -65.09 20.71 58.68
CA GLY D 123 -66.11 19.72 58.96
C GLY D 123 -66.18 19.40 60.43
N HIS D 124 -66.08 18.11 60.73
CA HIS D 124 -65.76 17.63 62.06
C HIS D 124 -64.78 16.47 61.91
N LYS D 125 -63.88 16.57 60.94
CA LYS D 125 -62.77 15.63 60.84
C LYS D 125 -61.75 15.82 61.99
N LEU D 126 -60.98 14.76 62.28
CA LEU D 126 -60.03 14.73 63.39
C LEU D 126 -58.71 14.18 62.90
N ALA D 127 -57.61 14.88 63.20
CA ALA D 127 -56.28 14.31 63.05
C ALA D 127 -55.65 14.31 64.42
N TYR D 128 -55.13 13.18 64.86
CA TYR D 128 -54.43 13.16 66.12
C TYR D 128 -53.14 12.36 66.04
N VAL D 129 -52.21 12.62 66.93
CA VAL D 129 -50.94 11.92 66.92
C VAL D 129 -50.80 11.11 68.19
N TRP D 130 -50.41 9.85 68.06
CA TRP D 130 -50.35 8.94 69.19
C TRP D 130 -49.21 7.97 68.96
N ASN D 131 -48.26 7.94 69.89
CA ASN D 131 -46.99 7.26 69.68
C ASN D 131 -46.32 7.73 68.40
N ASN D 132 -46.37 9.02 68.14
CA ASN D 132 -45.66 9.60 67.02
C ASN D 132 -46.15 9.16 65.64
N ASP D 133 -47.35 8.58 65.59
CA ASP D 133 -47.97 8.26 64.31
C ASP D 133 -49.26 9.06 64.14
N ILE D 134 -49.57 9.41 62.89
CA ILE D 134 -50.76 10.19 62.61
C ILE D 134 -51.99 9.30 62.42
N TYR D 135 -53.11 9.71 62.98
CA TYR D 135 -54.37 9.00 62.83
C TYR D 135 -55.46 9.97 62.43
N VAL D 136 -56.27 9.59 61.43
CA VAL D 136 -57.41 10.43 61.03
C VAL D 136 -58.78 9.77 61.30
N LYS D 137 -59.66 10.51 61.96
CA LYS D 137 -61.07 10.14 62.10
C LYS D 137 -61.90 11.00 61.16
N ILE D 138 -62.65 10.38 60.26
CA ILE D 138 -63.59 11.16 59.44
C ILE D 138 -64.88 11.38 60.21
N GLU D 139 -65.62 10.33 60.50
CA GLU D 139 -66.73 10.52 61.42
C GLU D 139 -66.22 10.18 62.83
N PRO D 140 -66.57 11.02 63.81
CA PRO D 140 -65.97 10.93 65.14
C PRO D 140 -66.15 9.58 65.81
N ASN D 141 -67.12 8.76 65.41
CA ASN D 141 -67.43 7.53 66.15
C ASN D 141 -67.09 6.24 65.41
N LEU D 142 -66.26 6.33 64.40
CA LEU D 142 -65.84 5.15 63.64
C LEU D 142 -64.34 5.04 63.72
N PRO D 143 -63.80 3.83 63.51
CA PRO D 143 -62.36 3.56 63.56
C PRO D 143 -61.47 4.60 62.88
N SER D 144 -60.41 5.02 63.57
CA SER D 144 -59.46 5.96 63.01
C SER D 144 -58.71 5.28 61.89
N TYR D 145 -58.22 6.05 60.92
CA TYR D 145 -57.33 5.49 59.88
C TYR D 145 -55.89 5.82 60.25
N ARG D 146 -55.03 4.83 60.26
CA ARG D 146 -53.65 5.08 60.60
C ARG D 146 -52.94 5.62 59.36
N ILE D 147 -52.34 6.79 59.47
CA ILE D 147 -51.67 7.39 58.33
C ILE D 147 -50.20 6.94 58.18
N THR D 148 -49.50 6.87 59.30
CA THR D 148 -48.10 6.47 59.32
C THR D 148 -47.85 5.27 60.26
N TRP D 149 -46.90 4.41 59.88
CA TRP D 149 -46.57 3.23 60.69
C TRP D 149 -45.11 3.28 61.13
N THR D 150 -44.56 4.47 61.15
CA THR D 150 -43.14 4.60 61.09
C THR D 150 -42.59 5.29 62.33
N GLY D 151 -43.50 5.90 63.09
CA GLY D 151 -43.16 6.63 64.28
C GLY D 151 -42.50 5.78 65.34
N LYS D 152 -41.59 6.39 66.08
CA LYS D 152 -40.78 5.70 67.09
C LYS D 152 -40.26 6.72 68.09
N GLU D 153 -40.47 6.47 69.37
CA GLU D 153 -40.15 7.44 70.41
C GLU D 153 -38.72 7.98 70.33
N ASP D 154 -38.61 9.30 70.42
CA ASP D 154 -37.33 9.99 70.34
C ASP D 154 -36.53 9.81 69.05
N ILE D 155 -37.09 9.10 68.07
CA ILE D 155 -36.41 8.92 66.80
C ILE D 155 -37.16 9.47 65.59
N ILE D 156 -38.34 8.94 65.36
CA ILE D 156 -39.11 9.37 64.22
C ILE D 156 -40.35 10.05 64.74
N TYR D 157 -40.62 11.25 64.22
CA TYR D 157 -41.76 12.04 64.65
C TYR D 157 -42.67 12.34 63.47
N ASN D 158 -43.85 11.72 63.42
CA ASN D 158 -44.79 12.02 62.35
C ASN D 158 -45.88 12.95 62.82
N GLY D 159 -45.88 14.17 62.30
CA GLY D 159 -47.00 15.06 62.54
C GLY D 159 -46.87 15.86 63.82
N ILE D 160 -45.85 15.55 64.61
CA ILE D 160 -45.46 16.41 65.71
C ILE D 160 -43.98 16.78 65.58
N THR D 161 -43.55 17.78 66.32
CA THR D 161 -42.21 18.30 66.16
C THR D 161 -41.26 17.71 67.20
N ASP D 162 -39.98 17.64 66.87
CA ASP D 162 -38.98 17.28 67.86
C ASP D 162 -38.61 18.53 68.64
N TRP D 163 -37.68 18.42 69.60
CA TRP D 163 -37.38 19.54 70.50
C TRP D 163 -37.04 20.82 69.74
N VAL D 164 -36.07 20.73 68.83
CA VAL D 164 -35.55 21.93 68.20
C VAL D 164 -36.52 22.59 67.20
N TYR D 165 -37.27 21.78 66.45
CA TYR D 165 -38.28 22.35 65.56
C TYR D 165 -39.37 23.02 66.36
N GLU D 166 -39.84 22.32 67.41
CA GLU D 166 -40.80 22.93 68.32
C GLU D 166 -40.35 24.27 68.88
N GLU D 167 -39.16 24.33 69.46
CA GLU D 167 -38.71 25.54 70.14
C GLU D 167 -38.28 26.66 69.21
N GLU D 168 -37.70 26.31 68.07
CA GLU D 168 -36.96 27.31 67.31
C GLU D 168 -37.43 27.52 65.89
N VAL D 169 -38.37 26.70 65.43
CA VAL D 169 -38.81 26.86 64.05
C VAL D 169 -40.30 27.09 63.97
N PHE D 170 -41.09 26.10 64.37
CA PHE D 170 -42.55 26.24 64.29
C PHE D 170 -43.21 26.86 65.49
N SER D 171 -42.54 26.92 66.63
CA SER D 171 -43.16 27.41 67.84
C SER D 171 -44.47 26.68 68.16
N ALA D 172 -44.50 25.37 67.90
CA ALA D 172 -45.68 24.54 68.18
C ALA D 172 -45.32 23.06 68.29
N TYR D 173 -46.18 22.26 68.89
CA TYR D 173 -45.94 20.82 68.95
C TYR D 173 -46.48 20.19 67.66
N SER D 174 -47.45 20.85 67.04
CA SER D 174 -48.10 20.30 65.88
C SER D 174 -47.22 20.48 64.65
N ALA D 175 -47.31 19.50 63.75
CA ALA D 175 -46.64 19.58 62.47
C ALA D 175 -47.59 18.90 61.52
N LEU D 176 -48.85 19.30 61.64
CA LEU D 176 -49.93 18.95 60.73
C LEU D 176 -50.42 20.25 60.13
N TRP D 177 -50.88 20.20 58.89
CA TRP D 177 -51.51 21.35 58.27
C TRP D 177 -52.62 20.92 57.33
N TRP D 178 -53.86 21.08 57.77
CA TRP D 178 -54.99 20.80 56.90
C TRP D 178 -55.09 21.80 55.76
N SER D 179 -55.58 21.34 54.62
CA SER D 179 -55.92 22.26 53.53
C SER D 179 -57.24 22.93 53.93
N PRO D 180 -57.56 24.08 53.32
CA PRO D 180 -58.70 24.90 53.73
C PRO D 180 -60.04 24.16 53.97
N ASN D 181 -60.40 23.20 53.13
CA ASN D 181 -61.65 22.47 53.36
C ASN D 181 -61.42 21.08 53.94
N GLY D 182 -60.22 20.84 54.44
CA GLY D 182 -59.93 19.59 55.10
C GLY D 182 -59.77 18.40 54.17
N THR D 183 -59.71 18.63 52.87
CA THR D 183 -59.50 17.50 51.97
C THR D 183 -58.13 16.88 52.17
N PHE D 184 -57.10 17.71 52.12
CA PHE D 184 -55.74 17.22 52.29
C PHE D 184 -55.26 17.45 53.73
N LEU D 185 -54.38 16.58 54.19
CA LEU D 185 -53.70 16.77 55.45
C LEU D 185 -52.21 16.68 55.15
N ALA D 186 -51.51 17.81 55.24
CA ALA D 186 -50.06 17.83 55.03
C ALA D 186 -49.31 17.63 56.35
N TYR D 187 -48.23 16.87 56.33
CA TYR D 187 -47.52 16.63 57.57
C TYR D 187 -46.03 16.54 57.40
N ALA D 188 -45.30 16.73 58.50
CA ALA D 188 -43.86 16.63 58.44
C ALA D 188 -43.38 15.42 59.21
N GLN D 189 -42.25 14.89 58.81
CA GLN D 189 -41.65 13.79 59.53
C GLN D 189 -40.23 14.15 59.92
N PHE D 190 -39.95 14.14 61.21
CA PHE D 190 -38.62 14.45 61.69
C PHE D 190 -37.84 13.19 62.08
N ASN D 191 -36.54 13.20 61.83
CA ASN D 191 -35.68 12.06 62.11
C ASN D 191 -34.54 12.47 63.05
N ASP D 192 -34.60 12.06 64.30
CA ASP D 192 -33.55 12.43 65.25
C ASP D 192 -32.50 11.35 65.45
N THR D 193 -32.48 10.36 64.54
CA THR D 193 -31.61 9.19 64.70
C THR D 193 -30.18 9.53 65.12
N GLU D 194 -29.52 10.43 64.38
CA GLU D 194 -28.14 10.76 64.72
C GLU D 194 -27.98 11.99 65.64
N VAL D 195 -29.07 12.54 66.15
CA VAL D 195 -28.99 13.70 67.05
C VAL D 195 -28.65 13.28 68.47
N PRO D 196 -27.57 13.85 69.03
CA PRO D 196 -27.08 13.61 70.39
C PRO D 196 -28.14 13.84 71.46
N LEU D 197 -28.10 13.06 72.53
CA LEU D 197 -29.02 13.25 73.65
C LEU D 197 -28.46 14.21 74.69
N ILE D 198 -29.29 15.16 75.13
CA ILE D 198 -29.03 15.83 76.41
C ILE D 198 -29.69 15.01 77.53
N GLU D 199 -28.99 14.82 78.64
CA GLU D 199 -29.52 14.01 79.71
C GLU D 199 -29.46 14.83 80.99
N TYR D 200 -30.44 14.64 81.87
CA TYR D 200 -30.43 15.39 83.12
C TYR D 200 -31.35 14.70 84.13
N SER D 201 -31.18 15.00 85.41
CA SER D 201 -31.96 14.30 86.42
C SER D 201 -33.31 14.93 86.65
N PHE D 202 -34.33 14.09 86.85
CA PHE D 202 -35.63 14.55 87.37
C PHE D 202 -35.93 13.86 88.73
N TYR D 203 -36.09 14.65 89.79
CA TYR D 203 -36.18 14.05 91.11
C TYR D 203 -37.59 13.66 91.51
N SER D 204 -38.55 14.43 91.01
CA SER D 204 -39.96 14.17 91.23
C SER D 204 -40.38 14.21 92.69
N ASP D 205 -41.46 13.51 92.97
CA ASP D 205 -42.00 13.44 94.31
C ASP D 205 -41.00 12.81 95.30
N GLU D 206 -41.04 13.29 96.54
CA GLU D 206 -40.22 12.80 97.62
C GLU D 206 -40.19 11.27 97.75
N SER D 207 -41.22 10.60 97.23
CA SER D 207 -41.27 9.15 97.36
C SER D 207 -40.57 8.38 96.25
N LEU D 208 -40.23 9.03 95.14
CA LEU D 208 -39.49 8.35 94.09
C LEU D 208 -38.11 8.08 94.62
N GLN D 209 -37.69 6.82 94.65
CA GLN D 209 -36.44 6.47 95.30
C GLN D 209 -35.20 6.79 94.44
N TYR D 210 -35.22 6.37 93.19
CA TYR D 210 -34.12 6.65 92.28
C TYR D 210 -34.54 7.71 91.29
N PRO D 211 -33.75 8.80 91.17
CA PRO D 211 -34.17 9.87 90.25
C PRO D 211 -34.32 9.38 88.81
N LYS D 212 -35.17 10.03 88.02
CA LYS D 212 -35.42 9.68 86.62
C LYS D 212 -34.41 10.44 85.78
N THR D 213 -33.75 9.77 84.84
CA THR D 213 -32.87 10.49 83.90
C THR D 213 -33.64 10.79 82.64
N VAL D 214 -33.86 12.06 82.38
CA VAL D 214 -34.59 12.48 81.22
C VAL D 214 -33.64 12.62 80.04
N ARG D 215 -34.00 12.03 78.89
CA ARG D 215 -33.17 12.10 77.70
C ARG D 215 -33.90 12.78 76.56
N VAL D 216 -33.28 13.81 75.99
CA VAL D 216 -33.90 14.55 74.90
C VAL D 216 -32.94 14.73 73.74
N PRO D 217 -33.36 14.34 72.53
CA PRO D 217 -32.52 14.67 71.39
C PRO D 217 -32.51 16.19 71.25
N TYR D 218 -31.31 16.77 71.27
CA TYR D 218 -31.15 18.21 71.27
C TYR D 218 -29.83 18.54 70.56
N PRO D 219 -29.89 19.18 69.39
CA PRO D 219 -28.64 19.51 68.71
C PRO D 219 -27.99 20.78 69.26
N LYS D 220 -26.75 20.73 69.72
CA LYS D 220 -26.06 21.96 70.12
C LYS D 220 -25.31 22.52 68.91
N ALA D 221 -24.91 23.77 68.98
CA ALA D 221 -24.26 24.44 67.85
C ALA D 221 -23.20 23.58 67.17
N GLY D 222 -23.38 23.23 65.91
CA GLY D 222 -22.42 22.41 65.20
C GLY D 222 -22.72 20.92 65.18
N ALA D 223 -23.47 20.44 66.17
CA ALA D 223 -23.78 19.01 66.29
C ALA D 223 -24.65 18.54 65.14
N VAL D 224 -24.89 17.23 65.05
CA VAL D 224 -25.73 16.66 64.00
C VAL D 224 -27.19 17.06 64.20
N ASN D 225 -27.82 17.57 63.14
CA ASN D 225 -29.21 18.05 63.19
C ASN D 225 -30.23 16.98 62.80
N PRO D 226 -31.51 17.20 63.14
CA PRO D 226 -32.51 16.25 62.67
C PRO D 226 -32.74 16.47 61.18
N THR D 227 -33.30 15.47 60.51
CA THR D 227 -33.64 15.64 59.12
C THR D 227 -35.16 15.71 59.00
N VAL D 228 -35.64 16.30 57.90
CA VAL D 228 -37.08 16.49 57.72
C VAL D 228 -37.55 15.98 56.36
N LYS D 229 -38.72 15.34 56.34
CA LYS D 229 -39.34 15.00 55.07
C LYS D 229 -40.79 15.47 55.08
N PHE D 230 -41.35 15.80 53.92
CA PHE D 230 -42.69 16.38 53.90
C PHE D 230 -43.70 15.52 53.10
N PHE D 231 -44.91 15.37 53.62
CA PHE D 231 -45.91 14.52 52.98
C PHE D 231 -47.28 15.20 52.90
N VAL D 232 -48.12 14.73 51.98
CA VAL D 232 -49.51 15.16 51.95
C VAL D 232 -50.38 13.93 51.72
N VAL D 233 -51.44 13.79 52.51
CA VAL D 233 -52.35 12.69 52.33
C VAL D 233 -53.72 13.24 51.97
N ASN D 234 -54.43 12.54 51.10
CA ASN D 234 -55.77 12.92 50.70
C ASN D 234 -56.73 12.19 51.62
N THR D 235 -57.38 12.93 52.51
CA THR D 235 -58.17 12.30 53.54
C THR D 235 -59.55 11.87 53.06
N ASP D 236 -59.98 12.36 51.90
CA ASP D 236 -61.29 11.96 51.40
C ASP D 236 -61.28 10.54 50.84
N SER D 237 -60.15 10.14 50.25
CA SER D 237 -60.01 8.77 49.72
C SER D 237 -59.34 7.77 50.68
N LEU D 238 -59.55 7.94 51.98
CA LEU D 238 -59.07 6.94 52.94
C LEU D 238 -60.01 5.74 52.89
N SER D 239 -59.61 4.65 53.52
CA SER D 239 -60.32 3.39 53.39
C SER D 239 -59.74 2.40 54.40
N SER D 240 -60.55 1.45 54.85
CA SER D 240 -60.06 0.46 55.79
C SER D 240 -59.54 -0.75 55.03
N VAL D 241 -59.86 -0.84 53.75
CA VAL D 241 -59.33 -1.88 52.89
C VAL D 241 -57.83 -1.68 52.61
N THR D 242 -57.34 -0.46 52.82
CA THR D 242 -56.05 -0.06 52.26
C THR D 242 -55.30 1.01 53.04
N ASN D 243 -54.03 0.74 53.33
CA ASN D 243 -53.18 1.72 53.99
C ASN D 243 -53.19 2.98 53.14
N ALA D 244 -53.36 4.13 53.79
CA ALA D 244 -53.38 5.42 53.12
C ALA D 244 -52.13 5.65 52.30
N THR D 245 -52.24 6.42 51.24
CA THR D 245 -51.08 6.77 50.46
C THR D 245 -50.69 8.21 50.76
N SER D 246 -49.50 8.40 51.32
CA SER D 246 -49.00 9.75 51.54
C SER D 246 -48.07 10.10 50.41
N ILE D 247 -48.39 11.13 49.64
CA ILE D 247 -47.46 11.58 48.62
C ILE D 247 -46.35 12.44 49.22
N GLN D 248 -45.09 12.05 49.01
CA GLN D 248 -43.98 12.83 49.54
C GLN D 248 -43.69 13.96 48.59
N ILE D 249 -43.66 15.19 49.09
CA ILE D 249 -43.20 16.36 48.33
C ILE D 249 -41.78 16.71 48.71
N THR D 250 -40.88 16.68 47.74
CA THR D 250 -39.45 16.68 48.01
C THR D 250 -38.88 18.10 47.97
N ALA D 251 -37.88 18.38 48.79
CA ALA D 251 -37.34 19.73 48.89
C ALA D 251 -36.62 20.16 47.61
N PRO D 252 -36.46 21.47 47.40
CA PRO D 252 -35.73 21.90 46.20
C PRO D 252 -34.26 21.47 46.15
N ALA D 253 -33.73 21.42 44.94
CA ALA D 253 -32.37 20.94 44.75
C ALA D 253 -31.37 21.79 45.51
N SER D 254 -31.59 23.10 45.58
CA SER D 254 -30.65 23.95 46.31
C SER D 254 -30.60 23.64 47.81
N MET D 255 -31.59 22.89 48.30
CA MET D 255 -31.61 22.47 49.69
C MET D 255 -31.00 21.09 49.83
N LEU D 256 -31.29 20.20 48.89
CA LEU D 256 -30.79 18.83 48.99
C LEU D 256 -29.27 18.65 49.12
N ILE D 257 -28.50 19.61 48.64
CA ILE D 257 -27.05 19.46 48.64
C ILE D 257 -26.36 19.52 50.02
N GLY D 258 -27.11 19.72 51.10
CA GLY D 258 -26.55 19.92 52.42
C GLY D 258 -27.62 20.06 53.49
N ASP D 259 -27.22 20.26 54.74
CA ASP D 259 -28.17 20.29 55.85
C ASP D 259 -29.18 21.38 55.59
N HIS D 260 -30.47 21.09 55.77
CA HIS D 260 -31.51 22.12 55.60
C HIS D 260 -32.62 21.95 56.65
N TYR D 261 -33.55 22.91 56.69
CA TYR D 261 -34.76 22.80 57.50
C TYR D 261 -36.01 23.17 56.67
N LEU D 262 -37.16 22.66 57.11
CA LEU D 262 -38.45 23.08 56.60
C LEU D 262 -38.96 24.15 57.52
N CYS D 263 -39.08 25.39 57.05
CA CYS D 263 -39.37 26.48 58.00
C CYS D 263 -40.75 27.11 57.88
N ASP D 264 -41.53 26.74 56.87
CA ASP D 264 -42.87 27.31 56.72
C ASP D 264 -43.79 26.46 55.86
N VAL D 265 -45.03 26.30 56.30
CA VAL D 265 -46.02 25.60 55.50
C VAL D 265 -47.30 26.40 55.35
N THR D 266 -47.60 26.87 54.14
CA THR D 266 -48.81 27.67 53.96
C THR D 266 -49.63 27.18 52.78
N TRP D 267 -50.92 26.95 52.98
CA TRP D 267 -51.78 26.55 51.86
C TRP D 267 -52.24 27.78 51.08
N ALA D 268 -52.18 27.69 49.74
CA ALA D 268 -52.60 28.80 48.89
C ALA D 268 -54.06 28.66 48.48
N THR D 269 -54.45 27.52 47.93
CA THR D 269 -55.84 27.28 47.55
C THR D 269 -56.20 25.85 47.93
N GLN D 270 -57.41 25.39 47.62
CA GLN D 270 -57.80 24.02 47.96
C GLN D 270 -56.86 22.97 47.39
N GLU D 271 -56.09 23.35 46.37
CA GLU D 271 -55.23 22.42 45.68
C GLU D 271 -53.86 23.01 45.41
N ARG D 272 -53.49 24.10 46.08
CA ARG D 272 -52.13 24.62 45.92
C ARG D 272 -51.44 24.78 47.27
N ILE D 273 -50.20 24.31 47.39
CA ILE D 273 -49.51 24.42 48.68
C ILE D 273 -48.18 25.13 48.50
N SER D 274 -47.75 25.88 49.51
CA SER D 274 -46.42 26.49 49.46
C SER D 274 -45.57 26.06 50.64
N LEU D 275 -44.33 25.68 50.34
CA LEU D 275 -43.42 25.20 51.35
C LEU D 275 -42.26 26.14 51.37
N GLN D 276 -41.76 26.52 52.53
CA GLN D 276 -40.50 27.29 52.54
C GLN D 276 -39.36 26.49 53.19
N TRP D 277 -38.23 26.41 52.52
CA TRP D 277 -37.09 25.68 53.08
C TRP D 277 -35.97 26.65 53.34
N LEU D 278 -35.12 26.33 54.33
CA LEU D 278 -34.02 27.20 54.74
C LEU D 278 -32.72 26.41 54.88
N ARG D 279 -31.63 26.88 54.29
CA ARG D 279 -30.33 26.19 54.45
C ARG D 279 -29.84 26.28 55.88
N ARG D 280 -29.08 25.28 56.34
CA ARG D 280 -28.60 25.28 57.73
C ARG D 280 -27.80 26.54 58.07
N ILE D 281 -27.07 27.05 57.06
CA ILE D 281 -26.52 28.39 57.11
C ILE D 281 -27.66 29.28 56.74
N GLN D 282 -28.28 29.93 57.70
CA GLN D 282 -29.57 30.60 57.45
C GLN D 282 -29.46 31.91 56.63
N ASN D 283 -28.59 31.84 55.62
CA ASN D 283 -28.33 32.87 54.63
C ASN D 283 -29.30 32.83 53.45
N TYR D 284 -29.99 31.70 53.30
CA TYR D 284 -30.53 31.31 52.00
C TYR D 284 -31.75 30.39 52.14
N SER D 285 -32.90 30.82 51.59
CA SER D 285 -34.12 30.03 51.66
C SER D 285 -34.86 29.99 50.32
N VAL D 286 -35.68 28.96 50.09
CA VAL D 286 -36.44 28.85 48.83
C VAL D 286 -37.89 28.48 49.10
N MET D 287 -38.80 29.21 48.46
CA MET D 287 -40.23 28.87 48.52
C MET D 287 -40.59 28.02 47.30
N ASP D 288 -41.29 26.93 47.53
CA ASP D 288 -41.70 26.00 46.48
C ASP D 288 -43.23 26.05 46.44
N ILE D 289 -43.80 26.10 45.24
CA ILE D 289 -45.25 26.16 45.09
C ILE D 289 -45.79 24.96 44.30
N CYS D 290 -46.54 24.10 44.98
CA CYS D 290 -46.91 22.79 44.44
C CYS D 290 -48.40 22.68 44.18
N ASP D 291 -48.76 22.31 42.94
CA ASP D 291 -50.16 22.14 42.55
C ASP D 291 -50.56 20.67 42.59
N TYR D 292 -51.79 20.40 42.96
CA TYR D 292 -52.28 19.02 42.97
C TYR D 292 -52.71 18.64 41.54
N ASP D 293 -52.46 17.39 41.20
CA ASP D 293 -52.57 16.90 39.83
C ASP D 293 -53.74 15.94 39.79
N GLU D 294 -54.92 16.42 39.42
CA GLU D 294 -56.16 15.64 39.54
C GLU D 294 -56.10 14.24 38.94
N SER D 295 -55.33 14.07 37.87
CA SER D 295 -55.18 12.73 37.27
C SER D 295 -54.21 11.82 38.04
N SER D 296 -52.92 12.19 38.10
CA SER D 296 -51.88 11.31 38.66
C SER D 296 -51.97 11.08 40.17
N GLY D 297 -52.63 12.01 40.86
CA GLY D 297 -52.80 11.95 42.30
C GLY D 297 -51.64 12.52 43.07
N ARG D 298 -50.65 13.05 42.35
CA ARG D 298 -49.45 13.59 43.00
C ARG D 298 -49.42 15.12 43.15
N TRP D 299 -48.24 15.64 43.46
CA TRP D 299 -48.06 17.07 43.64
C TRP D 299 -46.95 17.58 42.75
N ASN D 300 -47.31 18.45 41.81
CA ASN D 300 -46.36 19.06 40.89
C ASN D 300 -45.76 20.40 41.34
N CYS D 301 -44.45 20.44 41.53
CA CYS D 301 -43.79 21.67 41.95
C CYS D 301 -42.92 22.22 40.84
N LEU D 302 -43.48 23.06 39.98
CA LEU D 302 -42.69 23.62 38.89
C LEU D 302 -41.58 24.54 39.39
N VAL D 303 -40.35 24.28 38.97
CA VAL D 303 -39.28 25.27 39.08
C VAL D 303 -39.81 26.55 38.42
N ALA D 304 -39.23 27.70 38.73
CA ALA D 304 -39.72 28.97 38.15
C ALA D 304 -41.10 29.34 38.69
N ARG D 305 -41.62 28.49 39.56
CA ARG D 305 -42.54 28.92 40.59
C ARG D 305 -41.79 29.02 41.93
N GLN D 306 -40.53 28.57 41.94
CA GLN D 306 -39.67 28.69 43.11
C GLN D 306 -39.29 30.13 43.31
N HIS D 307 -39.10 30.53 44.57
CA HIS D 307 -38.72 31.90 44.90
C HIS D 307 -37.60 31.95 45.94
N ILE D 308 -36.42 32.36 45.50
CA ILE D 308 -35.22 32.39 46.33
C ILE D 308 -35.15 33.68 47.17
N GLU D 309 -34.76 33.54 48.43
CA GLU D 309 -34.63 34.65 49.36
C GLU D 309 -33.23 34.57 49.99
N MET D 310 -32.43 35.61 49.83
CA MET D 310 -31.06 35.61 50.35
C MET D 310 -30.84 36.81 51.22
N SER D 311 -29.94 36.68 52.18
CA SER D 311 -29.55 37.79 53.00
C SER D 311 -28.06 37.94 52.78
N THR D 312 -27.61 39.17 52.60
CA THR D 312 -26.21 39.36 52.33
C THR D 312 -25.54 39.85 53.60
N THR D 313 -26.34 40.19 54.61
CA THR D 313 -25.80 40.74 55.85
C THR D 313 -26.26 40.04 57.13
N GLY D 314 -26.83 38.87 57.01
CA GLY D 314 -27.22 38.13 58.19
C GLY D 314 -28.04 36.92 57.82
N TRP D 315 -29.21 36.82 58.45
CA TRP D 315 -30.12 35.70 58.23
C TRP D 315 -31.40 36.16 57.54
N VAL D 316 -32.14 35.19 57.00
CA VAL D 316 -33.43 35.47 56.35
C VAL D 316 -34.55 35.63 57.36
N GLY D 317 -35.26 36.74 57.28
CA GLY D 317 -36.39 36.95 58.18
C GLY D 317 -35.97 37.47 59.53
N ARG D 318 -36.94 37.79 60.37
CA ARG D 318 -36.64 38.24 61.72
C ARG D 318 -36.14 37.05 62.53
N PHE D 319 -36.94 35.98 62.57
CA PHE D 319 -36.48 34.72 63.15
C PHE D 319 -36.43 33.59 62.13
N ARG D 320 -37.48 33.45 61.33
CA ARG D 320 -37.47 32.56 60.18
C ARG D 320 -37.89 33.38 58.99
N PRO D 321 -37.84 32.79 57.78
CA PRO D 321 -38.50 33.51 56.68
C PRO D 321 -39.97 33.75 56.96
N SER D 322 -40.52 34.86 56.47
CA SER D 322 -41.92 35.20 56.71
C SER D 322 -42.89 34.43 55.83
N GLU D 323 -44.11 34.23 56.30
CA GLU D 323 -45.10 33.47 55.55
C GLU D 323 -45.87 34.32 54.53
N PRO D 324 -46.22 33.72 53.40
CA PRO D 324 -46.96 34.43 52.36
C PRO D 324 -48.45 34.37 52.62
N HIS D 325 -49.17 35.39 52.20
CA HIS D 325 -50.61 35.36 52.20
C HIS D 325 -51.04 35.40 50.75
N PHE D 326 -51.65 34.33 50.26
CA PHE D 326 -52.03 34.25 48.86
C PHE D 326 -53.32 35.01 48.58
N THR D 327 -53.51 35.42 47.34
CA THR D 327 -54.80 35.97 46.96
C THR D 327 -55.74 34.78 46.81
N LEU D 328 -56.98 35.04 46.45
CA LEU D 328 -57.97 33.98 46.41
C LEU D 328 -57.66 32.98 45.31
N ASP D 329 -57.18 33.45 44.16
CA ASP D 329 -56.86 32.53 43.08
C ASP D 329 -55.49 31.85 43.25
N GLY D 330 -54.74 32.26 44.26
CA GLY D 330 -53.44 31.66 44.49
C GLY D 330 -52.43 31.88 43.38
N ASN D 331 -52.61 32.89 42.55
CA ASN D 331 -51.61 33.17 41.50
C ASN D 331 -50.72 34.35 41.87
N SER D 332 -51.09 35.07 42.91
CA SER D 332 -50.21 36.10 43.43
C SER D 332 -50.27 36.05 44.95
N PHE D 333 -49.26 36.61 45.62
CA PHE D 333 -49.24 36.59 47.08
C PHE D 333 -48.49 37.75 47.69
N TYR D 334 -48.86 38.14 48.90
CA TYR D 334 -48.17 39.21 49.62
C TYR D 334 -47.28 38.66 50.76
N LYS D 335 -46.10 39.25 50.97
CA LYS D 335 -45.12 38.67 51.89
C LYS D 335 -44.20 39.75 52.46
N ILE D 336 -44.00 39.77 53.78
CA ILE D 336 -43.09 40.77 54.37
C ILE D 336 -41.66 40.43 53.97
N ILE D 337 -40.94 41.44 53.47
CA ILE D 337 -39.59 41.29 52.91
C ILE D 337 -38.77 42.50 53.34
N SER D 338 -37.48 42.36 53.56
CA SER D 338 -36.66 43.51 53.89
C SER D 338 -36.19 44.22 52.62
N ASN D 339 -36.45 45.52 52.49
CA ASN D 339 -36.07 46.27 51.29
C ASN D 339 -34.65 46.83 51.27
N GLU D 340 -34.34 47.60 50.22
CA GLU D 340 -32.99 48.10 49.98
C GLU D 340 -32.44 48.87 51.17
N GLU D 341 -33.30 49.58 51.89
CA GLU D 341 -32.83 50.34 53.05
C GLU D 341 -32.70 49.41 54.26
N GLY D 342 -33.10 48.16 54.08
CA GLY D 342 -33.11 47.21 55.18
C GLY D 342 -34.29 47.32 56.12
N TYR D 343 -35.40 47.89 55.65
CA TYR D 343 -36.61 47.97 56.44
C TYR D 343 -37.63 46.98 55.89
N ARG D 344 -38.34 46.32 56.79
CA ARG D 344 -39.27 45.25 56.42
C ARG D 344 -40.64 45.77 56.02
N HIS D 345 -40.94 45.60 54.73
CA HIS D 345 -42.18 46.05 54.14
C HIS D 345 -42.87 44.99 53.31
N ILE D 346 -44.14 45.24 52.99
CA ILE D 346 -44.97 44.26 52.29
C ILE D 346 -44.63 44.17 50.82
N CYS D 347 -44.39 42.96 50.32
CA CYS D 347 -44.03 42.77 48.93
C CYS D 347 -45.13 41.98 48.21
N TYR D 348 -45.38 42.32 46.94
CA TYR D 348 -46.44 41.69 46.17
C TYR D 348 -45.83 40.91 45.01
N PHE D 349 -46.09 39.59 45.00
CA PHE D 349 -45.41 38.59 44.16
C PHE D 349 -46.38 37.93 43.19
N GLN D 350 -45.86 37.51 42.03
CA GLN D 350 -46.60 36.66 41.11
C GLN D 350 -45.96 35.29 41.22
N ILE D 351 -46.76 34.22 41.26
CA ILE D 351 -46.16 32.92 41.54
C ILE D 351 -45.16 32.48 40.48
N ASP D 352 -45.23 33.05 39.27
CA ASP D 352 -44.26 32.69 38.23
C ASP D 352 -43.22 33.75 37.88
N LYS D 353 -43.28 34.90 38.55
CA LYS D 353 -42.30 35.98 38.33
C LYS D 353 -41.33 36.12 39.51
N LYS D 354 -40.03 36.05 39.22
CA LYS D 354 -38.99 36.21 40.22
C LYS D 354 -39.08 37.54 40.94
N ASP D 355 -39.30 38.63 40.21
CA ASP D 355 -39.35 39.94 40.87
C ASP D 355 -40.68 40.19 41.56
N CYS D 356 -40.64 41.11 42.52
CA CYS D 356 -41.76 41.45 43.38
C CYS D 356 -41.82 42.95 43.48
N THR D 357 -42.99 43.48 43.84
CA THR D 357 -43.15 44.92 43.95
C THR D 357 -43.63 45.37 45.35
N PHE D 358 -42.89 46.29 45.95
CA PHE D 358 -43.19 46.77 47.29
C PHE D 358 -44.42 47.64 47.31
N ILE D 359 -45.31 47.42 48.28
CA ILE D 359 -46.52 48.22 48.37
C ILE D 359 -46.50 49.19 49.55
N THR D 360 -45.46 49.09 50.39
CA THR D 360 -45.21 50.07 51.45
C THR D 360 -43.71 50.38 51.54
N LYS D 361 -43.38 51.59 51.97
CA LYS D 361 -41.98 52.01 52.14
C LYS D 361 -41.87 52.93 53.37
N GLY D 362 -40.66 53.19 53.84
CA GLY D 362 -40.52 54.09 54.97
C GLY D 362 -39.56 53.61 56.03
N THR D 363 -39.12 54.53 56.89
CA THR D 363 -38.21 54.18 57.99
C THR D 363 -39.02 53.80 59.23
N TRP D 364 -39.67 52.65 59.10
CA TRP D 364 -40.54 52.02 60.10
C TRP D 364 -40.78 50.64 59.50
N GLU D 365 -41.41 49.73 60.24
CA GLU D 365 -41.52 48.36 59.71
C GLU D 365 -42.91 47.74 59.80
N VAL D 366 -43.22 46.84 58.86
CA VAL D 366 -44.48 46.10 58.95
C VAL D 366 -44.28 44.95 59.93
N ILE D 367 -45.12 44.92 60.96
CA ILE D 367 -45.00 43.87 61.98
C ILE D 367 -45.58 42.58 61.47
N GLY D 368 -46.84 42.59 61.06
CA GLY D 368 -47.47 41.44 60.46
C GLY D 368 -48.61 41.72 59.50
N ILE D 369 -48.75 40.90 58.47
CA ILE D 369 -49.91 40.96 57.58
C ILE D 369 -51.09 40.26 58.26
N GLU D 370 -52.15 41.01 58.55
CA GLU D 370 -53.24 40.47 59.36
C GLU D 370 -54.45 39.87 58.60
N ALA D 371 -54.82 40.44 57.46
CA ALA D 371 -55.96 39.90 56.72
C ALA D 371 -55.93 40.38 55.28
N LEU D 372 -56.46 39.60 54.35
CA LEU D 372 -56.42 40.01 52.95
C LEU D 372 -57.73 39.78 52.22
N THR D 373 -58.40 40.86 51.83
CA THR D 373 -59.58 40.74 51.01
C THR D 373 -59.23 41.10 49.57
N SER D 374 -60.21 41.14 48.68
CA SER D 374 -59.92 41.47 47.30
C SER D 374 -59.59 42.95 47.15
N ASP D 375 -60.12 43.78 48.05
CA ASP D 375 -60.01 45.23 47.91
C ASP D 375 -58.90 45.82 48.76
N TYR D 376 -58.65 45.18 49.91
CA TYR D 376 -57.79 45.74 50.95
C TYR D 376 -56.88 44.70 51.60
N LEU D 377 -55.67 45.12 52.00
CA LEU D 377 -54.81 44.31 52.85
C LEU D 377 -54.74 45.00 54.21
N TYR D 378 -54.97 44.25 55.27
CA TYR D 378 -54.93 44.75 56.63
C TYR D 378 -53.65 44.30 57.29
N TYR D 379 -52.85 45.25 57.79
CA TYR D 379 -51.56 44.92 58.37
C TYR D 379 -51.23 45.77 59.60
N ILE D 380 -50.34 45.29 60.46
CA ILE D 380 -49.95 46.03 61.66
C ILE D 380 -48.52 46.56 61.52
N SER D 381 -48.29 47.81 61.90
CA SER D 381 -46.93 48.34 61.84
C SER D 381 -46.68 49.38 62.93
N ASN D 382 -45.46 49.88 62.96
CA ASN D 382 -45.07 50.86 63.96
C ASN D 382 -44.75 52.23 63.36
N GLU D 383 -45.48 52.60 62.32
CA GLU D 383 -45.27 53.87 61.61
C GLU D 383 -45.62 55.11 62.44
N TYR D 384 -46.72 55.03 63.15
CA TYR D 384 -47.25 56.12 63.95
C TYR D 384 -46.19 56.78 64.82
N LYS D 385 -46.16 58.11 64.75
CA LYS D 385 -45.24 58.96 65.52
C LYS D 385 -43.82 58.45 65.54
N GLY D 386 -43.43 57.69 64.51
CA GLY D 386 -42.10 57.11 64.44
C GLY D 386 -41.64 56.31 65.65
N MET D 387 -42.57 55.69 66.37
CA MET D 387 -42.21 54.95 67.56
C MET D 387 -42.11 53.45 67.24
N PRO D 388 -40.89 52.86 67.37
CA PRO D 388 -40.72 51.44 67.03
C PRO D 388 -41.42 50.59 68.06
N GLY D 389 -41.75 51.17 69.20
CA GLY D 389 -42.34 50.41 70.28
C GLY D 389 -43.85 50.40 70.29
N GLY D 390 -44.49 51.11 69.36
CA GLY D 390 -45.93 51.11 69.24
C GLY D 390 -46.43 50.15 68.16
N ARG D 391 -47.72 49.86 68.17
CA ARG D 391 -48.33 48.99 67.17
C ARG D 391 -49.68 49.59 66.79
N ASN D 392 -50.00 49.64 65.49
CA ASN D 392 -51.35 50.02 65.04
C ASN D 392 -51.83 49.25 63.81
N LEU D 393 -53.15 49.15 63.67
CA LEU D 393 -53.76 48.49 62.52
C LEU D 393 -53.97 49.45 61.37
N TYR D 394 -53.41 49.10 60.23
CA TYR D 394 -53.55 49.86 58.99
C TYR D 394 -54.25 49.02 57.96
N LYS D 395 -54.90 49.66 56.98
CA LYS D 395 -55.40 48.93 55.81
C LYS D 395 -54.98 49.66 54.54
N ILE D 396 -54.51 48.90 53.55
CA ILE D 396 -53.98 49.52 52.35
C ILE D 396 -54.81 49.13 51.13
N GLN D 397 -55.12 50.10 50.28
CA GLN D 397 -55.99 49.81 49.16
C GLN D 397 -55.22 49.11 48.05
N LEU D 398 -55.72 47.95 47.61
CA LEU D 398 -54.94 47.12 46.70
C LEU D 398 -54.88 47.69 45.30
N SER D 399 -55.79 48.59 44.97
CA SER D 399 -55.72 49.29 43.69
C SER D 399 -54.96 50.62 43.77
N ASP D 400 -54.74 51.15 44.97
CA ASP D 400 -54.01 52.39 45.10
C ASP D 400 -53.15 52.38 46.38
N TYR D 401 -51.88 52.04 46.23
CA TYR D 401 -50.99 51.85 47.36
C TYR D 401 -50.77 53.16 48.14
N THR D 402 -51.28 54.25 47.59
CA THR D 402 -51.18 55.57 48.21
C THR D 402 -52.35 55.77 49.17
N LYS D 403 -53.37 54.93 49.00
CA LYS D 403 -54.60 55.01 49.79
C LYS D 403 -54.52 54.07 50.99
N VAL D 404 -53.67 54.43 51.94
CA VAL D 404 -53.52 53.63 53.15
C VAL D 404 -54.06 54.41 54.32
N THR D 405 -54.96 53.77 55.06
CA THR D 405 -55.71 54.41 56.13
C THR D 405 -55.47 53.70 57.49
N CYS D 406 -55.55 54.46 58.58
CA CYS D 406 -55.17 53.93 59.87
C CYS D 406 -56.34 53.69 60.81
N LEU D 407 -56.69 52.41 60.96
CA LEU D 407 -57.90 52.01 61.68
C LEU D 407 -57.87 52.15 63.20
N SER D 408 -56.71 52.43 63.79
CA SER D 408 -56.60 52.47 65.26
C SER D 408 -55.92 53.69 65.95
N CYS D 409 -55.05 54.43 65.25
CA CYS D 409 -54.35 55.60 65.82
C CYS D 409 -55.23 56.70 66.42
N GLU D 410 -56.44 56.84 65.91
CA GLU D 410 -57.29 57.91 66.40
C GLU D 410 -58.38 57.39 67.34
N LEU D 411 -58.44 56.07 67.49
CA LEU D 411 -59.47 55.48 68.32
C LEU D 411 -59.42 56.04 69.74
N ASN D 412 -58.22 56.18 70.29
CA ASN D 412 -58.09 56.58 71.67
C ASN D 412 -56.69 57.02 72.07
N PRO D 413 -56.11 57.97 71.34
CA PRO D 413 -54.67 58.21 71.23
C PRO D 413 -53.83 58.19 72.51
N GLU D 414 -54.27 58.85 73.58
CA GLU D 414 -53.49 58.90 74.82
C GLU D 414 -53.50 57.57 75.58
N ARG D 415 -54.49 56.72 75.35
CA ARG D 415 -54.59 55.43 76.05
C ARG D 415 -54.09 54.24 75.24
N CYS D 416 -54.25 54.26 73.92
CA CYS D 416 -53.98 53.07 73.14
C CYS D 416 -52.97 53.25 72.04
N GLN D 417 -51.80 52.63 72.20
CA GLN D 417 -50.73 52.75 71.22
C GLN D 417 -50.15 51.37 70.86
N TYR D 418 -50.77 50.32 71.40
CA TYR D 418 -50.34 48.95 71.13
C TYR D 418 -51.52 48.04 70.78
N TYR D 419 -51.79 47.89 69.50
CA TYR D 419 -52.94 47.12 69.08
C TYR D 419 -52.56 45.77 68.46
N SER D 420 -53.39 44.77 68.71
CA SER D 420 -53.37 43.54 67.94
C SER D 420 -54.81 43.28 67.49
N VAL D 421 -54.99 42.51 66.42
CA VAL D 421 -56.32 42.39 65.83
C VAL D 421 -56.71 40.93 65.62
N SER D 422 -57.99 40.62 65.81
CA SER D 422 -58.53 39.34 65.39
C SER D 422 -59.70 39.51 64.44
N PHE D 423 -59.55 39.04 63.21
CA PHE D 423 -60.58 39.20 62.18
C PHE D 423 -61.60 38.06 62.09
N SER D 424 -62.86 38.42 61.85
CA SER D 424 -63.90 37.45 61.52
C SER D 424 -63.54 36.71 60.24
N LYS D 425 -64.34 35.71 59.91
CA LYS D 425 -63.97 34.72 58.89
C LYS D 425 -63.72 35.27 57.49
N GLU D 426 -64.39 36.34 57.09
CA GLU D 426 -64.03 36.99 55.81
C GLU D 426 -63.66 38.46 55.95
N ALA D 427 -63.05 38.78 57.09
CA ALA D 427 -62.70 40.15 57.45
C ALA D 427 -63.91 41.09 57.42
N LYS D 428 -65.08 40.57 57.78
CA LYS D 428 -66.29 41.38 57.91
C LYS D 428 -66.24 42.22 59.20
N TYR D 429 -65.89 41.57 60.29
CA TYR D 429 -65.75 42.23 61.59
C TYR D 429 -64.38 41.91 62.14
N TYR D 430 -63.95 42.74 63.08
CA TYR D 430 -62.70 42.47 63.75
C TYR D 430 -62.75 43.00 65.16
N GLN D 431 -62.01 42.34 66.03
CA GLN D 431 -61.86 42.77 67.40
C GLN D 431 -60.50 43.41 67.51
N LEU D 432 -60.44 44.52 68.25
CA LEU D 432 -59.19 45.21 68.50
C LEU D 432 -58.85 45.01 69.96
N ARG D 433 -57.62 44.55 70.20
CA ARG D 433 -57.04 44.41 71.54
C ARG D 433 -56.02 45.52 71.72
N CYS D 434 -56.21 46.38 72.71
CA CYS D 434 -55.28 47.46 73.06
C CYS D 434 -54.46 47.06 74.28
N SER D 435 -53.13 47.16 74.25
CA SER D 435 -52.33 46.64 75.39
C SER D 435 -51.68 47.68 76.31
N GLY D 436 -51.77 48.95 75.93
CA GLY D 436 -51.11 50.02 76.66
C GLY D 436 -51.08 51.27 75.79
N PRO D 437 -50.61 52.41 76.33
CA PRO D 437 -50.12 52.60 77.70
C PRO D 437 -51.17 52.56 78.83
N GLY D 438 -52.43 52.86 78.54
CA GLY D 438 -53.45 52.79 79.56
C GLY D 438 -53.84 51.35 79.79
N LEU D 439 -54.89 51.10 80.54
CA LEU D 439 -55.36 49.74 80.74
C LEU D 439 -55.89 49.13 79.45
N PRO D 440 -55.65 47.82 79.22
CA PRO D 440 -56.10 47.19 77.99
C PRO D 440 -57.59 47.38 77.70
N LEU D 441 -57.89 47.69 76.45
CA LEU D 441 -59.26 47.94 76.00
C LEU D 441 -59.56 46.99 74.85
N TYR D 442 -60.73 46.36 74.90
CA TYR D 442 -61.11 45.41 73.86
C TYR D 442 -62.40 45.89 73.23
N THR D 443 -62.34 46.15 71.93
CA THR D 443 -63.49 46.63 71.20
C THR D 443 -63.82 45.80 69.95
N LEU D 444 -64.97 46.09 69.37
CA LEU D 444 -65.43 45.39 68.19
C LEU D 444 -65.79 46.38 67.10
N HIS D 445 -65.42 46.03 65.88
CA HIS D 445 -65.61 46.90 64.72
C HIS D 445 -66.10 46.10 63.51
N SER D 446 -66.82 46.75 62.60
CA SER D 446 -67.15 46.15 61.31
C SER D 446 -66.25 46.81 60.28
N SER D 447 -65.73 46.05 59.33
CA SER D 447 -64.71 46.61 58.45
C SER D 447 -65.33 47.24 57.22
N VAL D 448 -66.65 47.10 57.09
CA VAL D 448 -67.39 47.68 55.96
C VAL D 448 -67.21 49.19 55.94
N ASN D 449 -67.52 49.83 57.07
CA ASN D 449 -67.39 51.28 57.19
C ASN D 449 -66.56 51.67 58.42
N ASP D 450 -65.91 50.67 59.02
CA ASP D 450 -64.99 50.82 60.15
C ASP D 450 -65.63 51.30 61.47
N LYS D 451 -66.95 51.16 61.55
CA LYS D 451 -67.72 51.55 62.73
C LYS D 451 -67.49 50.65 63.96
N GLY D 452 -67.34 51.27 65.12
CA GLY D 452 -67.04 50.59 66.36
C GLY D 452 -68.25 50.27 67.22
N LEU D 453 -69.01 49.27 66.79
CA LEU D 453 -70.29 48.88 67.40
C LEU D 453 -70.33 48.69 68.93
N ARG D 454 -69.21 48.27 69.55
CA ARG D 454 -69.28 47.72 70.89
C ARG D 454 -67.97 47.85 71.67
N VAL D 455 -68.05 48.12 72.97
CA VAL D 455 -66.90 47.99 73.85
C VAL D 455 -66.98 46.67 74.60
N LEU D 456 -66.05 45.75 74.30
CA LEU D 456 -66.12 44.42 74.87
C LEU D 456 -65.65 44.40 76.33
N GLU D 457 -64.57 45.11 76.62
CA GLU D 457 -64.05 45.11 78.00
C GLU D 457 -63.07 46.24 78.22
N ASP D 458 -63.25 46.98 79.30
CA ASP D 458 -62.48 48.20 79.52
C ASP D 458 -61.69 48.26 80.82
N ASN D 459 -61.78 47.21 81.64
CA ASN D 459 -61.04 47.18 82.90
C ASN D 459 -61.37 48.37 83.82
N SER D 460 -62.66 48.63 83.99
CA SER D 460 -63.13 49.67 84.90
C SER D 460 -62.86 49.27 86.34
N ALA D 461 -63.12 48.01 86.67
CA ALA D 461 -62.97 47.49 88.03
C ALA D 461 -61.53 47.63 88.49
N LEU D 462 -60.63 47.22 87.60
CA LEU D 462 -59.21 47.37 87.82
C LEU D 462 -58.82 48.82 87.95
N ASP D 463 -59.37 49.68 87.09
CA ASP D 463 -59.05 51.11 87.16
C ASP D 463 -59.41 51.68 88.53
N LYS D 464 -60.60 51.29 88.97
CA LYS D 464 -61.13 51.64 90.29
C LYS D 464 -60.13 51.25 91.35
N MET D 465 -59.76 49.97 91.37
CA MET D 465 -58.76 49.50 92.32
C MET D 465 -57.48 50.32 92.29
N LEU D 466 -56.91 50.54 91.11
CA LEU D 466 -55.63 51.24 91.02
C LEU D 466 -55.67 52.72 91.45
N GLN D 467 -56.87 53.31 91.50
CA GLN D 467 -56.99 54.68 91.99
C GLN D 467 -56.44 54.78 93.41
N ASN D 468 -56.71 53.73 94.19
CA ASN D 468 -56.39 53.70 95.60
C ASN D 468 -55.04 53.02 95.95
N VAL D 469 -54.08 53.09 95.01
CA VAL D 469 -52.70 52.66 95.27
C VAL D 469 -51.69 53.59 94.60
N GLN D 470 -50.54 53.81 95.23
CA GLN D 470 -49.52 54.69 94.66
C GLN D 470 -48.81 54.02 93.49
N MET D 471 -49.36 54.13 92.28
CA MET D 471 -48.77 53.48 91.11
C MET D 471 -47.58 54.25 90.56
N PRO D 472 -46.63 53.53 89.96
CA PRO D 472 -45.48 54.19 89.36
C PRO D 472 -45.87 54.70 87.99
N SER D 473 -45.13 55.66 87.47
CA SER D 473 -45.35 56.17 86.13
C SER D 473 -44.34 55.51 85.19
N LYS D 474 -44.59 55.59 83.88
CA LYS D 474 -43.67 55.01 82.90
C LYS D 474 -43.24 56.08 81.92
N LYS D 475 -41.95 56.20 81.67
CA LYS D 475 -41.46 57.11 80.65
C LYS D 475 -40.92 56.26 79.51
N LEU D 476 -41.22 56.65 78.28
CA LEU D 476 -40.68 55.94 77.12
C LEU D 476 -40.07 56.98 76.18
N ASP D 477 -38.78 56.84 75.90
CA ASP D 477 -38.09 57.91 75.17
C ASP D 477 -36.91 57.31 74.46
N PHE D 478 -36.06 58.14 73.86
CA PHE D 478 -34.88 57.64 73.16
C PHE D 478 -33.65 58.49 73.46
N ILE D 479 -32.46 57.95 73.16
CA ILE D 479 -31.25 58.76 73.17
C ILE D 479 -30.56 58.62 71.83
N ILE D 480 -29.54 59.45 71.57
CA ILE D 480 -28.92 59.47 70.27
C ILE D 480 -27.45 59.13 70.35
N LEU D 481 -27.09 57.97 69.81
CA LEU D 481 -25.69 57.58 69.64
C LEU D 481 -25.41 57.41 68.16
N ASN D 482 -24.29 57.96 67.68
CA ASN D 482 -23.88 57.89 66.28
C ASN D 482 -25.02 58.17 65.33
N GLU D 483 -25.69 59.30 65.53
CA GLU D 483 -26.74 59.74 64.62
C GLU D 483 -27.82 58.68 64.46
N THR D 484 -28.15 57.97 65.54
CA THR D 484 -29.21 56.94 65.50
C THR D 484 -30.00 56.95 66.82
N LYS D 485 -31.31 56.71 66.74
CA LYS D 485 -32.14 56.73 67.94
C LYS D 485 -32.21 55.36 68.59
N PHE D 486 -31.94 55.30 69.89
CA PHE D 486 -32.12 54.08 70.66
C PHE D 486 -33.09 54.32 71.80
N TRP D 487 -34.26 53.68 71.74
CA TRP D 487 -35.31 53.84 72.75
C TRP D 487 -34.97 53.14 74.05
N TYR D 488 -35.53 53.66 75.13
CA TYR D 488 -35.49 53.02 76.44
C TYR D 488 -36.85 53.28 77.09
N GLN D 489 -37.17 52.47 78.10
CA GLN D 489 -38.25 52.81 79.01
C GLN D 489 -37.77 52.84 80.46
N MET D 490 -38.48 53.62 81.29
CA MET D 490 -38.21 53.61 82.73
C MET D 490 -39.49 53.49 83.50
N ILE D 491 -39.46 52.69 84.55
CA ILE D 491 -40.54 52.64 85.51
C ILE D 491 -40.06 53.46 86.68
N LEU D 492 -40.83 54.51 86.97
CA LEU D 492 -40.47 55.56 87.93
C LEU D 492 -41.38 55.49 89.13
N PRO D 493 -40.79 55.51 90.33
CA PRO D 493 -41.56 55.40 91.57
C PRO D 493 -42.56 56.54 91.74
N PRO D 494 -43.63 56.31 92.52
CA PRO D 494 -44.60 57.35 92.83
C PRO D 494 -43.90 58.55 93.43
N HIS D 495 -44.40 59.74 93.14
CA HIS D 495 -43.90 60.97 93.72
C HIS D 495 -42.48 61.24 93.29
N PHE D 496 -42.16 60.73 92.11
CA PHE D 496 -40.81 60.84 91.56
C PHE D 496 -40.22 62.24 91.59
N ASP D 497 -39.27 62.46 92.51
CA ASP D 497 -38.64 63.76 92.69
C ASP D 497 -37.34 63.84 91.87
N LYS D 498 -37.43 64.47 90.70
CA LYS D 498 -36.31 64.58 89.76
C LYS D 498 -34.99 65.03 90.38
N SER D 499 -35.05 65.57 91.59
CA SER D 499 -33.86 66.10 92.26
C SER D 499 -33.12 65.05 93.09
N LYS D 500 -33.86 64.10 93.67
CA LYS D 500 -33.24 63.08 94.51
C LYS D 500 -32.44 62.10 93.64
N LYS D 501 -31.68 61.19 94.25
CA LYS D 501 -30.96 60.19 93.47
C LYS D 501 -31.39 58.77 93.80
N TYR D 502 -32.02 58.13 92.81
CA TYR D 502 -32.65 56.81 92.96
C TYR D 502 -31.71 55.69 92.55
N PRO D 503 -31.81 54.55 93.23
CA PRO D 503 -31.11 53.38 92.70
C PRO D 503 -31.84 52.93 91.43
N LEU D 504 -31.07 52.30 90.54
CA LEU D 504 -31.57 51.88 89.23
C LEU D 504 -31.35 50.38 88.99
N LEU D 505 -32.34 49.71 88.39
CA LEU D 505 -32.21 48.30 88.02
C LEU D 505 -32.43 48.09 86.55
N LEU D 506 -31.38 47.82 85.81
CA LEU D 506 -31.54 47.57 84.38
C LEU D 506 -32.26 46.22 84.17
N ASP D 507 -33.39 46.23 83.46
CA ASP D 507 -34.06 44.98 83.09
C ASP D 507 -33.59 44.65 81.69
N VAL D 508 -32.88 43.55 81.51
CA VAL D 508 -32.22 43.30 80.23
C VAL D 508 -32.66 42.01 79.55
N TYR D 509 -32.82 42.06 78.23
CA TYR D 509 -32.91 40.84 77.43
C TYR D 509 -31.91 40.94 76.27
N ALA D 510 -32.09 41.93 75.41
CA ALA D 510 -31.08 42.31 74.43
C ALA D 510 -30.81 41.28 73.35
N GLY D 511 -31.56 40.19 73.32
CA GLY D 511 -31.34 39.19 72.29
C GLY D 511 -31.70 39.74 70.93
N PRO D 512 -31.16 39.13 69.85
CA PRO D 512 -31.40 39.61 68.49
C PRO D 512 -32.90 39.75 68.16
N CYS D 513 -33.27 40.90 67.61
CA CYS D 513 -34.64 41.24 67.27
C CYS D 513 -35.58 41.36 68.48
N SER D 514 -35.03 41.70 69.62
CA SER D 514 -35.86 41.88 70.80
C SER D 514 -36.29 43.31 70.90
N GLN D 515 -37.14 43.57 71.89
CA GLN D 515 -37.64 44.90 72.12
C GLN D 515 -38.25 45.00 73.50
N LYS D 516 -37.49 45.56 74.43
CA LYS D 516 -37.96 45.75 75.79
C LYS D 516 -38.57 47.14 76.06
N ALA D 517 -38.40 48.07 75.11
CA ALA D 517 -38.97 49.41 75.22
C ALA D 517 -40.23 49.58 74.35
N ASP D 518 -41.39 49.48 74.98
CA ASP D 518 -42.63 49.48 74.23
C ASP D 518 -43.64 50.31 74.98
N THR D 519 -44.87 50.34 74.46
CA THR D 519 -45.95 51.12 75.03
C THR D 519 -46.93 50.24 75.79
N VAL D 520 -46.56 49.00 76.06
CA VAL D 520 -47.45 48.07 76.75
C VAL D 520 -47.59 48.39 78.24
N PHE D 521 -48.81 48.28 78.76
CA PHE D 521 -49.05 48.47 80.19
C PHE D 521 -48.89 47.15 80.92
N ARG D 522 -48.18 47.16 82.03
CA ARG D 522 -47.86 45.94 82.77
C ARG D 522 -47.99 46.10 84.29
N LEU D 523 -48.34 45.00 84.95
CA LEU D 523 -48.35 44.92 86.41
C LEU D 523 -47.42 43.79 86.81
N ASN D 524 -46.20 44.14 87.16
CA ASN D 524 -45.24 43.10 87.47
C ASN D 524 -44.24 43.50 88.54
N TRP D 525 -43.26 42.66 88.81
CA TRP D 525 -42.41 43.00 89.93
C TRP D 525 -41.59 44.29 89.70
N ALA D 526 -41.46 44.78 88.47
CA ALA D 526 -40.88 46.11 88.30
C ALA D 526 -41.85 47.15 88.88
N THR D 527 -43.14 46.87 88.73
CA THR D 527 -44.14 47.69 89.38
C THR D 527 -43.88 47.62 90.88
N TYR D 528 -43.79 46.42 91.45
CA TYR D 528 -43.48 46.35 92.89
C TYR D 528 -42.22 47.13 93.34
N LEU D 529 -41.12 46.95 92.63
CA LEU D 529 -39.88 47.63 92.95
C LEU D 529 -40.03 49.15 92.89
N ALA D 530 -40.71 49.65 91.87
CA ALA D 530 -40.92 51.09 91.76
C ALA D 530 -41.89 51.62 92.82
N SER D 531 -43.07 51.05 92.89
CA SER D 531 -44.08 51.49 93.84
C SER D 531 -43.60 51.43 95.28
N THR D 532 -43.07 50.28 95.69
CA THR D 532 -42.72 50.05 97.10
C THR D 532 -41.25 50.34 97.51
N GLU D 533 -40.30 50.08 96.64
CA GLU D 533 -38.91 50.20 97.08
C GLU D 533 -38.25 51.44 96.53
N ASN D 534 -39.05 52.34 95.98
CA ASN D 534 -38.54 53.54 95.33
C ASN D 534 -37.30 53.28 94.48
N ILE D 535 -37.40 52.31 93.60
CA ILE D 535 -36.27 51.97 92.76
C ILE D 535 -36.67 52.05 91.28
N ILE D 536 -35.87 52.78 90.49
CA ILE D 536 -36.18 52.98 89.07
C ILE D 536 -35.78 51.72 88.33
N VAL D 537 -36.67 51.21 87.49
CA VAL D 537 -36.33 49.99 86.74
C VAL D 537 -36.29 50.34 85.26
N ALA D 538 -35.22 50.00 84.56
CA ALA D 538 -35.07 50.48 83.18
C ALA D 538 -34.75 49.39 82.17
N SER D 539 -35.28 49.53 80.95
CA SER D 539 -34.88 48.68 79.83
C SER D 539 -34.43 49.53 78.66
N PHE D 540 -33.54 49.00 77.82
CA PHE D 540 -32.98 49.76 76.72
C PHE D 540 -32.80 48.82 75.53
N ASP D 541 -33.15 49.27 74.33
CA ASP D 541 -32.99 48.44 73.13
C ASP D 541 -31.82 48.92 72.29
N GLY D 542 -30.66 48.30 72.45
CA GLY D 542 -29.49 48.78 71.75
C GLY D 542 -29.32 48.09 70.42
N ARG D 543 -28.07 47.87 70.04
CA ARG D 543 -27.81 47.23 68.77
C ARG D 543 -28.32 45.80 68.71
N GLY D 544 -28.67 45.38 67.50
CA GLY D 544 -29.28 44.08 67.29
C GLY D 544 -30.68 43.96 67.87
N SER D 545 -31.49 44.99 67.79
CA SER D 545 -32.86 44.87 68.28
C SER D 545 -33.87 45.05 67.18
N GLY D 546 -35.11 44.75 67.51
CA GLY D 546 -36.11 44.55 66.49
C GLY D 546 -36.82 45.79 66.00
N TYR D 547 -37.42 45.64 64.82
CA TYR D 547 -38.46 46.53 64.37
C TYR D 547 -37.95 47.91 64.05
N GLN D 548 -36.65 48.03 63.78
CA GLN D 548 -36.08 49.31 63.41
C GLN D 548 -35.21 49.18 62.19
N GLY D 549 -35.40 48.12 61.43
CA GLY D 549 -34.55 47.90 60.29
C GLY D 549 -33.27 47.13 60.58
N ASP D 550 -32.66 46.66 59.50
CA ASP D 550 -31.55 45.73 59.57
C ASP D 550 -30.23 46.38 59.89
N LYS D 551 -30.12 47.69 59.70
CA LYS D 551 -28.91 48.38 60.11
C LYS D 551 -28.72 48.12 61.61
N ILE D 552 -29.75 48.40 62.39
CA ILE D 552 -29.72 48.05 63.81
C ILE D 552 -29.77 46.54 64.07
N MET D 553 -30.69 45.82 63.43
CA MET D 553 -30.86 44.40 63.79
C MET D 553 -29.66 43.51 63.47
N HIS D 554 -29.09 43.65 62.28
CA HIS D 554 -27.99 42.80 61.85
C HIS D 554 -26.64 43.27 62.41
N ALA D 555 -26.67 44.38 63.16
CA ALA D 555 -25.45 44.93 63.78
C ALA D 555 -24.62 43.92 64.54
N ILE D 556 -25.27 42.91 65.15
CA ILE D 556 -24.57 41.90 65.94
C ILE D 556 -24.32 40.59 65.20
N ASN D 557 -24.55 40.59 63.89
CA ASN D 557 -24.35 39.39 63.08
C ASN D 557 -22.97 38.77 63.27
N ARG D 558 -22.96 37.45 63.44
CA ARG D 558 -21.75 36.67 63.68
C ARG D 558 -20.99 37.02 64.94
N ARG D 559 -21.52 37.92 65.77
CA ARG D 559 -20.76 38.36 66.95
C ARG D 559 -21.58 38.70 68.20
N LEU D 560 -22.32 37.71 68.71
CA LEU D 560 -23.08 37.87 69.95
C LEU D 560 -22.14 38.17 71.12
N GLY D 561 -22.66 38.80 72.15
CA GLY D 561 -21.89 39.07 73.35
C GLY D 561 -20.86 40.16 73.13
N THR D 562 -21.12 41.00 72.13
CA THR D 562 -20.32 42.19 71.89
C THR D 562 -21.17 43.45 71.96
N PHE D 563 -21.61 43.93 70.80
CA PHE D 563 -22.32 45.20 70.72
C PHE D 563 -23.48 45.38 71.71
N GLU D 564 -24.32 44.36 71.89
CA GLU D 564 -25.49 44.52 72.77
C GLU D 564 -25.10 44.65 74.26
N VAL D 565 -24.03 43.97 74.64
CA VAL D 565 -23.47 44.10 75.98
C VAL D 565 -22.94 45.52 76.18
N GLU D 566 -22.09 45.94 75.23
CA GLU D 566 -21.49 47.28 75.26
C GLU D 566 -22.61 48.30 75.43
N ASP D 567 -23.64 48.17 74.61
CA ASP D 567 -24.73 49.12 74.62
C ASP D 567 -25.54 49.13 75.92
N GLN D 568 -25.74 47.97 76.53
CA GLN D 568 -26.43 47.98 77.82
C GLN D 568 -25.60 48.76 78.88
N ILE D 569 -24.28 48.59 78.84
CA ILE D 569 -23.42 49.40 79.70
C ILE D 569 -23.58 50.89 79.38
N GLU D 570 -23.43 51.23 78.10
CA GLU D 570 -23.56 52.61 77.63
C GLU D 570 -24.85 53.24 78.10
N ALA D 571 -25.92 52.45 78.15
CA ALA D 571 -27.21 52.95 78.62
C ALA D 571 -27.22 53.20 80.12
N ALA D 572 -26.53 52.37 80.89
CA ALA D 572 -26.40 52.74 82.30
C ALA D 572 -25.64 54.06 82.48
N ARG D 573 -24.56 54.25 81.73
CA ARG D 573 -23.87 55.54 81.76
C ARG D 573 -24.81 56.69 81.42
N GLN D 574 -25.42 56.62 80.23
CA GLN D 574 -26.36 57.62 79.77
C GLN D 574 -27.45 57.92 80.80
N PHE D 575 -27.92 56.88 81.49
CA PHE D 575 -28.89 57.06 82.58
C PHE D 575 -28.28 57.84 83.74
N SER D 576 -27.00 57.60 84.04
CA SER D 576 -26.29 58.37 85.08
C SER D 576 -26.29 59.86 84.75
N LYS D 577 -25.93 60.16 83.50
CA LYS D 577 -25.83 61.54 83.04
C LYS D 577 -27.11 62.32 83.27
N MET D 578 -28.25 61.62 83.35
CA MET D 578 -29.53 62.30 83.55
C MET D 578 -29.66 62.89 84.97
N GLY D 579 -28.85 62.41 85.90
CA GLY D 579 -28.72 63.07 87.20
C GLY D 579 -29.71 62.74 88.31
N PHE D 580 -30.66 61.84 88.08
CA PHE D 580 -31.49 61.37 89.19
C PHE D 580 -31.19 59.91 89.57
N VAL D 581 -30.04 59.43 89.12
CA VAL D 581 -29.63 58.07 89.38
C VAL D 581 -28.46 58.11 90.33
N ASP D 582 -28.56 57.37 91.42
CA ASP D 582 -27.45 57.23 92.36
C ASP D 582 -26.45 56.22 91.82
N ASN D 583 -25.41 56.69 91.14
CA ASN D 583 -24.53 55.76 90.45
C ASN D 583 -23.69 54.80 91.32
N LYS D 584 -23.84 54.89 92.64
CA LYS D 584 -23.27 53.86 93.53
C LYS D 584 -24.30 52.74 93.77
N ARG D 585 -25.29 52.65 92.89
CA ARG D 585 -26.39 51.72 93.09
C ARG D 585 -27.15 51.38 91.80
N ILE D 586 -26.45 50.76 90.85
CA ILE D 586 -27.11 50.24 89.66
C ILE D 586 -26.96 48.73 89.62
N ALA D 587 -28.09 48.04 89.69
CA ALA D 587 -28.08 46.60 89.49
C ALA D 587 -28.40 46.29 88.03
N ILE D 588 -28.29 45.02 87.64
CA ILE D 588 -28.72 44.59 86.31
C ILE D 588 -29.19 43.16 86.43
N TRP D 589 -30.24 42.81 85.72
CA TRP D 589 -30.79 41.47 85.84
C TRP D 589 -31.45 41.04 84.54
N GLY D 590 -31.55 39.75 84.33
CA GLY D 590 -32.09 39.25 83.08
C GLY D 590 -32.16 37.75 83.11
N TRP D 591 -33.11 37.21 82.34
CA TRP D 591 -33.38 35.77 82.28
C TRP D 591 -33.06 35.31 80.86
N SER D 592 -32.61 34.08 80.70
CA SER D 592 -32.15 33.56 79.40
C SER D 592 -31.04 34.37 78.68
N TYR D 593 -31.28 34.84 77.45
CA TYR D 593 -30.31 35.71 76.79
C TYR D 593 -30.00 36.91 77.68
N GLY D 594 -31.00 37.40 78.39
CA GLY D 594 -30.77 38.48 79.33
C GLY D 594 -29.86 38.11 80.49
N GLY D 595 -29.89 36.83 80.87
CA GLY D 595 -28.96 36.31 81.86
C GLY D 595 -27.55 36.25 81.32
N TYR D 596 -27.46 35.90 80.03
CA TYR D 596 -26.18 35.92 79.33
C TYR D 596 -25.60 37.32 79.30
N VAL D 597 -26.44 38.31 78.98
CA VAL D 597 -25.97 39.67 78.86
C VAL D 597 -25.65 40.23 80.23
N THR D 598 -26.45 39.87 81.22
CA THR D 598 -26.18 40.31 82.60
C THR D 598 -24.81 39.83 83.02
N SER D 599 -24.59 38.53 82.87
CA SER D 599 -23.30 37.94 83.17
C SER D 599 -22.16 38.61 82.41
N MET D 600 -22.32 38.77 81.10
CA MET D 600 -21.26 39.41 80.31
C MET D 600 -20.96 40.81 80.82
N VAL D 601 -21.97 41.53 81.28
CA VAL D 601 -21.78 42.89 81.79
C VAL D 601 -21.04 42.87 83.13
N LEU D 602 -21.49 42.02 84.04
CA LEU D 602 -20.86 41.93 85.33
C LEU D 602 -19.39 41.54 85.18
N GLY D 603 -19.08 40.69 84.20
CA GLY D 603 -17.71 40.32 83.95
C GLY D 603 -16.92 41.27 83.05
N SER D 604 -17.52 42.39 82.68
CA SER D 604 -16.85 43.33 81.76
C SER D 604 -15.76 44.15 82.43
N GLY D 605 -15.83 44.30 83.75
CA GLY D 605 -14.92 45.16 84.47
C GLY D 605 -15.27 46.64 84.46
N SER D 606 -16.34 46.99 83.73
CA SER D 606 -16.78 48.37 83.57
C SER D 606 -16.84 49.19 84.85
N GLY D 607 -17.04 48.53 85.98
CA GLY D 607 -17.17 49.23 87.24
C GLY D 607 -18.42 50.09 87.36
N VAL D 608 -19.35 49.95 86.42
CA VAL D 608 -20.61 50.70 86.46
C VAL D 608 -21.64 50.05 87.38
N PHE D 609 -21.58 48.72 87.52
CA PHE D 609 -22.66 47.98 88.18
C PHE D 609 -22.21 47.40 89.48
N LYS D 610 -23.06 47.47 90.49
CA LYS D 610 -22.75 47.01 91.84
C LYS D 610 -23.11 45.54 91.99
N CYS D 611 -24.16 45.11 91.30
CA CYS D 611 -24.61 43.74 91.42
C CYS D 611 -25.54 43.32 90.30
N GLY D 612 -25.71 42.01 90.11
CA GLY D 612 -26.64 41.49 89.13
C GLY D 612 -27.25 40.16 89.50
N ILE D 613 -28.39 39.84 88.88
CA ILE D 613 -29.00 38.52 89.01
C ILE D 613 -29.11 37.93 87.63
N ALA D 614 -28.63 36.70 87.45
CA ALA D 614 -28.75 36.04 86.16
C ALA D 614 -29.59 34.78 86.31
N VAL D 615 -30.79 34.77 85.72
CA VAL D 615 -31.64 33.58 85.78
C VAL D 615 -31.55 32.77 84.50
N ALA D 616 -31.29 31.48 84.60
CA ALA D 616 -31.11 30.61 83.44
C ALA D 616 -30.30 31.21 82.28
N PRO D 617 -29.05 31.60 82.53
CA PRO D 617 -28.31 32.28 81.48
C PRO D 617 -27.66 31.33 80.49
N VAL D 618 -27.61 31.69 79.22
CA VAL D 618 -26.66 31.07 78.31
C VAL D 618 -25.26 31.52 78.80
N SER D 619 -24.29 30.61 78.79
CA SER D 619 -22.93 30.98 79.23
C SER D 619 -21.90 30.84 78.12
N ARG D 620 -22.24 30.04 77.12
CA ARG D 620 -21.31 29.70 76.07
C ARG D 620 -22.10 29.15 74.89
N TRP D 621 -21.98 29.77 73.73
CA TRP D 621 -22.89 29.44 72.63
C TRP D 621 -22.78 28.00 72.11
N GLU D 622 -21.66 27.32 72.32
CA GLU D 622 -21.59 25.92 71.90
C GLU D 622 -22.46 25.03 72.77
N TYR D 623 -23.01 25.60 73.86
CA TYR D 623 -23.94 24.87 74.71
C TYR D 623 -25.40 24.99 74.22
N TYR D 624 -25.75 26.14 73.65
CA TYR D 624 -27.11 26.34 73.16
C TYR D 624 -27.43 25.58 71.87
N ASP D 625 -28.68 25.62 71.42
CA ASP D 625 -29.09 24.83 70.26
C ASP D 625 -28.63 25.37 68.89
N SER D 626 -28.57 24.45 67.95
CA SER D 626 -28.06 24.73 66.61
C SER D 626 -28.88 25.79 65.85
N VAL D 627 -30.19 25.62 65.79
CA VAL D 627 -31.02 26.48 64.96
C VAL D 627 -30.91 27.97 65.36
N TYR D 628 -31.26 28.26 66.60
CA TYR D 628 -31.11 29.60 67.14
C TYR D 628 -29.67 30.07 67.04
N THR D 629 -28.73 29.30 67.56
CA THR D 629 -27.38 29.84 67.71
C THR D 629 -26.72 30.09 66.37
N GLU D 630 -26.86 29.15 65.45
CA GLU D 630 -26.18 29.25 64.18
C GLU D 630 -26.82 30.30 63.33
N ARG D 631 -28.11 30.58 63.58
CA ARG D 631 -28.71 31.71 62.87
C ARG D 631 -27.86 32.97 63.03
N TYR D 632 -27.33 33.19 64.22
CA TYR D 632 -26.58 34.39 64.49
C TYR D 632 -25.07 34.19 64.45
N MET D 633 -24.61 32.95 64.49
CA MET D 633 -23.17 32.70 64.64
C MET D 633 -22.51 31.77 63.60
N GLY D 634 -23.27 31.14 62.72
CA GLY D 634 -22.66 30.15 61.84
C GLY D 634 -22.17 28.96 62.66
N LEU D 635 -21.32 28.12 62.07
CA LEU D 635 -20.77 26.96 62.79
C LEU D 635 -19.56 27.30 63.65
N PRO D 636 -19.36 26.56 64.76
CA PRO D 636 -18.22 26.82 65.65
C PRO D 636 -16.97 26.06 65.22
N THR D 637 -16.79 25.84 63.93
CA THR D 637 -15.56 25.28 63.40
C THR D 637 -14.60 26.43 63.06
N PRO D 638 -13.28 26.15 62.95
CA PRO D 638 -12.38 27.25 62.62
C PRO D 638 -12.41 27.68 61.15
N GLU D 639 -13.11 26.94 60.30
CA GLU D 639 -13.31 27.40 58.91
C GLU D 639 -14.39 28.49 58.87
N ASP D 640 -15.16 28.58 59.96
CA ASP D 640 -16.32 29.45 59.99
C ASP D 640 -16.16 30.58 61.01
N ASN D 641 -16.63 30.38 62.24
CA ASN D 641 -16.69 31.47 63.23
C ASN D 641 -16.25 31.05 64.66
N LEU D 642 -15.47 29.98 64.72
CA LEU D 642 -15.03 29.46 66.00
C LEU D 642 -14.41 30.54 66.88
N ASP D 643 -13.66 31.46 66.29
CA ASP D 643 -13.02 32.51 67.08
C ASP D 643 -14.03 33.33 67.87
N HIS D 644 -15.07 33.79 67.20
CA HIS D 644 -16.10 34.56 67.90
C HIS D 644 -16.91 33.70 68.86
N TYR D 645 -17.05 32.39 68.59
CA TYR D 645 -17.68 31.52 69.60
C TYR D 645 -16.89 31.55 70.89
N ARG D 646 -15.59 31.32 70.78
CA ARG D 646 -14.77 31.13 71.97
C ARG D 646 -14.45 32.43 72.69
N ASN D 647 -14.42 33.54 71.96
CA ASN D 647 -14.12 34.83 72.53
C ASN D 647 -15.24 35.33 73.44
N SER D 648 -16.44 34.77 73.26
CA SER D 648 -17.66 35.37 73.81
C SER D 648 -18.34 34.64 74.98
N THR D 649 -17.56 33.99 75.83
CA THR D 649 -18.14 33.17 76.88
C THR D 649 -18.14 33.88 78.22
N VAL D 650 -19.11 33.56 79.07
CA VAL D 650 -19.15 34.16 80.39
C VAL D 650 -17.94 33.74 81.21
N MET D 651 -17.58 32.46 81.14
CA MET D 651 -16.60 31.91 82.08
C MET D 651 -15.22 32.56 81.98
N SER D 652 -14.83 32.92 80.75
CA SER D 652 -13.59 33.64 80.53
C SER D 652 -13.51 35.03 81.17
N ARG D 653 -14.64 35.56 81.64
CA ARG D 653 -14.62 36.83 82.40
C ARG D 653 -14.65 36.66 83.92
N ALA D 654 -14.47 35.42 84.39
CA ALA D 654 -14.65 35.10 85.81
C ALA D 654 -13.93 36.06 86.76
N GLU D 655 -12.66 36.33 86.49
CA GLU D 655 -11.87 37.25 87.32
C GLU D 655 -12.61 38.53 87.67
N ASN D 656 -13.23 39.15 86.66
CA ASN D 656 -13.83 40.47 86.85
C ASN D 656 -14.97 40.47 87.84
N PHE D 657 -15.54 39.30 88.05
CA PHE D 657 -16.65 39.19 88.98
C PHE D 657 -16.24 39.57 90.40
N LYS D 658 -14.93 39.59 90.66
CA LYS D 658 -14.46 39.93 92.00
C LYS D 658 -14.91 41.34 92.41
N GLN D 659 -15.33 42.13 91.42
CA GLN D 659 -15.78 43.50 91.69
C GLN D 659 -17.29 43.66 91.90
N VAL D 660 -18.06 42.58 91.80
CA VAL D 660 -19.53 42.70 91.83
C VAL D 660 -20.23 41.66 92.70
N GLU D 661 -21.43 41.97 93.19
CA GLU D 661 -22.24 40.96 93.84
C GLU D 661 -23.09 40.23 92.78
N TYR D 662 -23.16 38.91 92.85
CA TYR D 662 -23.75 38.14 91.76
C TYR D 662 -24.70 37.11 92.30
N LEU D 663 -25.93 37.05 91.79
CA LEU D 663 -26.84 35.98 92.15
C LEU D 663 -27.14 35.13 90.92
N LEU D 664 -26.91 33.82 91.00
CA LEU D 664 -27.07 32.94 89.84
C LEU D 664 -28.17 31.92 90.09
N ILE D 665 -29.18 31.88 89.22
CA ILE D 665 -30.35 31.04 89.47
C ILE D 665 -30.71 30.20 88.25
N HIS D 666 -31.00 28.93 88.48
CA HIS D 666 -31.27 28.01 87.38
C HIS D 666 -32.16 26.87 87.85
N GLY D 667 -33.12 26.47 87.02
CA GLY D 667 -33.95 25.31 87.33
C GLY D 667 -33.22 24.04 86.94
N THR D 668 -33.41 22.98 87.70
CA THR D 668 -32.61 21.79 87.45
C THR D 668 -33.04 21.04 86.20
N ALA D 669 -34.27 21.28 85.75
CA ALA D 669 -34.92 20.52 84.67
C ALA D 669 -35.16 21.37 83.44
N ASP D 670 -34.34 22.40 83.26
CA ASP D 670 -34.42 23.27 82.11
C ASP D 670 -33.93 22.56 80.86
N ASP D 671 -34.84 22.10 80.02
CA ASP D 671 -34.48 21.46 78.75
C ASP D 671 -34.05 22.47 77.67
N ASN D 672 -34.16 23.76 77.96
CA ASN D 672 -33.88 24.80 76.97
C ASN D 672 -32.44 25.29 77.05
N VAL D 673 -32.18 26.08 78.09
CA VAL D 673 -30.84 26.47 78.48
C VAL D 673 -30.48 25.56 79.63
N HIS D 674 -29.59 24.60 79.38
CA HIS D 674 -29.33 23.54 80.34
C HIS D 674 -28.66 24.04 81.61
N PHE D 675 -28.88 23.31 82.70
CA PHE D 675 -28.28 23.65 83.97
C PHE D 675 -26.79 23.72 83.76
N GLN D 676 -26.30 22.87 82.84
CA GLN D 676 -24.92 22.87 82.37
C GLN D 676 -24.30 24.26 82.26
N GLN D 677 -25.01 25.20 81.64
CA GLN D 677 -24.46 26.52 81.39
C GLN D 677 -24.10 27.24 82.69
N SER D 678 -24.98 27.12 83.68
CA SER D 678 -24.72 27.75 84.97
C SER D 678 -23.71 26.95 85.78
N ALA D 679 -23.74 25.64 85.63
CA ALA D 679 -22.79 24.75 86.31
C ALA D 679 -21.39 25.17 85.91
N GLN D 680 -21.24 25.46 84.62
CA GLN D 680 -19.99 25.96 84.11
C GLN D 680 -19.66 27.36 84.63
N ILE D 681 -20.67 28.23 84.75
CA ILE D 681 -20.38 29.55 85.33
C ILE D 681 -19.83 29.47 86.75
N SER D 682 -20.57 28.81 87.63
CA SER D 682 -20.19 28.69 89.02
C SER D 682 -18.87 27.95 89.14
N LYS D 683 -18.62 27.01 88.23
CA LYS D 683 -17.34 26.35 88.29
C LYS D 683 -16.18 27.33 88.02
N ALA D 684 -16.22 28.07 86.91
CA ALA D 684 -15.18 29.08 86.66
C ALA D 684 -15.01 30.10 87.82
N LEU D 685 -16.14 30.57 88.36
CA LEU D 685 -16.06 31.49 89.48
C LEU D 685 -15.36 30.88 90.70
N VAL D 686 -15.68 29.64 91.04
CA VAL D 686 -14.99 28.96 92.14
C VAL D 686 -13.51 28.90 91.82
N ASP D 687 -13.21 28.54 90.58
CA ASP D 687 -11.83 28.34 90.18
C ASP D 687 -11.00 29.60 90.21
N VAL D 688 -11.61 30.77 90.29
CA VAL D 688 -10.78 31.95 90.54
C VAL D 688 -11.06 32.64 91.88
N GLY D 689 -11.71 31.94 92.79
CA GLY D 689 -11.89 32.43 94.14
C GLY D 689 -12.88 33.57 94.32
N VAL D 690 -13.83 33.71 93.40
CA VAL D 690 -14.86 34.74 93.51
C VAL D 690 -16.01 34.23 94.36
N ASP D 691 -16.52 35.05 95.28
CA ASP D 691 -17.72 34.65 96.01
C ASP D 691 -18.94 35.10 95.23
N PHE D 692 -20.04 34.35 95.38
CA PHE D 692 -21.29 34.73 94.74
C PHE D 692 -22.45 34.03 95.41
N GLN D 693 -23.67 34.47 95.09
CA GLN D 693 -24.87 33.82 95.60
C GLN D 693 -25.40 32.90 94.51
N ALA D 694 -26.04 31.81 94.90
CA ALA D 694 -26.59 30.93 93.90
C ALA D 694 -27.89 30.36 94.42
N MET D 695 -28.67 29.78 93.51
CA MET D 695 -29.92 29.13 93.89
C MET D 695 -30.35 28.17 92.76
N TRP D 696 -30.51 26.90 93.09
CA TRP D 696 -31.09 25.95 92.14
C TRP D 696 -32.58 25.86 92.45
N TYR D 697 -33.38 25.50 91.46
CA TYR D 697 -34.78 25.18 91.72
C TYR D 697 -35.03 23.76 91.26
N THR D 698 -35.28 22.88 92.21
CA THR D 698 -35.43 21.47 91.90
C THR D 698 -36.61 21.25 91.00
N ASP D 699 -36.37 20.66 89.83
CA ASP D 699 -37.44 20.21 88.92
C ASP D 699 -38.14 21.29 88.11
N GLU D 700 -37.66 22.52 88.15
CA GLU D 700 -38.27 23.58 87.36
C GLU D 700 -37.71 23.62 85.94
N ASP D 701 -38.48 24.10 84.97
CA ASP D 701 -37.95 24.24 83.63
C ASP D 701 -37.53 25.69 83.38
N HIS D 702 -37.38 26.04 82.11
CA HIS D 702 -36.84 27.34 81.72
C HIS D 702 -37.74 28.46 82.22
N GLY D 703 -39.00 28.13 82.42
CA GLY D 703 -39.95 29.13 82.87
C GLY D 703 -39.97 29.39 84.36
N ILE D 704 -39.44 28.46 85.16
CA ILE D 704 -39.57 28.49 86.61
C ILE D 704 -40.98 28.98 86.95
N ALA D 705 -41.95 28.42 86.25
CA ALA D 705 -43.29 29.00 86.17
C ALA D 705 -44.29 28.43 87.16
N SER D 706 -43.97 27.30 87.78
CA SER D 706 -44.88 26.72 88.77
C SER D 706 -45.10 27.71 89.90
N SER D 707 -46.31 27.69 90.45
CA SER D 707 -46.73 28.69 91.43
C SER D 707 -45.74 28.96 92.59
N THR D 708 -45.53 27.95 93.43
CA THR D 708 -44.62 28.06 94.56
C THR D 708 -43.21 28.51 94.18
N ALA D 709 -42.70 27.93 93.11
CA ALA D 709 -41.35 28.24 92.65
C ALA D 709 -41.24 29.68 92.19
N HIS D 710 -42.32 30.19 91.60
CA HIS D 710 -42.36 31.54 91.05
C HIS D 710 -42.38 32.60 92.16
N GLN D 711 -43.22 32.39 93.17
CA GLN D 711 -43.19 33.32 94.28
C GLN D 711 -41.87 33.23 95.07
N GLU D 712 -41.30 32.02 95.11
CA GLU D 712 -40.04 31.82 95.78
C GLU D 712 -38.91 32.56 95.10
N ILE D 713 -38.80 32.40 93.78
CA ILE D 713 -37.72 33.08 93.05
C ILE D 713 -37.84 34.60 93.13
N TYR D 714 -39.07 35.12 93.04
CA TYR D 714 -39.16 36.57 93.13
C TYR D 714 -38.89 37.07 94.55
N THR D 715 -39.33 36.33 95.56
CA THR D 715 -38.99 36.72 96.91
C THR D 715 -37.46 36.74 97.13
N HIS D 716 -36.79 35.68 96.69
CA HIS D 716 -35.34 35.62 96.84
C HIS D 716 -34.65 36.78 96.13
N MET D 717 -35.12 37.10 94.92
CA MET D 717 -34.49 38.19 94.17
C MET D 717 -34.77 39.53 94.80
N SER D 718 -35.94 39.64 95.43
CA SER D 718 -36.30 40.84 96.15
C SER D 718 -35.31 41.06 97.28
N HIS D 719 -35.11 40.02 98.10
CA HIS D 719 -34.16 40.13 99.22
C HIS D 719 -32.76 40.51 98.73
N PHE D 720 -32.26 39.81 97.72
CA PHE D 720 -30.97 40.18 97.13
C PHE D 720 -30.90 41.65 96.68
N ILE D 721 -31.94 42.16 96.01
CA ILE D 721 -31.94 43.55 95.58
C ILE D 721 -31.96 44.56 96.75
N LYS D 722 -33.00 44.46 97.58
CA LYS D 722 -33.11 45.28 98.78
C LYS D 722 -31.82 45.27 99.61
N GLN D 723 -31.14 44.13 99.67
CA GLN D 723 -29.90 44.05 100.44
C GLN D 723 -28.77 44.79 99.73
N CYS D 724 -28.69 44.58 98.41
CA CYS D 724 -27.59 45.13 97.63
C CYS D 724 -27.67 46.66 97.54
N PHE D 725 -28.86 47.19 97.75
CA PHE D 725 -29.08 48.64 97.69
C PHE D 725 -29.08 49.24 99.09
N SER D 726 -28.82 48.37 100.08
CA SER D 726 -28.90 48.70 101.51
C SER D 726 -30.16 49.50 101.85
N LEU D 727 -31.30 48.99 101.37
CA LEU D 727 -32.61 49.54 101.69
C LEU D 727 -33.34 48.66 102.72
N PRO D 728 -34.19 49.26 103.57
CA PRO D 728 -34.92 48.57 104.66
C PRO D 728 -35.76 47.36 104.22
N SER E 1 56.67 72.49 75.07
CA SER E 1 57.83 73.30 75.47
C SER E 1 59.17 72.54 75.48
N ARG E 2 59.15 71.33 74.91
CA ARG E 2 60.36 70.55 74.68
C ARG E 2 61.08 71.03 73.39
N LYS E 3 61.94 70.16 72.85
CA LYS E 3 62.63 70.44 71.59
C LYS E 3 61.76 69.96 70.44
N THR E 4 62.03 70.47 69.24
CA THR E 4 61.21 70.17 68.06
C THR E 4 61.74 68.98 67.26
N TYR E 5 60.92 68.52 66.32
CA TYR E 5 61.36 67.52 65.35
C TYR E 5 62.18 68.21 64.28
N THR E 6 63.47 67.91 64.23
CA THR E 6 64.36 68.67 63.37
C THR E 6 64.72 67.94 62.07
N LEU E 7 65.22 68.71 61.11
CA LEU E 7 65.65 68.16 59.85
C LEU E 7 66.66 67.07 60.13
N THR E 8 67.58 67.32 61.07
CA THR E 8 68.57 66.31 61.43
C THR E 8 67.88 65.08 61.98
N ASP E 9 66.82 65.29 62.75
CA ASP E 9 66.05 64.14 63.26
C ASP E 9 65.62 63.30 62.07
N TYR E 10 64.92 63.92 61.12
CA TYR E 10 64.47 63.22 59.92
C TYR E 10 65.57 62.49 59.13
N LEU E 11 66.68 63.17 58.86
CA LEU E 11 67.70 62.59 58.00
C LEU E 11 68.55 61.55 58.72
N LYS E 12 68.84 61.78 60.00
CA LYS E 12 69.71 60.89 60.76
C LYS E 12 68.91 59.74 61.37
N ASN E 13 67.58 59.79 61.20
CA ASN E 13 66.67 58.75 61.64
C ASN E 13 66.58 58.54 63.15
N THR E 14 66.65 59.62 63.92
CA THR E 14 66.84 59.48 65.35
C THR E 14 65.62 58.91 66.04
N TYR E 15 64.43 59.09 65.48
CA TYR E 15 63.22 58.50 66.07
C TYR E 15 62.66 57.41 65.15
N ARG E 16 62.97 56.15 65.42
CA ARG E 16 62.63 55.09 64.45
C ARG E 16 61.41 54.24 64.79
N LEU E 17 60.58 53.98 63.79
CA LEU E 17 59.43 53.09 63.92
C LEU E 17 59.87 51.63 63.93
N LYS E 18 59.46 50.87 64.95
CA LYS E 18 59.72 49.45 64.94
C LYS E 18 58.65 48.73 64.10
N LEU E 19 59.05 47.63 63.48
CA LEU E 19 58.15 46.81 62.71
C LEU E 19 58.12 45.44 63.34
N TYR E 20 57.43 44.53 62.67
CA TYR E 20 57.43 43.12 63.04
C TYR E 20 57.01 42.37 61.80
N SER E 21 57.98 41.96 60.99
CA SER E 21 57.67 41.23 59.77
C SER E 21 57.86 39.74 60.00
N LEU E 22 56.83 38.95 59.76
CA LEU E 22 57.02 37.51 59.90
C LEU E 22 56.87 36.81 58.58
N ARG E 23 57.16 35.52 58.56
CA ARG E 23 56.89 34.72 57.37
C ARG E 23 56.19 33.43 57.76
N TRP E 24 54.94 33.26 57.35
CA TRP E 24 54.27 32.00 57.66
C TRP E 24 54.93 30.89 56.88
N ILE E 25 55.10 29.75 57.53
CA ILE E 25 55.74 28.60 56.89
C ILE E 25 54.81 27.41 57.00
N SER E 26 53.74 27.56 57.77
CA SER E 26 52.70 26.54 57.84
C SER E 26 51.37 27.16 58.26
N ASP E 27 50.44 26.34 58.75
CA ASP E 27 49.09 26.82 59.08
C ASP E 27 49.05 27.48 60.44
N HIS E 28 50.13 27.36 61.20
CA HIS E 28 50.15 27.79 62.60
C HIS E 28 51.57 28.17 63.07
N GLU E 29 52.48 28.33 62.14
CA GLU E 29 53.86 28.63 62.49
C GLU E 29 54.43 29.70 61.56
N TYR E 30 55.18 30.64 62.14
CA TYR E 30 55.85 31.65 61.33
C TYR E 30 57.29 31.89 61.78
N LEU E 31 58.07 32.60 60.97
CA LEU E 31 59.47 32.93 61.29
C LEU E 31 59.65 34.41 61.60
N TYR E 32 60.36 34.73 62.69
CA TYR E 32 60.81 36.12 62.94
C TYR E 32 62.31 36.20 63.15
N LYS E 33 62.87 37.40 63.02
CA LYS E 33 64.32 37.61 63.11
C LYS E 33 64.74 38.34 64.40
N GLN E 34 64.36 37.81 65.56
CA GLN E 34 64.66 38.47 66.85
C GLN E 34 66.14 38.44 67.26
N GLU E 35 66.76 39.61 67.33
CA GLU E 35 68.20 39.77 67.64
C GLU E 35 69.15 39.09 66.64
N ASN E 36 68.79 39.19 65.35
CA ASN E 36 69.54 38.60 64.24
C ASN E 36 69.58 37.07 64.16
N ASN E 37 68.88 36.39 65.07
CA ASN E 37 68.65 34.95 64.94
C ASN E 37 67.30 34.76 64.27
N ILE E 38 67.16 33.70 63.47
CA ILE E 38 65.82 33.35 62.99
C ILE E 38 65.16 32.36 63.94
N LEU E 39 64.02 32.76 64.48
CA LEU E 39 63.22 31.93 65.35
C LEU E 39 61.91 31.51 64.69
N VAL E 40 61.42 30.33 65.04
CA VAL E 40 60.10 29.88 64.60
C VAL E 40 59.11 29.89 65.77
N PHE E 41 58.02 30.67 65.62
CA PHE E 41 57.01 30.81 66.68
C PHE E 41 55.79 29.93 66.36
N ASN E 42 55.15 29.39 67.40
CA ASN E 42 53.97 28.54 67.24
C ASN E 42 52.71 29.23 67.76
N ALA E 43 51.89 29.74 66.83
CA ALA E 43 50.72 30.58 67.16
C ALA E 43 49.64 29.86 67.97
N GLU E 44 49.48 28.57 67.71
CA GLU E 44 48.46 27.75 68.39
C GLU E 44 48.52 27.87 69.92
N TYR E 45 49.74 28.01 70.43
CA TYR E 45 49.97 28.25 71.85
C TYR E 45 50.78 29.53 71.98
N GLY E 46 52.03 29.40 72.43
CA GLY E 46 52.87 30.56 72.56
C GLY E 46 54.32 30.29 72.20
N ASN E 47 54.73 29.03 72.26
CA ASN E 47 56.16 28.68 72.25
C ASN E 47 56.98 29.20 71.08
N SER E 48 58.28 29.22 71.29
CA SER E 48 59.20 29.77 70.30
C SER E 48 60.54 29.01 70.47
N SER E 49 61.18 28.67 69.36
CA SER E 49 62.37 27.84 69.41
C SER E 49 63.30 28.17 68.25
N VAL E 50 64.60 28.27 68.52
CA VAL E 50 65.56 28.78 67.52
C VAL E 50 65.67 27.90 66.27
N PHE E 51 65.51 28.54 65.12
CA PHE E 51 65.59 27.85 63.83
C PHE E 51 66.96 28.03 63.22
N LEU E 52 67.60 29.16 63.48
CA LEU E 52 68.93 29.41 62.93
C LEU E 52 69.67 30.50 63.68
N GLU E 53 70.80 30.16 64.28
CA GLU E 53 71.55 31.09 65.10
C GLU E 53 72.34 32.10 64.25
N ASN E 54 72.39 33.33 64.74
CA ASN E 54 73.09 34.41 64.03
C ASN E 54 74.54 34.05 63.72
N SER E 55 75.12 33.19 64.56
CA SER E 55 76.51 32.78 64.40
C SER E 55 76.75 31.86 63.20
N THR E 56 75.70 31.17 62.75
CA THR E 56 75.81 30.22 61.63
C THR E 56 76.66 30.74 60.47
N PHE E 57 76.50 32.01 60.12
CA PHE E 57 77.24 32.56 58.98
C PHE E 57 78.26 33.64 59.35
N ASP E 58 78.86 33.46 60.51
CA ASP E 58 80.04 34.21 60.91
C ASP E 58 81.22 33.79 60.03
N GLU E 59 81.14 32.57 59.48
CA GLU E 59 82.26 31.94 58.78
C GLU E 59 82.18 32.10 57.26
N PHE E 60 81.09 32.70 56.80
CA PHE E 60 80.84 32.82 55.38
C PHE E 60 81.92 33.61 54.62
N GLY E 61 82.44 34.66 55.25
CA GLY E 61 83.40 35.53 54.62
C GLY E 61 82.81 36.25 53.42
N HIS E 62 81.64 36.86 53.62
CA HIS E 62 80.92 37.60 52.58
C HIS E 62 79.87 38.44 53.28
N SER E 63 79.71 39.68 52.85
CA SER E 63 78.61 40.47 53.37
C SER E 63 77.33 39.86 52.79
N ILE E 64 76.37 39.52 53.66
CA ILE E 64 75.19 38.79 53.21
C ILE E 64 73.96 39.70 52.99
N ASN E 65 73.68 39.96 51.72
CA ASN E 65 72.64 40.92 51.37
C ASN E 65 71.25 40.41 51.70
N ASP E 66 71.00 39.13 51.49
CA ASP E 66 69.65 38.63 51.71
C ASP E 66 69.69 37.12 51.86
N TYR E 67 68.65 36.53 52.45
CA TYR E 67 68.58 35.09 52.60
C TYR E 67 67.18 34.68 52.23
N SER E 68 66.95 33.39 52.01
CA SER E 68 65.61 32.84 51.85
C SER E 68 65.58 31.35 52.15
N ILE E 69 64.82 30.97 53.17
CA ILE E 69 64.72 29.58 53.61
C ILE E 69 63.67 28.83 52.79
N SER E 70 63.97 27.61 52.35
CA SER E 70 63.05 26.88 51.48
C SER E 70 61.78 26.50 52.23
N PRO E 71 60.68 26.25 51.51
CA PRO E 71 59.40 26.00 52.16
C PRO E 71 59.44 24.88 53.19
N ASP E 72 60.26 23.88 52.95
CA ASP E 72 60.33 22.74 53.86
C ASP E 72 61.43 22.88 54.91
N GLY E 73 62.03 24.07 54.98
CA GLY E 73 63.03 24.37 55.99
C GLY E 73 64.32 23.56 55.88
N GLN E 74 64.47 22.77 54.81
CA GLN E 74 65.65 21.93 54.62
C GLN E 74 66.88 22.69 54.13
N PHE E 75 66.67 23.71 53.30
CA PHE E 75 67.78 24.45 52.71
C PHE E 75 67.62 25.96 52.88
N ILE E 76 68.72 26.68 52.96
CA ILE E 76 68.66 28.13 52.98
C ILE E 76 69.52 28.74 51.87
N LEU E 77 68.94 29.70 51.15
CA LEU E 77 69.62 30.35 50.03
C LEU E 77 70.25 31.63 50.54
N LEU E 78 71.51 31.85 50.17
CA LEU E 78 72.27 33.02 50.66
C LEU E 78 72.67 33.94 49.52
N GLU E 79 72.13 35.14 49.52
CA GLU E 79 72.38 36.13 48.50
C GLU E 79 73.44 37.12 48.95
N TYR E 80 74.54 37.16 48.19
CA TYR E 80 75.62 38.12 48.44
C TYR E 80 76.08 38.74 47.11
N ASN E 81 76.95 39.75 47.18
CA ASN E 81 77.41 40.48 45.98
C ASN E 81 76.30 41.14 45.14
N TYR E 82 75.25 41.61 45.82
CA TYR E 82 74.17 42.34 45.17
C TYR E 82 74.74 43.55 44.42
N VAL E 83 74.41 43.70 43.15
CA VAL E 83 74.81 44.86 42.34
C VAL E 83 73.59 45.39 41.59
N LYS E 84 73.15 46.61 41.88
CA LYS E 84 71.81 47.05 41.45
C LYS E 84 71.65 47.27 39.94
N GLN E 85 70.41 47.03 39.47
CA GLN E 85 70.02 47.07 38.05
C GLN E 85 68.99 48.19 37.73
N TRP E 86 67.76 48.06 38.25
CA TRP E 86 66.68 49.05 38.05
C TRP E 86 65.90 49.36 39.37
N ARG E 87 64.63 48.95 39.45
CA ARG E 87 63.86 49.00 40.70
C ARG E 87 63.04 47.73 40.85
N HIS E 88 63.37 46.92 41.87
CA HIS E 88 62.96 45.50 42.04
C HIS E 88 64.04 44.50 41.52
N SER E 89 65.05 44.99 40.78
CA SER E 89 66.01 44.13 40.03
C SER E 89 67.51 44.32 40.33
N TYR E 90 68.33 43.31 39.96
CA TYR E 90 69.79 43.34 40.21
C TYR E 90 70.61 42.21 39.53
N THR E 91 71.82 42.00 40.06
CA THR E 91 72.64 40.83 39.76
C THR E 91 73.26 40.38 41.09
N ALA E 92 73.38 39.08 41.33
CA ALA E 92 74.08 38.63 42.53
C ALA E 92 74.77 37.28 42.45
N SER E 93 75.42 36.94 43.56
CA SER E 93 76.03 35.65 43.77
C SER E 93 75.19 34.91 44.79
N TYR E 94 75.05 33.59 44.60
CA TYR E 94 74.24 32.78 45.51
C TYR E 94 74.96 31.54 45.99
N ASP E 95 74.81 31.25 47.28
CA ASP E 95 75.28 30.00 47.87
C ASP E 95 74.11 29.31 48.56
N ILE E 96 74.06 27.98 48.49
CA ILE E 96 73.02 27.23 49.19
C ILE E 96 73.61 26.48 50.38
N TYR E 97 72.97 26.62 51.55
CA TYR E 97 73.43 25.95 52.77
C TYR E 97 72.46 24.82 53.18
N ASP E 98 72.95 23.58 53.21
CA ASP E 98 72.16 22.42 53.66
C ASP E 98 72.01 22.43 55.19
N LEU E 99 70.79 22.62 55.68
CA LEU E 99 70.55 22.78 57.10
C LEU E 99 70.74 21.50 57.91
N ASN E 100 70.35 20.36 57.33
CA ASN E 100 70.65 19.06 57.93
C ASN E 100 72.17 18.88 58.01
N LYS E 101 72.81 18.71 56.86
CA LYS E 101 74.26 18.51 56.79
C LYS E 101 75.07 19.62 57.47
N ARG E 102 74.42 20.72 57.84
CA ARG E 102 75.11 21.92 58.36
C ARG E 102 76.34 22.32 57.56
N GLN E 103 76.22 22.31 56.23
CA GLN E 103 77.34 22.43 55.31
C GLN E 103 76.93 23.33 54.15
N LEU E 104 77.90 24.02 53.55
CA LEU E 104 77.64 24.79 52.34
C LEU E 104 77.70 23.82 51.19
N ILE E 105 76.79 23.94 50.24
CA ILE E 105 76.82 23.10 49.05
C ILE E 105 77.81 23.69 48.06
N THR E 106 78.84 22.92 47.70
CA THR E 106 79.95 23.48 46.92
C THR E 106 80.02 22.97 45.49
N GLU E 107 79.43 21.81 45.24
CA GLU E 107 79.34 21.24 43.90
C GLU E 107 78.15 21.89 43.16
N GLU E 108 78.30 22.18 41.86
CA GLU E 108 77.23 22.73 41.02
C GLU E 108 76.52 24.01 41.50
N ARG E 109 77.28 25.05 41.83
CA ARG E 109 76.71 26.25 42.43
C ARG E 109 75.91 27.08 41.44
N ILE E 110 75.11 27.99 41.97
CA ILE E 110 74.39 28.92 41.12
C ILE E 110 75.38 29.96 40.59
N PRO E 111 75.45 30.12 39.25
CA PRO E 111 76.45 30.98 38.64
C PRO E 111 76.43 32.41 39.18
N ASN E 112 77.61 33.02 39.21
CA ASN E 112 77.71 34.44 39.53
C ASN E 112 76.85 35.24 38.54
N ASN E 113 76.44 36.44 38.95
CA ASN E 113 75.71 37.33 38.06
C ASN E 113 74.35 36.77 37.68
N THR E 114 73.69 36.15 38.64
CA THR E 114 72.37 35.61 38.43
C THR E 114 71.37 36.74 38.59
N GLN E 115 70.39 36.76 37.71
CA GLN E 115 69.35 37.77 37.72
C GLN E 115 68.21 37.55 38.73
N TRP E 116 67.82 36.30 38.94
CA TRP E 116 66.72 36.02 39.85
C TRP E 116 66.69 34.57 40.31
N VAL E 117 66.17 34.30 41.51
CA VAL E 117 66.03 32.95 42.06
C VAL E 117 64.73 32.83 42.87
N THR E 118 63.95 31.77 42.65
CA THR E 118 62.77 31.43 43.46
C THR E 118 62.86 29.98 43.88
N TRP E 119 62.47 29.69 45.11
CA TRP E 119 62.15 28.32 45.49
C TRP E 119 60.82 27.95 44.88
N SER E 120 60.61 26.67 44.61
CA SER E 120 59.27 26.17 44.36
C SER E 120 58.44 26.44 45.62
N PRO E 121 57.12 26.48 45.50
CA PRO E 121 56.39 26.85 46.71
C PRO E 121 56.25 25.74 47.78
N VAL E 122 56.69 24.51 47.51
CA VAL E 122 56.60 23.50 48.58
C VAL E 122 57.83 22.60 48.81
N GLY E 123 58.62 22.34 47.80
CA GLY E 123 59.71 21.42 48.05
C GLY E 123 60.97 22.14 48.47
N HIS E 124 62.04 21.86 47.75
CA HIS E 124 63.23 22.69 47.74
C HIS E 124 63.72 22.77 46.30
N LYS E 125 62.80 22.81 45.35
CA LYS E 125 63.17 23.09 43.97
C LYS E 125 63.63 24.56 43.78
N LEU E 126 64.40 24.81 42.72
CA LEU E 126 65.00 26.11 42.43
C LEU E 126 64.77 26.46 40.98
N ALA E 127 64.28 27.67 40.73
CA ALA E 127 64.31 28.22 39.38
C ALA E 127 65.11 29.49 39.44
N TYR E 128 66.10 29.64 38.57
CA TYR E 128 66.86 30.87 38.53
C TYR E 128 67.07 31.35 37.11
N VAL E 129 67.34 32.63 36.93
CA VAL E 129 67.55 33.17 35.61
C VAL E 129 68.96 33.70 35.52
N TRP E 130 69.67 33.35 34.45
CA TRP E 130 71.07 33.71 34.30
C TRP E 130 71.34 33.92 32.82
N ASN E 131 71.81 35.11 32.47
CA ASN E 131 71.89 35.55 31.08
C ASN E 131 70.55 35.39 30.39
N ASN E 132 69.48 35.76 31.10
CA ASN E 132 68.16 35.78 30.49
C ASN E 132 67.61 34.42 30.07
N ASP E 133 68.22 33.35 30.56
CA ASP E 133 67.68 32.01 30.35
C ASP E 133 67.27 31.39 31.67
N ILE E 134 66.23 30.55 31.63
CA ILE E 134 65.72 29.91 32.84
C ILE E 134 66.47 28.59 33.12
N TYR E 135 66.79 28.36 34.38
CA TYR E 135 67.44 27.14 34.81
C TYR E 135 66.71 26.57 36.01
N VAL E 136 66.44 25.27 35.99
CA VAL E 136 65.82 24.60 37.15
C VAL E 136 66.74 23.57 37.84
N LYS E 137 66.87 23.70 39.16
CA LYS E 137 67.50 22.70 40.00
C LYS E 137 66.42 21.93 40.74
N ILE E 138 66.38 20.61 40.59
CA ILE E 138 65.46 19.81 41.39
C ILE E 138 66.10 19.51 42.75
N GLU E 139 67.18 18.76 42.77
CA GLU E 139 67.92 18.66 44.02
C GLU E 139 69.02 19.72 43.99
N PRO E 140 69.18 20.45 45.11
CA PRO E 140 70.04 21.62 45.13
C PRO E 140 71.48 21.35 44.70
N ASN E 141 71.96 20.11 44.77
CA ASN E 141 73.39 19.85 44.56
C ASN E 141 73.71 19.08 43.29
N LEU E 142 72.77 19.04 42.35
CA LEU E 142 72.99 18.36 41.07
C LEU E 142 72.81 19.37 39.95
N PRO E 143 73.41 19.10 38.78
CA PRO E 143 73.33 19.97 37.61
C PRO E 143 71.96 20.59 37.33
N SER E 144 71.93 21.89 37.09
CA SER E 144 70.70 22.58 36.75
C SER E 144 70.23 22.10 35.38
N TYR E 145 68.94 22.16 35.11
CA TYR E 145 68.43 21.88 33.76
C TYR E 145 68.16 23.20 33.06
N ARG E 146 68.68 23.36 31.87
CA ARG E 146 68.45 24.59 31.16
C ARG E 146 67.09 24.54 30.49
N ILE E 147 66.23 25.50 30.79
CA ILE E 147 64.89 25.49 30.23
C ILE E 147 64.80 26.20 28.87
N THR E 148 65.48 27.33 28.74
CA THR E 148 65.48 28.10 27.50
C THR E 148 66.91 28.34 26.98
N TRP E 149 67.06 28.39 25.65
CA TRP E 149 68.37 28.61 25.02
C TRP E 149 68.34 29.87 24.17
N THR E 150 67.42 30.76 24.49
CA THR E 150 67.01 31.72 23.51
C THR E 150 67.27 33.14 24.01
N GLY E 151 67.56 33.24 25.30
CA GLY E 151 67.82 34.52 25.94
C GLY E 151 69.00 35.26 25.37
N LYS E 152 68.91 36.58 25.34
CA LYS E 152 69.92 37.44 24.75
C LYS E 152 69.80 38.83 25.34
N GLU E 153 70.91 39.38 25.83
CA GLU E 153 70.89 40.64 26.56
C GLU E 153 70.18 41.77 25.83
N ASP E 154 69.29 42.45 26.55
CA ASP E 154 68.50 43.56 26.01
C ASP E 154 67.58 43.21 24.84
N ILE E 155 67.50 41.94 24.47
CA ILE E 155 66.60 41.54 23.39
C ILE E 155 65.54 40.52 23.81
N ILE E 156 65.98 39.37 24.24
CA ILE E 156 65.04 38.34 24.62
C ILE E 156 65.19 38.12 26.10
N TYR E 157 64.06 38.12 26.80
CA TYR E 157 64.04 37.94 28.25
C TYR E 157 63.19 36.74 28.62
N ASN E 158 63.83 35.67 29.08
CA ASN E 158 63.07 34.51 29.53
C ASN E 158 62.97 34.46 31.03
N GLY E 159 61.76 34.66 31.57
CA GLY E 159 61.55 34.43 32.98
C GLY E 159 61.85 35.64 33.83
N ILE E 160 62.41 36.68 33.22
CA ILE E 160 62.50 37.97 33.86
C ILE E 160 61.86 39.02 32.96
N THR E 161 61.58 40.19 33.52
CA THR E 161 60.84 41.21 32.80
C THR E 161 61.77 42.23 32.18
N ASP E 162 61.34 42.85 31.09
CA ASP E 162 62.07 43.98 30.52
C ASP E 162 61.67 45.24 31.29
N TRP E 163 62.23 46.39 30.94
CA TRP E 163 62.00 47.62 31.72
C TRP E 163 60.53 47.92 31.93
N VAL E 164 59.76 47.98 30.84
CA VAL E 164 58.38 48.43 30.94
C VAL E 164 57.44 47.44 31.64
N TYR E 165 57.62 46.14 31.42
CA TYR E 165 56.83 45.16 32.13
C TYR E 165 57.14 45.21 33.61
N GLU E 166 58.43 45.24 33.94
CA GLU E 166 58.84 45.41 35.32
C GLU E 166 58.21 46.63 36.01
N GLU E 167 58.32 47.80 35.40
CA GLU E 167 57.87 49.03 36.05
C GLU E 167 56.37 49.22 36.04
N GLU E 168 55.70 48.76 34.99
CA GLU E 168 54.33 49.20 34.77
C GLU E 168 53.31 48.10 34.69
N VAL E 169 53.73 46.85 34.70
CA VAL E 169 52.76 45.77 34.59
C VAL E 169 52.85 44.82 35.77
N PHE E 170 53.97 44.13 35.91
CA PHE E 170 54.11 43.17 37.00
C PHE E 170 54.65 43.73 38.30
N SER E 171 55.26 44.90 38.27
CA SER E 171 55.89 45.43 39.47
C SER E 171 56.88 44.45 40.10
N ALA E 172 57.61 43.71 39.25
CA ALA E 172 58.61 42.75 39.71
C ALA E 172 59.64 42.43 38.62
N TYR E 173 60.79 41.90 39.01
CA TYR E 173 61.78 41.49 38.02
C TYR E 173 61.43 40.07 37.54
N SER E 174 60.75 39.33 38.39
CA SER E 174 60.46 37.94 38.09
C SER E 174 59.30 37.84 37.11
N ALA E 175 59.37 36.83 36.25
CA ALA E 175 58.29 36.52 35.34
C ALA E 175 58.30 35.01 35.26
N LEU E 176 58.37 34.41 36.46
CA LEU E 176 58.20 32.99 36.67
C LEU E 176 56.99 32.84 37.55
N TRP E 177 56.25 31.75 37.39
CA TRP E 177 55.14 31.43 38.29
C TRP E 177 55.02 29.93 38.47
N TRP E 178 55.46 29.44 39.62
CA TRP E 178 55.29 28.03 39.94
C TRP E 178 53.82 27.68 40.17
N SER E 179 53.44 26.46 39.82
CA SER E 179 52.13 25.95 40.19
C SER E 179 52.21 25.60 41.68
N PRO E 180 51.06 25.50 42.36
CA PRO E 180 51.01 25.32 43.81
C PRO E 180 51.95 24.28 44.42
N ASN E 181 52.11 23.11 43.80
CA ASN E 181 53.02 22.11 44.36
C ASN E 181 54.35 22.03 43.60
N GLY E 182 54.62 23.04 42.78
CA GLY E 182 55.88 23.12 42.10
C GLY E 182 56.02 22.15 40.93
N THR E 183 54.96 21.49 40.53
CA THR E 183 55.07 20.60 39.38
C THR E 183 55.36 21.38 38.10
N PHE E 184 54.53 22.39 37.83
CA PHE E 184 54.72 23.20 36.65
C PHE E 184 55.46 24.49 36.98
N LEU E 185 56.21 25.01 36.00
CA LEU E 185 56.81 26.32 36.10
C LEU E 185 56.37 27.08 34.87
N ALA E 186 55.52 28.07 35.06
CA ALA E 186 55.06 28.93 33.96
C ALA E 186 55.95 30.16 33.80
N TYR E 187 56.25 30.54 32.57
CA TYR E 187 57.13 31.68 32.39
C TYR E 187 56.76 32.53 31.20
N ALA E 188 57.25 33.77 31.22
CA ALA E 188 56.99 34.66 30.10
C ALA E 188 58.26 34.94 29.34
N GLN E 189 58.13 35.22 28.06
CA GLN E 189 59.26 35.61 27.26
C GLN E 189 58.99 36.95 26.59
N PHE E 190 59.84 37.91 26.88
CA PHE E 190 59.68 39.24 26.29
C PHE E 190 60.68 39.48 25.15
N ASN E 191 60.23 40.19 24.12
CA ASN E 191 61.04 40.46 22.94
C ASN E 191 61.17 41.96 22.71
N ASP E 192 62.33 42.53 22.99
CA ASP E 192 62.53 43.97 22.81
C ASP E 192 63.19 44.33 21.50
N THR E 193 63.25 43.37 20.57
CA THR E 193 63.99 43.56 19.32
C THR E 193 63.75 44.91 18.64
N GLU E 194 62.50 45.27 18.42
CA GLU E 194 62.22 46.54 17.77
C GLU E 194 61.98 47.74 18.71
N VAL E 195 62.17 47.55 20.01
CA VAL E 195 61.97 48.64 20.97
C VAL E 195 63.17 49.57 21.02
N PRO E 196 62.95 50.88 20.79
CA PRO E 196 63.95 51.93 20.81
C PRO E 196 64.75 51.99 22.11
N LEU E 197 66.03 52.35 22.03
CA LEU E 197 66.85 52.49 23.22
C LEU E 197 66.79 53.91 23.77
N ILE E 198 66.62 54.03 25.08
CA ILE E 198 66.97 55.26 25.78
C ILE E 198 68.46 55.18 26.19
N GLU E 199 69.21 56.24 26.00
CA GLU E 199 70.62 56.21 26.30
C GLU E 199 70.93 57.38 27.23
N TYR E 200 71.86 57.20 28.15
CA TYR E 200 72.21 58.28 29.05
C TYR E 200 73.57 58.00 29.69
N SER E 201 74.21 59.02 30.23
CA SER E 201 75.57 58.84 30.75
C SER E 201 75.56 58.33 32.18
N PHE E 202 76.48 57.43 32.49
CA PHE E 202 76.79 57.07 33.89
C PHE E 202 78.27 57.41 34.22
N TYR E 203 78.49 58.30 35.19
CA TYR E 203 79.84 58.81 35.40
C TYR E 203 80.67 57.94 36.34
N SER E 204 79.97 57.31 37.29
CA SER E 204 80.60 56.39 38.23
C SER E 204 81.67 57.03 39.11
N ASP E 205 82.57 56.18 39.58
CA ASP E 205 83.65 56.62 40.43
C ASP E 205 84.58 57.63 39.72
N GLU E 206 85.11 58.57 40.49
CA GLU E 206 86.04 59.59 40.02
C GLU E 206 87.16 59.03 39.15
N SER E 207 87.49 57.75 39.30
CA SER E 207 88.59 57.18 38.54
C SER E 207 88.21 56.64 37.16
N LEU E 208 86.92 56.46 36.89
CA LEU E 208 86.52 56.02 35.55
C LEU E 208 86.80 57.15 34.62
N GLN E 209 87.59 56.92 33.59
CA GLN E 209 88.04 58.02 32.73
C GLN E 209 86.98 58.45 31.69
N TYR E 210 86.41 57.48 30.99
CA TYR E 210 85.36 57.77 30.03
C TYR E 210 84.02 57.34 30.58
N PRO E 211 83.02 58.25 30.62
CA PRO E 211 81.73 57.85 31.19
C PRO E 211 81.11 56.66 30.46
N LYS E 212 80.28 55.88 31.15
CA LYS E 212 79.60 54.70 30.60
C LYS E 212 78.29 55.19 30.00
N THR E 213 77.97 54.77 28.79
CA THR E 213 76.65 55.07 28.23
C THR E 213 75.71 53.92 28.48
N VAL E 214 74.70 54.14 29.28
CA VAL E 214 73.75 53.11 29.62
C VAL E 214 72.65 53.08 28.57
N ARG E 215 72.34 51.89 28.04
CA ARG E 215 71.30 51.74 27.04
C ARG E 215 70.17 50.83 27.53
N VAL E 216 68.95 51.33 27.48
CA VAL E 216 67.81 50.56 27.95
C VAL E 216 66.68 50.56 26.94
N PRO E 217 66.21 49.37 26.54
CA PRO E 217 65.01 49.36 25.71
C PRO E 217 63.87 49.93 26.53
N TYR E 218 63.23 50.98 26.04
CA TYR E 218 62.19 51.70 26.75
C TYR E 218 61.22 52.28 25.73
N PRO E 219 59.97 51.78 25.72
CA PRO E 219 59.03 52.34 24.75
C PRO E 219 58.39 53.65 25.25
N LYS E 220 58.49 54.74 24.49
CA LYS E 220 57.78 55.96 24.86
C LYS E 220 56.40 55.94 24.21
N ALA E 221 55.49 56.79 24.68
CA ALA E 221 54.13 56.80 24.18
C ALA E 221 54.04 56.73 22.66
N GLY E 222 53.44 55.69 22.11
CA GLY E 222 53.32 55.54 20.67
C GLY E 222 54.41 54.71 20.00
N ALA E 223 55.57 54.62 20.63
CA ALA E 223 56.71 53.89 20.07
C ALA E 223 56.42 52.39 19.98
N VAL E 224 57.31 51.64 19.34
CA VAL E 224 57.14 50.19 19.21
C VAL E 224 57.30 49.51 20.58
N ASN E 225 56.34 48.65 20.93
CA ASN E 225 56.32 47.96 22.22
C ASN E 225 56.99 46.58 22.19
N PRO E 226 57.35 46.03 23.36
CA PRO E 226 57.88 44.67 23.33
C PRO E 226 56.74 43.70 23.06
N THR E 227 57.09 42.50 22.62
CA THR E 227 56.08 41.48 22.45
C THR E 227 56.25 40.42 23.53
N VAL E 228 55.18 39.67 23.81
CA VAL E 228 55.21 38.68 24.88
C VAL E 228 54.72 37.32 24.41
N LYS E 229 55.38 36.26 24.86
CA LYS E 229 54.86 34.92 24.63
C LYS E 229 54.84 34.15 25.95
N PHE E 230 53.92 33.21 26.11
CA PHE E 230 53.78 32.53 27.40
C PHE E 230 54.01 31.01 27.31
N PHE E 231 54.73 30.46 28.29
CA PHE E 231 55.09 29.04 28.27
C PHE E 231 54.83 28.37 29.61
N VAL E 232 54.70 27.05 29.60
CA VAL E 232 54.65 26.27 30.82
C VAL E 232 55.52 25.04 30.66
N VAL E 233 56.37 24.76 31.63
CA VAL E 233 57.20 23.57 31.56
C VAL E 233 56.85 22.68 32.73
N ASN E 234 56.87 21.36 32.49
CA ASN E 234 56.61 20.38 33.53
C ASN E 234 57.95 20.01 34.15
N THR E 235 58.18 20.44 35.38
CA THR E 235 59.50 20.27 35.96
C THR E 235 59.74 18.88 36.52
N ASP E 236 58.68 18.08 36.67
CA ASP E 236 58.87 16.74 37.19
C ASP E 236 59.47 15.80 36.14
N SER E 237 59.11 16.01 34.87
CA SER E 237 59.66 15.21 33.78
C SER E 237 60.89 15.84 33.07
N LEU E 238 61.71 16.57 33.80
CA LEU E 238 62.97 17.05 33.24
C LEU E 238 63.96 15.90 33.19
N SER E 239 65.07 16.08 32.50
CA SER E 239 66.00 15.01 32.22
C SER E 239 67.26 15.60 31.60
N SER E 240 68.39 14.94 31.80
CA SER E 240 69.63 15.41 31.22
C SER E 240 69.84 14.80 29.84
N VAL E 241 69.07 13.77 29.54
CA VAL E 241 69.10 13.15 28.23
C VAL E 241 68.45 14.06 27.17
N THR E 242 67.67 15.03 27.61
CA THR E 242 66.74 15.70 26.71
C THR E 242 66.38 17.14 27.09
N ASN E 243 66.52 18.05 26.13
CA ASN E 243 66.12 19.44 26.34
C ASN E 243 64.66 19.44 26.77
N ALA E 244 64.35 20.22 27.81
CA ALA E 244 63.00 20.33 28.33
C ALA E 244 62.01 20.75 27.27
N THR E 245 60.77 20.34 27.41
CA THR E 245 59.76 20.79 26.49
C THR E 245 58.88 21.84 27.16
N SER E 246 58.90 23.06 26.63
CA SER E 246 58.02 24.09 27.14
C SER E 246 56.80 24.16 26.25
N ILE E 247 55.62 23.91 26.80
CA ILE E 247 54.42 24.09 26.01
C ILE E 247 54.01 25.57 25.94
N GLN E 248 53.88 26.11 24.73
CA GLN E 248 53.48 27.51 24.60
C GLN E 248 51.98 27.59 24.68
N ILE E 249 51.47 28.44 25.59
CA ILE E 249 50.04 28.76 25.66
C ILE E 249 49.78 30.10 24.98
N THR E 250 48.94 30.08 23.95
CA THR E 250 48.84 31.20 23.04
C THR E 250 47.71 32.16 23.44
N ALA E 251 47.89 33.45 23.19
CA ALA E 251 46.90 34.43 23.65
C ALA E 251 45.58 34.31 22.89
N PRO E 252 44.49 34.84 23.47
CA PRO E 252 43.22 34.76 22.74
C PRO E 252 43.19 35.53 21.43
N ALA E 253 42.28 35.12 20.55
CA ALA E 253 42.19 35.72 19.23
C ALA E 253 41.93 37.21 19.30
N SER E 254 41.12 37.66 20.25
CA SER E 254 40.83 39.09 20.36
C SER E 254 42.09 39.91 20.70
N MET E 255 43.14 39.23 21.15
CA MET E 255 44.41 39.89 21.44
C MET E 255 45.34 39.82 20.24
N LEU E 256 45.36 38.68 19.59
CA LEU E 256 46.28 38.48 18.47
C LEU E 256 46.18 39.51 17.31
N ILE E 257 45.02 40.14 17.14
CA ILE E 257 44.83 41.04 16.01
C ILE E 257 45.61 42.38 16.08
N GLY E 258 46.37 42.61 17.14
CA GLY E 258 47.04 43.89 17.36
C GLY E 258 47.89 43.88 18.61
N ASP E 259 48.54 45.01 18.91
CA ASP E 259 49.48 45.07 20.02
C ASP E 259 48.75 44.70 21.29
N HIS E 260 49.34 43.83 22.12
CA HIS E 260 48.73 43.46 23.39
C HIS E 260 49.79 43.29 24.48
N TYR E 261 49.34 43.09 25.73
CA TYR E 261 50.22 42.73 26.84
C TYR E 261 49.65 41.56 27.64
N LEU E 262 50.53 40.85 28.34
CA LEU E 262 50.15 39.84 29.30
C LEU E 262 50.15 40.53 30.65
N CYS E 263 49.00 40.68 31.29
CA CYS E 263 48.95 41.51 32.49
C CYS E 263 48.71 40.79 33.80
N ASP E 264 48.43 39.50 33.77
CA ASP E 264 48.19 38.74 35.01
C ASP E 264 48.39 37.25 34.84
N VAL E 265 49.05 36.62 35.80
CA VAL E 265 49.18 35.17 35.80
C VAL E 265 48.77 34.56 37.14
N THR E 266 47.68 33.81 37.16
CA THR E 266 47.23 33.23 38.42
C THR E 266 46.93 31.75 38.29
N TRP E 267 47.49 30.91 39.15
CA TRP E 267 47.16 29.49 39.11
C TRP E 267 45.86 29.22 39.86
N ALA E 268 44.99 28.40 39.27
CA ALA E 268 43.72 28.06 39.89
C ALA E 268 43.82 26.77 40.71
N THR E 269 44.30 25.69 40.11
CA THR E 269 44.50 24.43 40.83
C THR E 269 45.83 23.82 40.39
N GLN E 270 46.17 22.63 40.87
CA GLN E 270 47.44 22.01 40.47
C GLN E 270 47.57 21.85 38.97
N GLU E 271 46.44 21.89 38.26
CA GLU E 271 46.45 21.65 36.83
C GLU E 271 45.57 22.65 36.08
N ARG E 272 45.21 23.76 36.72
CA ARG E 272 44.46 24.78 35.99
C ARG E 272 45.15 26.15 36.10
N ILE E 273 45.29 26.85 34.98
CA ILE E 273 45.98 28.15 35.03
C ILE E 273 45.09 29.23 34.42
N SER E 274 45.19 30.45 34.95
CA SER E 274 44.46 31.56 34.33
C SER E 274 45.39 32.67 33.92
N LEU E 275 45.21 33.15 32.70
CA LEU E 275 46.06 34.19 32.13
C LEU E 275 45.18 35.37 31.87
N GLN E 276 45.62 36.58 32.16
CA GLN E 276 44.84 37.74 31.71
C GLN E 276 45.61 38.56 30.68
N TRP E 277 44.97 38.88 29.56
CA TRP E 277 45.63 39.67 28.54
C TRP E 277 44.92 41.01 28.40
N LEU E 278 45.66 42.03 27.98
CA LEU E 278 45.10 43.39 27.85
C LEU E 278 45.50 44.01 26.50
N ARG E 279 44.53 44.57 25.77
CA ARG E 279 44.86 45.24 24.50
C ARG E 279 45.69 46.49 24.74
N ARG E 280 46.56 46.85 23.79
CA ARG E 280 47.42 48.04 23.97
C ARG E 280 46.61 49.30 24.26
N ILE E 281 45.42 49.39 23.66
CA ILE E 281 44.41 50.35 24.06
C ILE E 281 43.76 49.73 25.27
N GLN E 282 44.11 50.18 26.46
CA GLN E 282 43.73 49.46 27.67
C GLN E 282 42.23 49.56 28.06
N ASN E 283 41.40 49.49 27.03
CA ASN E 283 39.96 49.50 27.06
C ASN E 283 39.37 48.11 27.29
N TYR E 284 40.18 47.07 27.06
CA TYR E 284 39.67 45.76 26.73
C TYR E 284 40.64 44.64 27.12
N SER E 285 40.19 43.73 27.98
CA SER E 285 41.04 42.61 28.41
C SER E 285 40.29 41.28 28.43
N VAL E 286 41.01 40.15 28.32
CA VAL E 286 40.38 38.83 28.32
C VAL E 286 41.11 37.87 29.24
N MET E 287 40.34 37.17 30.09
CA MET E 287 40.90 36.11 30.93
C MET E 287 40.72 34.76 30.24
N ASP E 288 41.79 33.98 30.18
CA ASP E 288 41.78 32.67 29.54
C ASP E 288 42.02 31.65 30.63
N ILE E 289 41.28 30.55 30.63
CA ILE E 289 41.42 29.51 31.65
C ILE E 289 41.82 28.17 31.04
N CYS E 290 43.04 27.73 31.32
CA CYS E 290 43.64 26.60 30.61
C CYS E 290 43.84 25.39 31.52
N ASP E 291 43.32 24.24 31.10
CA ASP E 291 43.44 22.99 31.85
C ASP E 291 44.57 22.14 31.30
N TYR E 292 45.27 21.42 32.16
CA TYR E 292 46.31 20.52 31.70
C TYR E 292 45.69 19.20 31.24
N ASP E 293 46.26 18.64 30.19
CA ASP E 293 45.67 17.52 29.48
C ASP E 293 46.55 16.29 29.73
N GLU E 294 46.19 15.48 30.72
CA GLU E 294 47.09 14.41 31.19
C GLU E 294 47.62 13.49 30.10
N SER E 295 46.85 13.27 29.05
CA SER E 295 47.32 12.45 27.95
C SER E 295 48.29 13.19 26.99
N SER E 296 47.81 14.23 26.31
CA SER E 296 48.60 14.91 25.26
C SER E 296 49.82 15.67 25.77
N GLY E 297 49.79 16.06 27.04
CA GLY E 297 50.87 16.80 27.68
C GLY E 297 50.76 18.29 27.46
N ARG E 298 49.69 18.73 26.80
CA ARG E 298 49.53 20.16 26.49
C ARG E 298 48.57 20.90 27.43
N TRP E 299 48.19 22.11 27.00
CA TRP E 299 47.28 22.93 27.78
C TRP E 299 46.09 23.34 26.96
N ASN E 300 44.91 22.88 27.37
CA ASN E 300 43.65 23.21 26.69
C ASN E 300 42.92 24.46 27.23
N CYS E 301 42.76 25.46 26.38
CA CYS E 301 42.06 26.68 26.79
C CYS E 301 40.74 26.80 26.06
N LEU E 302 39.67 26.25 26.64
CA LEU E 302 38.37 26.34 25.99
C LEU E 302 37.86 27.78 25.92
N VAL E 303 37.50 28.23 24.72
CA VAL E 303 36.67 29.44 24.59
C VAL E 303 35.44 29.21 25.46
N ALA E 304 34.73 30.27 25.84
CA ALA E 304 33.55 30.12 26.71
C ALA E 304 33.95 29.70 28.12
N ARG E 305 35.26 29.52 28.33
CA ARG E 305 35.85 29.71 29.62
C ARG E 305 36.55 31.08 29.64
N GLN E 306 36.61 31.73 28.48
CA GLN E 306 37.17 33.08 28.39
C GLN E 306 36.24 34.07 29.04
N HIS E 307 36.79 35.13 29.61
CA HIS E 307 36.00 36.17 30.26
C HIS E 307 36.45 37.58 29.87
N ILE E 308 35.62 38.27 29.10
CA ILE E 308 35.94 39.59 28.59
C ILE E 308 35.61 40.69 29.60
N GLU E 309 36.50 41.67 29.72
CA GLU E 309 36.35 42.80 30.64
C GLU E 309 36.57 44.09 29.81
N MET E 310 35.56 44.96 29.79
CA MET E 310 35.65 46.19 29.01
C MET E 310 35.37 47.37 29.89
N SER E 311 35.95 48.51 29.52
CA SER E 311 35.66 49.75 30.20
C SER E 311 35.11 50.66 29.15
N THR E 312 34.04 51.37 29.47
CA THR E 312 33.43 52.22 28.48
C THR E 312 33.85 53.65 28.76
N THR E 313 34.48 53.88 29.91
CA THR E 313 34.84 55.24 30.33
C THR E 313 36.30 55.44 30.73
N GLY E 314 37.15 54.47 30.40
CA GLY E 314 38.55 54.63 30.68
C GLY E 314 39.30 53.35 30.43
N TRP E 315 40.05 52.92 31.44
CA TRP E 315 40.86 51.72 31.36
C TRP E 315 40.32 50.62 32.28
N VAL E 316 40.75 49.38 32.05
CA VAL E 316 40.38 48.24 32.88
C VAL E 316 41.19 48.19 34.16
N GLY E 317 40.51 48.13 35.30
CA GLY E 317 41.22 48.01 36.56
C GLY E 317 41.71 49.34 37.08
N ARG E 318 42.27 49.34 38.28
CA ARG E 318 42.83 50.56 38.84
C ARG E 318 44.12 50.90 38.09
N PHE E 319 45.04 49.93 38.05
CA PHE E 319 46.23 50.08 37.19
C PHE E 319 46.29 49.01 36.12
N ARG E 320 46.05 47.76 36.48
CA ARG E 320 45.87 46.68 35.52
C ARG E 320 44.55 46.01 35.84
N PRO E 321 44.11 45.05 35.01
CA PRO E 321 42.99 44.24 35.48
C PRO E 321 43.31 43.54 36.80
N SER E 322 42.32 43.33 37.65
CA SER E 322 42.53 42.68 38.94
C SER E 322 42.65 41.17 38.85
N GLU E 323 43.37 40.56 39.79
CA GLU E 323 43.57 39.12 39.77
C GLU E 323 42.43 38.34 40.45
N PRO E 324 42.13 37.15 39.92
CA PRO E 324 41.07 36.32 40.46
C PRO E 324 41.60 35.46 41.59
N HIS E 325 40.74 35.15 42.55
CA HIS E 325 41.06 34.17 43.57
C HIS E 325 40.11 33.00 43.35
N PHE E 326 40.64 31.85 42.97
CA PHE E 326 39.80 30.71 42.67
C PHE E 326 39.35 30.00 43.94
N THR E 327 38.24 29.28 43.84
CA THR E 327 37.86 28.41 44.94
C THR E 327 38.77 27.20 44.87
N LEU E 328 38.58 26.25 45.78
CA LEU E 328 39.49 25.12 45.85
C LEU E 328 39.36 24.22 44.63
N ASP E 329 38.15 24.04 44.12
CA ASP E 329 37.97 23.21 42.93
C ASP E 329 38.29 23.94 41.63
N GLY E 330 38.55 25.24 41.71
CA GLY E 330 38.86 26.00 40.53
C GLY E 330 37.73 26.08 39.50
N ASN E 331 36.48 25.87 39.91
CA ASN E 331 35.38 26.02 38.97
C ASN E 331 34.63 27.32 39.15
N SER E 332 34.92 28.02 40.23
CA SER E 332 34.39 29.36 40.40
C SER E 332 35.49 30.23 41.00
N PHE E 333 35.36 31.55 40.86
CA PHE E 333 36.38 32.45 41.38
C PHE E 333 35.85 33.83 41.75
N TYR E 334 36.49 34.49 42.71
CA TYR E 334 36.11 35.83 43.12
C TYR E 334 37.11 36.90 42.58
N LYS E 335 36.60 38.05 42.15
CA LYS E 335 37.44 39.04 41.46
C LYS E 335 36.91 40.45 41.64
N ILE E 336 37.76 41.42 42.01
CA ILE E 336 37.30 42.81 42.17
C ILE E 336 36.96 43.37 40.80
N ILE E 337 35.77 43.96 40.68
CA ILE E 337 35.22 44.46 39.41
C ILE E 337 34.51 45.77 39.70
N SER E 338 34.50 46.71 38.77
CA SER E 338 33.76 47.96 38.99
C SER E 338 32.30 47.78 38.59
N ASN E 339 31.37 48.08 39.49
CA ASN E 339 29.92 47.90 39.20
C ASN E 339 29.24 49.07 38.51
N GLU E 340 27.92 48.96 38.34
CA GLU E 340 27.14 49.92 37.57
C GLU E 340 27.31 51.34 38.08
N GLU E 341 27.50 51.51 39.39
CA GLU E 341 27.68 52.85 39.93
C GLU E 341 29.13 53.29 39.76
N GLY E 342 29.95 52.39 39.23
CA GLY E 342 31.38 52.66 39.09
C GLY E 342 32.18 52.50 40.37
N TYR E 343 31.69 51.71 41.31
CA TYR E 343 32.43 51.42 42.53
C TYR E 343 32.94 49.99 42.47
N ARG E 344 34.17 49.79 42.94
CA ARG E 344 34.84 48.49 42.83
C ARG E 344 34.48 47.55 43.97
N HIS E 345 33.75 46.49 43.60
CA HIS E 345 33.29 45.47 44.53
C HIS E 345 33.59 44.06 44.08
N ILE E 346 33.46 43.13 45.02
CA ILE E 346 33.83 41.73 44.78
C ILE E 346 32.79 41.01 43.93
N CYS E 347 33.24 40.36 42.87
CA CYS E 347 32.33 39.66 41.96
C CYS E 347 32.60 38.15 42.02
N TYR E 348 31.55 37.36 41.92
CA TYR E 348 31.64 35.91 42.01
C TYR E 348 31.27 35.26 40.69
N PHE E 349 32.23 34.54 40.09
CA PHE E 349 32.20 34.05 38.70
C PHE E 349 32.18 32.54 38.65
N GLN E 350 31.56 31.99 37.58
CA GLN E 350 31.68 30.57 37.27
C GLN E 350 32.57 30.49 36.05
N ILE E 351 33.49 29.53 36.01
CA ILE E 351 34.47 29.56 34.92
C ILE E 351 33.83 29.39 33.55
N ASP E 352 32.62 28.85 33.48
CA ASP E 352 31.95 28.70 32.18
C ASP E 352 30.76 29.62 31.93
N LYS E 353 30.44 30.48 32.90
CA LYS E 353 29.35 31.45 32.74
C LYS E 353 29.88 32.89 32.58
N LYS E 354 29.45 33.54 31.50
CA LYS E 354 29.82 34.92 31.22
C LYS E 354 29.42 35.86 32.34
N ASP E 355 28.21 35.72 32.86
CA ASP E 355 27.77 36.64 33.91
C ASP E 355 28.34 36.28 35.27
N CYS E 356 28.36 37.29 36.14
CA CYS E 356 28.95 37.21 37.47
C CYS E 356 27.99 37.86 38.43
N THR E 357 28.11 37.52 39.72
CA THR E 357 27.22 38.10 40.72
C THR E 357 27.97 38.82 41.85
N PHE E 358 27.59 40.07 42.09
CA PHE E 358 28.26 40.90 43.09
C PHE E 358 27.91 40.46 44.49
N ILE E 359 28.91 40.37 45.36
CA ILE E 359 28.68 39.94 46.74
C ILE E 359 28.82 41.10 47.73
N THR E 360 29.26 42.26 47.26
CA THR E 360 29.26 43.49 48.05
C THR E 360 28.80 44.68 47.19
N LYS E 361 28.20 45.68 47.82
CA LYS E 361 27.74 46.89 47.13
C LYS E 361 27.93 48.10 48.06
N GLY E 362 27.84 49.31 47.51
CA GLY E 362 27.96 50.48 48.36
C GLY E 362 28.83 51.58 47.81
N THR E 363 28.70 52.78 48.36
CA THR E 363 29.52 53.91 47.91
C THR E 363 30.82 53.99 48.73
N TRP E 364 31.65 52.97 48.47
CA TRP E 364 32.95 52.75 49.10
C TRP E 364 33.55 51.64 48.24
N GLU E 365 34.81 51.29 48.43
CA GLU E 365 35.41 50.32 47.51
C GLU E 365 36.19 49.19 48.18
N VAL E 366 36.23 48.02 47.52
CA VAL E 366 37.05 46.92 48.01
C VAL E 366 38.48 47.18 47.58
N ILE E 367 39.40 47.24 48.54
CA ILE E 367 40.80 47.51 48.22
C ILE E 367 41.46 46.26 47.69
N GLY E 368 41.42 45.17 48.46
CA GLY E 368 41.93 43.90 48.00
C GLY E 368 41.29 42.67 48.62
N ILE E 369 41.18 41.60 47.85
CA ILE E 369 40.76 40.31 48.38
C ILE E 369 41.95 39.65 49.07
N GLU E 370 41.86 39.43 50.38
CA GLU E 370 43.01 38.97 51.15
C GLU E 370 43.15 37.46 51.38
N ALA E 371 42.04 36.74 51.55
CA ALA E 371 42.12 35.29 51.76
C ALA E 371 40.80 34.63 51.48
N LEU E 372 40.79 33.37 51.06
CA LEU E 372 39.53 32.71 50.74
C LEU E 372 39.45 31.29 51.27
N THR E 373 38.57 31.06 52.23
CA THR E 373 38.33 29.71 52.70
C THR E 373 37.00 29.21 52.11
N SER E 374 36.57 28.03 52.51
CA SER E 374 35.32 27.51 51.97
C SER E 374 34.13 28.26 52.55
N ASP E 375 34.29 28.81 53.76
CA ASP E 375 33.16 29.41 54.47
C ASP E 375 33.12 30.92 54.34
N TYR E 376 34.30 31.53 54.23
CA TYR E 376 34.46 32.98 54.33
C TYR E 376 35.45 33.54 53.31
N LEU E 377 35.18 34.77 52.84
CA LEU E 377 36.17 35.53 52.08
C LEU E 377 36.61 36.70 52.94
N TYR E 378 37.92 36.89 53.06
CA TYR E 378 38.50 37.97 53.84
C TYR E 378 39.00 39.03 52.91
N TYR E 379 38.54 40.26 53.08
CA TYR E 379 38.91 41.35 52.18
C TYR E 379 39.10 42.67 52.91
N ILE E 380 39.85 43.61 52.32
CA ILE E 380 40.09 44.92 52.92
C ILE E 380 39.34 46.01 52.16
N SER E 381 38.68 46.92 52.86
CA SER E 381 38.00 48.01 52.19
C SER E 381 37.98 49.28 53.02
N ASN E 382 37.41 50.34 52.45
CA ASN E 382 37.35 51.62 53.13
C ASN E 382 35.92 52.04 53.47
N GLU E 383 35.08 51.06 53.83
CA GLU E 383 33.68 51.30 54.14
C GLU E 383 33.45 52.10 55.44
N TYR E 384 34.23 51.76 56.45
CA TYR E 384 34.13 52.37 57.76
C TYR E 384 34.06 53.88 57.72
N LYS E 385 33.10 54.43 58.46
CA LYS E 385 32.85 55.86 58.59
C LYS E 385 32.93 56.61 57.27
N GLY E 386 32.66 55.92 56.17
CA GLY E 386 32.75 56.51 54.84
C GLY E 386 34.04 57.24 54.51
N MET E 387 35.16 56.79 55.08
CA MET E 387 36.43 57.45 54.83
C MET E 387 37.23 56.70 53.75
N PRO E 388 37.47 57.34 52.59
CA PRO E 388 38.18 56.66 51.51
C PRO E 388 39.64 56.45 51.90
N GLY E 389 40.08 57.18 52.91
CA GLY E 389 41.48 57.13 53.29
C GLY E 389 41.79 56.13 54.37
N GLY E 390 40.78 55.44 54.89
CA GLY E 390 41.00 54.38 55.88
C GLY E 390 41.02 52.99 55.27
N ARG E 391 41.50 52.02 56.03
CA ARG E 391 41.52 50.63 55.58
C ARG E 391 41.11 49.75 56.75
N ASN E 392 40.25 48.75 56.52
CA ASN E 392 39.94 47.72 57.54
C ASN E 392 39.73 46.34 56.98
N LEU E 393 39.97 45.32 57.81
CA LEU E 393 39.75 43.93 57.41
C LEU E 393 38.33 43.48 57.69
N TYR E 394 37.66 43.01 56.66
CA TYR E 394 36.31 42.48 56.75
C TYR E 394 36.32 41.01 56.36
N LYS E 395 35.34 40.25 56.84
CA LYS E 395 35.13 38.90 56.32
C LYS E 395 33.66 38.70 55.97
N ILE E 396 33.41 38.09 54.82
CA ILE E 396 32.04 37.96 54.34
C ILE E 396 31.64 36.50 54.25
N GLN E 397 30.43 36.18 54.72
CA GLN E 397 30.04 34.78 54.75
C GLN E 397 29.60 34.31 53.37
N LEU E 398 30.20 33.23 52.89
CA LEU E 398 29.99 32.84 51.50
C LEU E 398 28.60 32.27 51.25
N SER E 399 27.94 31.82 52.31
CA SER E 399 26.56 31.36 52.20
C SER E 399 25.54 32.49 52.46
N ASP E 400 25.96 33.59 53.06
CA ASP E 400 25.04 34.69 53.32
C ASP E 400 25.76 36.05 53.18
N TYR E 401 25.63 36.66 52.00
CA TYR E 401 26.36 37.87 51.69
C TYR E 401 25.96 39.04 52.60
N THR E 402 24.92 38.82 53.40
CA THR E 402 24.42 39.83 54.33
C THR E 402 25.17 39.71 55.65
N LYS E 403 25.84 38.58 55.82
CA LYS E 403 26.59 38.28 57.04
C LYS E 403 28.06 38.67 56.89
N VAL E 404 28.30 39.98 56.85
CA VAL E 404 29.65 40.48 56.73
C VAL E 404 30.03 41.17 58.02
N THR E 405 31.17 40.76 58.56
CA THR E 405 31.62 41.20 59.88
C THR E 405 33.00 41.88 59.80
N CYS E 406 33.25 42.82 60.72
CA CYS E 406 34.44 43.65 60.61
C CYS E 406 35.50 43.34 61.67
N LEU E 407 36.55 42.67 61.23
CA LEU E 407 37.57 42.13 62.14
C LEU E 407 38.52 43.15 62.76
N SER E 408 38.50 44.40 62.32
CA SER E 408 39.47 45.40 62.83
C SER E 408 38.96 46.79 63.31
N CYS E 409 37.78 47.24 62.86
CA CYS E 409 37.23 48.55 63.25
C CYS E 409 37.06 48.79 64.75
N GLU E 410 36.86 47.74 65.52
CA GLU E 410 36.62 47.91 66.95
C GLU E 410 37.86 47.55 67.78
N LEU E 411 38.89 47.05 67.10
CA LEU E 411 40.08 46.62 67.80
C LEU E 411 40.67 47.77 68.63
N ASN E 412 40.71 48.96 68.06
CA ASN E 412 41.35 50.07 68.72
C ASN E 412 41.05 51.42 68.13
N PRO E 413 39.76 51.77 67.99
CA PRO E 413 39.23 52.76 67.06
C PRO E 413 39.96 54.10 66.93
N GLU E 414 40.33 54.74 68.04
CA GLU E 414 41.00 56.04 67.98
C GLU E 414 42.45 55.95 67.47
N ARG E 415 43.08 54.79 67.61
CA ARG E 415 44.47 54.62 67.19
C ARG E 415 44.65 53.95 65.83
N CYS E 416 43.75 53.05 65.46
CA CYS E 416 43.97 52.24 64.28
C CYS E 416 42.87 52.32 63.23
N GLN E 417 43.18 52.93 62.10
CA GLN E 417 42.20 53.09 61.03
C GLN E 417 42.79 52.68 59.68
N TYR E 418 44.01 52.16 59.70
CA TYR E 418 44.70 51.71 58.48
C TYR E 418 45.33 50.32 58.67
N TYR E 419 44.60 49.29 58.28
CA TYR E 419 45.07 47.93 58.50
C TYR E 419 45.51 47.24 57.21
N SER E 420 46.54 46.42 57.30
CA SER E 420 46.85 45.45 56.27
C SER E 420 47.00 44.11 56.99
N VAL E 421 46.85 42.99 56.27
CA VAL E 421 46.79 41.70 56.93
C VAL E 421 47.73 40.70 56.28
N SER E 422 48.33 39.83 57.09
CA SER E 422 49.05 38.68 56.55
C SER E 422 48.51 37.38 57.13
N PHE E 423 47.94 36.52 56.29
CA PHE E 423 47.33 35.27 56.74
C PHE E 423 48.26 34.06 56.76
N SER E 424 48.09 33.22 57.78
CA SER E 424 48.75 31.93 57.84
C SER E 424 48.31 31.06 56.67
N LYS E 425 48.94 29.89 56.52
CA LYS E 425 48.85 29.11 55.29
C LYS E 425 47.44 28.64 54.90
N GLU E 426 46.56 28.40 55.87
CA GLU E 426 45.15 28.13 55.50
C GLU E 426 44.15 29.07 56.15
N ALA E 427 44.59 30.32 56.32
CA ALA E 427 43.84 31.34 57.02
C ALA E 427 43.40 30.91 58.43
N LYS E 428 44.24 30.14 59.10
CA LYS E 428 44.02 29.76 60.49
C LYS E 428 44.31 30.93 61.43
N TYR E 429 45.46 31.57 61.21
CA TYR E 429 45.86 32.72 61.99
C TYR E 429 46.19 33.85 61.03
N TYR E 430 46.19 35.06 61.55
CA TYR E 430 46.59 36.20 60.76
C TYR E 430 47.19 37.25 61.63
N GLN E 431 48.12 38.00 61.05
CA GLN E 431 48.73 39.13 61.71
C GLN E 431 48.08 40.37 61.16
N LEU E 432 47.82 41.33 62.04
CA LEU E 432 47.27 42.60 61.64
C LEU E 432 48.34 43.65 61.84
N ARG E 433 48.59 44.43 60.78
CA ARG E 433 49.49 45.58 60.78
C ARG E 433 48.63 46.83 60.76
N CYS E 434 48.77 47.68 61.79
CA CYS E 434 48.06 48.97 61.88
C CYS E 434 49.03 50.10 61.52
N SER E 435 48.67 51.01 60.63
CA SER E 435 49.65 52.02 60.17
C SER E 435 49.44 53.46 60.66
N GLY E 436 48.32 53.71 61.32
CA GLY E 436 47.95 55.04 61.76
C GLY E 436 46.47 55.05 62.14
N PRO E 437 45.96 56.17 62.68
CA PRO E 437 46.68 57.43 62.95
C PRO E 437 47.70 57.40 64.11
N GLY E 438 47.54 56.50 65.08
CA GLY E 438 48.50 56.42 66.15
C GLY E 438 49.74 55.70 65.67
N LEU E 439 50.65 55.36 66.56
CA LEU E 439 51.83 54.60 66.17
C LEU E 439 51.45 53.19 65.71
N PRO E 440 52.16 52.67 64.68
CA PRO E 440 51.84 51.34 64.16
C PRO E 440 51.81 50.26 65.24
N LEU E 441 50.79 49.41 65.16
CA LEU E 441 50.58 48.32 66.11
C LEU E 441 50.50 47.01 65.35
N TYR E 442 51.21 46.00 65.84
CA TYR E 442 51.22 44.72 65.17
C TYR E 442 50.72 43.66 66.13
N THR E 443 49.62 43.01 65.74
CA THR E 443 49.02 41.99 66.58
C THR E 443 48.79 40.66 65.86
N LEU E 444 48.42 39.66 66.64
CA LEU E 444 48.19 38.33 66.10
C LEU E 444 46.82 37.84 66.52
N HIS E 445 46.13 37.19 65.60
CA HIS E 445 44.77 36.70 65.81
C HIS E 445 44.59 35.30 65.24
N SER E 446 43.65 34.54 65.80
CA SER E 446 43.24 33.27 65.19
C SER E 446 41.89 33.52 64.54
N SER E 447 41.66 32.96 63.37
CA SER E 447 40.45 33.32 62.63
C SER E 447 39.28 32.42 62.98
N VAL E 448 39.56 31.41 63.79
CA VAL E 448 38.53 30.47 64.23
C VAL E 448 37.43 31.21 64.99
N ASN E 449 37.83 31.96 66.00
CA ASN E 449 36.88 32.72 66.81
C ASN E 449 37.29 34.20 66.92
N ASP E 450 38.28 34.58 66.09
CA ASP E 450 38.76 35.97 65.94
C ASP E 450 39.48 36.54 67.18
N LYS E 451 39.90 35.65 68.08
CA LYS E 451 40.60 36.03 69.30
C LYS E 451 42.03 36.56 69.06
N GLY E 452 42.37 37.64 69.76
CA GLY E 452 43.65 38.31 69.61
C GLY E 452 44.70 37.90 70.62
N LEU E 453 45.25 36.70 70.42
CA LEU E 453 46.20 36.06 71.34
C LEU E 453 47.40 36.91 71.82
N ARG E 454 47.89 37.85 71.02
CA ARG E 454 49.23 38.41 71.25
C ARG E 454 49.40 39.81 70.67
N VAL E 455 50.13 40.67 71.39
CA VAL E 455 50.59 41.92 70.82
C VAL E 455 52.06 41.78 70.38
N LEU E 456 52.29 41.82 69.07
CA LEU E 456 53.63 41.57 68.55
C LEU E 456 54.55 42.76 68.75
N GLU E 457 54.04 43.97 68.51
CA GLU E 457 54.88 45.16 68.65
C GLU E 457 54.06 46.43 68.70
N ASP E 458 54.34 47.29 69.67
CA ASP E 458 53.48 48.45 69.92
C ASP E 458 54.18 49.80 69.86
N ASN E 459 55.50 49.80 69.63
CA ASN E 459 56.24 51.06 69.56
C ASN E 459 56.13 51.91 70.84
N SER E 460 56.32 51.26 71.98
CA SER E 460 56.33 51.94 73.27
C SER E 460 57.54 52.85 73.39
N ALA E 461 58.70 52.34 72.96
CA ALA E 461 59.97 53.05 73.06
C ALA E 461 59.90 54.36 72.28
N LEU E 462 59.38 54.24 71.06
CA LEU E 462 59.15 55.39 70.21
C LEU E 462 58.15 56.34 70.83
N ASP E 463 57.07 55.80 71.41
CA ASP E 463 56.05 56.66 72.05
C ASP E 463 56.70 57.50 73.15
N LYS E 464 57.51 56.81 73.94
CA LYS E 464 58.28 57.41 75.02
C LYS E 464 59.08 58.58 74.48
N MET E 465 59.90 58.30 73.47
CA MET E 465 60.69 59.35 72.83
C MET E 465 59.83 60.53 72.39
N LEU E 466 58.76 60.27 71.66
CA LEU E 466 57.96 61.37 71.13
C LEU E 466 57.23 62.23 72.18
N GLN E 467 57.10 61.70 73.40
CA GLN E 467 56.52 62.50 74.49
C GLN E 467 57.32 63.79 74.68
N ASN E 468 58.64 63.65 74.55
CA ASN E 468 59.58 64.71 74.84
C ASN E 468 60.01 65.54 73.61
N VAL E 469 59.12 65.64 72.61
CA VAL E 469 59.32 66.53 71.46
C VAL E 469 58.01 67.19 71.04
N GLN E 470 58.05 68.43 70.58
CA GLN E 470 56.84 69.13 70.14
C GLN E 470 56.35 68.61 68.80
N MET E 471 55.55 67.54 68.81
CA MET E 471 55.08 66.95 67.56
C MET E 471 53.92 67.73 66.95
N PRO E 472 53.82 67.69 65.62
CA PRO E 472 52.70 68.36 64.95
C PRO E 472 51.49 67.47 65.02
N SER E 473 50.31 68.06 64.85
CA SER E 473 49.08 67.29 64.80
C SER E 473 48.67 67.11 63.34
N LYS E 474 47.76 66.18 63.08
CA LYS E 474 47.30 65.95 61.71
C LYS E 474 45.79 66.08 61.65
N LYS E 475 45.28 66.83 60.70
CA LYS E 475 43.84 66.91 60.51
C LYS E 475 43.52 66.22 59.19
N LEU E 476 42.47 65.42 59.16
CA LEU E 476 42.04 64.77 57.93
C LEU E 476 40.56 65.03 57.74
N ASP E 477 40.19 65.66 56.63
CA ASP E 477 38.81 66.12 56.49
C ASP E 477 38.49 66.23 55.02
N PHE E 478 37.33 66.77 54.68
CA PHE E 478 36.95 66.92 53.27
C PHE E 478 36.33 68.28 53.00
N ILE E 479 36.24 68.67 51.72
CA ILE E 479 35.45 69.83 51.33
C ILE E 479 34.48 69.40 50.24
N ILE E 480 33.52 70.26 49.92
CA ILE E 480 32.47 69.89 48.98
C ILE E 480 32.48 70.78 47.76
N LEU E 481 32.84 70.20 46.61
CA LEU E 481 32.70 70.86 45.31
C LEU E 481 31.74 70.06 44.45
N ASN E 482 30.80 70.75 43.81
CA ASN E 482 29.79 70.13 42.94
C ASN E 482 29.17 68.90 43.56
N GLU E 483 28.67 69.05 44.78
CA GLU E 483 27.93 67.98 45.45
C GLU E 483 28.79 66.72 45.55
N THR E 484 30.09 66.86 45.77
CA THR E 484 31.00 65.71 45.91
C THR E 484 32.06 65.99 46.98
N LYS E 485 32.43 64.96 47.74
CA LYS E 485 33.42 65.16 48.81
C LYS E 485 34.84 64.93 48.30
N PHE E 486 35.72 65.89 48.56
CA PHE E 486 37.12 65.73 48.26
C PHE E 486 37.95 65.89 49.53
N TRP E 487 38.59 64.80 49.97
CA TRP E 487 39.39 64.78 51.19
C TRP E 487 40.71 65.51 51.04
N TYR E 488 41.21 66.02 52.15
CA TYR E 488 42.55 66.59 52.24
C TYR E 488 43.10 66.18 53.60
N GLN E 489 44.41 66.25 53.74
CA GLN E 489 45.03 66.24 55.06
C GLN E 489 45.91 67.47 55.29
N MET E 490 46.10 67.83 56.55
CA MET E 490 47.04 68.89 56.90
C MET E 490 47.92 68.45 58.04
N ILE E 491 49.20 68.78 57.94
CA ILE E 491 50.11 68.64 59.06
C ILE E 491 50.26 70.02 59.63
N LEU E 492 49.89 70.12 60.91
CA LEU E 492 49.75 71.39 61.63
C LEU E 492 50.82 71.50 62.69
N PRO E 493 51.52 72.64 62.73
CA PRO E 493 52.61 72.84 63.69
C PRO E 493 52.13 72.76 65.15
N PRO E 494 53.05 72.43 66.06
CA PRO E 494 52.74 72.41 67.50
C PRO E 494 52.19 73.75 67.92
N HIS E 495 51.26 73.73 68.86
CA HIS E 495 50.71 74.94 69.45
C HIS E 495 49.94 75.73 68.43
N PHE E 496 49.40 75.02 67.45
CA PHE E 496 48.68 75.63 66.34
C PHE E 496 47.60 76.63 66.75
N ASP E 497 47.90 77.91 66.54
CA ASP E 497 46.99 78.99 66.92
C ASP E 497 46.11 79.40 65.73
N LYS E 498 44.89 78.87 65.72
CA LYS E 498 43.93 79.08 64.63
C LYS E 498 43.78 80.54 64.18
N SER E 499 44.26 81.47 65.00
CA SER E 499 44.11 82.89 64.71
C SER E 499 45.26 83.47 63.88
N LYS E 500 46.47 82.93 64.06
CA LYS E 500 47.64 83.42 63.34
C LYS E 500 47.55 83.02 61.87
N LYS E 501 48.45 83.52 61.02
CA LYS E 501 48.45 83.09 59.62
C LYS E 501 49.76 82.42 59.22
N TYR E 502 49.65 81.12 58.92
CA TYR E 502 50.79 80.24 58.66
C TYR E 502 51.09 80.14 57.17
N PRO E 503 52.37 80.02 56.83
CA PRO E 503 52.67 79.66 55.44
C PRO E 503 52.25 78.21 55.21
N LEU E 504 51.92 77.90 53.96
CA LEU E 504 51.40 76.60 53.58
C LEU E 504 52.23 75.97 52.46
N LEU E 505 52.48 74.66 52.54
CA LEU E 505 53.18 73.93 51.48
C LEU E 505 52.34 72.78 50.97
N LEU E 506 51.81 72.91 49.77
CA LEU E 506 51.02 71.83 49.20
C LEU E 506 51.95 70.66 48.85
N ASP E 507 51.69 69.46 49.38
CA ASP E 507 52.43 68.26 49.00
C ASP E 507 51.59 67.57 47.95
N VAL E 508 52.08 67.48 46.72
CA VAL E 508 51.24 67.03 45.62
C VAL E 508 51.75 65.76 44.93
N TYR E 509 50.84 64.88 44.57
CA TYR E 509 51.15 63.82 43.62
C TYR E 509 50.07 63.81 42.52
N ALA E 510 48.83 63.56 42.91
CA ALA E 510 47.69 63.80 42.03
C ALA E 510 47.59 62.88 40.83
N GLY E 511 48.49 61.91 40.72
CA GLY E 511 48.41 61.00 39.59
C GLY E 511 47.16 60.16 39.64
N PRO E 512 46.74 59.60 38.50
CA PRO E 512 45.51 58.80 38.45
C PRO E 512 45.49 57.66 39.48
N CYS E 513 44.38 57.56 40.21
CA CYS E 513 44.18 56.57 41.26
C CYS E 513 45.13 56.73 42.46
N SER E 514 45.58 57.96 42.70
CA SER E 514 46.44 58.20 43.84
C SER E 514 45.60 58.57 45.02
N GLN E 515 46.27 58.72 46.15
CA GLN E 515 45.62 59.08 47.39
C GLN E 515 46.62 59.58 48.40
N LYS E 516 46.73 60.89 48.53
CA LYS E 516 47.64 61.49 49.51
C LYS E 516 46.98 61.83 50.84
N ALA E 517 45.65 61.75 50.92
CA ALA E 517 44.91 62.00 52.16
C ALA E 517 44.44 60.69 52.82
N ASP E 518 45.19 60.26 53.84
CA ASP E 518 44.92 58.98 54.44
C ASP E 518 45.06 59.11 55.94
N THR E 519 44.94 57.98 56.63
CA THR E 519 45.00 57.95 58.08
C THR E 519 46.33 57.39 58.56
N VAL E 520 47.31 57.29 57.67
CA VAL E 520 48.62 56.72 58.02
C VAL E 520 49.45 57.68 58.88
N PHE E 521 50.14 57.14 59.88
CA PHE E 521 51.04 57.93 60.70
C PHE E 521 52.43 57.93 60.09
N ARG E 522 53.05 59.11 60.00
CA ARG E 522 54.35 59.26 59.34
C ARG E 522 55.31 60.17 60.10
N LEU E 523 56.60 59.89 59.96
CA LEU E 523 57.66 60.74 60.46
C LEU E 523 58.53 61.13 59.29
N ASN E 524 58.29 62.31 58.74
CA ASN E 524 59.02 62.71 57.56
C ASN E 524 59.30 64.20 57.49
N TRP E 525 59.87 64.66 56.39
CA TRP E 525 60.23 66.06 56.40
C TRP E 525 59.01 67.01 56.49
N ALA E 526 57.80 66.55 56.21
CA ALA E 526 56.64 67.39 56.53
C ALA E 526 56.52 67.53 58.04
N THR E 527 56.86 66.46 58.75
CA THR E 527 56.95 66.54 60.20
C THR E 527 57.99 67.61 60.54
N TYR E 528 59.19 67.53 59.98
CA TYR E 528 60.18 68.58 60.26
C TYR E 528 59.69 70.02 59.98
N LEU E 529 59.10 70.25 58.81
CA LEU E 529 58.60 71.56 58.45
C LEU E 529 57.54 72.06 59.43
N ALA E 530 56.62 71.17 59.82
CA ALA E 530 55.59 71.57 60.77
C ALA E 530 56.15 71.80 62.18
N SER E 531 56.84 70.81 62.72
CA SER E 531 57.39 70.91 64.06
C SER E 531 58.35 72.10 64.22
N THR E 532 59.31 72.23 63.32
CA THR E 532 60.38 73.23 63.47
C THR E 532 60.16 74.58 62.75
N GLU E 533 59.54 74.57 61.57
CA GLU E 533 59.49 75.82 60.81
C GLU E 533 58.12 76.44 60.86
N ASN E 534 57.27 75.94 61.76
CA ASN E 534 55.88 76.39 61.86
C ASN E 534 55.23 76.59 60.50
N ILE E 535 55.32 75.57 59.66
CA ILE E 535 54.73 75.68 58.33
C ILE E 535 53.73 74.53 58.10
N ILE E 536 52.52 74.87 57.67
CA ILE E 536 51.47 73.87 57.47
C ILE E 536 51.74 73.17 56.16
N VAL E 537 51.71 71.84 56.18
CA VAL E 537 51.95 71.09 54.94
C VAL E 537 50.67 70.35 54.56
N ALA E 538 50.21 70.51 53.33
CA ALA E 538 48.89 69.95 52.99
C ALA E 538 48.88 69.09 51.73
N SER E 539 48.05 68.04 51.74
CA SER E 539 47.79 67.26 50.53
C SER E 539 46.28 67.19 50.27
N PHE E 540 45.90 67.05 49.01
CA PHE E 540 44.50 67.07 48.62
C PHE E 540 44.28 66.06 47.51
N ASP E 541 43.21 65.28 47.57
CA ASP E 541 42.93 64.29 46.51
C ASP E 541 41.78 64.76 45.63
N GLY E 542 42.08 65.37 44.51
CA GLY E 542 41.03 65.93 43.68
C GLY E 542 40.56 64.94 42.65
N ARG E 543 40.18 65.45 41.48
CA ARG E 543 39.69 64.57 40.44
C ARG E 543 40.75 63.59 39.95
N GLY E 544 40.28 62.44 39.49
CA GLY E 544 41.15 61.35 39.09
C GLY E 544 41.92 60.72 40.24
N SER E 545 41.31 60.56 41.41
CA SER E 545 42.02 59.90 42.50
C SER E 545 41.33 58.63 42.91
N GLY E 546 42.02 57.87 43.74
CA GLY E 546 41.65 56.50 43.96
C GLY E 546 40.59 56.25 45.00
N TYR E 547 40.02 55.06 44.92
CA TYR E 547 39.30 54.46 46.01
C TYR E 547 38.00 55.18 46.32
N GLN E 548 37.49 55.93 45.36
CA GLN E 548 36.22 56.63 45.56
C GLN E 548 35.29 56.40 44.41
N GLY E 549 35.54 55.35 43.64
CA GLY E 549 34.72 55.13 42.46
C GLY E 549 35.20 55.84 41.21
N ASP E 550 34.65 55.39 40.09
CA ASP E 550 35.12 55.78 38.78
C ASP E 550 34.62 57.14 38.32
N LYS E 551 33.57 57.64 38.95
CA LYS E 551 33.12 58.98 38.64
C LYS E 551 34.30 59.92 38.92
N ILE E 552 34.86 59.84 40.12
CA ILE E 552 36.08 60.59 40.42
C ILE E 552 37.32 60.08 39.67
N MET E 553 37.56 58.77 39.66
CA MET E 553 38.82 58.28 39.09
C MET E 553 38.98 58.51 37.59
N HIS E 554 37.94 58.21 36.82
CA HIS E 554 38.00 58.34 35.36
C HIS E 554 37.79 59.78 34.89
N ALA E 555 37.55 60.69 35.83
CA ALA E 555 37.35 62.10 35.52
C ALA E 555 38.42 62.71 34.62
N ILE E 556 39.66 62.22 34.73
CA ILE E 556 40.77 62.76 33.93
C ILE E 556 41.12 61.92 32.71
N ASN E 557 40.25 60.96 32.37
CA ASN E 557 40.48 60.09 31.21
C ASN E 557 40.76 60.86 29.93
N ARG E 558 41.80 60.43 29.22
CA ARG E 558 42.26 61.04 27.99
C ARG E 558 42.74 62.47 28.13
N ARG E 559 42.79 63.01 29.34
CA ARG E 559 43.15 64.43 29.51
C ARG E 559 43.95 64.79 30.76
N LEU E 560 45.14 64.20 30.90
CA LEU E 560 46.04 64.53 32.00
C LEU E 560 46.45 66.00 31.94
N GLY E 561 46.84 66.55 33.09
CA GLY E 561 47.32 67.92 33.15
C GLY E 561 46.21 68.92 32.95
N THR E 562 44.99 68.48 33.26
CA THR E 562 43.83 69.37 33.30
C THR E 562 43.17 69.38 34.67
N PHE E 563 42.13 68.57 34.83
CA PHE E 563 41.34 68.58 36.06
C PHE E 563 42.13 68.48 37.37
N GLU E 564 43.14 67.61 37.44
CA GLU E 564 43.87 67.44 38.70
C GLU E 564 44.73 68.66 39.06
N VAL E 565 45.25 69.33 38.03
CA VAL E 565 45.98 70.58 38.21
C VAL E 565 45.02 71.66 38.75
N GLU E 566 43.90 71.82 38.02
CA GLU E 566 42.88 72.80 38.41
C GLU E 566 42.52 72.59 39.86
N ASP E 567 42.24 71.34 40.21
CA ASP E 567 41.81 71.01 41.56
C ASP E 567 42.87 71.28 42.62
N GLN E 568 44.14 71.03 42.32
CA GLN E 568 45.16 71.37 43.31
C GLN E 568 45.19 72.90 43.57
N ILE E 569 45.01 73.68 42.50
CA ILE E 569 44.87 75.13 42.69
C ILE E 569 43.65 75.45 43.57
N GLU E 570 42.50 74.91 43.17
CA GLU E 570 41.24 75.11 43.89
C GLU E 570 41.39 74.80 45.37
N ALA E 571 42.19 73.79 45.69
CA ALA E 571 42.44 73.43 47.08
C ALA E 571 43.30 74.45 47.80
N ALA E 572 44.26 75.04 47.11
CA ALA E 572 44.97 76.15 47.76
C ALA E 572 44.01 77.33 48.07
N ARG E 573 43.15 77.66 47.12
CA ARG E 573 42.14 78.67 47.39
C ARG E 573 41.29 78.32 48.62
N GLN E 574 40.65 77.16 48.57
CA GLN E 574 39.83 76.66 49.65
C GLN E 574 40.55 76.69 50.99
N PHE E 575 41.84 76.37 50.98
CA PHE E 575 42.66 76.47 52.19
C PHE E 575 42.81 77.92 52.66
N SER E 576 42.93 78.85 51.70
CA SER E 576 42.96 80.29 52.04
C SER E 576 41.70 80.71 52.78
N LYS E 577 40.56 80.31 52.23
CA LYS E 577 39.26 80.67 52.80
C LYS E 577 39.14 80.28 54.27
N MET E 578 39.91 79.29 54.71
CA MET E 578 39.84 78.84 56.10
C MET E 578 40.44 79.87 57.07
N GLY E 579 41.24 80.79 56.56
CA GLY E 579 41.66 81.95 57.34
C GLY E 579 42.85 81.83 58.27
N PHE E 580 43.51 80.68 58.34
CA PHE E 580 44.79 80.61 59.08
C PHE E 580 46.00 80.42 58.15
N VAL E 581 45.78 80.72 56.88
CA VAL E 581 46.82 80.58 55.88
C VAL E 581 47.22 81.96 55.42
N ASP E 582 48.51 82.26 55.47
CA ASP E 582 49.03 83.51 54.95
C ASP E 582 49.15 83.42 53.43
N ASN E 583 48.16 83.90 52.71
CA ASN E 583 48.14 83.67 51.27
C ASN E 583 49.23 84.37 50.43
N LYS E 584 50.12 85.12 51.09
CA LYS E 584 51.33 85.61 50.43
C LYS E 584 52.48 84.61 50.59
N ARG E 585 52.13 83.36 50.91
CA ARG E 585 53.14 82.36 51.23
C ARG E 585 52.63 80.91 51.09
N ILE E 586 52.27 80.53 49.88
CA ILE E 586 51.93 79.15 49.59
C ILE E 586 52.91 78.59 48.59
N ALA E 587 53.68 77.59 49.01
CA ALA E 587 54.53 76.87 48.09
C ALA E 587 53.80 75.63 47.58
N ILE E 588 54.38 74.93 46.61
CA ILE E 588 53.85 73.64 46.16
C ILE E 588 55.02 72.79 45.70
N TRP E 589 54.99 71.51 45.99
CA TRP E 589 56.11 70.66 45.65
C TRP E 589 55.63 69.25 45.37
N GLY E 590 56.40 68.50 44.61
CA GLY E 590 56.00 67.15 44.24
C GLY E 590 57.07 66.50 43.41
N TRP E 591 57.11 65.18 43.48
CA TRP E 591 58.12 64.35 42.81
C TRP E 591 57.38 63.50 41.77
N SER E 592 58.04 63.17 40.67
CA SER E 592 57.40 62.47 39.54
C SER E 592 56.12 63.10 38.95
N TYR E 593 55.00 62.38 38.94
CA TYR E 593 53.74 62.99 38.51
C TYR E 593 53.46 64.25 39.32
N GLY E 594 53.82 64.24 40.59
CA GLY E 594 53.67 65.41 41.42
C GLY E 594 54.55 66.57 40.98
N GLY E 595 55.70 66.26 40.39
CA GLY E 595 56.55 67.27 39.80
C GLY E 595 55.93 67.84 38.55
N TYR E 596 55.27 66.98 37.79
CA TYR E 596 54.52 67.40 36.63
C TYR E 596 53.40 68.36 37.02
N VAL E 597 52.67 68.01 38.08
CA VAL E 597 51.53 68.82 38.50
C VAL E 597 52.04 70.12 39.11
N THR E 598 53.14 70.05 39.85
CA THR E 598 53.74 71.26 40.43
C THR E 598 54.08 72.23 39.33
N SER E 599 54.83 71.74 38.34
CA SER E 599 55.19 72.54 37.19
C SER E 599 53.97 73.11 36.49
N MET E 600 52.99 72.27 36.20
CA MET E 600 51.79 72.75 35.51
C MET E 600 51.10 73.86 36.30
N VAL E 601 51.12 73.76 37.63
CA VAL E 601 50.50 74.78 38.49
C VAL E 601 51.29 76.08 38.45
N LEU E 602 52.60 75.98 38.62
CA LEU E 602 53.42 77.17 38.60
C LEU E 602 53.29 77.89 37.26
N GLY E 603 53.14 77.14 36.18
CA GLY E 603 52.94 77.74 34.87
C GLY E 603 51.51 78.11 34.53
N SER E 604 50.59 77.96 35.47
CA SER E 604 49.18 78.24 35.21
C SER E 604 48.84 79.73 35.15
N GLY E 605 49.67 80.54 35.79
CA GLY E 605 49.39 81.96 35.91
C GLY E 605 48.43 82.34 37.03
N SER E 606 47.90 81.33 37.72
CA SER E 606 46.91 81.51 38.79
C SER E 606 47.25 82.60 39.80
N GLY E 607 48.52 82.89 39.97
CA GLY E 607 48.94 83.87 40.95
C GLY E 607 48.69 83.47 42.39
N VAL E 608 48.32 82.22 42.63
CA VAL E 608 48.09 81.70 43.99
C VAL E 608 49.39 81.32 44.70
N PHE E 609 50.39 80.88 43.92
CA PHE E 609 51.57 80.26 44.51
C PHE E 609 52.78 81.12 44.33
N LYS E 610 53.60 81.20 45.37
CA LYS E 610 54.79 82.05 45.39
C LYS E 610 55.98 81.27 44.84
N CYS E 611 56.02 79.97 45.09
CA CYS E 611 57.15 79.17 44.65
C CYS E 611 56.85 77.68 44.64
N GLY E 612 57.66 76.91 43.93
CA GLY E 612 57.52 75.47 43.92
C GLY E 612 58.83 74.72 43.72
N ILE E 613 58.85 73.45 44.11
CA ILE E 613 59.98 72.56 43.82
C ILE E 613 59.46 71.40 43.03
N ALA E 614 60.09 71.09 41.91
CA ALA E 614 59.68 69.94 41.11
C ALA E 614 60.83 68.94 41.04
N VAL E 615 60.66 67.77 41.66
CA VAL E 615 61.71 66.75 41.59
C VAL E 615 61.35 65.68 40.58
N ALA E 616 62.27 65.38 39.67
CA ALA E 616 62.03 64.42 38.59
C ALA E 616 60.65 64.49 37.93
N PRO E 617 60.30 65.64 37.36
CA PRO E 617 58.94 65.77 36.82
C PRO E 617 58.78 65.21 35.43
N VAL E 618 57.65 64.60 35.13
CA VAL E 618 57.25 64.43 33.73
C VAL E 618 57.00 65.83 33.18
N SER E 619 57.44 66.11 31.95
CA SER E 619 57.21 67.44 31.37
C SER E 619 56.33 67.38 30.12
N ARG E 620 56.26 66.22 29.51
CA ARG E 620 55.57 66.04 28.25
C ARG E 620 55.30 64.56 28.06
N TRP E 621 54.03 64.17 27.90
CA TRP E 621 53.70 62.76 27.94
C TRP E 621 54.31 61.90 26.82
N GLU E 622 54.68 62.50 25.69
CA GLU E 622 55.36 61.70 24.66
C GLU E 622 56.75 61.27 25.10
N TYR E 623 57.22 61.82 26.23
CA TYR E 623 58.51 61.41 26.79
C TYR E 623 58.38 60.20 27.72
N TYR E 624 57.26 60.09 28.43
CA TYR E 624 57.06 58.96 29.35
C TYR E 624 56.76 57.64 28.64
N ASP E 625 56.68 56.55 29.40
CA ASP E 625 56.51 55.23 28.79
C ASP E 625 55.09 54.93 28.26
N SER E 626 55.06 53.99 27.31
CA SER E 626 53.83 53.62 26.61
C SER E 626 52.75 53.06 27.53
N VAL E 627 53.08 52.07 28.35
CA VAL E 627 52.08 51.37 29.14
C VAL E 627 51.30 52.32 30.08
N TYR E 628 52.03 52.97 30.98
CA TYR E 628 51.45 53.97 31.85
C TYR E 628 50.76 55.05 31.06
N THR E 629 51.46 55.68 30.12
CA THR E 629 50.93 56.90 29.53
C THR E 629 49.69 56.62 28.70
N GLU E 630 49.73 55.58 27.90
CA GLU E 630 48.64 55.29 27.00
C GLU E 630 47.45 54.77 27.75
N ARG E 631 47.68 54.19 28.93
CA ARG E 631 46.54 53.82 29.76
C ARG E 631 45.61 55.03 29.95
N TYR E 632 46.18 56.20 30.15
CA TYR E 632 45.38 57.36 30.42
C TYR E 632 45.18 58.27 29.20
N MET E 633 45.97 58.08 28.14
CA MET E 633 45.95 59.02 27.03
C MET E 633 45.75 58.44 25.63
N GLY E 634 45.72 57.12 25.46
CA GLY E 634 45.68 56.58 24.12
C GLY E 634 46.97 56.90 23.38
N LEU E 635 46.98 56.76 22.06
CA LEU E 635 48.17 57.08 21.25
C LEU E 635 48.29 58.57 20.90
N PRO E 636 49.52 59.06 20.75
CA PRO E 636 49.73 60.48 20.42
C PRO E 636 49.71 60.73 18.91
N THR E 637 48.92 59.97 18.17
CA THR E 637 48.69 60.23 16.76
C THR E 637 47.48 61.14 16.62
N PRO E 638 47.33 61.83 15.47
CA PRO E 638 46.15 62.70 15.35
C PRO E 638 44.84 61.95 15.07
N GLU E 639 44.90 60.65 14.82
CA GLU E 639 43.67 59.86 14.70
C GLU E 639 43.11 59.57 16.10
N ASP E 640 43.95 59.76 17.12
CA ASP E 640 43.60 59.37 18.47
C ASP E 640 43.49 60.58 19.41
N ASN E 641 44.58 60.94 20.09
CA ASN E 641 44.53 61.96 21.15
C ASN E 641 45.71 62.95 21.12
N LEU E 642 46.34 63.08 19.95
CA LEU E 642 47.50 63.93 19.82
C LEU E 642 47.23 65.35 20.33
N ASP E 643 46.03 65.87 20.11
CA ASP E 643 45.73 67.22 20.57
C ASP E 643 45.90 67.38 22.07
N HIS E 644 45.34 66.45 22.84
CA HIS E 644 45.49 66.53 24.29
C HIS E 644 46.93 66.22 24.73
N TYR E 645 47.67 65.41 23.96
CA TYR E 645 49.10 65.24 24.28
C TYR E 645 49.81 66.58 24.22
N ARG E 646 49.63 67.28 23.10
CA ARG E 646 50.42 68.48 22.85
C ARG E 646 49.96 69.69 23.67
N ASN E 647 48.67 69.71 24.01
CA ASN E 647 48.11 70.82 24.78
C ASN E 647 48.62 70.83 26.22
N SER E 648 49.13 69.69 26.68
CA SER E 648 49.33 69.46 28.12
C SER E 648 50.79 69.42 28.61
N THR E 649 51.68 70.20 27.99
CA THR E 649 53.09 70.11 28.33
C THR E 649 53.52 71.23 29.25
N VAL E 650 54.53 70.97 30.07
CA VAL E 650 55.04 72.01 30.96
C VAL E 650 55.65 73.14 30.15
N MET E 651 56.42 72.80 29.11
CA MET E 651 57.25 73.80 28.43
C MET E 651 56.45 74.94 27.80
N SER E 652 55.27 74.59 27.27
CA SER E 652 54.36 75.59 26.71
C SER E 652 53.83 76.61 27.71
N ARG E 653 54.02 76.38 29.02
CA ARG E 653 53.66 77.38 30.04
C ARG E 653 54.85 78.24 30.53
N ALA E 654 55.98 78.12 29.84
CA ALA E 654 57.22 78.74 30.31
C ALA E 654 57.08 80.20 30.73
N GLU E 655 56.45 81.00 29.88
CA GLU E 655 56.22 82.43 30.16
C GLU E 655 55.73 82.68 31.58
N ASN E 656 54.73 81.91 32.00
CA ASN E 656 54.06 82.18 33.27
C ASN E 656 54.98 82.02 34.46
N PHE E 657 56.05 81.28 34.28
CA PHE E 657 57.00 81.07 35.36
C PHE E 657 57.63 82.38 35.82
N LYS E 658 57.54 83.42 34.99
CA LYS E 658 58.13 84.70 35.35
C LYS E 658 57.53 85.24 36.65
N GLN E 659 56.39 84.69 37.06
CA GLN E 659 55.72 85.12 38.28
C GLN E 659 56.05 84.32 39.53
N VAL E 660 56.89 83.28 39.42
CA VAL E 660 57.12 82.38 40.55
C VAL E 660 58.59 82.01 40.78
N GLU E 661 58.95 81.63 42.00
CA GLU E 661 60.27 81.07 42.23
C GLU E 661 60.20 79.55 42.01
N TYR E 662 61.18 78.98 41.31
CA TYR E 662 61.08 77.60 40.88
C TYR E 662 62.37 76.87 41.14
N LEU E 663 62.30 75.71 41.80
CA LEU E 663 63.48 74.87 41.97
C LEU E 663 63.28 73.56 41.22
N LEU E 664 64.19 73.21 40.32
CA LEU E 664 64.04 72.03 39.48
C LEU E 664 65.13 71.00 39.76
N ILE E 665 64.76 69.79 40.13
CA ILE E 665 65.75 68.81 40.58
C ILE E 665 65.56 67.47 39.88
N HIS E 666 66.66 66.88 39.43
CA HIS E 666 66.59 65.63 38.67
C HIS E 666 67.89 64.86 38.81
N GLY E 667 67.79 63.53 38.95
CA GLY E 667 68.96 62.68 38.99
C GLY E 667 69.44 62.40 37.57
N THR E 668 70.74 62.30 37.37
CA THR E 668 71.22 62.18 36.01
C THR E 668 70.96 60.80 35.40
N ALA E 669 70.73 59.81 36.26
CA ALA E 669 70.64 58.40 35.87
C ALA E 669 69.25 57.83 36.07
N ASP E 670 68.24 58.70 36.03
CA ASP E 670 66.87 58.31 36.16
C ASP E 670 66.39 57.56 34.92
N ASP E 671 66.31 56.24 34.98
CA ASP E 671 65.81 55.44 33.87
C ASP E 671 64.27 55.48 33.75
N ASN E 672 63.59 56.12 34.69
CA ASN E 672 62.13 56.15 34.72
C ASN E 672 61.56 57.37 34.01
N VAL E 673 61.68 58.50 34.69
CA VAL E 673 61.40 59.80 34.10
C VAL E 673 62.76 60.37 33.74
N HIS E 674 63.07 60.41 32.45
CA HIS E 674 64.42 60.72 32.01
C HIS E 674 64.83 62.16 32.29
N PHE E 675 66.12 62.38 32.43
CA PHE E 675 66.64 63.71 32.68
C PHE E 675 66.15 64.60 31.57
N GLN E 676 66.00 64.00 30.38
CA GLN E 676 65.40 64.63 29.21
C GLN E 676 64.23 65.56 29.54
N GLN E 677 63.30 65.11 30.37
CA GLN E 677 62.09 65.87 30.66
C GLN E 677 62.43 67.21 31.32
N SER E 678 63.38 67.19 32.24
CA SER E 678 63.78 68.42 32.90
C SER E 678 64.69 69.25 32.04
N ALA E 679 65.51 68.59 31.23
CA ALA E 679 66.39 69.27 30.28
C ALA E 679 65.55 70.13 29.36
N GLN E 680 64.42 69.56 28.95
CA GLN E 680 63.46 70.29 28.14
C GLN E 680 62.79 71.42 28.93
N ILE E 681 62.47 71.19 30.20
CA ILE E 681 61.90 72.29 31.00
C ILE E 681 62.82 73.50 31.08
N SER E 682 64.05 73.26 31.56
CA SER E 682 65.01 74.33 31.75
C SER E 682 65.34 74.97 30.42
N LYS E 683 65.32 74.18 29.35
CA LYS E 683 65.55 74.80 28.05
C LYS E 683 64.46 75.82 27.69
N ALA E 684 63.18 75.42 27.74
CA ALA E 684 62.10 76.39 27.49
C ALA E 684 62.16 77.63 28.42
N LEU E 685 62.44 77.41 29.69
CA LEU E 685 62.55 78.53 30.61
C LEU E 685 63.68 79.51 30.21
N VAL E 686 64.85 78.98 29.83
CA VAL E 686 65.93 79.83 29.37
C VAL E 686 65.47 80.60 28.14
N ASP E 687 64.78 79.89 27.24
CA ASP E 687 64.36 80.47 25.99
C ASP E 687 63.34 81.58 26.14
N VAL E 688 62.71 81.71 27.30
CA VAL E 688 61.90 82.92 27.49
C VAL E 688 62.41 83.84 28.59
N GLY E 689 63.66 83.67 29.00
CA GLY E 689 64.28 84.58 29.93
C GLY E 689 63.82 84.52 31.37
N VAL E 690 63.28 83.37 31.78
CA VAL E 690 62.85 83.19 33.17
C VAL E 690 64.03 82.72 34.02
N ASP E 691 64.19 83.30 35.21
CA ASP E 691 65.22 82.79 36.10
C ASP E 691 64.63 81.66 36.95
N PHE E 692 65.46 80.72 37.36
CA PHE E 692 65.01 79.65 38.24
C PHE E 692 66.19 78.97 38.91
N GLN E 693 65.92 78.16 39.92
CA GLN E 693 66.96 77.41 40.59
C GLN E 693 66.95 75.99 40.02
N ALA E 694 68.11 75.35 39.98
CA ALA E 694 68.14 74.00 39.48
C ALA E 694 69.14 73.21 40.28
N MET E 695 69.08 71.89 40.16
CA MET E 695 70.05 71.01 40.81
C MET E 695 70.02 69.63 40.13
N TRP E 696 71.17 69.19 39.62
CA TRP E 696 71.27 67.82 39.13
C TRP E 696 71.86 66.98 40.25
N TYR E 697 71.58 65.68 40.24
CA TYR E 697 72.26 64.77 41.16
C TYR E 697 72.98 63.73 40.34
N THR E 698 74.31 63.78 40.35
CA THR E 698 75.09 62.89 39.52
C THR E 698 74.86 61.45 39.90
N ASP E 699 74.40 60.65 38.94
CA ASP E 699 74.31 59.20 39.09
C ASP E 699 73.15 58.68 39.93
N GLU E 700 72.23 59.54 40.31
CA GLU E 700 71.07 59.10 41.08
C GLU E 700 69.94 58.62 40.17
N ASP E 701 69.10 57.69 40.63
CA ASP E 701 67.96 57.29 39.83
C ASP E 701 66.69 58.02 40.28
N HIS E 702 65.54 57.50 39.90
CA HIS E 702 64.27 58.15 40.14
C HIS E 702 64.02 58.33 41.62
N GLY E 703 64.64 57.47 42.42
CA GLY E 703 64.44 57.54 43.85
C GLY E 703 65.31 58.55 44.58
N ILE E 704 66.40 59.00 43.95
CA ILE E 704 67.41 59.82 44.61
C ILE E 704 67.59 59.29 46.03
N ALA E 705 67.69 57.98 46.15
CA ALA E 705 67.50 57.29 47.41
C ALA E 705 68.78 56.98 48.16
N SER E 706 69.93 57.11 47.51
CA SER E 706 71.19 56.87 48.18
C SER E 706 71.35 57.83 49.35
N SER E 707 71.99 57.36 50.42
CA SER E 707 72.06 58.09 51.67
C SER E 707 72.47 59.58 51.56
N THR E 708 73.71 59.82 51.13
CA THR E 708 74.24 61.17 50.97
C THR E 708 73.37 62.06 50.09
N ALA E 709 72.92 61.50 48.96
CA ALA E 709 72.12 62.25 48.01
C ALA E 709 70.78 62.64 48.62
N HIS E 710 70.23 61.77 49.45
CA HIS E 710 68.93 61.98 50.08
C HIS E 710 68.97 63.09 51.13
N GLN E 711 69.99 63.06 51.99
CA GLN E 711 70.11 64.16 52.93
C GLN E 711 70.45 65.48 52.23
N GLU E 712 71.21 65.37 51.13
CA GLU E 712 71.58 66.59 50.34
C GLU E 712 70.31 67.20 49.74
N ILE E 713 69.50 66.40 49.05
CA ILE E 713 68.31 66.95 48.41
C ILE E 713 67.34 67.56 49.42
N TYR E 714 67.16 66.90 50.56
CA TYR E 714 66.24 67.50 51.51
C TYR E 714 66.81 68.77 52.15
N THR E 715 68.12 68.78 52.41
CA THR E 715 68.73 70.01 52.90
C THR E 715 68.54 71.17 51.90
N HIS E 716 68.85 70.90 50.64
CA HIS E 716 68.69 71.93 49.61
C HIS E 716 67.26 72.45 49.54
N MET E 717 66.29 71.53 49.60
CA MET E 717 64.90 71.93 49.51
C MET E 717 64.46 72.70 50.73
N SER E 718 65.05 72.35 51.87
CA SER E 718 64.79 73.06 53.10
C SER E 718 65.23 74.50 52.95
N HIS E 719 66.47 74.72 52.50
CA HIS E 719 66.97 76.09 52.31
C HIS E 719 66.10 76.88 51.35
N PHE E 720 65.78 76.29 50.21
CA PHE E 720 64.85 76.94 49.27
C PHE E 720 63.50 77.34 49.92
N ILE E 721 62.91 76.44 50.71
CA ILE E 721 61.63 76.76 51.37
C ILE E 721 61.77 77.88 52.41
N LYS E 722 62.61 77.66 53.41
CA LYS E 722 62.90 78.67 54.41
C LYS E 722 63.23 80.04 53.80
N GLN E 723 63.92 80.05 52.67
CA GLN E 723 64.25 81.31 52.02
C GLN E 723 63.01 81.94 51.38
N CYS E 724 62.23 81.11 50.71
CA CYS E 724 61.09 81.59 49.94
C CYS E 724 59.99 82.13 50.86
N PHE E 725 60.00 81.68 52.11
CA PHE E 725 59.00 82.10 53.08
C PHE E 725 59.56 83.22 53.97
N SER E 726 60.78 83.63 53.65
CA SER E 726 61.56 84.59 54.44
C SER E 726 61.50 84.30 55.94
N LEU E 727 61.76 83.03 56.28
CA LEU E 727 61.86 82.58 57.66
C LEU E 727 63.33 82.35 58.05
N PRO E 728 63.68 82.56 59.34
CA PRO E 728 65.05 82.46 59.86
C PRO E 728 65.76 81.12 59.60
#